data_8HEE
#
_entry.id   8HEE
#
loop_
_entity.id
_entity.type
_entity.pdbx_description
1 polymer 'VP1 of capsid protein'
2 polymer 'VP2 of capsid protein'
3 polymer 'VP3 of capsid protein'
#
loop_
_entity_poly.entity_id
_entity_poly.type
_entity_poly.pdbx_seq_one_letter_code
_entity_poly.pdbx_strand_id
1 'polypeptide(L)'
;TTSAGESADPVTTTVENYGGETQVQRRHHTDVGFIMDRFVKINNTNPTHVIDLMQTHQHGLVGALLRAATYYFSDLEIVV
RHEGNLTWVPNGAPEAALSNAGNPTAYNKAPFTRLALPYTAPHRVLATVYNGTSKYSTTGERTRGDLGALAARVATQLPA
SFNFGAIRATDISELLVRMKRAELYCPRPLLAVEVTAQDRHKQKIIAPAKQ
;
A,D,E,F,G
2 'polypeptide(L)'
;DKKTEETTLLEDRTLTTRNGHTTSTTQSSVGVTYGYSTGEDHVSGPNTSGLETRVTQAERFFKKHLFNWTTDKPFGHLEK
LKLPTDHKGVYGHLVDSFAYMRNGWDVEVSAVGNQFNGGCLLVAMVPEWKKFTPREKYQLTLFPHQFISPRTNMTAHITV
PYLGVNRYDQYKKHKPWTLVVMVVSPLTTSSIGATEIKVYANIAPTHVHVAGELPSKE
;
B,H,I,J,K
3 'polypeptide(L)'
;GIVPVACSDGYGGLVTTDPKTADPVYGKVYNPPRTNYPGRFTNLLDVAEACPTFLCFDDGKPYVVTREDEQRLLAKFDVS
LAAKHMSNTYLSGIAQYYAQYSGTINLHFMFTGSTDSKARYMVAYVPPGVETPPDTPERAAHCIHAEWDTGLNSKFTFSI
PYVSAADYAYTASDVAETTNVQGWVCIYQITHGKAQNDTLVVSVSAGKDFELRLPIDPRTQ
;
C,L,M,N,O
#
# COMPACT_ATOMS: atom_id res chain seq x y z
N GLN A 25 -12.11 -22.13 31.07
CA GLN A 25 -12.21 -22.69 29.73
C GLN A 25 -12.42 -21.59 28.70
N ARG A 26 -11.94 -21.84 27.48
CA ARG A 26 -11.88 -20.90 26.40
C ARG A 26 -12.63 -21.49 25.22
N ARG A 27 -13.95 -21.23 25.16
CA ARG A 27 -14.83 -21.92 24.22
C ARG A 27 -14.95 -21.15 22.90
N HIS A 28 -13.83 -20.57 22.45
CA HIS A 28 -13.86 -19.79 21.22
C HIS A 28 -13.91 -20.66 19.97
N HIS A 29 -13.41 -21.90 20.05
CA HIS A 29 -13.28 -22.72 18.86
C HIS A 29 -14.53 -23.51 18.51
N THR A 30 -15.56 -23.46 19.34
CA THR A 30 -16.86 -24.02 18.99
C THR A 30 -17.91 -22.94 18.73
N ASP A 31 -17.47 -21.70 18.54
CA ASP A 31 -18.39 -20.63 18.16
C ASP A 31 -19.01 -20.94 16.81
N VAL A 32 -20.30 -20.64 16.67
CA VAL A 32 -20.97 -20.92 15.41
C VAL A 32 -20.56 -19.91 14.34
N GLY A 33 -20.16 -18.71 14.76
CA GLY A 33 -19.65 -17.74 13.81
C GLY A 33 -18.19 -17.91 13.45
N PHE A 34 -17.50 -18.84 14.11
CA PHE A 34 -16.09 -19.11 13.85
C PHE A 34 -15.87 -20.42 13.09
N ILE A 35 -16.58 -21.49 13.48
CA ILE A 35 -16.36 -22.77 12.84
C ILE A 35 -16.92 -22.78 11.42
N MET A 36 -17.99 -22.03 11.17
CA MET A 36 -18.62 -21.98 9.85
C MET A 36 -17.95 -20.97 8.93
N ASP A 37 -16.94 -20.26 9.40
CA ASP A 37 -16.27 -19.22 8.60
C ASP A 37 -15.00 -19.79 7.97
N ARG A 38 -15.18 -20.74 7.06
CA ARG A 38 -14.06 -21.28 6.31
C ARG A 38 -14.55 -21.74 4.95
N PHE A 39 -13.63 -21.82 3.99
CA PHE A 39 -13.95 -22.24 2.64
C PHE A 39 -14.20 -23.74 2.61
N VAL A 40 -15.29 -24.15 1.95
CA VAL A 40 -15.63 -25.54 1.81
C VAL A 40 -15.96 -25.82 0.35
N LYS A 41 -15.41 -26.91 -0.18
CA LYS A 41 -15.61 -27.23 -1.59
C LYS A 41 -17.03 -27.71 -1.84
N ILE A 42 -17.56 -27.35 -3.02
CA ILE A 42 -18.85 -27.83 -3.48
C ILE A 42 -18.57 -28.71 -4.70
N ASN A 43 -18.87 -30.01 -4.57
CA ASN A 43 -18.38 -30.98 -5.56
C ASN A 43 -19.04 -30.80 -6.92
N ASN A 44 -20.37 -30.72 -6.94
CA ASN A 44 -21.10 -30.68 -8.21
C ASN A 44 -21.08 -29.25 -8.73
N THR A 45 -20.22 -29.01 -9.73
CA THR A 45 -20.12 -27.72 -10.41
C THR A 45 -20.40 -27.92 -11.89
N ASN A 46 -21.17 -27.00 -12.46
CA ASN A 46 -21.63 -27.05 -13.82
C ASN A 46 -21.42 -25.69 -14.46
N PRO A 47 -21.42 -25.60 -15.79
CA PRO A 47 -21.25 -24.29 -16.44
C PRO A 47 -22.25 -23.25 -15.96
N THR A 48 -23.50 -23.65 -15.72
CA THR A 48 -24.48 -22.82 -15.05
C THR A 48 -24.79 -23.47 -13.71
N HIS A 49 -24.32 -22.85 -12.63
CA HIS A 49 -24.47 -23.41 -11.28
C HIS A 49 -25.30 -22.46 -10.43
N VAL A 50 -26.25 -23.03 -9.69
CA VAL A 50 -27.08 -22.30 -8.75
C VAL A 50 -26.51 -22.52 -7.36
N ILE A 51 -26.13 -21.43 -6.69
CA ILE A 51 -25.44 -21.54 -5.42
C ILE A 51 -26.44 -22.00 -4.36
N ASP A 52 -26.33 -23.26 -3.96
CA ASP A 52 -27.11 -23.84 -2.87
C ASP A 52 -26.15 -24.40 -1.84
N LEU A 53 -26.25 -23.90 -0.60
CA LEU A 53 -25.37 -24.39 0.46
C LEU A 53 -25.61 -25.86 0.78
N MET A 54 -26.78 -26.38 0.42
CA MET A 54 -27.09 -27.79 0.66
C MET A 54 -26.30 -28.71 -0.25
N GLN A 55 -25.61 -28.18 -1.26
CA GLN A 55 -24.79 -28.98 -2.15
C GLN A 55 -23.49 -29.43 -1.51
N THR A 56 -23.16 -28.92 -0.33
CA THR A 56 -21.96 -29.32 0.38
C THR A 56 -22.05 -30.80 0.77
N HIS A 57 -20.88 -31.43 0.91
CA HIS A 57 -20.83 -32.80 1.39
C HIS A 57 -21.42 -32.90 2.78
N GLN A 58 -22.20 -33.95 3.01
CA GLN A 58 -22.90 -34.11 4.28
C GLN A 58 -21.96 -34.41 5.44
N HIS A 59 -20.83 -35.07 5.18
CA HIS A 59 -19.89 -35.46 6.22
C HIS A 59 -18.73 -34.48 6.40
N GLY A 60 -18.71 -33.40 5.62
CA GLY A 60 -17.70 -32.37 5.83
C GLY A 60 -17.92 -31.64 7.13
N LEU A 61 -16.91 -30.87 7.54
CA LEU A 61 -17.02 -30.11 8.78
C LEU A 61 -18.15 -29.10 8.69
N VAL A 62 -18.03 -28.16 7.75
CA VAL A 62 -19.05 -27.15 7.53
C VAL A 62 -20.35 -27.81 7.09
N GLY A 63 -20.26 -28.81 6.20
CA GLY A 63 -21.48 -29.47 5.73
C GLY A 63 -22.25 -30.14 6.86
N ALA A 64 -21.54 -30.90 7.71
CA ALA A 64 -22.23 -31.58 8.80
C ALA A 64 -22.78 -30.60 9.82
N LEU A 65 -22.00 -29.57 10.19
CA LEU A 65 -22.55 -28.61 11.14
C LEU A 65 -23.70 -27.81 10.56
N LEU A 66 -23.76 -27.68 9.24
CA LEU A 66 -24.92 -27.04 8.62
C LEU A 66 -26.13 -27.98 8.63
N ARG A 67 -25.91 -29.28 8.43
CA ARG A 67 -26.99 -30.24 8.58
C ARG A 67 -27.49 -30.31 10.02
N ALA A 68 -26.62 -29.99 10.99
CA ALA A 68 -26.98 -30.04 12.40
C ALA A 68 -27.80 -28.83 12.85
N ALA A 69 -28.34 -28.06 11.91
CA ALA A 69 -29.24 -26.97 12.22
C ALA A 69 -30.46 -27.09 11.32
N THR A 70 -31.56 -26.47 11.75
CA THR A 70 -32.77 -26.47 10.92
C THR A 70 -32.81 -25.24 10.02
N TYR A 71 -32.57 -24.06 10.57
CA TYR A 71 -32.55 -22.82 9.81
C TYR A 71 -31.17 -22.20 9.91
N TYR A 72 -30.88 -21.30 8.97
CA TYR A 72 -29.60 -20.59 8.99
C TYR A 72 -29.72 -19.32 8.16
N PHE A 73 -28.79 -18.40 8.42
CA PHE A 73 -28.64 -17.19 7.64
C PHE A 73 -27.15 -16.92 7.47
N SER A 74 -26.79 -16.36 6.33
CA SER A 74 -25.37 -16.17 6.03
C SER A 74 -25.22 -15.23 4.85
N ASP A 75 -24.12 -14.48 4.86
CA ASP A 75 -23.60 -13.88 3.64
C ASP A 75 -22.79 -14.95 2.93
N LEU A 76 -22.04 -14.58 1.89
CA LEU A 76 -21.27 -15.60 1.20
C LEU A 76 -20.12 -14.97 0.44
N GLU A 77 -18.99 -15.67 0.43
CA GLU A 77 -17.83 -15.32 -0.40
C GLU A 77 -17.45 -16.55 -1.21
N ILE A 78 -17.27 -16.38 -2.51
CA ILE A 78 -17.05 -17.49 -3.42
C ILE A 78 -15.68 -17.36 -4.06
N VAL A 79 -14.95 -18.46 -4.10
CA VAL A 79 -13.71 -18.58 -4.86
C VAL A 79 -13.99 -19.48 -6.04
N VAL A 80 -13.94 -18.92 -7.25
CA VAL A 80 -14.38 -19.60 -8.46
C VAL A 80 -13.20 -19.68 -9.42
N ARG A 81 -12.94 -20.88 -9.95
CA ARG A 81 -11.91 -21.11 -10.97
C ARG A 81 -12.63 -21.40 -12.28
N HIS A 82 -12.61 -20.43 -13.20
CA HIS A 82 -13.42 -20.50 -14.40
C HIS A 82 -12.63 -20.03 -15.60
N GLU A 83 -13.17 -20.34 -16.79
CA GLU A 83 -12.71 -19.80 -18.05
C GLU A 83 -13.76 -18.85 -18.60
N GLY A 84 -13.33 -17.70 -19.07
CA GLY A 84 -14.27 -16.72 -19.56
C GLY A 84 -14.94 -15.98 -18.41
N ASN A 85 -15.87 -15.11 -18.79
CA ASN A 85 -16.52 -14.23 -17.83
C ASN A 85 -17.49 -14.99 -16.94
N LEU A 86 -17.57 -14.56 -15.68
CA LEU A 86 -18.47 -15.14 -14.69
C LEU A 86 -19.53 -14.10 -14.35
N THR A 87 -20.80 -14.46 -14.55
CA THR A 87 -21.93 -13.60 -14.25
C THR A 87 -22.72 -14.17 -13.09
N TRP A 88 -23.18 -13.31 -12.20
CA TRP A 88 -23.96 -13.71 -11.04
C TRP A 88 -25.25 -12.92 -11.00
N VAL A 89 -26.38 -13.61 -11.13
CA VAL A 89 -27.69 -12.99 -10.99
C VAL A 89 -28.24 -13.35 -9.62
N PRO A 90 -28.88 -12.42 -8.91
CA PRO A 90 -29.39 -12.72 -7.58
C PRO A 90 -30.59 -13.65 -7.64
N ASN A 91 -30.98 -14.15 -6.47
CA ASN A 91 -32.12 -15.04 -6.38
C ASN A 91 -33.39 -14.34 -6.84
N GLY A 92 -34.16 -15.03 -7.67
CA GLY A 92 -35.36 -14.47 -8.25
C GLY A 92 -35.20 -13.95 -9.66
N ALA A 93 -33.97 -13.76 -10.13
CA ALA A 93 -33.75 -13.34 -11.51
C ALA A 93 -33.99 -14.52 -12.45
N PRO A 94 -34.49 -14.25 -13.66
CA PRO A 94 -34.72 -15.33 -14.61
C PRO A 94 -33.42 -15.99 -15.04
N GLU A 95 -33.53 -17.25 -15.49
CA GLU A 95 -32.37 -17.98 -15.97
C GLU A 95 -31.77 -17.33 -17.22
N ALA A 96 -32.61 -16.76 -18.07
CA ALA A 96 -32.15 -16.09 -19.29
C ALA A 96 -31.47 -14.76 -19.02
N ALA A 97 -31.48 -14.29 -17.77
CA ALA A 97 -30.79 -13.06 -17.40
C ALA A 97 -29.30 -13.27 -17.14
N LEU A 98 -28.83 -14.51 -17.19
CA LEU A 98 -27.42 -14.81 -16.95
C LEU A 98 -26.56 -14.54 -18.17
N SER A 99 -27.14 -14.15 -19.30
CA SER A 99 -26.41 -13.93 -20.54
C SER A 99 -26.09 -12.47 -20.80
N ASN A 100 -26.35 -11.59 -19.85
CA ASN A 100 -26.15 -10.16 -20.02
C ASN A 100 -25.12 -9.64 -19.03
N ALA A 101 -24.48 -8.54 -19.39
CA ALA A 101 -23.42 -7.96 -18.58
C ALA A 101 -23.91 -6.90 -17.61
N GLY A 102 -25.18 -6.52 -17.66
CA GLY A 102 -25.72 -5.60 -16.67
C GLY A 102 -25.65 -6.17 -15.27
N ASN A 103 -25.88 -7.47 -15.14
CA ASN A 103 -25.65 -8.15 -13.88
C ASN A 103 -24.15 -8.17 -13.57
N PRO A 104 -23.78 -8.26 -12.29
CA PRO A 104 -22.35 -8.26 -11.94
C PRO A 104 -21.57 -9.36 -12.65
N THR A 105 -20.67 -8.95 -13.54
CA THR A 105 -19.85 -9.88 -14.32
C THR A 105 -18.40 -9.67 -13.94
N ALA A 106 -17.70 -10.77 -13.66
CA ALA A 106 -16.30 -10.73 -13.28
C ALA A 106 -15.44 -11.16 -14.46
N TYR A 107 -14.50 -10.30 -14.84
CA TYR A 107 -13.53 -10.64 -15.87
C TYR A 107 -12.42 -11.47 -15.26
N ASN A 108 -12.17 -12.64 -15.83
CA ASN A 108 -11.32 -13.63 -15.17
C ASN A 108 -9.90 -13.11 -15.06
N LYS A 109 -9.32 -13.23 -13.87
CA LYS A 109 -7.91 -12.98 -13.64
C LYS A 109 -7.19 -14.32 -13.72
N ALA A 110 -5.91 -14.33 -13.36
CA ALA A 110 -5.11 -15.53 -13.61
C ALA A 110 -5.55 -16.70 -12.72
N PRO A 111 -5.35 -16.65 -11.38
CA PRO A 111 -5.57 -17.88 -10.60
C PRO A 111 -7.03 -18.29 -10.46
N PHE A 112 -7.87 -17.37 -9.99
CA PHE A 112 -9.29 -17.60 -9.81
C PHE A 112 -9.94 -16.26 -9.46
N THR A 113 -11.24 -16.30 -9.17
CA THR A 113 -12.02 -15.11 -8.84
C THR A 113 -12.59 -15.26 -7.45
N ARG A 114 -12.43 -14.24 -6.62
CA ARG A 114 -12.90 -14.23 -5.24
C ARG A 114 -13.81 -13.02 -5.04
N LEU A 115 -15.10 -13.27 -4.91
CA LEU A 115 -16.10 -12.22 -4.72
C LEU A 115 -16.75 -12.34 -3.35
N ALA A 116 -17.56 -11.33 -3.03
CA ALA A 116 -18.39 -11.33 -1.82
C ALA A 116 -19.84 -11.18 -2.24
N LEU A 117 -20.65 -12.19 -1.94
CA LEU A 117 -22.05 -12.10 -2.30
C LEU A 117 -22.91 -11.78 -1.08
N PRO A 118 -23.94 -10.98 -1.24
CA PRO A 118 -24.85 -10.72 -0.13
C PRO A 118 -25.90 -11.82 0.01
N TYR A 119 -26.86 -11.60 0.89
CA TYR A 119 -27.99 -12.49 1.09
C TYR A 119 -29.14 -12.00 0.23
N THR A 120 -29.61 -12.85 -0.69
CA THR A 120 -30.57 -12.42 -1.70
C THR A 120 -31.87 -13.21 -1.69
N ALA A 121 -31.98 -14.26 -0.87
CA ALA A 121 -33.22 -15.00 -0.79
C ALA A 121 -34.32 -14.12 -0.18
N PRO A 122 -35.56 -14.29 -0.63
CA PRO A 122 -36.65 -13.46 -0.09
C PRO A 122 -36.99 -13.79 1.36
N HIS A 123 -36.84 -15.05 1.76
CA HIS A 123 -37.21 -15.45 3.11
C HIS A 123 -36.26 -14.85 4.13
N ARG A 124 -36.75 -14.69 5.36
CA ARG A 124 -35.92 -14.14 6.43
C ARG A 124 -34.71 -15.03 6.69
N VAL A 125 -34.91 -16.36 6.72
CA VAL A 125 -33.84 -17.32 6.89
C VAL A 125 -34.08 -18.47 5.92
N LEU A 126 -33.03 -19.26 5.68
CA LEU A 126 -33.19 -20.46 4.88
C LEU A 126 -33.50 -21.64 5.81
N ALA A 127 -33.45 -22.86 5.25
CA ALA A 127 -33.69 -24.05 6.03
C ALA A 127 -32.93 -25.21 5.39
N THR A 128 -32.68 -26.25 6.18
CA THR A 128 -32.03 -27.45 5.69
C THR A 128 -32.97 -28.63 5.52
N VAL A 129 -34.16 -28.58 6.12
CA VAL A 129 -35.19 -29.58 5.90
C VAL A 129 -36.52 -28.86 5.75
N TYR A 130 -37.35 -29.33 4.82
CA TYR A 130 -38.66 -28.76 4.59
C TYR A 130 -39.73 -29.83 4.80
N ASN A 131 -40.82 -29.45 5.46
CA ASN A 131 -41.93 -30.35 5.75
C ASN A 131 -43.07 -30.01 4.80
N GLY A 132 -43.03 -30.62 3.62
CA GLY A 132 -44.06 -30.39 2.62
C GLY A 132 -43.53 -29.85 1.31
N THR A 133 -44.36 -29.09 0.59
CA THR A 133 -43.95 -28.50 -0.67
C THR A 133 -44.30 -27.01 -0.70
N SER A 134 -44.12 -26.37 -1.85
CA SER A 134 -44.45 -24.95 -1.99
C SER A 134 -45.18 -24.62 -3.29
N LYS A 135 -45.59 -25.62 -4.07
CA LYS A 135 -46.29 -25.41 -5.33
C LYS A 135 -47.74 -25.85 -5.19
N TYR A 136 -48.67 -25.00 -5.61
CA TYR A 136 -50.09 -25.31 -5.55
C TYR A 136 -50.43 -26.53 -6.41
N THR A 156 -37.87 -33.96 0.86
CA THR A 156 -37.00 -34.65 -0.09
C THR A 156 -36.46 -33.68 -1.13
N GLN A 157 -37.05 -32.49 -1.18
CA GLN A 157 -36.64 -31.46 -2.13
C GLN A 157 -37.02 -30.11 -1.55
N LEU A 158 -36.03 -29.30 -1.21
CA LEU A 158 -36.28 -27.99 -0.66
C LEU A 158 -36.86 -27.07 -1.72
N PRO A 159 -37.57 -26.01 -1.32
CA PRO A 159 -38.09 -25.05 -2.29
C PRO A 159 -36.96 -24.43 -3.11
N ALA A 160 -37.28 -24.13 -4.37
CA ALA A 160 -36.28 -23.58 -5.29
C ALA A 160 -35.77 -22.22 -4.84
N SER A 161 -36.52 -21.51 -4.01
CA SER A 161 -36.08 -20.20 -3.54
C SER A 161 -34.93 -20.30 -2.56
N PHE A 162 -34.57 -21.51 -2.13
CA PHE A 162 -33.50 -21.70 -1.14
C PHE A 162 -32.16 -21.74 -1.87
N ASN A 163 -31.71 -20.56 -2.30
CA ASN A 163 -30.44 -20.44 -3.00
C ASN A 163 -29.94 -19.00 -2.85
N PHE A 164 -28.65 -18.81 -3.09
CA PHE A 164 -28.02 -17.51 -2.98
C PHE A 164 -27.88 -16.81 -4.33
N GLY A 165 -28.38 -17.41 -5.40
CA GLY A 165 -28.25 -16.91 -6.74
C GLY A 165 -27.68 -17.98 -7.64
N ALA A 166 -27.27 -17.57 -8.83
CA ALA A 166 -26.67 -18.49 -9.79
C ALA A 166 -25.43 -17.84 -10.39
N ILE A 167 -24.51 -18.68 -10.86
CA ILE A 167 -23.31 -18.21 -11.53
C ILE A 167 -23.21 -18.93 -12.87
N ARG A 168 -22.76 -18.20 -13.89
CA ARG A 168 -22.59 -18.76 -15.21
C ARG A 168 -21.26 -18.31 -15.79
N ALA A 169 -20.58 -19.24 -16.46
CA ALA A 169 -19.35 -18.97 -17.17
C ALA A 169 -19.22 -20.01 -18.27
N THR A 170 -18.17 -19.88 -19.09
CA THR A 170 -17.94 -20.88 -20.13
C THR A 170 -17.76 -22.26 -19.52
N ASP A 171 -17.01 -22.34 -18.42
CA ASP A 171 -16.99 -23.53 -17.59
C ASP A 171 -16.52 -23.15 -16.20
N ILE A 172 -16.77 -24.03 -15.24
CA ILE A 172 -16.35 -23.85 -13.86
C ILE A 172 -15.67 -25.13 -13.41
N SER A 173 -14.41 -25.02 -12.97
CA SER A 173 -13.66 -26.19 -12.55
C SER A 173 -13.75 -26.43 -11.06
N GLU A 174 -13.69 -25.38 -10.25
CA GLU A 174 -13.85 -25.50 -8.81
C GLU A 174 -14.62 -24.30 -8.28
N LEU A 175 -15.38 -24.53 -7.22
CA LEU A 175 -16.17 -23.50 -6.57
C LEU A 175 -16.08 -23.69 -5.06
N LEU A 176 -15.65 -22.66 -4.35
CA LEU A 176 -15.59 -22.66 -2.90
C LEU A 176 -16.55 -21.60 -2.38
N VAL A 177 -17.20 -21.88 -1.26
CA VAL A 177 -18.12 -20.94 -0.64
C VAL A 177 -17.72 -20.77 0.82
N ARG A 178 -18.01 -19.59 1.36
CA ARG A 178 -17.62 -19.24 2.71
C ARG A 178 -18.77 -18.49 3.38
N MET A 179 -19.15 -18.93 4.57
CA MET A 179 -20.22 -18.29 5.31
C MET A 179 -19.65 -17.17 6.18
N LYS A 180 -20.23 -15.98 6.05
CA LYS A 180 -19.82 -14.84 6.85
C LYS A 180 -20.98 -14.41 7.73
N ARG A 181 -20.67 -14.13 9.00
CA ARG A 181 -21.66 -13.75 10.00
C ARG A 181 -22.77 -14.80 10.10
N ALA A 182 -22.38 -16.07 9.94
CA ALA A 182 -23.36 -17.15 9.92
C ALA A 182 -24.07 -17.29 11.25
N GLU A 183 -25.33 -17.71 11.18
CA GLU A 183 -26.12 -17.99 12.37
C GLU A 183 -26.92 -19.26 12.13
N LEU A 184 -27.17 -20.01 13.19
CA LEU A 184 -27.94 -21.25 13.10
C LEU A 184 -29.11 -21.19 14.07
N TYR A 185 -30.09 -22.05 13.82
CA TYR A 185 -31.29 -22.11 14.63
C TYR A 185 -31.76 -23.56 14.74
N CYS A 186 -32.39 -23.88 15.87
CA CYS A 186 -33.12 -25.12 16.06
C CYS A 186 -32.25 -26.35 15.81
N PRO A 187 -31.33 -26.68 16.71
CA PRO A 187 -30.35 -27.74 16.43
C PRO A 187 -31.02 -29.08 16.15
N ARG A 188 -30.36 -29.87 15.31
CA ARG A 188 -30.80 -31.17 14.84
C ARG A 188 -29.80 -32.24 15.21
N PRO A 189 -30.18 -33.52 15.16
CA PRO A 189 -29.23 -34.59 15.47
C PRO A 189 -27.98 -34.53 14.60
N LEU A 190 -26.83 -34.74 15.22
CA LEU A 190 -25.54 -34.82 14.55
C LEU A 190 -24.90 -36.15 14.91
N LEU A 191 -24.50 -36.90 13.88
CA LEU A 191 -24.02 -38.26 14.07
C LEU A 191 -22.50 -38.34 13.99
N ALA A 192 -21.96 -39.33 14.68
CA ALA A 192 -20.56 -39.72 14.57
C ALA A 192 -20.47 -41.07 13.86
N VAL A 193 -19.25 -41.42 13.44
CA VAL A 193 -19.06 -42.68 12.75
C VAL A 193 -19.41 -43.83 13.69
N GLU A 194 -19.95 -44.91 13.12
CA GLU A 194 -20.38 -46.04 13.92
C GLU A 194 -19.23 -47.03 14.11
N VAL A 195 -19.39 -47.90 15.11
CA VAL A 195 -18.43 -48.95 15.42
C VAL A 195 -19.12 -50.28 15.24
N THR A 196 -18.55 -51.15 14.38
CA THR A 196 -19.21 -52.41 14.06
C THR A 196 -18.96 -53.46 15.14
N ALA A 197 -17.70 -53.84 15.34
CA ALA A 197 -17.38 -54.89 16.29
C ALA A 197 -16.17 -54.57 17.16
N GLN A 198 -15.48 -53.45 16.93
CA GLN A 198 -14.34 -53.07 17.75
C GLN A 198 -14.83 -52.48 19.08
N ASP A 199 -13.89 -52.29 20.01
CA ASP A 199 -14.21 -51.57 21.24
C ASP A 199 -14.38 -50.08 20.96
N ARG A 200 -13.69 -49.57 19.94
CA ARG A 200 -13.68 -48.14 19.64
C ARG A 200 -13.32 -47.96 18.17
N HIS A 201 -13.41 -46.72 17.71
CA HIS A 201 -12.94 -46.38 16.38
C HIS A 201 -11.43 -46.15 16.40
N LYS A 202 -10.70 -46.96 15.63
CA LYS A 202 -9.25 -46.89 15.58
C LYS A 202 -8.84 -46.12 14.33
N GLN A 203 -8.46 -44.85 14.51
CA GLN A 203 -7.98 -44.00 13.43
C GLN A 203 -6.54 -43.61 13.73
N LYS A 204 -5.68 -43.70 12.72
CA LYS A 204 -4.25 -43.48 12.89
C LYS A 204 -3.99 -41.99 13.01
N ILE A 205 -3.47 -41.56 14.16
CA ILE A 205 -3.11 -40.17 14.37
C ILE A 205 -1.72 -39.91 13.79
N ILE A 206 -1.51 -38.66 13.36
CA ILE A 206 -0.22 -38.28 12.78
C ILE A 206 0.88 -38.43 13.81
N ALA A 207 1.96 -39.11 13.42
CA ALA A 207 3.07 -39.35 14.31
C ALA A 207 4.38 -38.98 13.63
N PRO A 208 5.25 -38.22 14.31
CA PRO A 208 6.56 -37.88 13.76
C PRO A 208 7.58 -39.00 13.81
N ALA A 209 7.13 -40.23 14.08
CA ALA A 209 8.06 -41.36 14.25
C ALA A 209 8.91 -41.54 13.00
N LYS A 210 10.20 -41.78 13.22
CA LYS A 210 11.14 -42.00 12.14
C LYS A 210 11.29 -43.49 11.84
N GLU B 52 -53.16 -7.63 9.59
CA GLU B 52 -53.40 -8.91 10.24
C GLU B 52 -54.18 -8.72 11.54
N THR B 53 -54.87 -9.78 11.96
CA THR B 53 -55.64 -9.76 13.18
C THR B 53 -55.42 -11.06 13.95
N ARG B 54 -55.59 -10.99 15.25
CA ARG B 54 -55.46 -12.14 16.13
C ARG B 54 -56.86 -12.64 16.52
N VAL B 55 -57.05 -13.95 16.44
CA VAL B 55 -58.32 -14.58 16.77
C VAL B 55 -58.20 -15.22 18.16
N THR B 56 -59.26 -15.10 18.95
CA THR B 56 -59.27 -15.65 20.30
C THR B 56 -60.15 -16.88 20.43
N GLN B 57 -61.05 -17.11 19.47
CA GLN B 57 -61.94 -18.26 19.52
C GLN B 57 -61.29 -19.53 19.00
N ALA B 58 -60.17 -19.44 18.30
CA ALA B 58 -59.51 -20.61 17.75
C ALA B 58 -58.49 -21.23 18.69
N GLU B 59 -58.20 -20.59 19.83
CA GLU B 59 -57.22 -21.10 20.78
C GLU B 59 -57.97 -21.92 21.83
N ARG B 60 -58.16 -23.20 21.53
CA ARG B 60 -58.90 -24.08 22.43
C ARG B 60 -58.34 -25.47 22.31
N PHE B 61 -58.52 -26.28 23.34
CA PHE B 61 -57.95 -27.62 23.34
C PHE B 61 -58.62 -28.56 22.34
N PHE B 62 -57.97 -29.68 22.06
CA PHE B 62 -58.52 -30.65 21.13
C PHE B 62 -57.95 -32.02 21.45
N LYS B 63 -58.78 -32.91 22.00
CA LYS B 63 -58.27 -34.20 22.42
C LYS B 63 -57.92 -35.05 21.20
N LYS B 64 -56.92 -35.90 21.35
CA LYS B 64 -56.45 -36.71 20.24
C LYS B 64 -55.89 -38.03 20.79
N HIS B 65 -56.02 -39.08 19.98
CA HIS B 65 -55.46 -40.39 20.28
C HIS B 65 -54.17 -40.58 19.49
N LEU B 66 -53.08 -40.84 20.19
CA LEU B 66 -51.78 -41.00 19.54
C LEU B 66 -51.55 -42.45 19.12
N PHE B 67 -51.52 -43.36 20.08
CA PHE B 67 -51.32 -44.78 19.81
C PHE B 67 -51.60 -45.56 21.09
N ASN B 68 -51.60 -46.88 20.95
CA ASN B 68 -51.76 -47.78 22.10
C ASN B 68 -50.39 -48.29 22.52
N TRP B 69 -49.96 -47.90 23.72
CA TRP B 69 -48.67 -48.31 24.26
C TRP B 69 -48.81 -49.71 24.86
N THR B 70 -48.24 -50.69 24.17
CA THR B 70 -48.28 -52.08 24.58
C THR B 70 -46.91 -52.51 25.09
N THR B 71 -46.76 -53.81 25.38
CA THR B 71 -45.51 -54.35 25.88
C THR B 71 -44.61 -54.91 24.79
N ASP B 72 -45.16 -55.20 23.61
CA ASP B 72 -44.39 -55.78 22.53
C ASP B 72 -43.73 -54.73 21.63
N LYS B 73 -43.87 -53.46 21.95
CA LYS B 73 -43.22 -52.40 21.19
C LYS B 73 -41.88 -52.08 21.82
N PRO B 74 -40.76 -52.33 21.15
CA PRO B 74 -39.44 -52.10 21.79
C PRO B 74 -39.06 -50.63 21.78
N PHE B 75 -37.83 -50.34 22.21
CA PHE B 75 -37.33 -48.97 22.17
C PHE B 75 -37.27 -48.48 20.73
N GLY B 76 -37.53 -47.19 20.54
CA GLY B 76 -37.49 -46.59 19.23
C GLY B 76 -38.79 -46.69 18.45
N HIS B 77 -39.84 -47.28 19.01
CA HIS B 77 -41.14 -47.26 18.36
C HIS B 77 -41.63 -45.83 18.28
N LEU B 78 -41.61 -45.26 17.10
CA LEU B 78 -41.82 -43.83 16.90
C LEU B 78 -43.20 -43.57 16.32
N GLU B 79 -43.95 -42.67 16.96
CA GLU B 79 -45.26 -42.26 16.49
C GLU B 79 -45.27 -40.74 16.36
N LYS B 80 -45.74 -40.26 15.22
CA LYS B 80 -45.73 -38.83 14.92
C LYS B 80 -47.15 -38.34 14.62
N LEU B 81 -47.31 -37.02 14.69
CA LEU B 81 -48.60 -36.39 14.40
C LEU B 81 -48.33 -34.96 13.94
N LYS B 82 -48.25 -34.73 12.64
CA LYS B 82 -47.93 -33.41 12.11
C LYS B 82 -49.02 -32.43 12.48
N LEU B 83 -48.63 -31.21 12.85
CA LEU B 83 -49.62 -30.19 13.19
C LEU B 83 -49.60 -29.10 12.13
N PRO B 84 -50.76 -28.53 11.79
CA PRO B 84 -52.10 -28.85 12.32
C PRO B 84 -52.70 -30.10 11.69
N THR B 85 -53.53 -30.82 12.44
CA THR B 85 -54.23 -31.99 11.93
C THR B 85 -55.59 -31.56 11.38
N ASP B 86 -56.46 -32.52 11.09
CA ASP B 86 -57.80 -32.22 10.59
C ASP B 86 -58.65 -31.66 11.72
N HIS B 87 -58.73 -30.34 11.82
CA HIS B 87 -59.54 -29.68 12.83
C HIS B 87 -60.96 -29.52 12.31
N LYS B 88 -61.92 -30.05 13.08
CA LYS B 88 -63.32 -29.97 12.72
C LYS B 88 -64.02 -28.78 13.36
N GLY B 89 -63.27 -27.92 14.06
CA GLY B 89 -63.87 -26.77 14.71
C GLY B 89 -63.62 -25.46 14.00
N VAL B 90 -63.40 -24.40 14.77
CA VAL B 90 -63.20 -23.07 14.19
C VAL B 90 -61.88 -23.02 13.42
N TYR B 91 -60.88 -23.76 13.88
CA TYR B 91 -59.56 -23.69 13.26
C TYR B 91 -59.58 -24.21 11.82
N GLY B 92 -60.38 -25.24 11.55
CA GLY B 92 -60.51 -25.72 10.18
C GLY B 92 -61.09 -24.67 9.25
N HIS B 93 -62.12 -23.96 9.72
CA HIS B 93 -62.68 -22.86 8.94
C HIS B 93 -61.67 -21.75 8.76
N LEU B 94 -60.84 -21.49 9.78
CA LEU B 94 -59.79 -20.50 9.64
C LEU B 94 -58.78 -20.92 8.56
N VAL B 95 -58.41 -22.20 8.55
CA VAL B 95 -57.42 -22.68 7.59
C VAL B 95 -57.98 -22.59 6.17
N ASP B 96 -59.22 -23.02 5.98
CA ASP B 96 -59.79 -23.07 4.63
C ASP B 96 -60.38 -21.76 4.17
N SER B 97 -60.62 -20.81 5.07
CA SER B 97 -61.21 -19.53 4.74
C SER B 97 -60.25 -18.37 4.95
N PHE B 98 -59.01 -18.63 5.33
CA PHE B 98 -57.99 -17.61 5.33
C PHE B 98 -56.72 -18.22 4.75
N ALA B 99 -55.93 -17.40 4.05
CA ALA B 99 -54.78 -17.94 3.33
C ALA B 99 -53.52 -18.00 4.18
N TYR B 100 -53.19 -16.90 4.86
CA TYR B 100 -51.91 -16.76 5.56
C TYR B 100 -52.15 -16.70 7.06
N MET B 101 -51.42 -17.54 7.79
CA MET B 101 -51.62 -17.65 9.23
C MET B 101 -50.31 -18.02 9.90
N ARG B 102 -50.19 -17.66 11.18
CA ARG B 102 -49.05 -18.05 11.96
C ARG B 102 -49.48 -18.33 13.39
N ASN B 103 -48.96 -19.41 13.97
CA ASN B 103 -49.37 -19.81 15.30
C ASN B 103 -48.39 -20.83 15.84
N GLY B 104 -48.32 -20.90 17.18
CA GLY B 104 -47.57 -21.93 17.86
C GLY B 104 -48.45 -23.08 18.29
N TRP B 105 -48.00 -23.83 19.29
CA TRP B 105 -48.77 -24.98 19.75
C TRP B 105 -48.40 -25.37 21.17
N ASP B 106 -49.40 -25.59 22.01
CA ASP B 106 -49.12 -26.08 23.37
C ASP B 106 -49.61 -27.51 23.45
N VAL B 107 -48.69 -28.47 23.50
CA VAL B 107 -49.09 -29.86 23.50
C VAL B 107 -49.03 -30.50 24.87
N GLU B 108 -50.12 -31.17 25.27
CA GLU B 108 -50.14 -31.87 26.54
C GLU B 108 -50.31 -33.34 26.22
N VAL B 109 -49.62 -34.22 26.94
CA VAL B 109 -49.65 -35.63 26.60
C VAL B 109 -49.79 -36.42 27.88
N SER B 110 -50.79 -37.30 27.94
CA SER B 110 -51.07 -38.10 29.13
C SER B 110 -51.22 -39.56 28.76
N ALA B 111 -50.65 -40.43 29.57
CA ALA B 111 -50.80 -41.88 29.42
C ALA B 111 -51.52 -42.42 30.64
N VAL B 112 -52.63 -43.12 30.42
CA VAL B 112 -53.41 -43.68 31.52
C VAL B 112 -52.87 -45.05 31.88
N GLY B 113 -52.51 -45.24 33.14
CA GLY B 113 -51.95 -46.49 33.61
C GLY B 113 -51.96 -46.60 35.11
N ASN B 114 -50.89 -47.14 35.68
CA ASN B 114 -50.74 -47.21 37.12
C ASN B 114 -49.25 -47.31 37.46
N GLN B 115 -48.95 -47.19 38.76
CA GLN B 115 -47.57 -47.17 39.22
C GLN B 115 -46.90 -48.54 39.17
N PHE B 116 -47.66 -49.61 38.93
CA PHE B 116 -47.10 -50.95 38.90
C PHE B 116 -46.49 -51.31 37.55
N ASN B 117 -46.54 -50.41 36.58
CA ASN B 117 -45.95 -50.63 35.27
C ASN B 117 -44.70 -49.78 35.11
N GLY B 118 -43.82 -50.22 34.21
CA GLY B 118 -42.61 -49.50 33.91
C GLY B 118 -42.52 -49.19 32.42
N GLY B 119 -41.69 -48.22 32.12
CA GLY B 119 -41.53 -47.75 30.75
C GLY B 119 -41.27 -46.25 30.74
N CYS B 120 -40.88 -45.76 29.56
CA CYS B 120 -40.59 -44.35 29.43
C CYS B 120 -40.97 -43.88 28.03
N LEU B 121 -41.67 -42.75 27.97
CA LEU B 121 -42.06 -42.11 26.72
C LEU B 121 -41.43 -40.73 26.60
N LEU B 122 -40.71 -40.52 25.50
CA LEU B 122 -40.14 -39.22 25.18
C LEU B 122 -41.12 -38.52 24.24
N VAL B 123 -41.59 -37.35 24.67
CA VAL B 123 -42.48 -36.52 23.84
C VAL B 123 -41.72 -35.26 23.48
N ALA B 124 -41.72 -34.92 22.18
CA ALA B 124 -40.95 -33.81 21.69
C ALA B 124 -41.68 -33.18 20.51
N MET B 125 -41.34 -31.94 20.22
CA MET B 125 -41.94 -31.18 19.12
C MET B 125 -40.84 -30.84 18.13
N VAL B 126 -40.77 -31.61 17.04
CA VAL B 126 -39.69 -31.51 16.08
C VAL B 126 -40.07 -30.45 15.05
N PRO B 127 -39.29 -29.39 14.89
CA PRO B 127 -39.55 -28.43 13.79
C PRO B 127 -39.01 -28.99 12.48
N GLU B 128 -39.82 -28.87 11.42
CA GLU B 128 -39.47 -29.36 10.08
C GLU B 128 -39.10 -30.85 10.15
N TRP B 129 -40.12 -31.64 10.49
CA TRP B 129 -39.94 -33.07 10.72
C TRP B 129 -39.30 -33.77 9.53
N LYS B 130 -38.54 -34.82 9.83
CA LYS B 130 -37.96 -35.69 8.82
C LYS B 130 -37.82 -37.07 9.42
N LYS B 131 -37.91 -38.09 8.57
CA LYS B 131 -37.80 -39.47 9.03
C LYS B 131 -36.40 -39.73 9.60
N PHE B 132 -36.35 -40.45 10.71
CA PHE B 132 -35.11 -40.73 11.42
C PHE B 132 -34.77 -42.21 11.30
N THR B 133 -33.55 -42.51 10.86
CA THR B 133 -33.05 -43.87 11.02
C THR B 133 -32.74 -44.11 12.50
N PRO B 134 -32.79 -45.37 12.96
CA PRO B 134 -32.60 -45.63 14.40
C PRO B 134 -31.35 -45.02 15.03
N ARG B 135 -30.42 -44.51 14.21
CA ARG B 135 -29.19 -43.95 14.76
C ARG B 135 -29.43 -42.62 15.46
N GLU B 136 -30.20 -41.72 14.85
CA GLU B 136 -30.40 -40.42 15.50
C GLU B 136 -31.61 -40.40 16.43
N LYS B 137 -32.30 -41.54 16.59
CA LYS B 137 -33.37 -41.60 17.58
C LYS B 137 -32.82 -41.41 18.99
N TYR B 138 -31.53 -41.65 19.19
CA TYR B 138 -30.87 -41.41 20.47
C TYR B 138 -30.64 -39.94 20.74
N GLN B 139 -30.87 -39.06 19.77
CA GLN B 139 -30.58 -37.64 19.90
C GLN B 139 -31.82 -36.75 19.84
N LEU B 140 -33.02 -37.33 19.97
CA LEU B 140 -34.23 -36.52 19.87
C LEU B 140 -34.43 -35.60 21.06
N THR B 141 -33.58 -35.67 22.08
CA THR B 141 -33.68 -34.75 23.20
C THR B 141 -33.26 -33.33 22.84
N LEU B 142 -32.70 -33.12 21.65
CA LEU B 142 -32.24 -31.79 21.26
C LEU B 142 -33.40 -30.81 21.12
N PHE B 143 -34.51 -31.25 20.54
CA PHE B 143 -35.71 -30.42 20.41
C PHE B 143 -36.40 -30.28 21.75
N PRO B 144 -37.26 -29.28 21.92
CA PRO B 144 -38.02 -29.17 23.17
C PRO B 144 -38.78 -30.46 23.47
N HIS B 145 -38.59 -30.96 24.68
CA HIS B 145 -39.05 -32.31 24.99
C HIS B 145 -39.31 -32.46 26.47
N GLN B 146 -40.06 -33.51 26.80
CA GLN B 146 -40.21 -33.98 28.17
C GLN B 146 -40.32 -35.49 28.14
N PHE B 147 -40.27 -36.10 29.31
CA PHE B 147 -40.35 -37.55 29.45
C PHE B 147 -41.66 -37.94 30.11
N ILE B 148 -42.20 -39.08 29.68
CA ILE B 148 -43.38 -39.67 30.29
C ILE B 148 -42.99 -41.07 30.76
N SER B 149 -43.04 -41.28 32.08
CA SER B 149 -42.71 -42.57 32.66
C SER B 149 -43.67 -42.78 33.84
N PRO B 150 -44.34 -43.92 33.91
CA PRO B 150 -45.36 -44.12 34.96
C PRO B 150 -44.81 -44.02 36.37
N ARG B 151 -43.52 -44.23 36.57
CA ARG B 151 -42.96 -44.20 37.92
C ARG B 151 -43.04 -42.81 38.53
N THR B 152 -42.67 -41.78 37.78
CA THR B 152 -42.54 -40.43 38.32
C THR B 152 -43.66 -39.50 37.89
N ASN B 153 -43.87 -39.32 36.59
CA ASN B 153 -44.81 -38.33 36.09
C ASN B 153 -45.98 -39.01 35.38
N MET B 154 -47.00 -38.22 35.09
CA MET B 154 -48.18 -38.70 34.41
C MET B 154 -48.60 -37.87 33.20
N THR B 155 -48.10 -36.65 33.05
CA THR B 155 -48.54 -35.77 31.98
C THR B 155 -47.43 -34.79 31.62
N ALA B 156 -47.18 -34.64 30.32
CA ALA B 156 -46.18 -33.72 29.80
C ALA B 156 -46.82 -32.41 29.37
N HIS B 157 -45.96 -31.42 29.13
CA HIS B 157 -46.44 -30.07 28.80
C HIS B 157 -45.33 -29.35 28.03
N ILE B 158 -45.55 -29.15 26.73
CA ILE B 158 -44.56 -28.52 25.86
C ILE B 158 -45.22 -27.37 25.12
N THR B 159 -44.57 -26.21 25.09
CA THR B 159 -45.06 -25.05 24.36
C THR B 159 -43.98 -24.55 23.41
N VAL B 160 -44.37 -24.24 22.18
CA VAL B 160 -43.43 -23.81 21.15
C VAL B 160 -43.99 -22.58 20.47
N PRO B 161 -43.11 -21.73 19.90
CA PRO B 161 -43.58 -20.58 19.14
C PRO B 161 -43.78 -20.92 17.67
N TYR B 162 -44.16 -19.93 16.87
CA TYR B 162 -44.25 -20.12 15.43
C TYR B 162 -42.90 -19.79 14.79
N LEU B 163 -42.45 -20.65 13.89
CA LEU B 163 -41.16 -20.46 13.25
C LEU B 163 -41.16 -21.10 11.87
N GLY B 164 -40.46 -20.45 10.94
CA GLY B 164 -40.39 -20.90 9.58
C GLY B 164 -39.72 -19.85 8.72
N VAL B 165 -39.50 -20.22 7.45
CA VAL B 165 -38.84 -19.31 6.53
C VAL B 165 -39.72 -18.13 6.15
N ASN B 166 -41.05 -18.30 6.13
CA ASN B 166 -41.97 -17.25 5.75
C ASN B 166 -42.66 -16.69 7.00
N ARG B 167 -42.89 -15.37 6.99
CA ARG B 167 -43.55 -14.73 8.12
C ARG B 167 -44.97 -15.25 8.32
N TYR B 168 -45.60 -15.72 7.24
CA TYR B 168 -46.89 -16.38 7.32
C TYR B 168 -46.85 -17.66 6.50
N ASP B 169 -47.57 -18.67 6.96
CA ASP B 169 -47.55 -19.98 6.32
C ASP B 169 -48.95 -20.41 5.95
N GLN B 170 -49.03 -21.25 4.92
CA GLN B 170 -50.27 -21.87 4.49
C GLN B 170 -50.18 -23.35 4.85
N TYR B 171 -50.82 -23.73 5.97
CA TYR B 171 -50.62 -25.07 6.50
C TYR B 171 -51.23 -26.16 5.63
N LYS B 172 -52.00 -25.81 4.60
CA LYS B 172 -52.40 -26.82 3.64
C LYS B 172 -51.21 -27.33 2.81
N LYS B 173 -50.07 -26.67 2.91
CA LYS B 173 -48.85 -27.05 2.19
C LYS B 173 -47.69 -27.39 3.12
N HIS B 174 -47.48 -26.60 4.16
CA HIS B 174 -46.32 -26.73 5.04
C HIS B 174 -46.77 -26.95 6.48
N LYS B 175 -46.12 -27.88 7.16
CA LYS B 175 -46.43 -28.22 8.55
C LYS B 175 -45.14 -28.08 9.36
N PRO B 176 -44.89 -26.91 9.93
CA PRO B 176 -43.59 -26.68 10.59
C PRO B 176 -43.34 -27.56 11.80
N TRP B 177 -44.26 -27.56 12.75
CA TRP B 177 -44.09 -28.32 13.97
C TRP B 177 -44.72 -29.71 13.83
N THR B 178 -44.19 -30.64 14.62
CA THR B 178 -44.64 -32.02 14.57
C THR B 178 -44.54 -32.64 15.96
N LEU B 179 -45.60 -33.33 16.38
CA LEU B 179 -45.55 -34.08 17.62
C LEU B 179 -44.82 -35.39 17.41
N VAL B 180 -43.94 -35.73 18.34
CA VAL B 180 -43.14 -36.96 18.29
C VAL B 180 -43.22 -37.62 19.65
N VAL B 181 -43.63 -38.88 19.67
CA VAL B 181 -43.68 -39.69 20.89
C VAL B 181 -43.04 -41.03 20.59
N MET B 182 -42.16 -41.48 21.48
CA MET B 182 -41.46 -42.74 21.28
C MET B 182 -41.33 -43.47 22.60
N VAL B 183 -41.07 -44.77 22.50
CA VAL B 183 -40.82 -45.60 23.69
C VAL B 183 -39.34 -45.59 23.98
N VAL B 184 -38.95 -44.98 25.11
CA VAL B 184 -37.55 -45.02 25.54
C VAL B 184 -37.23 -46.37 26.15
N SER B 185 -38.06 -46.83 27.08
CA SER B 185 -37.97 -48.15 27.66
C SER B 185 -39.31 -48.87 27.50
N PRO B 186 -39.29 -50.16 27.18
CA PRO B 186 -40.55 -50.84 26.84
C PRO B 186 -41.46 -50.97 28.05
N LEU B 187 -42.75 -50.99 27.78
CA LEU B 187 -43.73 -51.16 28.84
C LEU B 187 -43.61 -52.57 29.44
N THR B 188 -43.34 -52.64 30.73
CA THR B 188 -43.22 -53.91 31.43
C THR B 188 -44.38 -54.04 32.41
N THR B 189 -44.99 -55.22 32.44
CA THR B 189 -46.15 -55.48 33.27
C THR B 189 -45.99 -56.81 33.98
N SER B 190 -46.73 -56.97 35.07
CA SER B 190 -46.73 -58.21 35.84
C SER B 190 -48.17 -58.69 36.02
N SER B 191 -48.37 -59.68 36.88
CA SER B 191 -49.72 -60.17 37.17
C SER B 191 -50.58 -59.12 37.86
N ILE B 192 -49.99 -58.06 38.38
CA ILE B 192 -50.72 -56.99 39.06
C ILE B 192 -50.63 -55.67 38.31
N GLY B 193 -50.07 -55.67 37.11
CA GLY B 193 -49.95 -54.45 36.34
C GLY B 193 -50.85 -54.42 35.11
N ALA B 194 -51.14 -53.23 34.60
CA ALA B 194 -51.96 -53.12 33.40
C ALA B 194 -51.23 -53.68 32.20
N THR B 195 -51.96 -54.46 31.38
CA THR B 195 -51.36 -55.09 30.22
C THR B 195 -51.14 -54.12 29.06
N GLU B 196 -51.73 -52.92 29.14
CA GLU B 196 -51.68 -51.97 28.04
C GLU B 196 -52.00 -50.59 28.57
N ILE B 197 -51.55 -49.57 27.82
CA ILE B 197 -51.76 -48.17 28.18
C ILE B 197 -52.12 -47.39 26.92
N LYS B 198 -53.17 -46.57 27.00
CA LYS B 198 -53.57 -45.69 25.92
C LYS B 198 -53.14 -44.27 26.25
N VAL B 199 -52.41 -43.64 25.34
CA VAL B 199 -51.90 -42.29 25.53
C VAL B 199 -52.82 -41.31 24.80
N TYR B 200 -52.97 -40.08 25.29
CA TYR B 200 -53.78 -39.13 24.50
C TYR B 200 -53.12 -37.81 24.06
N ALA B 201 -53.48 -37.24 22.92
CA ALA B 201 -52.95 -35.90 22.58
C ALA B 201 -53.81 -34.79 23.16
N ASN B 202 -53.18 -33.70 23.57
CA ASN B 202 -53.94 -32.54 24.05
C ASN B 202 -53.28 -31.33 23.43
N ILE B 203 -53.84 -30.78 22.36
CA ILE B 203 -53.16 -29.67 21.66
C ILE B 203 -54.03 -28.45 21.41
N ALA B 204 -53.40 -27.29 21.18
CA ALA B 204 -54.13 -26.07 20.90
C ALA B 204 -53.26 -25.00 20.25
N PRO B 205 -53.73 -24.37 19.17
CA PRO B 205 -52.97 -23.28 18.56
C PRO B 205 -52.91 -22.07 19.47
N THR B 206 -51.75 -21.42 19.50
CA THR B 206 -51.51 -20.29 20.39
C THR B 206 -51.10 -19.08 19.57
N HIS B 207 -51.61 -17.91 19.94
CA HIS B 207 -51.21 -16.64 19.34
C HIS B 207 -51.43 -16.64 17.83
N VAL B 208 -52.60 -17.13 17.42
CA VAL B 208 -52.92 -17.26 16.00
C VAL B 208 -53.06 -15.86 15.40
N HIS B 209 -52.32 -15.62 14.31
CA HIS B 209 -52.37 -14.38 13.57
C HIS B 209 -52.61 -14.70 12.11
N VAL B 210 -53.54 -13.97 11.48
CA VAL B 210 -54.02 -14.30 10.16
C VAL B 210 -54.15 -13.02 9.34
N ALA B 211 -53.98 -13.16 8.02
CA ALA B 211 -54.25 -12.08 7.09
C ALA B 211 -54.82 -12.65 5.82
N GLY B 212 -55.52 -11.79 5.07
CA GLY B 212 -56.07 -12.19 3.79
C GLY B 212 -57.25 -13.14 3.84
N GLU B 213 -58.40 -12.65 4.30
CA GLU B 213 -59.59 -13.49 4.39
C GLU B 213 -60.04 -13.99 3.04
N LEU B 214 -60.57 -15.23 3.02
CA LEU B 214 -60.99 -15.86 1.78
C LEU B 214 -62.51 -15.87 1.68
N PRO B 215 -63.04 -15.88 0.47
CA PRO B 215 -64.50 -15.93 0.29
C PRO B 215 -65.05 -17.30 0.65
N SER B 216 -66.38 -17.34 0.83
CA SER B 216 -67.06 -18.59 1.10
C SER B 216 -67.03 -19.50 -0.12
N LYS B 217 -67.51 -20.72 0.07
CA LYS B 217 -67.57 -21.72 -1.00
C LYS B 217 -68.99 -22.02 -1.45
N GLU B 218 -70.00 -21.49 -0.76
CA GLU B 218 -71.39 -21.71 -1.12
C GLU B 218 -71.76 -20.92 -2.37
N GLY C 1 13.94 0.29 5.07
CA GLY C 1 13.04 -0.54 4.29
C GLY C 1 11.79 0.19 3.82
N ILE C 2 11.04 -0.45 2.92
CA ILE C 2 9.80 0.13 2.41
C ILE C 2 8.66 -0.81 2.79
N VAL C 3 7.44 -0.44 2.42
CA VAL C 3 6.24 -1.17 2.83
C VAL C 3 6.22 -2.54 2.17
N PRO C 4 6.18 -3.62 2.93
CA PRO C 4 5.96 -4.94 2.32
C PRO C 4 4.48 -5.22 2.13
N VAL C 5 4.10 -5.59 0.90
CA VAL C 5 2.71 -5.88 0.59
C VAL C 5 2.64 -7.30 0.06
N ALA C 6 1.42 -7.84 0.02
CA ALA C 6 1.16 -9.16 -0.52
C ALA C 6 0.20 -9.03 -1.69
N CYS C 7 0.63 -9.46 -2.87
CA CYS C 7 -0.26 -9.50 -4.03
C CYS C 7 -1.27 -10.62 -3.84
N SER C 8 -2.46 -10.25 -3.38
CA SER C 8 -3.50 -11.22 -3.08
C SER C 8 -3.95 -11.93 -4.35
N ASP C 9 -4.43 -13.15 -4.19
CA ASP C 9 -4.93 -13.95 -5.29
C ASP C 9 -6.44 -13.79 -5.38
N GLY C 10 -6.94 -13.63 -6.60
CA GLY C 10 -8.37 -13.52 -6.83
C GLY C 10 -8.92 -12.12 -6.73
N TYR C 11 -8.18 -11.18 -6.16
CA TYR C 11 -8.59 -9.80 -6.06
C TYR C 11 -8.04 -9.01 -7.23
N GLY C 12 -8.58 -7.80 -7.41
CA GLY C 12 -8.13 -6.88 -8.42
C GLY C 12 -8.79 -7.05 -9.77
N GLY C 13 -9.52 -8.14 -9.99
CA GLY C 13 -10.23 -8.31 -11.23
C GLY C 13 -11.29 -7.24 -11.43
N LEU C 14 -11.80 -7.16 -12.64
CA LEU C 14 -12.82 -6.17 -12.98
C LEU C 14 -14.19 -6.79 -12.84
N VAL C 15 -15.02 -6.20 -11.98
CA VAL C 15 -16.42 -6.56 -11.83
C VAL C 15 -17.24 -5.35 -12.27
N THR C 16 -18.19 -5.56 -13.17
CA THR C 16 -18.85 -4.46 -13.87
C THR C 16 -19.63 -3.53 -12.94
N THR C 17 -19.62 -3.80 -11.64
CA THR C 17 -20.28 -2.91 -10.69
C THR C 17 -19.46 -2.72 -9.42
N ASP C 18 -18.13 -2.81 -9.52
CA ASP C 18 -17.29 -2.55 -8.35
C ASP C 18 -17.42 -1.10 -7.93
N PRO C 19 -17.29 -0.81 -6.64
CA PRO C 19 -17.57 0.55 -6.13
C PRO C 19 -16.42 1.54 -6.23
N LYS C 20 -15.26 1.15 -6.72
CA LYS C 20 -14.11 2.03 -6.74
C LYS C 20 -14.09 2.89 -7.99
N THR C 21 -13.51 4.08 -7.86
CA THR C 21 -13.44 5.05 -8.95
C THR C 21 -12.18 4.83 -9.78
N ALA C 22 -12.05 5.63 -10.84
CA ALA C 22 -10.94 5.54 -11.77
C ALA C 22 -10.06 6.78 -11.69
N ASP C 23 -8.90 6.68 -12.32
CA ASP C 23 -7.92 7.77 -12.29
C ASP C 23 -8.29 8.84 -13.29
N PRO C 24 -8.44 10.11 -12.88
CA PRO C 24 -8.81 11.15 -13.82
C PRO C 24 -7.75 11.38 -14.88
N VAL C 25 -8.21 11.74 -16.08
CA VAL C 25 -7.32 12.05 -17.19
C VAL C 25 -7.49 13.46 -17.72
N TYR C 26 -8.42 14.24 -17.16
CA TYR C 26 -8.65 15.60 -17.63
C TYR C 26 -9.24 16.37 -16.45
N GLY C 27 -8.39 17.10 -15.73
CA GLY C 27 -8.80 17.67 -14.47
C GLY C 27 -9.38 19.07 -14.57
N LYS C 28 -9.96 19.51 -13.47
CA LYS C 28 -10.38 20.89 -13.25
C LYS C 28 -11.38 21.36 -14.31
N VAL C 29 -12.28 20.46 -14.68
CA VAL C 29 -13.36 20.78 -15.62
C VAL C 29 -14.57 21.19 -14.80
N TYR C 30 -14.93 22.46 -14.87
CA TYR C 30 -16.07 23.00 -14.14
C TYR C 30 -17.26 23.06 -15.10
N ASN C 31 -18.23 22.19 -14.88
CA ASN C 31 -19.33 22.05 -15.81
C ASN C 31 -20.32 23.20 -15.65
N PRO C 32 -21.11 23.49 -16.68
CA PRO C 32 -22.06 24.60 -16.61
C PRO C 32 -23.05 24.39 -15.47
N PRO C 33 -23.45 25.47 -14.78
CA PRO C 33 -24.39 25.31 -13.66
C PRO C 33 -25.76 24.85 -14.16
N ARG C 34 -26.32 23.87 -13.45
CA ARG C 34 -27.65 23.36 -13.75
C ARG C 34 -28.52 23.47 -12.50
N THR C 35 -28.39 24.58 -11.80
CA THR C 35 -29.21 24.83 -10.62
C THR C 35 -30.67 24.97 -11.01
N ASN C 36 -31.55 24.57 -10.10
CA ASN C 36 -33.01 24.64 -10.25
C ASN C 36 -33.46 24.31 -11.67
N TYR C 37 -32.93 23.20 -12.20
CA TYR C 37 -33.40 22.70 -13.48
C TYR C 37 -34.72 21.96 -13.27
N PRO C 38 -35.79 22.32 -13.98
CA PRO C 38 -37.11 21.75 -13.67
C PRO C 38 -37.17 20.25 -13.86
N GLY C 39 -38.05 19.61 -13.09
CA GLY C 39 -38.40 18.22 -13.26
C GLY C 39 -37.32 17.20 -12.98
N ARG C 40 -36.56 17.40 -11.91
CA ARG C 40 -35.51 16.47 -11.51
C ARG C 40 -36.09 15.42 -10.57
N PHE C 41 -35.88 14.15 -10.90
CA PHE C 41 -36.33 13.06 -10.05
C PHE C 41 -35.13 12.22 -9.62
N THR C 42 -35.04 11.96 -8.32
CA THR C 42 -33.89 11.25 -7.76
C THR C 42 -34.19 9.79 -7.46
N ASN C 43 -35.45 9.36 -7.51
CA ASN C 43 -35.82 7.98 -7.30
C ASN C 43 -36.94 7.60 -8.25
N LEU C 44 -36.84 6.41 -8.83
CA LEU C 44 -37.86 5.95 -9.78
C LEU C 44 -39.21 5.79 -9.11
N LEU C 45 -39.23 5.25 -7.89
CA LEU C 45 -40.50 4.99 -7.23
C LEU C 45 -41.21 6.27 -6.81
N ASP C 46 -40.50 7.40 -6.70
CA ASP C 46 -41.17 8.66 -6.44
C ASP C 46 -42.09 9.04 -7.60
N VAL C 47 -41.58 8.96 -8.83
CA VAL C 47 -42.42 9.27 -9.98
C VAL C 47 -43.38 8.12 -10.26
N ALA C 48 -43.07 6.91 -9.79
CA ALA C 48 -44.04 5.83 -9.85
C ALA C 48 -45.25 6.13 -8.97
N GLU C 49 -45.01 6.65 -7.75
CA GLU C 49 -46.10 7.00 -6.86
C GLU C 49 -46.88 8.21 -7.38
N ALA C 50 -46.17 9.27 -7.77
CA ALA C 50 -46.85 10.51 -8.10
C ALA C 50 -47.62 10.45 -9.41
N CYS C 51 -47.32 9.47 -10.27
CA CYS C 51 -47.91 9.42 -11.61
C CYS C 51 -48.50 8.04 -11.88
N PRO C 52 -49.80 7.87 -11.63
CA PRO C 52 -50.45 6.62 -12.02
C PRO C 52 -50.58 6.49 -13.53
N THR C 53 -50.61 5.24 -14.00
CA THR C 53 -50.72 4.95 -15.41
C THR C 53 -51.85 3.96 -15.65
N PHE C 54 -52.37 3.97 -16.89
CA PHE C 54 -53.56 3.20 -17.21
C PHE C 54 -53.25 1.72 -17.34
N LEU C 55 -54.32 0.92 -17.29
CA LEU C 55 -54.26 -0.52 -17.46
C LEU C 55 -54.68 -0.90 -18.88
N CYS C 56 -54.52 -2.19 -19.20
CA CYS C 56 -54.83 -2.71 -20.53
C CYS C 56 -55.81 -3.88 -20.38
N PHE C 57 -57.09 -3.60 -20.61
CA PHE C 57 -58.13 -4.60 -20.51
C PHE C 57 -58.20 -5.41 -21.81
N ASP C 58 -59.25 -6.20 -21.97
CA ASP C 58 -59.42 -6.98 -23.19
C ASP C 58 -59.60 -6.05 -24.39
N ASP C 59 -59.16 -6.54 -25.55
CA ASP C 59 -59.26 -5.84 -26.84
C ASP C 59 -58.27 -4.68 -26.90
N GLY C 60 -57.60 -4.40 -25.79
CA GLY C 60 -56.60 -3.35 -25.75
C GLY C 60 -57.19 -1.98 -25.48
N LYS C 61 -57.89 -1.83 -24.36
CA LYS C 61 -58.51 -0.57 -24.00
C LYS C 61 -58.27 -0.27 -22.53
N PRO C 62 -58.16 1.00 -22.16
CA PRO C 62 -57.90 1.37 -20.75
C PRO C 62 -59.13 1.53 -19.88
N TYR C 63 -60.29 1.05 -20.32
CA TYR C 63 -61.53 1.25 -19.58
C TYR C 63 -62.40 0.00 -19.69
N VAL C 64 -63.29 -0.15 -18.72
CA VAL C 64 -64.27 -1.24 -18.71
C VAL C 64 -65.65 -0.62 -18.89
N VAL C 65 -66.40 -1.15 -19.86
CA VAL C 65 -67.73 -0.66 -20.17
C VAL C 65 -68.75 -1.56 -19.49
N THR C 66 -69.89 -0.97 -19.12
CA THR C 66 -70.96 -1.73 -18.49
C THR C 66 -71.55 -2.73 -19.48
N ARG C 67 -71.80 -3.95 -19.02
CA ARG C 67 -72.29 -5.02 -19.87
C ARG C 67 -73.77 -5.24 -19.64
N GLU C 68 -74.54 -5.24 -20.73
CA GLU C 68 -75.98 -5.51 -20.66
C GLU C 68 -76.23 -7.01 -20.75
N ASP C 69 -75.75 -7.71 -19.71
CA ASP C 69 -75.86 -9.16 -19.65
C ASP C 69 -76.03 -9.58 -18.19
N GLU C 70 -76.49 -10.82 -18.01
CA GLU C 70 -76.68 -11.35 -16.67
C GLU C 70 -75.36 -11.47 -15.91
N GLN C 71 -74.23 -11.55 -16.61
CA GLN C 71 -72.94 -11.58 -15.95
C GLN C 71 -72.70 -10.28 -15.21
N ARG C 72 -72.66 -10.36 -13.88
CA ARG C 72 -72.48 -9.19 -13.05
C ARG C 72 -71.01 -8.88 -12.79
N LEU C 73 -70.11 -9.68 -13.35
CA LEU C 73 -68.67 -9.51 -13.20
C LEU C 73 -68.18 -8.58 -14.29
N LEU C 74 -67.90 -7.33 -13.93
CA LEU C 74 -67.40 -6.38 -14.92
C LEU C 74 -66.04 -6.81 -15.46
N ALA C 75 -65.09 -7.08 -14.56
CA ALA C 75 -63.75 -7.46 -14.99
C ALA C 75 -63.03 -8.15 -13.84
N LYS C 76 -61.97 -8.87 -14.19
CA LYS C 76 -61.08 -9.51 -13.23
C LYS C 76 -59.71 -9.61 -13.88
N PHE C 77 -58.67 -9.42 -13.07
CA PHE C 77 -57.32 -9.42 -13.62
C PHE C 77 -56.30 -9.75 -12.54
N ASP C 78 -55.16 -10.27 -12.99
CA ASP C 78 -54.12 -10.70 -12.06
C ASP C 78 -53.51 -9.52 -11.34
N VAL C 79 -53.25 -9.68 -10.05
CA VAL C 79 -52.69 -8.61 -9.23
C VAL C 79 -51.21 -8.93 -9.05
N SER C 80 -50.41 -8.42 -9.98
CA SER C 80 -48.95 -8.48 -9.90
C SER C 80 -48.40 -7.73 -11.10
N LEU C 81 -47.08 -7.61 -11.15
CA LEU C 81 -46.47 -6.63 -12.05
C LEU C 81 -46.14 -7.18 -13.42
N ALA C 82 -46.54 -8.42 -13.74
CA ALA C 82 -46.24 -8.99 -15.04
C ALA C 82 -47.47 -9.52 -15.77
N ALA C 83 -48.64 -8.95 -15.50
CA ALA C 83 -49.86 -9.40 -16.15
C ALA C 83 -50.17 -8.54 -17.37
N LYS C 84 -51.16 -8.98 -18.15
CA LYS C 84 -51.60 -8.21 -19.30
C LYS C 84 -52.18 -6.88 -18.89
N HIS C 85 -53.03 -6.86 -17.86
CA HIS C 85 -53.61 -5.61 -17.42
C HIS C 85 -52.58 -4.66 -16.85
N MET C 86 -51.39 -5.17 -16.51
CA MET C 86 -50.28 -4.33 -16.07
C MET C 86 -49.14 -4.30 -17.08
N SER C 87 -49.33 -4.86 -18.28
CA SER C 87 -48.24 -4.98 -19.23
C SER C 87 -47.79 -3.62 -19.76
N ASN C 88 -48.70 -2.66 -19.88
CA ASN C 88 -48.38 -1.33 -20.40
C ASN C 88 -48.28 -0.31 -19.28
N THR C 89 -47.73 -0.72 -18.15
CA THR C 89 -47.69 0.10 -16.94
C THR C 89 -46.26 0.56 -16.65
N TYR C 90 -46.15 1.79 -16.14
CA TYR C 90 -44.85 2.29 -15.70
C TYR C 90 -44.34 1.51 -14.49
N LEU C 91 -45.24 1.08 -13.61
CA LEU C 91 -44.83 0.24 -12.49
C LEU C 91 -44.22 -1.06 -12.98
N SER C 92 -44.85 -1.73 -13.95
CA SER C 92 -44.26 -2.93 -14.53
C SER C 92 -42.98 -2.60 -15.28
N GLY C 93 -42.94 -1.43 -15.93
CA GLY C 93 -41.73 -1.03 -16.63
C GLY C 93 -40.53 -0.93 -15.72
N ILE C 94 -40.71 -0.34 -14.53
CA ILE C 94 -39.61 -0.31 -13.57
C ILE C 94 -39.37 -1.70 -12.98
N ALA C 95 -40.44 -2.40 -12.60
CA ALA C 95 -40.32 -3.64 -11.84
C ALA C 95 -39.80 -4.80 -12.67
N GLN C 96 -39.76 -4.68 -13.99
CA GLN C 96 -39.19 -5.75 -14.79
C GLN C 96 -37.67 -5.87 -14.61
N TYR C 97 -37.02 -4.81 -14.13
CA TYR C 97 -35.58 -4.81 -13.95
C TYR C 97 -35.14 -5.19 -12.55
N TYR C 98 -36.06 -5.62 -11.69
CA TYR C 98 -35.75 -6.01 -10.33
C TYR C 98 -36.30 -7.41 -10.07
N ALA C 99 -35.64 -8.12 -9.16
CA ALA C 99 -35.97 -9.52 -8.90
C ALA C 99 -37.07 -9.69 -7.86
N GLN C 100 -37.15 -8.80 -6.88
CA GLN C 100 -38.08 -8.96 -5.78
C GLN C 100 -38.71 -7.62 -5.42
N TYR C 101 -39.90 -7.68 -4.81
CA TYR C 101 -40.61 -6.48 -4.41
C TYR C 101 -41.43 -6.77 -3.16
N SER C 102 -41.98 -5.70 -2.58
CA SER C 102 -42.90 -5.78 -1.47
C SER C 102 -43.54 -4.41 -1.27
N GLY C 103 -44.80 -4.40 -0.89
CA GLY C 103 -45.48 -3.18 -0.50
C GLY C 103 -46.84 -3.06 -1.15
N THR C 104 -47.51 -1.95 -0.81
CA THR C 104 -48.85 -1.67 -1.30
C THR C 104 -48.82 -1.27 -2.77
N ILE C 105 -49.90 -1.60 -3.47
CA ILE C 105 -50.15 -1.11 -4.82
C ILE C 105 -51.53 -0.47 -4.83
N ASN C 106 -51.61 0.79 -5.26
CA ASN C 106 -52.86 1.52 -5.24
C ASN C 106 -53.52 1.49 -6.61
N LEU C 107 -54.85 1.42 -6.61
CA LEU C 107 -55.66 1.47 -7.82
C LEU C 107 -56.52 2.73 -7.79
N HIS C 108 -56.46 3.51 -8.86
CA HIS C 108 -57.24 4.72 -8.99
C HIS C 108 -58.34 4.49 -10.03
N PHE C 109 -59.58 4.71 -9.62
CA PHE C 109 -60.73 4.57 -10.50
C PHE C 109 -61.29 5.94 -10.85
N MET C 110 -61.54 6.17 -12.12
CA MET C 110 -62.14 7.40 -12.60
C MET C 110 -63.38 7.07 -13.42
N PHE C 111 -64.49 7.74 -13.11
CA PHE C 111 -65.74 7.52 -13.81
C PHE C 111 -65.86 8.51 -14.96
N THR C 112 -66.20 8.01 -16.15
CA THR C 112 -66.26 8.81 -17.36
C THR C 112 -67.65 8.75 -18.00
N GLY C 113 -68.65 8.35 -17.23
CA GLY C 113 -70.00 8.22 -17.75
C GLY C 113 -70.75 9.54 -17.76
N SER C 114 -71.93 9.52 -18.35
CA SER C 114 -72.78 10.70 -18.37
C SER C 114 -73.34 10.98 -16.97
N THR C 115 -73.65 12.25 -16.72
CA THR C 115 -74.19 12.64 -15.42
C THR C 115 -75.55 12.01 -15.17
N ASP C 116 -76.39 11.94 -16.21
CA ASP C 116 -77.73 11.36 -16.07
C ASP C 116 -77.72 9.85 -15.95
N SER C 117 -76.55 9.22 -15.84
CA SER C 117 -76.43 7.79 -15.63
C SER C 117 -75.71 7.54 -14.31
N LYS C 118 -76.35 6.82 -13.41
CA LYS C 118 -75.81 6.55 -12.08
C LYS C 118 -75.57 5.06 -11.92
N ALA C 119 -74.57 4.72 -11.13
CA ALA C 119 -74.19 3.33 -10.94
C ALA C 119 -73.47 3.17 -9.61
N ARG C 120 -73.38 1.92 -9.17
CA ARG C 120 -72.69 1.55 -7.94
C ARG C 120 -71.75 0.39 -8.24
N TYR C 121 -70.59 0.39 -7.60
CA TYR C 121 -69.55 -0.57 -7.93
C TYR C 121 -68.93 -1.17 -6.68
N MET C 122 -68.36 -2.37 -6.89
CA MET C 122 -67.65 -3.13 -5.87
C MET C 122 -66.26 -3.46 -6.40
N VAL C 123 -65.30 -3.54 -5.48
CA VAL C 123 -63.96 -4.01 -5.81
C VAL C 123 -63.48 -4.87 -4.65
N ALA C 124 -63.11 -6.12 -4.96
CA ALA C 124 -62.72 -7.09 -3.95
C ALA C 124 -61.39 -7.71 -4.32
N TYR C 125 -60.50 -7.84 -3.33
CA TYR C 125 -59.22 -8.49 -3.53
C TYR C 125 -59.29 -9.93 -3.03
N VAL C 126 -58.76 -10.85 -3.81
CA VAL C 126 -58.79 -12.27 -3.49
C VAL C 126 -57.34 -12.75 -3.31
N PRO C 127 -56.91 -12.98 -2.08
CA PRO C 127 -55.57 -13.54 -1.87
C PRO C 127 -55.51 -14.98 -2.36
N PRO C 128 -54.30 -15.57 -2.45
CA PRO C 128 -54.19 -16.91 -3.04
C PRO C 128 -54.79 -18.00 -2.17
N GLY C 129 -56.11 -17.95 -2.00
CA GLY C 129 -56.80 -18.95 -1.20
C GLY C 129 -57.63 -19.91 -2.02
N VAL C 130 -58.93 -19.62 -2.11
CA VAL C 130 -59.89 -20.46 -2.82
C VAL C 130 -59.41 -20.77 -4.23
N GLU C 131 -59.72 -21.96 -4.72
CA GLU C 131 -59.32 -22.41 -6.05
C GLU C 131 -60.03 -21.65 -7.17
N THR C 132 -60.95 -20.74 -6.83
CA THR C 132 -61.65 -19.94 -7.83
C THR C 132 -62.10 -18.62 -7.23
N PRO C 133 -61.92 -17.51 -7.92
CA PRO C 133 -62.39 -16.22 -7.42
C PRO C 133 -63.90 -16.22 -7.27
N PRO C 134 -64.44 -15.44 -6.32
CA PRO C 134 -65.89 -15.46 -6.08
C PRO C 134 -66.65 -14.68 -7.15
N ASP C 135 -66.97 -15.35 -8.26
CA ASP C 135 -67.58 -14.72 -9.42
C ASP C 135 -68.88 -14.01 -9.07
N THR C 136 -69.76 -14.67 -8.33
CA THR C 136 -71.04 -14.07 -7.97
C THR C 136 -70.80 -12.88 -7.04
N PRO C 137 -71.56 -11.79 -7.19
CA PRO C 137 -71.26 -10.56 -6.44
C PRO C 137 -71.57 -10.63 -4.95
N GLU C 138 -72.07 -11.77 -4.49
CA GLU C 138 -72.38 -11.95 -3.07
C GLU C 138 -71.29 -12.69 -2.33
N ARG C 139 -70.69 -13.71 -2.95
CA ARG C 139 -69.62 -14.49 -2.33
C ARG C 139 -68.39 -13.65 -2.08
N ALA C 140 -68.15 -12.65 -2.92
CA ALA C 140 -66.96 -11.81 -2.82
C ALA C 140 -67.03 -10.79 -1.69
N ALA C 141 -68.20 -10.60 -1.08
CA ALA C 141 -68.32 -9.68 0.04
C ALA C 141 -67.61 -10.18 1.30
N HIS C 142 -67.17 -11.44 1.31
CA HIS C 142 -66.42 -11.98 2.43
C HIS C 142 -64.94 -11.66 2.37
N CYS C 143 -64.47 -11.02 1.30
CA CYS C 143 -63.07 -10.67 1.14
C CYS C 143 -62.85 -9.22 1.53
N ILE C 144 -61.60 -8.78 1.47
CA ILE C 144 -61.27 -7.38 1.72
C ILE C 144 -61.73 -6.57 0.52
N HIS C 145 -62.51 -5.52 0.79
CA HIS C 145 -63.22 -4.83 -0.27
C HIS C 145 -63.65 -3.45 0.23
N ALA C 146 -64.04 -2.61 -0.71
CA ALA C 146 -64.57 -1.28 -0.40
C ALA C 146 -65.59 -0.90 -1.48
N GLU C 147 -66.45 0.05 -1.13
CA GLU C 147 -67.52 0.47 -2.02
C GLU C 147 -67.53 1.98 -2.18
N TRP C 148 -67.96 2.42 -3.35
CA TRP C 148 -68.12 3.83 -3.65
C TRP C 148 -69.17 4.00 -4.73
N ASP C 149 -69.88 5.11 -4.67
CA ASP C 149 -70.92 5.42 -5.64
C ASP C 149 -70.47 6.56 -6.54
N THR C 150 -71.15 6.69 -7.68
CA THR C 150 -70.85 7.72 -8.65
C THR C 150 -71.58 9.00 -8.32
N GLY C 151 -70.89 10.13 -8.51
CA GLY C 151 -71.48 11.43 -8.23
C GLY C 151 -70.64 12.57 -8.76
N LEU C 152 -70.60 13.67 -8.00
CA LEU C 152 -69.76 14.80 -8.39
C LEU C 152 -68.29 14.42 -8.36
N ASN C 153 -67.88 13.66 -7.36
CA ASN C 153 -66.51 13.16 -7.26
C ASN C 153 -66.45 11.83 -8.01
N SER C 154 -65.84 11.85 -9.19
CA SER C 154 -65.77 10.67 -10.05
C SER C 154 -64.50 9.86 -9.86
N LYS C 155 -63.67 10.19 -8.88
CA LYS C 155 -62.42 9.49 -8.63
C LYS C 155 -62.46 8.81 -7.26
N PHE C 156 -61.80 7.67 -7.16
CA PHE C 156 -61.80 6.87 -5.94
C PHE C 156 -60.61 5.93 -5.98
N THR C 157 -59.87 5.88 -4.87
CA THR C 157 -58.63 5.09 -4.78
C THR C 157 -58.84 3.88 -3.90
N PHE C 158 -58.49 2.71 -4.43
CA PHE C 158 -58.54 1.45 -3.70
C PHE C 158 -57.13 0.85 -3.68
N SER C 159 -56.64 0.55 -2.49
CA SER C 159 -55.27 0.08 -2.31
C SER C 159 -55.26 -1.43 -2.20
N ILE C 160 -54.40 -2.07 -2.99
CA ILE C 160 -54.24 -3.52 -2.93
C ILE C 160 -53.19 -3.85 -1.88
N PRO C 161 -53.57 -4.44 -0.75
CA PRO C 161 -52.58 -4.76 0.28
C PRO C 161 -51.65 -5.87 -0.18
N TYR C 162 -50.43 -5.84 0.38
CA TYR C 162 -49.42 -6.84 0.06
C TYR C 162 -49.57 -8.02 1.01
N VAL C 163 -50.08 -9.14 0.49
CA VAL C 163 -50.25 -10.36 1.28
C VAL C 163 -49.53 -11.49 0.56
N SER C 164 -48.59 -12.12 1.25
CA SER C 164 -47.85 -13.25 0.70
C SER C 164 -47.18 -13.98 1.86
N ALA C 165 -46.41 -15.01 1.53
CA ALA C 165 -45.70 -15.76 2.56
C ALA C 165 -44.42 -15.06 2.98
N ALA C 166 -43.48 -14.90 2.05
CA ALA C 166 -42.18 -14.35 2.37
C ALA C 166 -42.26 -12.83 2.59
N ASP C 167 -41.17 -12.28 3.11
CA ASP C 167 -41.09 -10.83 3.29
C ASP C 167 -41.12 -10.10 1.96
N TYR C 168 -40.48 -10.66 0.94
CA TYR C 168 -40.43 -10.08 -0.39
C TYR C 168 -40.96 -11.09 -1.40
N ALA C 169 -41.55 -10.56 -2.48
CA ALA C 169 -42.17 -11.38 -3.50
C ALA C 169 -41.53 -11.12 -4.84
N TYR C 170 -41.50 -12.15 -5.70
CA TYR C 170 -40.89 -12.01 -7.02
C TYR C 170 -41.71 -11.08 -7.91
N THR C 171 -41.02 -10.38 -8.80
CA THR C 171 -41.63 -9.55 -9.83
C THR C 171 -41.56 -10.25 -11.19
N ALA C 172 -41.20 -11.52 -11.18
CA ALA C 172 -40.78 -12.22 -12.39
C ALA C 172 -41.48 -13.56 -12.52
N SER C 173 -42.81 -13.57 -12.44
CA SER C 173 -43.64 -14.77 -12.32
C SER C 173 -43.07 -15.96 -13.08
N ASP C 174 -42.91 -17.08 -12.39
CA ASP C 174 -42.09 -18.19 -12.84
C ASP C 174 -42.81 -19.07 -13.85
N VAL C 175 -42.02 -19.86 -14.58
CA VAL C 175 -42.58 -20.82 -15.52
C VAL C 175 -43.45 -21.84 -14.80
N ALA C 176 -42.98 -22.31 -13.65
CA ALA C 176 -43.77 -23.21 -12.81
C ALA C 176 -44.84 -22.41 -12.09
N GLU C 177 -45.48 -23.00 -11.08
CA GLU C 177 -46.54 -22.33 -10.34
C GLU C 177 -47.71 -21.99 -11.28
N THR C 178 -48.40 -23.04 -11.74
CA THR C 178 -49.62 -22.92 -12.52
C THR C 178 -50.72 -22.35 -11.60
N THR C 179 -51.91 -22.11 -12.13
CA THR C 179 -53.05 -21.49 -11.42
C THR C 179 -52.73 -20.04 -11.05
N ASN C 180 -53.67 -19.38 -10.37
CA ASN C 180 -53.49 -18.00 -9.94
C ASN C 180 -52.22 -17.94 -9.09
N VAL C 181 -51.24 -17.16 -9.54
CA VAL C 181 -49.98 -17.07 -8.81
C VAL C 181 -50.24 -16.61 -7.39
N GLN C 182 -50.70 -15.35 -7.22
CA GLN C 182 -51.18 -14.97 -5.89
C GLN C 182 -52.59 -14.41 -5.90
N GLY C 183 -52.85 -13.34 -6.65
CA GLY C 183 -54.10 -12.63 -6.41
C GLY C 183 -54.81 -12.04 -7.61
N TRP C 184 -56.14 -11.94 -7.50
CA TRP C 184 -56.97 -11.37 -8.56
C TRP C 184 -57.90 -10.33 -7.94
N VAL C 185 -58.11 -9.24 -8.66
CA VAL C 185 -59.06 -8.18 -8.28
C VAL C 185 -60.27 -8.28 -9.18
N CYS C 186 -61.46 -8.29 -8.57
CA CYS C 186 -62.73 -8.33 -9.28
C CYS C 186 -63.47 -7.02 -9.05
N ILE C 187 -64.05 -6.50 -10.13
CA ILE C 187 -64.86 -5.27 -10.08
C ILE C 187 -66.29 -5.65 -10.39
N TYR C 188 -67.21 -5.29 -9.50
CA TYR C 188 -68.62 -5.63 -9.63
C TYR C 188 -69.46 -4.37 -9.75
N GLN C 189 -70.54 -4.48 -10.51
CA GLN C 189 -71.45 -3.36 -10.80
C GLN C 189 -72.74 -3.60 -10.04
N ILE C 190 -72.88 -3.00 -8.86
CA ILE C 190 -74.06 -3.24 -8.03
C ILE C 190 -75.33 -2.83 -8.76
N THR C 191 -75.31 -1.67 -9.40
CA THR C 191 -76.46 -1.21 -10.17
C THR C 191 -75.96 -0.30 -11.28
N HIS C 192 -76.83 -0.09 -12.27
CA HIS C 192 -76.54 0.85 -13.35
C HIS C 192 -77.86 1.37 -13.90
N GLY C 193 -77.91 2.66 -14.16
CA GLY C 193 -79.10 3.27 -14.72
C GLY C 193 -78.85 3.94 -16.04
N LYS C 194 -79.43 3.39 -17.11
CA LYS C 194 -79.30 3.94 -18.47
C LYS C 194 -77.84 4.08 -18.86
N ALA C 195 -77.04 3.06 -18.53
CA ALA C 195 -75.62 3.03 -18.85
C ALA C 195 -75.36 1.79 -19.70
N GLN C 196 -75.57 1.94 -21.02
CA GLN C 196 -75.31 0.85 -21.95
C GLN C 196 -73.88 0.86 -22.47
N ASN C 197 -73.36 2.06 -22.79
CA ASN C 197 -72.00 2.21 -23.28
C ASN C 197 -71.19 3.18 -22.43
N ASP C 198 -71.57 3.39 -21.18
CA ASP C 198 -70.82 4.25 -20.29
C ASP C 198 -69.63 3.50 -19.69
N THR C 199 -68.52 4.21 -19.54
CA THR C 199 -67.23 3.60 -19.30
C THR C 199 -66.68 3.92 -17.92
N LEU C 200 -65.61 3.21 -17.56
CA LEU C 200 -64.92 3.39 -16.30
C LEU C 200 -63.45 3.04 -16.51
N VAL C 201 -62.57 4.01 -16.29
CA VAL C 201 -61.14 3.87 -16.59
C VAL C 201 -60.39 3.60 -15.30
N VAL C 202 -59.48 2.62 -15.34
CA VAL C 202 -58.77 2.14 -14.16
C VAL C 202 -57.28 2.42 -14.34
N SER C 203 -56.67 3.05 -13.33
CA SER C 203 -55.25 3.37 -13.35
C SER C 203 -54.61 2.93 -12.06
N VAL C 204 -53.32 2.58 -12.13
CA VAL C 204 -52.60 1.98 -11.02
C VAL C 204 -51.30 2.75 -10.77
N SER C 205 -51.00 3.00 -9.51
CA SER C 205 -49.76 3.65 -9.10
C SER C 205 -49.12 2.83 -7.98
N ALA C 206 -47.86 3.15 -7.70
CA ALA C 206 -47.15 2.49 -6.61
C ALA C 206 -47.67 2.95 -5.26
N GLY C 207 -47.61 2.06 -4.28
CA GLY C 207 -48.04 2.40 -2.94
C GLY C 207 -47.00 3.23 -2.20
N LYS C 208 -47.45 3.81 -1.10
CA LYS C 208 -46.58 4.64 -0.27
C LYS C 208 -45.41 3.85 0.32
N ASP C 209 -45.55 2.53 0.46
CA ASP C 209 -44.50 1.70 1.02
C ASP C 209 -43.93 0.70 0.01
N PHE C 210 -44.17 0.93 -1.29
CA PHE C 210 -43.67 0.02 -2.31
C PHE C 210 -42.14 0.03 -2.31
N GLU C 211 -41.55 -1.06 -2.80
CA GLU C 211 -40.10 -1.21 -2.74
C GLU C 211 -39.65 -2.30 -3.69
N LEU C 212 -38.65 -1.99 -4.52
CA LEU C 212 -38.03 -2.95 -5.42
C LEU C 212 -36.59 -3.20 -4.99
N ARG C 213 -36.15 -4.45 -5.07
CA ARG C 213 -35.00 -4.88 -4.29
C ARG C 213 -33.75 -5.19 -5.12
N LEU C 214 -33.81 -6.13 -6.07
CA LEU C 214 -32.57 -6.63 -6.66
C LEU C 214 -32.46 -6.27 -8.13
N PRO C 215 -31.69 -5.25 -8.50
CA PRO C 215 -31.56 -4.89 -9.91
C PRO C 215 -30.92 -6.01 -10.73
N ILE C 216 -31.50 -6.28 -11.90
CA ILE C 216 -30.97 -7.23 -12.86
C ILE C 216 -31.16 -6.68 -14.27
N ASP C 217 -30.70 -7.45 -15.26
CA ASP C 217 -30.81 -7.10 -16.67
C ASP C 217 -31.40 -8.36 -17.29
N PRO C 218 -32.73 -8.48 -17.31
CA PRO C 218 -33.36 -9.74 -17.73
C PRO C 218 -33.62 -9.84 -19.23
N ARG C 219 -33.73 -8.70 -19.90
CA ARG C 219 -34.15 -8.69 -21.30
C ARG C 219 -33.06 -9.25 -22.20
N THR C 220 -33.50 -9.88 -23.29
CA THR C 220 -32.56 -10.47 -24.24
C THR C 220 -31.87 -9.39 -25.06
N GLN C 221 -30.55 -9.44 -25.13
CA GLN C 221 -29.78 -8.48 -25.89
C GLN C 221 -28.77 -9.20 -26.78
N GLN D 25 -39.84 0.50 4.66
CA GLN D 25 -39.32 0.16 3.34
C GLN D 25 -37.92 0.75 3.14
N ARG D 26 -37.12 0.09 2.32
CA ARG D 26 -35.75 0.51 2.02
C ARG D 26 -35.62 0.67 0.51
N ARG D 27 -35.71 1.91 0.03
CA ARG D 27 -35.80 2.21 -1.38
C ARG D 27 -34.43 2.58 -1.95
N HIS D 28 -33.38 1.95 -1.42
CA HIS D 28 -32.02 2.29 -1.83
C HIS D 28 -31.70 1.76 -3.23
N HIS D 29 -32.34 0.68 -3.67
CA HIS D 29 -31.98 0.06 -4.93
C HIS D 29 -32.72 0.66 -6.12
N THR D 30 -33.64 1.59 -5.90
CA THR D 30 -34.24 2.36 -6.98
C THR D 30 -33.71 3.78 -7.04
N ASP D 31 -32.61 4.06 -6.35
CA ASP D 31 -32.02 5.39 -6.38
C ASP D 31 -31.43 5.69 -7.75
N VAL D 32 -31.67 6.91 -8.24
CA VAL D 32 -31.24 7.25 -9.59
C VAL D 32 -29.72 7.33 -9.69
N GLY D 33 -29.05 7.63 -8.58
CA GLY D 33 -27.60 7.63 -8.59
C GLY D 33 -26.96 6.28 -8.38
N PHE D 34 -27.75 5.27 -8.00
CA PHE D 34 -27.26 3.93 -7.73
C PHE D 34 -27.47 2.96 -8.89
N ILE D 35 -28.63 3.06 -9.55
CA ILE D 35 -28.94 2.10 -10.61
C ILE D 35 -28.14 2.39 -11.87
N MET D 36 -27.90 3.65 -12.18
CA MET D 36 -27.14 4.04 -13.37
C MET D 36 -25.63 3.92 -13.18
N ASP D 37 -25.17 3.61 -11.98
CA ASP D 37 -23.74 3.59 -11.67
C ASP D 37 -23.22 2.16 -11.80
N ARG D 38 -23.20 1.68 -13.04
CA ARG D 38 -22.63 0.38 -13.34
C ARG D 38 -22.12 0.38 -14.77
N PHE D 39 -21.20 -0.54 -15.05
CA PHE D 39 -20.62 -0.64 -16.39
C PHE D 39 -21.58 -1.34 -17.33
N VAL D 40 -21.82 -0.73 -18.49
CA VAL D 40 -22.69 -1.29 -19.50
C VAL D 40 -21.95 -1.28 -20.84
N LYS D 41 -21.94 -2.42 -21.51
CA LYS D 41 -21.23 -2.55 -22.78
C LYS D 41 -21.88 -1.69 -23.85
N ILE D 42 -21.04 -1.09 -24.69
CA ILE D 42 -21.49 -0.35 -25.87
C ILE D 42 -21.10 -1.19 -27.08
N ASN D 43 -22.10 -1.62 -27.84
CA ASN D 43 -21.89 -2.67 -28.83
C ASN D 43 -21.05 -2.18 -30.00
N ASN D 44 -21.37 -1.01 -30.56
CA ASN D 44 -20.72 -0.53 -31.77
C ASN D 44 -19.46 0.25 -31.38
N THR D 45 -18.30 -0.38 -31.55
CA THR D 45 -17.02 0.26 -31.31
C THR D 45 -16.20 0.24 -32.59
N ASN D 46 -15.53 1.36 -32.85
CA ASN D 46 -14.77 1.59 -34.06
C ASN D 46 -13.38 2.08 -33.68
N PRO D 47 -12.41 1.98 -34.59
CA PRO D 47 -11.08 2.56 -34.28
C PRO D 47 -11.15 4.01 -33.86
N THR D 48 -12.09 4.78 -34.41
CA THR D 48 -12.41 6.11 -33.92
C THR D 48 -13.88 6.07 -33.48
N HIS D 49 -14.10 6.06 -32.17
CA HIS D 49 -15.45 6.02 -31.60
C HIS D 49 -15.74 7.34 -30.90
N VAL D 50 -16.95 7.85 -31.12
CA VAL D 50 -17.44 9.03 -30.42
C VAL D 50 -18.31 8.55 -29.27
N ILE D 51 -18.01 9.02 -28.07
CA ILE D 51 -18.70 8.53 -26.88
C ILE D 51 -20.06 9.21 -26.79
N ASP D 52 -21.12 8.45 -27.06
CA ASP D 52 -22.49 8.91 -26.92
C ASP D 52 -23.25 7.90 -26.09
N LEU D 53 -23.96 8.37 -25.06
CA LEU D 53 -24.70 7.46 -24.19
C LEU D 53 -25.91 6.88 -24.86
N MET D 54 -26.48 7.56 -25.86
CA MET D 54 -27.66 7.08 -26.56
C MET D 54 -27.39 5.82 -27.36
N GLN D 55 -26.13 5.45 -27.57
CA GLN D 55 -25.77 4.23 -28.27
C GLN D 55 -26.19 2.98 -27.52
N THR D 56 -26.19 3.02 -26.18
CA THR D 56 -26.49 1.87 -25.34
C THR D 56 -27.75 1.14 -25.81
N HIS D 57 -27.78 -0.17 -25.58
CA HIS D 57 -28.92 -0.98 -25.96
C HIS D 57 -30.18 -0.48 -25.28
N GLN D 58 -31.24 -0.31 -26.08
CA GLN D 58 -32.47 0.31 -25.56
C GLN D 58 -33.17 -0.57 -24.54
N HIS D 59 -32.94 -1.87 -24.55
CA HIS D 59 -33.59 -2.79 -23.63
C HIS D 59 -32.70 -3.22 -22.48
N GLY D 60 -31.50 -2.65 -22.37
CA GLY D 60 -30.68 -2.91 -21.21
C GLY D 60 -31.17 -2.16 -19.99
N LEU D 61 -30.60 -2.51 -18.84
CA LEU D 61 -30.97 -1.85 -17.60
C LEU D 61 -30.64 -0.37 -17.67
N VAL D 62 -29.36 -0.05 -17.78
CA VAL D 62 -28.91 1.34 -17.85
C VAL D 62 -29.48 2.03 -19.08
N GLY D 63 -29.48 1.35 -20.22
CA GLY D 63 -29.97 1.98 -21.44
C GLY D 63 -31.44 2.38 -21.34
N ALA D 64 -32.28 1.46 -20.88
CA ALA D 64 -33.71 1.76 -20.81
C ALA D 64 -34.00 2.81 -19.74
N LEU D 65 -33.36 2.70 -18.58
CA LEU D 65 -33.58 3.73 -17.58
C LEU D 65 -33.06 5.09 -18.04
N LEU D 66 -32.08 5.11 -18.93
CA LEU D 66 -31.62 6.37 -19.51
C LEU D 66 -32.64 6.91 -20.51
N ARG D 67 -33.24 6.04 -21.31
CA ARG D 67 -34.31 6.46 -22.20
C ARG D 67 -35.51 6.99 -21.44
N ALA D 68 -35.75 6.48 -20.23
CA ALA D 68 -36.89 6.86 -19.42
C ALA D 68 -36.79 8.27 -18.84
N ALA D 69 -35.79 9.05 -19.26
CA ALA D 69 -35.67 10.44 -18.86
C ALA D 69 -35.39 11.29 -20.08
N THR D 70 -35.85 12.54 -20.03
CA THR D 70 -35.67 13.43 -21.17
C THR D 70 -34.27 14.03 -21.21
N TYR D 71 -33.82 14.60 -20.10
CA TYR D 71 -32.50 15.21 -19.99
C TYR D 71 -31.68 14.48 -18.94
N TYR D 72 -30.37 14.68 -18.98
CA TYR D 72 -29.51 14.11 -17.96
C TYR D 72 -28.16 14.82 -17.96
N PHE D 73 -27.46 14.67 -16.84
CA PHE D 73 -26.08 15.07 -16.69
C PHE D 73 -25.31 13.89 -16.11
N SER D 74 -24.06 13.72 -16.54
CA SER D 74 -23.27 12.64 -15.99
C SER D 74 -21.80 12.87 -16.28
N ASP D 75 -20.96 12.37 -15.37
CA ASP D 75 -19.55 12.15 -15.67
C ASP D 75 -19.45 10.78 -16.33
N LEU D 76 -18.24 10.25 -16.50
CA LEU D 76 -18.11 8.95 -17.15
C LEU D 76 -16.83 8.27 -16.72
N GLU D 77 -16.87 6.94 -16.68
CA GLU D 77 -15.69 6.09 -16.57
C GLU D 77 -15.77 5.06 -17.67
N ILE D 78 -14.71 4.92 -18.44
CA ILE D 78 -14.69 4.03 -19.59
C ILE D 78 -13.63 2.97 -19.38
N VAL D 79 -14.02 1.71 -19.59
CA VAL D 79 -13.08 0.60 -19.68
C VAL D 79 -12.92 0.27 -21.15
N VAL D 80 -11.72 0.44 -21.68
CA VAL D 80 -11.44 0.25 -23.09
C VAL D 80 -10.37 -0.84 -23.22
N ARG D 81 -10.62 -1.81 -24.08
CA ARG D 81 -9.67 -2.87 -24.41
C ARG D 81 -9.16 -2.59 -25.80
N HIS D 82 -7.96 -2.01 -25.90
CA HIS D 82 -7.46 -1.49 -27.16
C HIS D 82 -6.03 -1.96 -27.39
N GLU D 83 -5.64 -1.95 -28.66
CA GLU D 83 -4.27 -2.21 -29.07
C GLU D 83 -3.62 -0.90 -29.46
N GLY D 84 -2.41 -0.66 -28.96
CA GLY D 84 -1.77 0.61 -29.16
C GLY D 84 -2.31 1.66 -28.20
N ASN D 85 -1.87 2.89 -28.41
CA ASN D 85 -2.24 3.98 -27.53
C ASN D 85 -3.68 4.42 -27.80
N LEU D 86 -4.37 4.81 -26.73
CA LEU D 86 -5.73 5.32 -26.81
C LEU D 86 -5.71 6.81 -26.49
N THR D 87 -6.20 7.62 -27.43
CA THR D 87 -6.21 9.07 -27.28
C THR D 87 -7.66 9.55 -27.18
N TRP D 88 -7.89 10.50 -26.28
CA TRP D 88 -9.23 11.02 -26.03
C TRP D 88 -9.20 12.54 -26.20
N VAL D 89 -10.04 13.05 -27.09
CA VAL D 89 -10.23 14.48 -27.24
C VAL D 89 -11.61 14.84 -26.70
N PRO D 90 -11.78 16.02 -26.11
CA PRO D 90 -13.08 16.36 -25.53
C PRO D 90 -14.11 16.68 -26.61
N ASN D 91 -15.30 17.04 -26.16
CA ASN D 91 -16.32 17.50 -27.09
C ASN D 91 -15.92 18.84 -27.69
N GLY D 92 -16.13 18.98 -29.00
CA GLY D 92 -15.83 20.21 -29.69
C GLY D 92 -14.45 20.27 -30.32
N ALA D 93 -13.57 19.32 -30.01
CA ALA D 93 -12.25 19.30 -30.61
C ALA D 93 -12.32 18.76 -32.04
N PRO D 94 -11.48 19.27 -32.94
CA PRO D 94 -11.45 18.76 -34.31
C PRO D 94 -11.05 17.30 -34.34
N GLU D 95 -11.58 16.57 -35.32
CA GLU D 95 -11.26 15.16 -35.43
C GLU D 95 -9.80 14.94 -35.78
N ALA D 96 -9.14 15.96 -36.33
CA ALA D 96 -7.71 15.89 -36.61
C ALA D 96 -6.86 15.91 -35.35
N ALA D 97 -7.43 16.26 -34.20
CA ALA D 97 -6.69 16.28 -32.95
C ALA D 97 -6.55 14.89 -32.33
N LEU D 98 -7.09 13.86 -32.97
CA LEU D 98 -7.00 12.49 -32.47
C LEU D 98 -5.69 11.82 -32.87
N SER D 99 -4.87 12.45 -33.70
CA SER D 99 -3.59 11.90 -34.12
C SER D 99 -2.42 12.51 -33.35
N ASN D 100 -2.69 13.29 -32.32
CA ASN D 100 -1.66 13.94 -31.52
C ASN D 100 -1.68 13.40 -30.11
N ALA D 101 -0.51 13.38 -29.48
CA ALA D 101 -0.37 12.88 -28.12
C ALA D 101 -0.48 13.97 -27.06
N GLY D 102 -0.61 15.24 -27.46
CA GLY D 102 -0.87 16.29 -26.48
C GLY D 102 -2.19 16.09 -25.77
N ASN D 103 -3.20 15.63 -26.49
CA ASN D 103 -4.46 15.24 -25.88
C ASN D 103 -4.25 13.96 -25.07
N PRO D 104 -5.06 13.75 -24.01
CA PRO D 104 -4.80 12.64 -23.09
C PRO D 104 -4.66 11.30 -23.77
N THR D 105 -3.45 10.75 -23.73
CA THR D 105 -3.12 9.49 -24.40
C THR D 105 -2.74 8.47 -23.34
N ALA D 106 -3.32 7.29 -23.43
CA ALA D 106 -3.06 6.20 -22.50
C ALA D 106 -2.26 5.11 -23.20
N TYR D 107 -1.15 4.71 -22.58
CA TYR D 107 -0.34 3.62 -23.11
C TYR D 107 -0.90 2.30 -22.59
N ASN D 108 -1.14 1.36 -23.50
CA ASN D 108 -1.93 0.19 -23.16
C ASN D 108 -1.19 -0.71 -22.17
N LYS D 109 -1.90 -1.18 -21.17
CA LYS D 109 -1.41 -2.15 -20.20
C LYS D 109 -1.86 -3.54 -20.65
N ALA D 110 -1.69 -4.53 -19.78
CA ALA D 110 -2.02 -5.90 -20.18
C ALA D 110 -3.52 -6.11 -20.36
N PRO D 111 -4.35 -6.02 -19.29
CA PRO D 111 -5.77 -6.40 -19.47
C PRO D 111 -6.58 -5.40 -20.30
N PHE D 112 -6.60 -4.15 -19.90
CA PHE D 112 -7.38 -3.10 -20.56
C PHE D 112 -7.02 -1.77 -19.90
N THR D 113 -7.75 -0.72 -20.29
CA THR D 113 -7.50 0.63 -19.84
C THR D 113 -8.75 1.17 -19.14
N ARG D 114 -8.57 1.69 -17.93
CA ARG D 114 -9.66 2.27 -17.15
C ARG D 114 -9.38 3.74 -16.90
N LEU D 115 -10.27 4.60 -17.37
CA LEU D 115 -10.16 6.05 -17.21
C LEU D 115 -11.43 6.62 -16.59
N ALA D 116 -11.37 7.90 -16.27
CA ALA D 116 -12.51 8.66 -15.79
C ALA D 116 -12.57 9.97 -16.57
N LEU D 117 -13.57 10.10 -17.45
CA LEU D 117 -13.70 11.28 -18.27
C LEU D 117 -14.74 12.22 -17.69
N PRO D 118 -14.52 13.53 -17.75
CA PRO D 118 -15.51 14.46 -17.22
C PRO D 118 -16.63 14.75 -18.20
N TYR D 119 -17.54 15.65 -17.84
CA TYR D 119 -18.59 16.12 -18.73
C TYR D 119 -18.00 17.28 -19.52
N THR D 120 -18.09 17.20 -20.85
CA THR D 120 -17.39 18.13 -21.72
C THR D 120 -18.30 18.86 -22.71
N ALA D 121 -19.59 18.52 -22.76
CA ALA D 121 -20.48 19.16 -23.71
C ALA D 121 -20.78 20.60 -23.29
N PRO D 122 -20.99 21.50 -24.26
CA PRO D 122 -21.29 22.89 -23.89
C PRO D 122 -22.65 23.08 -23.26
N HIS D 123 -23.60 22.20 -23.54
CA HIS D 123 -24.93 22.31 -22.94
C HIS D 123 -24.88 21.97 -21.46
N ARG D 124 -25.72 22.65 -20.68
CA ARG D 124 -25.77 22.39 -19.24
C ARG D 124 -26.16 20.94 -18.96
N VAL D 125 -27.17 20.45 -19.66
CA VAL D 125 -27.59 19.05 -19.58
C VAL D 125 -27.69 18.51 -21.00
N LEU D 126 -27.59 17.20 -21.13
CA LEU D 126 -27.75 16.56 -22.42
C LEU D 126 -29.23 16.22 -22.62
N ALA D 127 -29.54 15.43 -23.65
CA ALA D 127 -30.91 15.08 -23.92
C ALA D 127 -30.96 13.71 -24.60
N THR D 128 -32.09 13.04 -24.44
CA THR D 128 -32.34 11.76 -25.08
C THR D 128 -33.31 11.84 -26.24
N VAL D 129 -34.10 12.91 -26.34
CA VAL D 129 -34.96 13.17 -27.48
C VAL D 129 -34.89 14.65 -27.80
N TYR D 130 -34.70 14.97 -29.07
CA TYR D 130 -34.63 16.36 -29.53
C TYR D 130 -35.79 16.64 -30.49
N ASN D 131 -36.43 17.79 -30.29
CA ASN D 131 -37.60 18.20 -31.07
C ASN D 131 -37.15 19.24 -32.09
N GLY D 132 -36.63 18.77 -33.23
CA GLY D 132 -36.21 19.66 -34.29
C GLY D 132 -34.77 19.40 -34.73
N THR D 133 -34.10 20.45 -35.22
CA THR D 133 -32.72 20.32 -35.64
C THR D 133 -31.86 21.42 -35.02
N SER D 134 -30.54 21.37 -35.26
CA SER D 134 -29.64 22.39 -34.75
C SER D 134 -28.80 23.04 -35.84
N LYS D 135 -29.09 22.80 -37.12
CA LYS D 135 -28.35 23.38 -38.22
C LYS D 135 -29.25 24.36 -38.96
N TYR D 136 -28.71 25.54 -39.26
CA TYR D 136 -29.44 26.56 -40.00
C TYR D 136 -29.84 26.07 -41.39
N THR D 156 -35.32 12.27 -34.69
CA THR D 156 -34.80 11.10 -35.39
C THR D 156 -33.27 11.09 -35.37
N GLN D 157 -32.68 12.24 -35.08
CA GLN D 157 -31.23 12.37 -35.00
C GLN D 157 -30.88 13.50 -34.05
N LEU D 158 -30.31 13.15 -32.90
CA LEU D 158 -29.92 14.15 -31.93
C LEU D 158 -28.75 14.98 -32.47
N PRO D 159 -28.58 16.19 -31.96
CA PRO D 159 -27.44 17.02 -32.39
C PRO D 159 -26.12 16.33 -32.10
N ALA D 160 -25.12 16.63 -32.93
CA ALA D 160 -23.79 16.04 -32.77
C ALA D 160 -23.08 16.55 -31.52
N SER D 161 -23.56 17.63 -30.92
CA SER D 161 -22.94 18.15 -29.71
C SER D 161 -23.30 17.35 -28.47
N PHE D 162 -24.13 16.30 -28.62
CA PHE D 162 -24.54 15.46 -27.50
C PHE D 162 -23.59 14.26 -27.42
N ASN D 163 -22.36 14.55 -27.00
CA ASN D 163 -21.34 13.51 -26.86
C ASN D 163 -20.37 13.92 -25.77
N PHE D 164 -19.62 12.94 -25.28
CA PHE D 164 -18.66 13.15 -24.20
C PHE D 164 -17.24 13.32 -24.72
N GLY D 165 -17.02 13.10 -26.02
CA GLY D 165 -15.72 13.13 -26.63
C GLY D 165 -15.55 11.94 -27.55
N ALA D 166 -14.31 11.74 -28.01
CA ALA D 166 -14.01 10.64 -28.90
C ALA D 166 -12.75 9.93 -28.42
N ILE D 167 -12.62 8.67 -28.80
CA ILE D 167 -11.45 7.88 -28.47
C ILE D 167 -10.94 7.21 -29.74
N ARG D 168 -9.61 7.13 -29.85
CA ARG D 168 -8.98 6.60 -31.04
C ARG D 168 -7.84 5.66 -30.63
N ALA D 169 -7.75 4.53 -31.33
CA ALA D 169 -6.64 3.61 -31.19
C ALA D 169 -6.52 2.83 -32.49
N THR D 170 -5.51 1.95 -32.57
CA THR D 170 -5.38 1.11 -33.75
C THR D 170 -6.62 0.24 -33.92
N ASP D 171 -7.13 -0.31 -32.82
CA ASP D 171 -8.44 -0.93 -32.79
C ASP D 171 -8.96 -0.89 -31.36
N ILE D 172 -10.27 -1.05 -31.22
CA ILE D 172 -10.91 -1.15 -29.91
C ILE D 172 -11.78 -2.39 -29.92
N SER D 173 -11.41 -3.38 -29.11
CA SER D 173 -12.15 -4.63 -29.04
C SER D 173 -13.45 -4.51 -28.26
N GLU D 174 -13.44 -3.79 -27.14
CA GLU D 174 -14.63 -3.61 -26.33
C GLU D 174 -14.54 -2.29 -25.59
N LEU D 175 -15.71 -1.77 -25.20
CA LEU D 175 -15.79 -0.48 -24.51
C LEU D 175 -16.96 -0.53 -23.54
N LEU D 176 -16.69 -0.22 -22.28
CA LEU D 176 -17.69 -0.19 -21.24
C LEU D 176 -17.76 1.22 -20.68
N VAL D 177 -18.97 1.71 -20.41
CA VAL D 177 -19.16 3.04 -19.85
C VAL D 177 -19.91 2.93 -18.54
N ARG D 178 -19.63 3.86 -17.63
CA ARG D 178 -20.22 3.89 -16.31
C ARG D 178 -20.50 5.33 -15.94
N MET D 179 -21.74 5.61 -15.57
CA MET D 179 -22.15 6.97 -15.23
C MET D 179 -21.84 7.27 -13.77
N LYS D 180 -21.15 8.37 -13.53
CA LYS D 180 -20.83 8.83 -12.19
C LYS D 180 -21.68 10.04 -11.85
N ARG D 181 -22.28 10.02 -10.66
CA ARG D 181 -23.10 11.13 -10.18
C ARG D 181 -24.21 11.46 -11.18
N ALA D 182 -24.79 10.42 -11.77
CA ALA D 182 -25.82 10.62 -12.78
C ALA D 182 -27.08 11.20 -12.16
N GLU D 183 -27.73 12.08 -12.91
CA GLU D 183 -29.02 12.63 -12.54
C GLU D 183 -29.90 12.64 -13.77
N LEU D 184 -31.21 12.61 -13.55
CA LEU D 184 -32.16 12.57 -14.65
C LEU D 184 -33.27 13.59 -14.41
N TYR D 185 -33.87 14.02 -15.52
CA TYR D 185 -34.90 15.05 -15.48
C TYR D 185 -36.05 14.64 -16.40
N CYS D 186 -37.27 15.02 -16.01
CA CYS D 186 -38.45 14.89 -16.87
C CYS D 186 -38.68 13.45 -17.34
N PRO D 187 -39.17 12.57 -16.46
CA PRO D 187 -39.28 11.16 -16.82
C PRO D 187 -40.19 10.93 -18.02
N ARG D 188 -39.85 9.92 -18.82
CA ARG D 188 -40.55 9.54 -20.03
C ARG D 188 -41.08 8.11 -19.89
N PRO D 189 -42.07 7.73 -20.70
CA PRO D 189 -42.67 6.40 -20.56
C PRO D 189 -41.64 5.28 -20.66
N LEU D 190 -41.79 4.30 -19.78
CA LEU D 190 -40.92 3.13 -19.72
C LEU D 190 -41.77 1.89 -19.93
N LEU D 191 -41.34 1.02 -20.84
CA LEU D 191 -42.17 -0.08 -21.32
C LEU D 191 -41.63 -1.43 -20.85
N ALA D 192 -42.56 -2.30 -20.46
CA ALA D 192 -42.28 -3.70 -20.19
C ALA D 192 -42.65 -4.52 -21.41
N VAL D 193 -42.19 -5.78 -21.43
CA VAL D 193 -42.45 -6.63 -22.59
C VAL D 193 -43.94 -6.95 -22.65
N GLU D 194 -44.43 -7.19 -23.86
CA GLU D 194 -45.84 -7.48 -24.08
C GLU D 194 -46.10 -8.97 -24.04
N VAL D 195 -47.35 -9.33 -23.77
CA VAL D 195 -47.80 -10.72 -23.71
C VAL D 195 -48.87 -10.92 -24.78
N THR D 196 -48.69 -11.92 -25.63
CA THR D 196 -49.55 -12.08 -26.80
C THR D 196 -50.86 -12.79 -26.46
N ALA D 197 -50.78 -14.05 -26.05
CA ALA D 197 -52.00 -14.85 -25.86
C ALA D 197 -51.92 -15.82 -24.70
N GLN D 198 -50.89 -15.76 -23.87
CA GLN D 198 -50.82 -16.60 -22.69
C GLN D 198 -51.71 -16.01 -21.59
N ASP D 199 -51.57 -16.56 -20.38
CA ASP D 199 -52.16 -15.89 -19.23
C ASP D 199 -51.26 -14.76 -18.73
N ARG D 200 -49.97 -14.86 -19.04
CA ARG D 200 -48.96 -13.99 -18.44
C ARG D 200 -47.62 -14.21 -19.13
N HIS D 201 -46.65 -13.40 -18.76
CA HIS D 201 -45.27 -13.68 -19.12
C HIS D 201 -44.77 -14.86 -18.30
N LYS D 202 -44.16 -15.83 -18.96
CA LYS D 202 -43.79 -17.10 -18.35
C LYS D 202 -42.29 -17.28 -18.52
N GLN D 203 -41.52 -16.73 -17.58
CA GLN D 203 -40.06 -16.78 -17.63
C GLN D 203 -39.54 -17.67 -16.51
N LYS D 204 -38.48 -18.42 -16.79
CA LYS D 204 -37.98 -19.44 -15.88
C LYS D 204 -36.97 -18.82 -14.93
N ILE D 205 -37.27 -18.89 -13.63
CA ILE D 205 -36.37 -18.35 -12.61
C ILE D 205 -35.34 -19.40 -12.22
N ILE D 206 -34.17 -18.93 -11.79
CA ILE D 206 -33.11 -19.83 -11.40
C ILE D 206 -33.56 -20.66 -10.23
N ALA D 207 -33.34 -21.97 -10.36
CA ALA D 207 -33.66 -22.93 -9.32
C ALA D 207 -32.53 -23.97 -9.14
N PRO D 208 -32.12 -24.22 -7.91
CA PRO D 208 -31.06 -25.21 -7.57
C PRO D 208 -31.53 -26.65 -7.56
N ALA D 209 -32.68 -26.96 -8.20
CA ALA D 209 -33.16 -28.33 -8.25
C ALA D 209 -32.15 -29.22 -8.95
N LYS D 210 -31.87 -30.37 -8.32
CA LYS D 210 -30.92 -31.34 -8.86
C LYS D 210 -31.58 -32.33 -9.82
N GLN E 25 -16.98 33.56 -14.48
CA GLN E 25 -16.01 32.86 -15.31
C GLN E 25 -15.02 32.09 -14.46
N ARG E 26 -14.49 31.00 -15.01
CA ARG E 26 -13.53 30.14 -14.33
C ARG E 26 -12.35 29.89 -15.25
N ARG E 27 -11.27 30.61 -15.03
CA ARG E 27 -10.13 30.67 -15.94
C ARG E 27 -9.04 29.68 -15.53
N HIS E 28 -9.43 28.55 -14.94
CA HIS E 28 -8.45 27.60 -14.45
C HIS E 28 -7.72 26.87 -15.57
N HIS E 29 -8.32 26.79 -16.76
CA HIS E 29 -7.71 25.99 -17.83
C HIS E 29 -6.75 26.78 -18.70
N THR E 30 -6.70 28.10 -18.57
CA THR E 30 -5.68 28.90 -19.22
C THR E 30 -4.57 29.30 -18.25
N ASP E 31 -4.51 28.65 -17.08
CA ASP E 31 -3.44 28.90 -16.13
C ASP E 31 -2.13 28.34 -16.66
N VAL E 32 -1.06 29.14 -16.57
CA VAL E 32 0.20 28.76 -17.18
C VAL E 32 0.81 27.55 -16.47
N GLY E 33 0.44 27.30 -15.22
CA GLY E 33 0.95 26.14 -14.55
C GLY E 33 0.21 24.85 -14.85
N PHE E 34 -0.93 24.94 -15.54
CA PHE E 34 -1.78 23.79 -15.81
C PHE E 34 -1.62 23.26 -17.23
N ILE E 35 -1.54 24.16 -18.22
CA ILE E 35 -1.43 23.72 -19.61
C ILE E 35 -0.07 23.10 -19.89
N MET E 36 1.00 23.70 -19.41
CA MET E 36 2.35 23.24 -19.70
C MET E 36 2.69 21.93 -18.98
N ASP E 37 1.94 21.55 -17.95
CA ASP E 37 2.26 20.37 -17.15
C ASP E 37 1.58 19.14 -17.75
N ARG E 38 1.98 18.83 -18.98
CA ARG E 38 1.55 17.59 -19.62
C ARG E 38 2.71 17.06 -20.46
N PHE E 39 2.67 15.76 -20.71
CA PHE E 39 3.76 15.10 -21.43
C PHE E 39 3.69 15.45 -22.91
N VAL E 40 4.84 15.71 -23.50
CA VAL E 40 4.95 16.00 -24.93
C VAL E 40 6.13 15.21 -25.50
N LYS E 41 5.90 14.58 -26.64
CA LYS E 41 6.95 13.81 -27.29
C LYS E 41 8.02 14.74 -27.85
N ILE E 42 9.27 14.32 -27.73
CA ILE E 42 10.40 14.99 -28.37
C ILE E 42 10.79 14.14 -29.56
N ASN E 43 10.55 14.65 -30.77
CA ASN E 43 10.62 13.82 -31.97
C ASN E 43 12.01 13.25 -32.20
N ASN E 44 13.04 14.08 -32.06
CA ASN E 44 14.41 13.67 -32.40
C ASN E 44 15.05 13.07 -31.15
N THR E 45 15.22 11.75 -31.15
CA THR E 45 15.86 11.04 -30.06
C THR E 45 17.06 10.27 -30.61
N ASN E 46 18.14 10.27 -29.84
CA ASN E 46 19.41 9.68 -30.22
C ASN E 46 19.91 8.79 -29.08
N PRO E 47 20.85 7.90 -29.35
CA PRO E 47 21.45 7.11 -28.26
C PRO E 47 22.03 7.98 -27.16
N THR E 48 22.54 9.15 -27.51
CA THR E 48 23.01 10.15 -26.54
C THR E 48 22.25 11.44 -26.83
N HIS E 49 21.21 11.71 -26.04
CA HIS E 49 20.35 12.86 -26.25
C HIS E 49 20.58 13.90 -25.18
N VAL E 50 20.67 15.15 -25.58
CA VAL E 50 20.79 16.28 -24.68
C VAL E 50 19.42 16.93 -24.56
N ILE E 51 18.87 16.95 -23.35
CA ILE E 51 17.49 17.35 -23.16
C ILE E 51 17.38 18.86 -23.29
N ASP E 52 16.78 19.31 -24.39
CA ASP E 52 16.52 20.73 -24.64
C ASP E 52 15.04 20.90 -24.94
N LEU E 53 14.40 21.85 -24.25
CA LEU E 53 12.96 22.02 -24.42
C LEU E 53 12.61 22.66 -25.76
N MET E 54 13.56 23.32 -26.42
CA MET E 54 13.32 23.88 -27.74
C MET E 54 13.18 22.81 -28.81
N GLN E 55 13.48 21.55 -28.49
CA GLN E 55 13.29 20.46 -29.42
C GLN E 55 11.82 20.06 -29.55
N THR E 56 10.93 20.72 -28.80
CA THR E 56 9.50 20.49 -28.92
C THR E 56 9.00 20.99 -30.26
N HIS E 57 7.99 20.32 -30.81
CA HIS E 57 7.35 20.79 -32.02
C HIS E 57 6.79 22.19 -31.83
N GLN E 58 7.01 23.06 -32.82
CA GLN E 58 6.62 24.45 -32.68
C GLN E 58 5.11 24.66 -32.71
N HIS E 59 4.37 23.73 -33.30
CA HIS E 59 2.93 23.88 -33.45
C HIS E 59 2.13 23.06 -32.43
N GLY E 60 2.81 22.29 -31.59
CA GLY E 60 2.11 21.59 -30.53
C GLY E 60 1.62 22.54 -29.46
N LEU E 61 0.75 22.00 -28.60
CA LEU E 61 0.14 22.83 -27.55
C LEU E 61 1.21 23.43 -26.65
N VAL E 62 1.93 22.58 -25.91
CA VAL E 62 2.97 23.06 -25.01
C VAL E 62 4.12 23.69 -25.79
N GLY E 63 4.43 23.13 -26.96
CA GLY E 63 5.51 23.69 -27.76
C GLY E 63 5.24 25.12 -28.18
N ALA E 64 4.04 25.38 -28.72
CA ALA E 64 3.71 26.74 -29.14
C ALA E 64 3.57 27.67 -27.95
N LEU E 65 2.95 27.20 -26.87
CA LEU E 65 2.82 28.06 -25.69
C LEU E 65 4.18 28.38 -25.08
N LEU E 66 5.17 27.49 -25.24
CA LEU E 66 6.53 27.77 -24.81
C LEU E 66 7.20 28.78 -25.74
N ARG E 67 7.06 28.60 -27.05
CA ARG E 67 7.59 29.58 -27.99
C ARG E 67 6.97 30.95 -27.80
N ALA E 68 5.77 31.02 -27.23
CA ALA E 68 5.05 32.27 -27.01
C ALA E 68 5.58 33.05 -25.81
N ALA E 69 6.57 32.53 -25.08
CA ALA E 69 7.16 33.24 -23.97
C ALA E 69 8.68 33.30 -24.17
N THR E 70 9.26 34.45 -23.82
CA THR E 70 10.68 34.68 -24.02
C THR E 70 11.55 33.84 -23.10
N TYR E 71 11.16 33.73 -21.83
CA TYR E 71 11.94 33.00 -20.83
C TYR E 71 11.05 32.05 -20.07
N TYR E 72 11.65 30.98 -19.56
CA TYR E 72 10.90 29.94 -18.89
C TYR E 72 11.80 29.25 -17.87
N PHE E 73 11.22 28.95 -16.71
CA PHE E 73 11.86 28.13 -15.69
C PHE E 73 10.93 26.98 -15.33
N SER E 74 11.51 25.80 -15.13
CA SER E 74 10.70 24.63 -14.84
C SER E 74 11.58 23.48 -14.42
N ASP E 75 10.98 22.56 -13.67
CA ASP E 75 11.58 21.26 -13.42
C ASP E 75 11.29 20.36 -14.62
N LEU E 76 11.54 19.07 -14.48
CA LEU E 76 11.30 18.15 -15.59
C LEU E 76 11.02 16.75 -15.07
N GLU E 77 10.13 16.04 -15.75
CA GLU E 77 9.95 14.61 -15.62
C GLU E 77 10.09 14.01 -17.00
N ILE E 78 10.90 12.96 -17.14
CA ILE E 78 11.14 12.34 -18.43
C ILE E 78 10.70 10.89 -18.37
N VAL E 79 9.89 10.49 -19.35
CA VAL E 79 9.51 9.10 -19.56
C VAL E 79 10.34 8.60 -20.73
N VAL E 80 11.24 7.65 -20.47
CA VAL E 80 12.20 7.19 -21.47
C VAL E 80 11.98 5.70 -21.69
N ARG E 81 11.86 5.30 -22.96
CA ARG E 81 11.76 3.89 -23.35
C ARG E 81 13.07 3.53 -24.03
N HIS E 82 13.86 2.67 -23.39
CA HIS E 82 15.22 2.41 -23.82
C HIS E 82 15.56 0.95 -23.62
N GLU E 83 16.74 0.57 -24.15
CA GLU E 83 17.37 -0.71 -23.84
C GLU E 83 18.67 -0.43 -23.09
N GLY E 84 18.96 -1.27 -22.11
CA GLY E 84 20.11 -1.04 -21.27
C GLY E 84 19.86 0.01 -20.21
N ASN E 85 20.90 0.30 -19.46
CA ASN E 85 20.80 1.23 -18.34
C ASN E 85 20.87 2.68 -18.85
N LEU E 86 20.11 3.56 -18.19
CA LEU E 86 20.01 4.95 -18.60
C LEU E 86 20.75 5.82 -17.60
N THR E 87 21.72 6.58 -18.09
CA THR E 87 22.53 7.47 -17.26
C THR E 87 22.15 8.91 -17.57
N TRP E 88 22.14 9.75 -16.54
CA TRP E 88 21.82 11.17 -16.70
C TRP E 88 22.90 12.02 -16.03
N VAL E 89 23.60 12.81 -16.83
CA VAL E 89 24.58 13.75 -16.31
C VAL E 89 23.95 15.13 -16.29
N PRO E 90 24.17 15.93 -15.25
CA PRO E 90 23.53 17.24 -15.17
C PRO E 90 24.09 18.19 -16.22
N ASN E 91 23.53 19.40 -16.26
CA ASN E 91 24.04 20.40 -17.19
C ASN E 91 25.44 20.82 -16.77
N GLY E 92 26.37 20.71 -17.71
CA GLY E 92 27.75 21.08 -17.47
C GLY E 92 28.71 19.94 -17.30
N ALA E 93 28.22 18.73 -17.05
CA ALA E 93 29.11 17.59 -16.94
C ALA E 93 29.75 17.30 -18.30
N PRO E 94 31.01 16.86 -18.31
CA PRO E 94 31.66 16.50 -19.58
C PRO E 94 30.93 15.33 -20.24
N GLU E 95 31.00 15.32 -21.58
CA GLU E 95 30.34 14.26 -22.34
C GLU E 95 30.92 12.89 -22.01
N ALA E 96 32.16 12.85 -21.52
CA ALA E 96 32.78 11.60 -21.10
C ALA E 96 32.24 11.07 -19.78
N ALA E 97 31.44 11.85 -19.07
CA ALA E 97 30.85 11.40 -17.82
C ALA E 97 29.62 10.52 -18.01
N LEU E 98 29.17 10.34 -19.25
CA LEU E 98 27.99 9.53 -19.53
C LEU E 98 28.31 8.05 -19.58
N SER E 99 29.58 7.66 -19.57
CA SER E 99 29.98 6.26 -19.64
C SER E 99 30.21 5.65 -18.26
N ASN E 100 29.94 6.39 -17.19
CA ASN E 100 30.16 5.92 -15.84
C ASN E 100 28.83 5.84 -15.08
N ALA E 101 28.71 4.83 -14.23
CA ALA E 101 27.49 4.60 -13.47
C ALA E 101 27.41 5.42 -12.20
N GLY E 102 28.47 6.15 -11.83
CA GLY E 102 28.39 7.01 -10.66
C GLY E 102 27.34 8.09 -10.81
N ASN E 103 27.16 8.60 -12.02
CA ASN E 103 26.07 9.50 -12.31
C ASN E 103 24.75 8.74 -12.20
N PRO E 104 23.64 9.44 -11.90
CA PRO E 104 22.38 8.74 -11.67
C PRO E 104 22.02 7.78 -12.80
N THR E 105 22.05 6.48 -12.50
CA THR E 105 21.84 5.44 -13.49
C THR E 105 20.53 4.73 -13.17
N ALA E 106 19.64 4.64 -14.16
CA ALA E 106 18.38 3.94 -14.02
C ALA E 106 18.46 2.62 -14.76
N TYR E 107 18.22 1.53 -14.03
CA TYR E 107 18.15 0.21 -14.64
C TYR E 107 16.78 -0.01 -15.25
N ASN E 108 16.75 -0.50 -16.49
CA ASN E 108 15.52 -0.53 -17.26
C ASN E 108 14.53 -1.55 -16.68
N LYS E 109 13.29 -1.12 -16.52
CA LYS E 109 12.20 -1.99 -16.14
C LYS E 109 11.46 -2.41 -17.42
N ALA E 110 10.30 -3.05 -17.27
CA ALA E 110 9.61 -3.55 -18.45
C ALA E 110 9.09 -2.42 -19.34
N PRO E 111 8.09 -1.61 -18.90
CA PRO E 111 7.46 -0.69 -19.87
C PRO E 111 8.36 0.46 -20.29
N PHE E 112 8.87 1.22 -19.33
CA PHE E 112 9.76 2.35 -19.58
C PHE E 112 10.26 2.84 -18.23
N THR E 113 10.98 3.95 -18.26
CA THR E 113 11.55 4.56 -17.07
C THR E 113 10.95 5.95 -16.88
N ARG E 114 10.53 6.26 -15.66
CA ARG E 114 9.95 7.56 -15.34
C ARG E 114 10.75 8.20 -14.23
N LEU E 115 11.48 9.26 -14.56
CA LEU E 115 12.35 9.97 -13.63
C LEU E 115 11.84 11.39 -13.43
N ALA E 116 12.48 12.08 -12.48
CA ALA E 116 12.22 13.49 -12.22
C ALA E 116 13.55 14.22 -12.15
N LEU E 117 13.78 15.11 -13.12
CA LEU E 117 15.04 15.83 -13.13
C LEU E 117 14.84 17.26 -12.65
N PRO E 118 15.82 17.81 -11.93
CA PRO E 118 15.71 19.21 -11.52
C PRO E 118 16.18 20.16 -12.60
N TYR E 119 16.20 21.45 -12.30
CA TYR E 119 16.76 22.47 -13.18
C TYR E 119 18.23 22.62 -12.84
N THR E 120 19.10 22.20 -13.75
CA THR E 120 20.53 22.17 -13.49
C THR E 120 21.31 23.25 -14.23
N ALA E 121 20.65 24.07 -15.05
CA ALA E 121 21.37 25.08 -15.80
C ALA E 121 21.84 26.22 -14.89
N PRO E 122 23.00 26.81 -15.20
CA PRO E 122 23.51 27.88 -14.32
C PRO E 122 22.69 29.16 -14.36
N HIS E 123 21.96 29.42 -15.44
CA HIS E 123 21.22 30.66 -15.57
C HIS E 123 19.96 30.63 -14.71
N ARG E 124 19.54 31.82 -14.25
CA ARG E 124 18.35 31.90 -13.41
C ARG E 124 17.11 31.45 -14.18
N VAL E 125 16.98 31.89 -15.44
CA VAL E 125 15.87 31.49 -16.30
C VAL E 125 16.45 31.14 -17.67
N LEU E 126 15.80 30.20 -18.35
CA LEU E 126 16.21 29.84 -19.69
C LEU E 126 15.59 30.82 -20.69
N ALA E 127 15.88 30.64 -21.97
CA ALA E 127 15.40 31.55 -23.00
C ALA E 127 14.98 30.76 -24.22
N THR E 128 14.05 31.33 -24.98
CA THR E 128 13.61 30.76 -26.25
C THR E 128 14.13 31.50 -27.47
N VAL E 129 14.45 32.78 -27.32
CA VAL E 129 15.09 33.55 -28.39
C VAL E 129 16.28 34.28 -27.80
N TYR E 130 17.43 34.16 -28.45
CA TYR E 130 18.67 34.80 -28.00
C TYR E 130 19.11 35.81 -29.05
N ASN E 131 19.47 37.01 -28.58
CA ASN E 131 19.89 38.10 -29.45
C ASN E 131 21.41 38.22 -29.36
N GLY E 132 22.09 37.46 -30.21
CA GLY E 132 23.55 37.46 -30.22
C GLY E 132 24.13 36.08 -30.05
N THR E 133 25.37 36.01 -29.55
CA THR E 133 26.03 34.73 -29.31
C THR E 133 26.57 34.66 -27.89
N SER E 134 27.35 33.62 -27.59
CA SER E 134 27.92 33.46 -26.27
C SER E 134 29.41 33.13 -26.27
N LYS E 135 30.04 33.05 -27.44
CA LYS E 135 31.45 32.66 -27.55
C LYS E 135 32.28 33.89 -27.91
N TYR E 136 33.39 34.07 -27.21
CA TYR E 136 34.31 35.17 -27.48
C TYR E 136 34.87 35.07 -28.90
N THR E 156 19.52 32.49 -34.02
CA THR E 156 19.47 31.36 -34.93
C THR E 156 19.96 30.09 -34.26
N GLN E 157 20.67 30.25 -33.13
CA GLN E 157 21.21 29.12 -32.39
C GLN E 157 21.32 29.52 -30.93
N LEU E 158 20.54 28.85 -30.07
CA LEU E 158 20.62 29.11 -28.65
C LEU E 158 21.92 28.54 -28.09
N PRO E 159 22.50 29.20 -27.10
CA PRO E 159 23.76 28.71 -26.51
C PRO E 159 23.57 27.33 -25.89
N ALA E 160 24.67 26.56 -25.88
CA ALA E 160 24.61 25.18 -25.42
C ALA E 160 24.30 25.06 -23.94
N SER E 161 24.36 26.16 -23.19
CA SER E 161 24.04 26.08 -21.76
C SER E 161 22.54 26.04 -21.49
N PHE E 162 21.71 26.12 -22.52
CA PHE E 162 20.26 26.00 -22.38
C PHE E 162 19.86 24.56 -22.61
N ASN E 163 19.99 23.75 -21.55
CA ASN E 163 19.55 22.36 -21.58
C ASN E 163 19.31 21.89 -20.16
N PHE E 164 18.72 20.71 -20.04
CA PHE E 164 18.37 20.13 -18.76
C PHE E 164 19.25 18.93 -18.39
N GLY E 165 20.28 18.66 -19.18
CA GLY E 165 21.16 17.54 -18.97
C GLY E 165 21.22 16.66 -20.19
N ALA E 166 21.86 15.51 -20.05
CA ALA E 166 21.97 14.54 -21.14
C ALA E 166 21.62 13.16 -20.61
N ILE E 167 21.08 12.33 -21.50
CA ILE E 167 20.73 10.95 -21.17
C ILE E 167 21.38 10.03 -22.20
N ARG E 168 21.85 8.88 -21.72
CA ARG E 168 22.54 7.94 -22.58
C ARG E 168 22.06 6.53 -22.28
N ALA E 169 21.86 5.75 -23.34
CA ALA E 169 21.62 4.32 -23.25
C ALA E 169 22.10 3.70 -24.56
N THR E 170 21.96 2.39 -24.68
CA THR E 170 22.32 1.74 -25.94
C THR E 170 21.45 2.26 -27.08
N ASP E 171 20.16 2.49 -26.80
CA ASP E 171 19.27 3.17 -27.73
C ASP E 171 18.06 3.66 -26.96
N ILE E 172 17.52 4.80 -27.39
CA ILE E 172 16.35 5.40 -26.76
C ILE E 172 15.23 5.40 -27.79
N SER E 173 14.20 4.58 -27.55
CA SER E 173 13.09 4.48 -28.48
C SER E 173 12.19 5.70 -28.44
N GLU E 174 11.86 6.20 -27.26
CA GLU E 174 10.96 7.34 -27.13
C GLU E 174 11.30 8.12 -25.86
N LEU E 175 10.92 9.39 -25.86
CA LEU E 175 11.26 10.30 -24.77
C LEU E 175 10.15 11.34 -24.63
N LEU E 176 9.56 11.41 -23.44
CA LEU E 176 8.57 12.41 -23.12
C LEU E 176 9.13 13.34 -22.05
N VAL E 177 8.78 14.60 -22.12
CA VAL E 177 9.23 15.57 -21.13
C VAL E 177 8.03 16.30 -20.55
N ARG E 178 8.11 16.63 -19.26
CA ARG E 178 7.00 17.26 -18.57
C ARG E 178 7.50 18.45 -17.77
N MET E 179 6.82 19.57 -17.93
CA MET E 179 7.20 20.84 -17.32
C MET E 179 6.46 20.97 -15.99
N LYS E 180 7.18 20.78 -14.89
CA LYS E 180 6.60 20.88 -13.55
C LYS E 180 6.92 22.24 -12.94
N ARG E 181 5.90 22.88 -12.38
CA ARG E 181 6.02 24.21 -11.80
C ARG E 181 6.60 25.20 -12.81
N ALA E 182 6.11 25.12 -14.04
CA ALA E 182 6.58 25.99 -15.11
C ALA E 182 6.15 27.43 -14.89
N GLU E 183 7.05 28.36 -15.21
CA GLU E 183 6.72 29.77 -15.20
C GLU E 183 7.28 30.41 -16.47
N LEU E 184 6.53 31.37 -17.01
CA LEU E 184 6.87 32.03 -18.25
C LEU E 184 6.97 33.53 -18.03
N TYR E 185 7.81 34.17 -18.85
CA TYR E 185 8.09 35.59 -18.72
C TYR E 185 8.07 36.24 -20.09
N CYS E 186 7.65 37.51 -20.13
CA CYS E 186 7.77 38.34 -21.33
C CYS E 186 7.06 37.72 -22.54
N PRO E 187 5.72 37.79 -22.59
CA PRO E 187 4.98 37.09 -23.64
C PRO E 187 5.41 37.51 -25.04
N ARG E 188 5.37 36.55 -25.95
CA ARG E 188 5.73 36.73 -27.35
C ARG E 188 4.54 36.42 -28.24
N PRO E 189 4.52 36.95 -29.46
CA PRO E 189 3.37 36.71 -30.34
C PRO E 189 3.14 35.24 -30.63
N LEU E 190 1.87 34.85 -30.67
CA LEU E 190 1.44 33.49 -30.96
C LEU E 190 0.50 33.54 -32.16
N LEU E 191 0.74 32.66 -33.13
CA LEU E 191 0.03 32.70 -34.40
C LEU E 191 -0.96 31.56 -34.53
N ALA E 192 -2.10 31.86 -35.14
CA ALA E 192 -3.08 30.87 -35.54
C ALA E 192 -2.86 30.49 -36.99
N VAL E 193 -3.38 29.34 -37.38
CA VAL E 193 -3.23 28.88 -38.75
C VAL E 193 -3.95 29.84 -39.69
N GLU E 194 -3.39 30.01 -40.89
CA GLU E 194 -3.95 30.93 -41.86
C GLU E 194 -4.93 30.21 -42.76
N VAL E 195 -5.82 30.99 -43.36
CA VAL E 195 -6.79 30.50 -44.35
C VAL E 195 -6.51 31.23 -45.64
N THR E 196 -6.34 30.48 -46.74
CA THR E 196 -5.91 31.08 -47.99
C THR E 196 -7.01 31.99 -48.57
N ALA E 197 -8.16 31.42 -48.91
CA ALA E 197 -9.22 32.18 -49.55
C ALA E 197 -10.60 31.93 -48.99
N GLN E 198 -10.75 31.05 -48.00
CA GLN E 198 -12.06 30.79 -47.43
C GLN E 198 -12.43 31.89 -46.43
N ASP E 199 -13.70 31.92 -46.05
CA ASP E 199 -14.17 32.90 -45.07
C ASP E 199 -13.64 32.57 -43.68
N ARG E 200 -13.32 31.31 -43.44
CA ARG E 200 -12.94 30.84 -42.11
C ARG E 200 -12.12 29.57 -42.28
N HIS E 201 -11.42 29.19 -41.21
CA HIS E 201 -10.80 27.87 -41.19
C HIS E 201 -11.90 26.82 -41.01
N LYS E 202 -11.93 25.84 -41.89
CA LYS E 202 -13.06 24.93 -42.01
C LYS E 202 -12.58 23.53 -41.65
N GLN E 203 -12.77 23.15 -40.38
CA GLN E 203 -12.25 21.92 -39.84
C GLN E 203 -13.39 21.03 -39.38
N LYS E 204 -13.18 19.71 -39.45
CA LYS E 204 -14.22 18.75 -39.10
C LYS E 204 -14.19 18.52 -37.59
N ILE E 205 -15.31 18.80 -36.93
CA ILE E 205 -15.44 18.48 -35.51
C ILE E 205 -15.96 17.06 -35.35
N ILE E 206 -15.57 16.41 -34.25
CA ILE E 206 -16.02 15.05 -34.00
C ILE E 206 -17.53 15.02 -33.84
N ALA E 207 -18.18 14.08 -34.52
CA ALA E 207 -19.62 13.93 -34.46
C ALA E 207 -19.99 12.47 -34.24
N PRO E 208 -20.95 12.21 -33.35
CA PRO E 208 -21.39 10.82 -33.11
C PRO E 208 -22.35 10.27 -34.16
N ALA E 209 -22.46 10.93 -35.31
CA ALA E 209 -23.46 10.58 -36.30
C ALA E 209 -23.28 9.13 -36.77
N LYS E 210 -24.40 8.42 -36.92
CA LYS E 210 -24.39 7.03 -37.34
C LYS E 210 -24.63 6.92 -38.84
N GLN F 25 25.42 31.19 0.16
CA GLN F 25 25.90 29.93 -0.39
C GLN F 25 25.20 28.75 0.26
N ARG F 26 25.16 27.62 -0.43
CA ARG F 26 24.42 26.46 0.07
C ARG F 26 25.21 25.21 -0.29
N ARG F 27 25.87 24.65 0.71
CA ARG F 27 26.88 23.62 0.52
C ARG F 27 26.27 22.24 0.77
N HIS F 28 24.98 22.09 0.48
CA HIS F 28 24.31 20.81 0.73
C HIS F 28 24.85 19.70 -0.16
N HIS F 29 25.48 20.04 -1.28
CA HIS F 29 25.99 19.02 -2.20
C HIS F 29 27.41 18.58 -1.89
N THR F 30 28.14 19.33 -1.07
CA THR F 30 29.47 18.94 -0.64
C THR F 30 29.46 18.22 0.70
N ASP F 31 28.30 17.85 1.20
CA ASP F 31 28.19 17.14 2.47
C ASP F 31 28.81 15.75 2.36
N VAL F 32 29.46 15.32 3.45
CA VAL F 32 30.14 14.04 3.42
C VAL F 32 29.15 12.89 3.58
N GLY F 33 27.97 13.16 4.15
CA GLY F 33 26.94 12.15 4.22
C GLY F 33 26.06 12.07 3.00
N PHE F 34 26.13 13.07 2.13
CA PHE F 34 25.34 13.15 0.91
C PHE F 34 26.10 12.64 -0.30
N ILE F 35 27.37 13.03 -0.45
CA ILE F 35 28.11 12.66 -1.65
C ILE F 35 28.46 11.17 -1.65
N MET F 36 28.60 10.58 -0.48
CA MET F 36 28.94 9.16 -0.38
C MET F 36 27.71 8.26 -0.36
N ASP F 37 26.50 8.83 -0.42
CA ASP F 37 25.27 8.06 -0.38
C ASP F 37 24.77 7.80 -1.80
N ARG F 38 25.51 6.97 -2.51
CA ARG F 38 25.11 6.55 -3.84
C ARG F 38 25.77 5.21 -4.16
N PHE F 39 25.14 4.47 -5.07
CA PHE F 39 25.62 3.15 -5.45
C PHE F 39 26.87 3.26 -6.30
N VAL F 40 27.80 2.33 -6.12
CA VAL F 40 29.05 2.31 -6.86
C VAL F 40 29.40 0.85 -7.18
N LYS F 41 29.74 0.59 -8.43
CA LYS F 41 30.09 -0.76 -8.83
C LYS F 41 31.45 -1.16 -8.28
N ILE F 42 31.58 -2.43 -7.92
CA ILE F 42 32.86 -3.03 -7.52
C ILE F 42 33.26 -3.97 -8.65
N ASN F 43 34.33 -3.61 -9.36
CA ASN F 43 34.64 -4.29 -10.62
C ASN F 43 34.95 -5.76 -10.42
N ASN F 44 35.70 -6.09 -9.38
CA ASN F 44 36.12 -7.47 -9.14
C ASN F 44 35.06 -8.17 -8.31
N THR F 45 34.38 -9.14 -8.92
CA THR F 45 33.42 -9.99 -8.24
C THR F 45 33.77 -11.45 -8.51
N ASN F 46 33.63 -12.29 -7.49
CA ASN F 46 33.91 -13.70 -7.54
C ASN F 46 32.71 -14.46 -7.03
N PRO F 47 32.67 -15.78 -7.21
CA PRO F 47 31.60 -16.56 -6.56
C PRO F 47 31.55 -16.36 -5.05
N THR F 48 32.71 -16.24 -4.41
CA THR F 48 32.82 -15.98 -2.98
C THR F 48 33.59 -14.68 -2.79
N HIS F 49 32.88 -13.60 -2.49
CA HIS F 49 33.46 -12.27 -2.44
C HIS F 49 33.44 -11.74 -1.02
N VAL F 50 34.55 -11.12 -0.60
CA VAL F 50 34.66 -10.46 0.68
C VAL F 50 34.51 -8.96 0.45
N ILE F 51 33.44 -8.38 0.99
CA ILE F 51 33.07 -7.01 0.66
C ILE F 51 34.07 -6.06 1.31
N ASP F 52 34.87 -5.38 0.49
CA ASP F 52 35.84 -4.39 0.94
C ASP F 52 35.62 -3.10 0.18
N LEU F 53 35.49 -1.99 0.91
CA LEU F 53 35.30 -0.70 0.27
C LEU F 53 36.56 -0.21 -0.43
N MET F 54 37.70 -0.87 -0.22
CA MET F 54 38.90 -0.51 -0.95
C MET F 54 38.93 -1.11 -2.34
N GLN F 55 38.00 -2.00 -2.68
CA GLN F 55 37.97 -2.60 -4.01
C GLN F 55 37.27 -1.71 -5.04
N THR F 56 36.72 -0.58 -4.62
CA THR F 56 36.15 0.37 -5.57
C THR F 56 37.26 1.03 -6.39
N HIS F 57 36.90 1.51 -7.58
CA HIS F 57 37.87 2.17 -8.43
C HIS F 57 38.35 3.46 -7.78
N GLN F 58 39.68 3.67 -7.83
CA GLN F 58 40.29 4.79 -7.12
C GLN F 58 39.91 6.14 -7.71
N HIS F 59 39.48 6.19 -8.97
CA HIS F 59 39.20 7.45 -9.64
C HIS F 59 37.72 7.76 -9.74
N GLY F 60 36.85 6.91 -9.22
CA GLY F 60 35.43 7.21 -9.20
C GLY F 60 35.12 8.35 -8.25
N LEU F 61 33.84 8.74 -8.24
CA LEU F 61 33.42 9.79 -7.32
C LEU F 61 33.61 9.35 -5.87
N VAL F 62 32.86 8.33 -5.46
CA VAL F 62 32.93 7.87 -4.08
C VAL F 62 34.26 7.17 -3.81
N GLY F 63 34.81 6.49 -4.81
CA GLY F 63 36.10 5.83 -4.61
C GLY F 63 37.19 6.82 -4.25
N ALA F 64 37.29 7.91 -5.00
CA ALA F 64 38.32 8.90 -4.73
C ALA F 64 38.01 9.69 -3.47
N LEU F 65 36.75 10.08 -3.26
CA LEU F 65 36.44 10.79 -2.02
C LEU F 65 36.54 9.89 -0.80
N LEU F 66 36.63 8.57 -0.99
CA LEU F 66 36.95 7.68 0.12
C LEU F 66 38.45 7.56 0.34
N ARG F 67 39.22 7.43 -0.75
CA ARG F 67 40.68 7.47 -0.61
C ARG F 67 41.15 8.80 -0.05
N ALA F 68 40.33 9.85 -0.13
CA ALA F 68 40.64 11.16 0.42
C ALA F 68 40.32 11.26 1.91
N ALA F 69 40.17 10.13 2.59
CA ALA F 69 40.02 10.10 4.05
C ALA F 69 40.77 8.90 4.59
N THR F 70 41.32 9.05 5.79
CA THR F 70 42.14 8.01 6.39
C THR F 70 41.30 6.95 7.08
N TYR F 71 40.29 7.36 7.84
CA TYR F 71 39.39 6.46 8.53
C TYR F 71 37.95 6.75 8.12
N TYR F 72 37.16 5.70 7.95
CA TYR F 72 35.80 5.85 7.49
C TYR F 72 34.89 4.90 8.25
N PHE F 73 33.71 5.42 8.60
CA PHE F 73 32.63 4.64 9.20
C PHE F 73 31.42 4.67 8.27
N SER F 74 30.81 3.50 8.06
CA SER F 74 29.62 3.46 7.22
C SER F 74 28.91 2.13 7.41
N ASP F 75 27.59 2.17 7.24
CA ASP F 75 26.79 0.97 7.04
C ASP F 75 26.92 0.59 5.57
N LEU F 76 26.10 -0.35 5.10
CA LEU F 76 26.22 -0.77 3.71
C LEU F 76 24.91 -1.35 3.20
N GLU F 77 24.58 -1.00 1.97
CA GLU F 77 23.48 -1.60 1.22
C GLU F 77 24.05 -2.14 -0.08
N ILE F 78 23.76 -3.39 -0.39
CA ILE F 78 24.33 -4.05 -1.56
C ILE F 78 23.22 -4.47 -2.50
N VAL F 79 23.45 -4.24 -3.80
CA VAL F 79 22.60 -4.77 -4.86
C VAL F 79 23.43 -5.83 -5.58
N VAL F 80 22.97 -7.08 -5.53
CA VAL F 80 23.72 -8.21 -6.05
C VAL F 80 22.88 -8.91 -7.11
N ARG F 81 23.47 -9.14 -8.28
CA ARG F 81 22.84 -9.91 -9.35
C ARG F 81 23.53 -11.27 -9.37
N HIS F 82 22.84 -12.29 -8.89
CA HIS F 82 23.44 -13.60 -8.68
C HIS F 82 22.53 -14.68 -9.24
N GLU F 83 23.06 -15.90 -9.27
CA GLU F 83 22.28 -17.09 -9.55
C GLU F 83 22.32 -18.00 -8.35
N GLY F 84 21.15 -18.45 -7.90
CA GLY F 84 21.06 -19.24 -6.69
C GLY F 84 20.95 -18.38 -5.45
N ASN F 85 20.98 -19.05 -4.31
CA ASN F 85 20.78 -18.40 -3.01
C ASN F 85 22.07 -17.74 -2.54
N LEU F 86 21.93 -16.54 -1.99
CA LEU F 86 23.08 -15.73 -1.58
C LEU F 86 23.20 -15.74 -0.07
N THR F 87 24.34 -16.20 0.44
CA THR F 87 24.61 -16.28 1.86
C THR F 87 25.61 -15.20 2.25
N TRP F 88 25.36 -14.53 3.38
CA TRP F 88 26.23 -13.47 3.85
C TRP F 88 26.66 -13.77 5.29
N VAL F 89 27.94 -14.05 5.48
CA VAL F 89 28.49 -14.29 6.81
C VAL F 89 29.16 -13.01 7.28
N PRO F 90 29.01 -12.62 8.54
CA PRO F 90 29.61 -11.37 9.02
C PRO F 90 31.12 -11.48 9.14
N ASN F 91 31.75 -10.37 9.49
CA ASN F 91 33.19 -10.32 9.61
C ASN F 91 33.68 -11.24 10.71
N GLY F 92 34.73 -12.00 10.41
CA GLY F 92 35.33 -12.90 11.37
C GLY F 92 34.78 -14.31 11.35
N ALA F 93 33.64 -14.54 10.71
CA ALA F 93 33.12 -15.88 10.58
C ALA F 93 34.02 -16.71 9.67
N PRO F 94 34.19 -18.00 9.95
CA PRO F 94 35.05 -18.82 9.10
C PRO F 94 34.52 -18.91 7.68
N GLU F 95 35.42 -19.23 6.75
CA GLU F 95 35.04 -19.42 5.36
C GLU F 95 34.06 -20.57 5.20
N ALA F 96 34.19 -21.60 6.03
CA ALA F 96 33.32 -22.76 5.99
C ALA F 96 31.90 -22.46 6.43
N ALA F 97 31.64 -21.29 6.99
CA ALA F 97 30.30 -20.90 7.38
C ALA F 97 29.47 -20.35 6.24
N LEU F 98 30.04 -20.28 5.03
CA LEU F 98 29.32 -19.79 3.86
C LEU F 98 28.49 -20.88 3.19
N SER F 99 28.68 -22.14 3.56
CA SER F 99 27.96 -23.25 2.95
C SER F 99 26.73 -23.67 3.76
N ASN F 100 26.36 -22.90 4.76
CA ASN F 100 25.20 -23.19 5.59
C ASN F 100 24.19 -22.05 5.50
N ALA F 101 22.91 -22.41 5.51
CA ALA F 101 21.83 -21.45 5.38
C ALA F 101 21.48 -20.74 6.69
N GLY F 102 22.10 -21.14 7.80
CA GLY F 102 21.84 -20.45 9.05
C GLY F 102 22.24 -18.98 9.00
N ASN F 103 23.35 -18.69 8.34
CA ASN F 103 23.71 -17.32 8.04
C ASN F 103 22.69 -16.75 7.06
N PRO F 104 22.50 -15.41 7.06
CA PRO F 104 21.44 -14.83 6.23
C PRO F 104 21.51 -15.26 4.77
N THR F 105 20.53 -16.03 4.35
CA THR F 105 20.44 -16.55 3.00
C THR F 105 19.27 -15.86 2.29
N ALA F 106 19.56 -15.20 1.19
CA ALA F 106 18.55 -14.52 0.39
C ALA F 106 18.26 -15.35 -0.84
N TYR F 107 16.99 -15.70 -1.02
CA TYR F 107 16.58 -16.46 -2.20
C TYR F 107 16.44 -15.52 -3.39
N ASN F 108 16.97 -15.93 -4.53
CA ASN F 108 17.08 -15.03 -5.66
C ASN F 108 15.72 -14.72 -6.26
N LYS F 109 15.42 -13.43 -6.41
CA LYS F 109 14.23 -12.96 -7.08
C LYS F 109 14.58 -12.72 -8.55
N ALA F 110 13.69 -12.05 -9.28
CA ALA F 110 13.92 -11.89 -10.70
C ALA F 110 15.08 -10.95 -10.99
N PRO F 111 15.00 -9.62 -10.69
CA PRO F 111 16.06 -8.73 -11.17
C PRO F 111 17.38 -8.90 -10.43
N PHE F 112 17.37 -8.78 -9.11
CA PHE F 112 18.56 -8.90 -8.27
C PHE F 112 18.11 -8.89 -6.82
N THR F 113 19.08 -8.87 -5.90
CA THR F 113 18.83 -8.84 -4.47
C THR F 113 19.39 -7.55 -3.88
N ARG F 114 18.55 -6.81 -3.18
CA ARG F 114 18.94 -5.54 -2.57
C ARG F 114 18.84 -5.68 -1.05
N LEU F 115 19.98 -5.81 -0.38
CA LEU F 115 20.04 -5.97 1.05
C LEU F 115 20.63 -4.74 1.72
N ALA F 116 20.57 -4.72 3.06
CA ALA F 116 21.22 -3.72 3.87
C ALA F 116 22.04 -4.45 4.94
N LEU F 117 23.35 -4.23 4.93
CA LEU F 117 24.20 -4.93 5.88
C LEU F 117 24.62 -4.00 7.00
N PRO F 118 24.92 -4.54 8.17
CA PRO F 118 25.47 -3.69 9.23
C PRO F 118 26.98 -3.61 9.11
N TYR F 119 27.56 -2.82 9.99
CA TYR F 119 29.00 -2.79 10.19
C TYR F 119 29.39 -3.85 11.22
N THR F 120 30.25 -4.78 10.81
CA THR F 120 30.58 -5.93 11.63
C THR F 120 32.07 -6.04 11.96
N ALA F 121 32.89 -5.07 11.54
CA ALA F 121 34.30 -5.13 11.88
C ALA F 121 34.52 -4.80 13.36
N PRO F 122 35.41 -5.53 14.02
CA PRO F 122 35.64 -5.27 15.46
C PRO F 122 36.17 -3.88 15.75
N HIS F 123 36.94 -3.30 14.85
CA HIS F 123 37.55 -1.99 15.08
C HIS F 123 36.48 -0.91 15.11
N ARG F 124 36.75 0.16 15.85
CA ARG F 124 35.79 1.26 15.96
C ARG F 124 35.55 1.90 14.59
N VAL F 125 36.61 2.16 13.83
CA VAL F 125 36.51 2.70 12.48
C VAL F 125 37.51 1.96 11.59
N LEU F 126 37.22 1.91 10.29
CA LEU F 126 38.13 1.29 9.35
C LEU F 126 39.16 2.29 8.86
N ALA F 127 40.04 1.84 7.97
CA ALA F 127 41.13 2.66 7.46
C ALA F 127 41.40 2.30 6.01
N THR F 128 41.92 3.27 5.27
CA THR F 128 42.32 3.08 3.88
C THR F 128 43.82 2.92 3.69
N VAL F 129 44.62 3.43 4.62
CA VAL F 129 46.07 3.25 4.60
C VAL F 129 46.50 2.72 5.96
N TYR F 130 47.25 1.63 5.96
CA TYR F 130 47.76 1.03 7.19
C TYR F 130 49.28 1.08 7.19
N ASN F 131 49.83 1.68 8.24
CA ASN F 131 51.28 1.89 8.37
C ASN F 131 51.85 0.71 9.15
N GLY F 132 52.15 -0.37 8.43
CA GLY F 132 52.72 -1.55 9.05
C GLY F 132 51.90 -2.80 8.82
N THR F 133 52.05 -3.79 9.71
CA THR F 133 51.33 -5.04 9.57
C THR F 133 50.57 -5.37 10.85
N SER F 134 49.87 -6.51 10.86
CA SER F 134 49.11 -6.92 12.03
C SER F 134 49.37 -8.36 12.45
N LYS F 135 50.31 -9.06 11.82
CA LYS F 135 50.61 -10.45 12.13
C LYS F 135 51.94 -10.52 12.87
N TYR F 136 51.94 -11.23 13.99
CA TYR F 136 53.15 -11.39 14.80
C TYR F 136 54.27 -12.07 14.01
N THR F 156 50.83 -1.46 1.85
CA THR F 156 50.69 -2.13 0.57
C THR F 156 49.59 -3.19 0.64
N GLN F 157 49.21 -3.55 1.86
CA GLN F 157 48.16 -4.54 2.09
C GLN F 157 47.54 -4.28 3.44
N LEU F 158 46.28 -3.85 3.45
CA LEU F 158 45.58 -3.58 4.68
C LEU F 158 45.30 -4.88 5.43
N PRO F 159 45.05 -4.80 6.73
CA PRO F 159 44.77 -6.01 7.51
C PRO F 159 43.54 -6.74 6.95
N ALA F 160 43.56 -8.07 7.09
CA ALA F 160 42.46 -8.88 6.60
C ALA F 160 41.16 -8.62 7.36
N SER F 161 41.25 -7.94 8.50
CA SER F 161 40.04 -7.64 9.27
C SER F 161 39.28 -6.45 8.72
N PHE F 162 39.80 -5.76 7.71
CA PHE F 162 39.13 -4.61 7.11
C PHE F 162 38.18 -5.09 6.03
N ASN F 163 36.99 -5.50 6.45
CA ASN F 163 35.96 -5.92 5.51
C ASN F 163 34.60 -5.86 6.17
N PHE F 164 33.55 -6.02 5.36
CA PHE F 164 32.18 -5.94 5.82
C PHE F 164 31.49 -7.30 5.89
N GLY F 165 32.23 -8.38 5.65
CA GLY F 165 31.69 -9.71 5.63
C GLY F 165 32.01 -10.38 4.30
N ALA F 166 31.32 -11.48 4.03
CA ALA F 166 31.49 -12.20 2.79
C ALA F 166 30.13 -12.56 2.22
N ILE F 167 30.07 -12.74 0.91
CA ILE F 167 28.87 -13.18 0.22
C ILE F 167 29.24 -14.30 -0.73
N ARG F 168 28.33 -15.26 -0.88
CA ARG F 168 28.58 -16.42 -1.74
C ARG F 168 27.30 -16.78 -2.48
N ALA F 169 27.46 -17.22 -3.73
CA ALA F 169 26.38 -17.78 -4.51
C ALA F 169 27.00 -18.77 -5.50
N THR F 170 26.17 -19.30 -6.40
CA THR F 170 26.73 -20.06 -7.52
C THR F 170 27.61 -19.16 -8.39
N ASP F 171 27.16 -17.93 -8.64
CA ASP F 171 27.99 -16.89 -9.23
C ASP F 171 27.36 -15.54 -8.93
N ILE F 172 28.15 -14.49 -9.08
CA ILE F 172 27.68 -13.12 -8.96
C ILE F 172 28.09 -12.36 -10.21
N SER F 173 27.11 -11.80 -10.92
CA SER F 173 27.39 -11.04 -12.12
C SER F 173 27.78 -9.60 -11.82
N GLU F 174 27.04 -8.92 -10.95
CA GLU F 174 27.36 -7.55 -10.57
C GLU F 174 27.16 -7.40 -9.07
N LEU F 175 27.87 -6.43 -8.50
CA LEU F 175 27.77 -6.13 -7.09
C LEU F 175 27.89 -4.61 -6.91
N LEU F 176 26.89 -4.01 -6.30
CA LEU F 176 26.89 -2.59 -5.99
C LEU F 176 26.89 -2.42 -4.48
N VAL F 177 27.59 -1.39 -3.99
CA VAL F 177 27.64 -1.09 -2.57
C VAL F 177 27.27 0.37 -2.36
N ARG F 178 26.48 0.61 -1.32
CA ARG F 178 26.03 1.96 -0.99
C ARG F 178 26.35 2.23 0.47
N MET F 179 26.99 3.36 0.74
CA MET F 179 27.41 3.73 2.08
C MET F 179 26.36 4.63 2.72
N LYS F 180 25.80 4.17 3.83
CA LYS F 180 24.76 4.91 4.55
C LYS F 180 25.35 5.55 5.80
N ARG F 181 25.02 6.83 5.99
CA ARG F 181 25.49 7.60 7.14
C ARG F 181 27.01 7.55 7.26
N ALA F 182 27.70 7.69 6.12
CA ALA F 182 29.15 7.60 6.12
C ALA F 182 29.76 8.77 6.88
N GLU F 183 30.87 8.48 7.56
CA GLU F 183 31.67 9.49 8.24
C GLU F 183 33.12 9.32 7.84
N LEU F 184 33.80 10.43 7.59
CA LEU F 184 35.18 10.42 7.13
C LEU F 184 36.05 11.21 8.09
N TYR F 185 37.28 10.72 8.27
CA TYR F 185 38.20 11.29 9.25
C TYR F 185 39.56 11.51 8.62
N CYS F 186 40.26 12.55 9.07
CA CYS F 186 41.66 12.77 8.73
C CYS F 186 41.88 12.90 7.23
N PRO F 187 41.52 14.03 6.63
CA PRO F 187 41.61 14.15 5.17
C PRO F 187 43.02 13.95 4.66
N ARG F 188 43.11 13.38 3.45
CA ARG F 188 44.34 13.06 2.76
C ARG F 188 44.36 13.78 1.41
N PRO F 189 45.54 13.90 0.78
CA PRO F 189 45.60 14.59 -0.52
C PRO F 189 44.66 13.96 -1.54
N LEU F 190 43.98 14.82 -2.30
CA LEU F 190 43.10 14.41 -3.38
C LEU F 190 43.62 15.03 -4.67
N LEU F 191 43.86 14.20 -5.67
CA LEU F 191 44.57 14.60 -6.87
C LEU F 191 43.63 14.78 -8.05
N ALA F 192 43.79 15.90 -8.75
CA ALA F 192 43.11 16.17 -10.00
C ALA F 192 43.91 15.58 -11.15
N VAL F 193 43.29 15.53 -12.32
CA VAL F 193 43.97 15.00 -13.49
C VAL F 193 45.05 15.97 -13.93
N GLU F 194 46.17 15.43 -14.38
CA GLU F 194 47.29 16.25 -14.82
C GLU F 194 47.17 16.58 -16.30
N VAL F 195 47.73 17.72 -16.68
CA VAL F 195 47.71 18.21 -18.05
C VAL F 195 49.15 18.26 -18.53
N THR F 196 49.40 17.69 -19.70
CA THR F 196 50.78 17.50 -20.16
C THR F 196 51.40 18.81 -20.62
N ALA F 197 50.87 19.41 -21.69
CA ALA F 197 51.46 20.62 -22.25
C ALA F 197 50.47 21.73 -22.54
N GLN F 198 49.18 21.45 -22.65
CA GLN F 198 48.22 22.51 -22.93
C GLN F 198 47.96 23.33 -21.66
N ASP F 199 47.43 24.53 -21.85
CA ASP F 199 47.25 25.45 -20.73
C ASP F 199 46.23 24.91 -19.72
N ARG F 200 45.17 24.28 -20.20
CA ARG F 200 44.11 23.78 -19.33
C ARG F 200 43.67 22.42 -19.83
N HIS F 201 42.98 21.69 -18.95
CA HIS F 201 42.38 20.42 -19.35
C HIS F 201 41.12 20.70 -20.17
N LYS F 202 41.15 20.32 -21.45
CA LYS F 202 40.05 20.59 -22.36
C LYS F 202 39.17 19.34 -22.47
N GLN F 203 38.04 19.38 -21.79
CA GLN F 203 37.03 18.33 -21.86
C GLN F 203 35.77 18.91 -22.47
N LYS F 204 35.08 18.12 -23.29
CA LYS F 204 33.92 18.62 -24.03
C LYS F 204 32.67 18.45 -23.18
N ILE F 205 31.90 19.54 -23.03
CA ILE F 205 30.66 19.49 -22.27
C ILE F 205 29.51 19.04 -23.18
N ILE F 206 28.55 18.34 -22.58
CA ILE F 206 27.34 17.96 -23.30
C ILE F 206 26.66 19.21 -23.85
N ALA F 207 26.32 19.18 -25.13
CA ALA F 207 25.75 20.35 -25.78
C ALA F 207 24.53 19.96 -26.61
N PRO F 208 23.46 20.74 -26.54
CA PRO F 208 22.28 20.48 -27.38
C PRO F 208 22.41 20.93 -28.83
N ALA F 209 23.63 21.22 -29.29
CA ALA F 209 23.81 21.73 -30.64
C ALA F 209 23.26 20.76 -31.68
N LYS F 210 22.56 21.31 -32.66
CA LYS F 210 21.95 20.51 -33.72
C LYS F 210 22.80 20.52 -34.99
N GLN G 25 28.50 -3.55 28.42
CA GLN G 25 28.27 -4.61 27.44
C GLN G 25 26.84 -4.58 26.92
N ARG G 26 26.67 -5.09 25.70
CA ARG G 26 25.37 -5.16 25.04
C ARG G 26 25.12 -6.60 24.64
N ARG G 27 24.36 -7.31 25.47
CA ARG G 27 24.26 -8.77 25.43
C ARG G 27 23.03 -9.24 24.68
N HIS G 28 22.61 -8.49 23.66
CA HIS G 28 21.33 -8.79 23.02
C HIS G 28 21.42 -9.94 22.03
N HIS G 29 22.59 -10.20 21.45
CA HIS G 29 22.68 -11.17 20.37
C HIS G 29 22.72 -12.62 20.87
N THR G 30 22.87 -12.84 22.17
CA THR G 30 22.74 -14.16 22.75
C THR G 30 21.34 -14.44 23.28
N ASP G 31 20.41 -13.51 23.06
CA ASP G 31 19.05 -13.67 23.56
C ASP G 31 18.40 -14.90 22.93
N VAL G 32 17.73 -15.70 23.76
CA VAL G 32 17.11 -16.93 23.27
C VAL G 32 15.97 -16.62 22.29
N GLY G 33 15.19 -15.57 22.56
CA GLY G 33 14.16 -15.19 21.62
C GLY G 33 14.66 -14.65 20.31
N PHE G 34 15.88 -14.11 20.28
CA PHE G 34 16.47 -13.52 19.08
C PHE G 34 17.27 -14.54 18.28
N ILE G 35 17.89 -15.52 18.93
CA ILE G 35 18.76 -16.44 18.21
C ILE G 35 17.96 -17.54 17.53
N MET G 36 16.74 -17.79 18.00
CA MET G 36 15.89 -18.84 17.43
C MET G 36 14.92 -18.34 16.37
N ASP G 37 14.82 -17.03 16.15
CA ASP G 37 13.84 -16.49 15.22
C ASP G 37 14.41 -16.39 13.81
N ARG G 38 15.02 -17.49 13.37
CA ARG G 38 15.53 -17.58 12.02
C ARG G 38 15.11 -18.91 11.41
N PHE G 39 15.09 -18.95 10.09
CA PHE G 39 14.68 -20.13 9.36
C PHE G 39 15.79 -21.18 9.36
N VAL G 40 15.43 -22.42 9.68
CA VAL G 40 16.38 -23.53 9.70
C VAL G 40 15.82 -24.65 8.83
N LYS G 41 16.63 -25.15 7.91
CA LYS G 41 16.19 -26.20 7.01
C LYS G 41 16.02 -27.52 7.75
N ILE G 42 15.04 -28.30 7.32
CA ILE G 42 14.79 -29.64 7.85
C ILE G 42 15.13 -30.62 6.74
N ASN G 43 16.16 -31.44 6.96
CA ASN G 43 16.74 -32.22 5.87
C ASN G 43 15.78 -33.30 5.36
N ASN G 44 15.21 -34.10 6.25
CA ASN G 44 14.40 -35.24 5.85
C ASN G 44 12.97 -34.77 5.62
N THR G 45 12.56 -34.70 4.36
CA THR G 45 11.23 -34.25 3.99
C THR G 45 10.57 -35.28 3.09
N ASN G 46 9.28 -35.50 3.30
CA ASN G 46 8.50 -36.53 2.63
C ASN G 46 7.23 -35.93 2.07
N PRO G 47 6.51 -36.64 1.20
CA PRO G 47 5.20 -36.15 0.74
C PRO G 47 4.25 -35.85 1.89
N THR G 48 4.24 -36.69 2.93
CA THR G 48 3.51 -36.42 4.16
C THR G 48 4.52 -36.25 5.28
N HIS G 49 4.60 -35.04 5.84
CA HIS G 49 5.63 -34.71 6.81
C HIS G 49 4.99 -34.24 8.10
N VAL G 50 5.46 -34.78 9.22
CA VAL G 50 5.02 -34.39 10.55
C VAL G 50 6.07 -33.45 11.12
N ILE G 51 5.70 -32.19 11.31
CA ILE G 51 6.67 -31.16 11.65
C ILE G 51 7.17 -31.41 13.06
N ASP G 52 8.40 -31.88 13.18
CA ASP G 52 9.06 -32.12 14.46
C ASP G 52 10.34 -31.30 14.51
N LEU G 53 10.45 -30.44 15.53
CA LEU G 53 11.64 -29.60 15.65
C LEU G 53 12.90 -30.40 15.94
N MET G 54 12.75 -31.66 16.36
CA MET G 54 13.90 -32.51 16.62
C MET G 54 14.55 -33.02 15.34
N GLN G 55 13.94 -32.77 14.18
CA GLN G 55 14.50 -33.23 12.92
C GLN G 55 15.58 -32.29 12.37
N THR G 56 15.77 -31.13 12.98
CA THR G 56 16.84 -30.24 12.56
C THR G 56 18.20 -30.88 12.81
N HIS G 57 19.20 -30.44 12.04
CA HIS G 57 20.54 -30.99 12.20
C HIS G 57 21.08 -30.64 13.57
N GLN G 58 21.67 -31.65 14.24
CA GLN G 58 22.10 -31.49 15.63
C GLN G 58 23.26 -30.50 15.77
N HIS G 59 23.96 -30.18 14.69
CA HIS G 59 25.11 -29.30 14.76
C HIS G 59 24.83 -27.90 14.21
N GLY G 60 23.59 -27.61 13.86
CA GLY G 60 23.24 -26.28 13.38
C GLY G 60 23.21 -25.28 14.52
N LEU G 61 23.07 -24.02 14.15
CA LEU G 61 22.92 -22.96 15.15
C LEU G 61 21.67 -23.20 15.98
N VAL G 62 20.50 -23.13 15.32
CA VAL G 62 19.23 -23.32 16.02
C VAL G 62 19.08 -24.75 16.50
N GLY G 63 19.54 -25.72 15.69
CA GLY G 63 19.42 -27.11 16.11
C GLY G 63 20.16 -27.39 17.41
N ALA G 64 21.42 -26.94 17.50
CA ALA G 64 22.20 -27.20 18.70
C ALA G 64 21.70 -26.38 19.88
N LEU G 65 21.36 -25.11 19.68
CA LEU G 65 20.84 -24.36 20.82
C LEU G 65 19.47 -24.84 21.26
N LEU G 66 18.75 -25.57 20.39
CA LEU G 66 17.53 -26.24 20.83
C LEU G 66 17.86 -27.48 21.64
N ARG G 67 18.84 -28.26 21.20
CA ARG G 67 19.26 -29.41 21.99
C ARG G 67 19.84 -29.00 23.34
N ALA G 68 20.35 -27.78 23.46
CA ALA G 68 20.95 -27.29 24.70
C ALA G 68 19.90 -26.87 25.73
N ALA G 69 18.64 -27.22 25.52
CA ALA G 69 17.58 -27.05 26.50
C ALA G 69 16.78 -28.34 26.56
N THR G 70 16.17 -28.60 27.71
CA THR G 70 15.34 -29.79 27.82
C THR G 70 13.93 -29.54 27.30
N TYR G 71 13.34 -28.40 27.67
CA TYR G 71 11.98 -28.06 27.28
C TYR G 71 11.97 -26.76 26.49
N TYR G 72 11.00 -26.65 25.58
CA TYR G 72 10.89 -25.49 24.72
C TYR G 72 9.43 -25.28 24.35
N PHE G 73 9.06 -24.01 24.24
CA PHE G 73 7.76 -23.63 23.67
C PHE G 73 8.01 -22.63 22.57
N SER G 74 7.27 -22.77 21.47
CA SER G 74 7.43 -21.84 20.36
C SER G 74 6.25 -21.96 19.43
N ASP G 75 5.94 -20.85 18.75
CA ASP G 75 5.08 -20.87 17.57
C ASP G 75 5.94 -21.38 16.40
N LEU G 76 5.41 -21.34 15.19
CA LEU G 76 6.19 -21.83 14.07
C LEU G 76 5.66 -21.28 12.76
N GLU G 77 6.55 -20.59 12.02
CA GLU G 77 6.30 -20.18 10.65
C GLU G 77 7.04 -21.14 9.74
N ILE G 78 6.34 -21.66 8.73
CA ILE G 78 6.92 -22.60 7.79
C ILE G 78 6.90 -21.98 6.40
N VAL G 79 8.03 -22.06 5.71
CA VAL G 79 8.12 -21.75 4.28
C VAL G 79 8.31 -23.08 3.58
N VAL G 80 7.34 -23.46 2.75
CA VAL G 80 7.32 -24.76 2.10
C VAL G 80 7.29 -24.55 0.60
N ARG G 81 8.18 -25.25 -0.10
CA ARG G 81 8.24 -25.25 -1.56
C ARG G 81 7.68 -26.58 -2.04
N HIS G 82 6.49 -26.55 -2.62
CA HIS G 82 5.73 -27.77 -2.88
C HIS G 82 5.08 -27.70 -4.26
N GLU G 83 4.65 -28.86 -4.72
CA GLU G 83 3.83 -28.98 -5.93
C GLU G 83 2.44 -29.44 -5.52
N GLY G 84 1.42 -28.75 -6.03
CA GLY G 84 0.07 -29.03 -5.60
C GLY G 84 -0.27 -28.30 -4.33
N ASN G 85 -1.46 -28.59 -3.81
CA ASN G 85 -1.97 -27.89 -2.64
C ASN G 85 -1.41 -28.52 -1.36
N LEU G 86 -1.26 -27.68 -0.34
CA LEU G 86 -0.67 -28.10 0.93
C LEU G 86 -1.74 -28.05 2.02
N THR G 87 -1.90 -29.16 2.72
CA THR G 87 -2.86 -29.29 3.80
C THR G 87 -2.12 -29.47 5.13
N TRP G 88 -2.51 -28.67 6.12
CA TRP G 88 -1.91 -28.75 7.45
C TRP G 88 -3.00 -29.11 8.47
N VAL G 89 -2.89 -30.31 9.03
CA VAL G 89 -3.79 -30.74 10.09
C VAL G 89 -3.08 -30.58 11.42
N PRO G 90 -3.74 -30.02 12.44
CA PRO G 90 -3.06 -29.79 13.72
C PRO G 90 -2.78 -31.09 14.46
N ASN G 91 -2.09 -30.97 15.58
CA ASN G 91 -1.68 -32.14 16.35
C ASN G 91 -2.89 -32.89 16.88
N GLY G 92 -2.80 -34.21 16.86
CA GLY G 92 -3.89 -35.06 17.30
C GLY G 92 -4.89 -35.41 16.23
N ALA G 93 -4.87 -34.73 15.09
CA ALA G 93 -5.78 -35.07 14.00
C ALA G 93 -5.37 -36.39 13.37
N PRO G 94 -6.34 -37.22 12.99
CA PRO G 94 -6.02 -38.50 12.36
C PRO G 94 -5.29 -38.30 11.04
N GLU G 95 -4.50 -39.30 10.66
CA GLU G 95 -3.73 -39.22 9.42
C GLU G 95 -4.63 -39.06 8.20
N ALA G 96 -5.80 -39.67 8.22
CA ALA G 96 -6.74 -39.58 7.10
C ALA G 96 -7.36 -38.20 6.93
N ALA G 97 -7.17 -37.30 7.90
CA ALA G 97 -7.72 -35.95 7.80
C ALA G 97 -6.88 -35.05 6.90
N LEU G 98 -5.76 -35.52 6.39
CA LEU G 98 -4.90 -34.74 5.51
C LEU G 98 -5.42 -34.70 4.07
N SER G 99 -6.43 -35.49 3.74
CA SER G 99 -6.94 -35.59 2.38
C SER G 99 -8.15 -34.69 2.14
N ASN G 100 -8.49 -33.85 3.11
CA ASN G 100 -9.68 -33.00 3.01
C ASN G 100 -9.28 -31.53 3.05
N ALA G 101 -10.01 -30.73 2.29
CA ALA G 101 -9.72 -29.30 2.18
C ALA G 101 -10.33 -28.48 3.31
N GLY G 102 -11.11 -29.09 4.21
CA GLY G 102 -11.59 -28.38 5.37
C GLY G 102 -10.46 -27.90 6.26
N ASN G 103 -9.46 -28.74 6.46
CA ASN G 103 -8.23 -28.32 7.11
C ASN G 103 -7.55 -27.26 6.26
N PRO G 104 -6.85 -26.30 6.88
CA PRO G 104 -6.31 -25.17 6.12
C PRO G 104 -5.47 -25.61 4.93
N THR G 105 -5.98 -25.35 3.73
CA THR G 105 -5.36 -25.78 2.49
C THR G 105 -4.80 -24.55 1.77
N ALA G 106 -3.51 -24.59 1.46
CA ALA G 106 -2.85 -23.50 0.77
C ALA G 106 -2.70 -23.84 -0.70
N TYR G 107 -3.29 -23.01 -1.56
CA TYR G 107 -3.10 -23.15 -2.99
C TYR G 107 -1.77 -22.52 -3.39
N ASN G 108 -0.94 -23.29 -4.07
CA ASN G 108 0.45 -22.92 -4.26
C ASN G 108 0.58 -21.71 -5.17
N LYS G 109 1.39 -20.74 -4.74
CA LYS G 109 1.79 -19.62 -5.56
C LYS G 109 3.09 -19.98 -6.27
N ALA G 110 3.75 -18.99 -6.87
CA ALA G 110 4.90 -19.33 -7.70
C ALA G 110 6.09 -19.83 -6.87
N PRO G 111 6.75 -18.99 -6.04
CA PRO G 111 7.98 -19.47 -5.40
C PRO G 111 7.75 -20.51 -4.31
N PHE G 112 6.92 -20.19 -3.33
CA PHE G 112 6.62 -21.07 -2.21
C PHE G 112 5.48 -20.44 -1.41
N THR G 113 5.12 -21.08 -0.30
CA THR G 113 4.05 -20.61 0.58
C THR G 113 4.63 -20.34 1.96
N ARG G 114 4.15 -19.28 2.59
CA ARG G 114 4.66 -18.82 3.88
C ARG G 114 3.49 -18.65 4.83
N LEU G 115 3.36 -19.59 5.77
CA LEU G 115 2.25 -19.61 6.72
C LEU G 115 2.77 -19.37 8.13
N ALA G 116 1.85 -19.23 9.07
CA ALA G 116 2.14 -19.11 10.49
C ALA G 116 1.35 -20.16 11.24
N LEU G 117 2.02 -21.20 11.72
CA LEU G 117 1.31 -22.22 12.47
C LEU G 117 1.40 -21.95 13.96
N PRO G 118 0.33 -22.21 14.71
CA PRO G 118 0.39 -22.02 16.16
C PRO G 118 0.88 -23.26 16.89
N TYR G 119 0.98 -23.15 18.20
CA TYR G 119 1.30 -24.27 19.07
C TYR G 119 0.04 -25.11 19.27
N THR G 120 0.10 -26.37 18.84
CA THR G 120 -1.08 -27.24 18.86
C THR G 120 -0.89 -28.50 19.67
N ALA G 121 0.21 -28.62 20.41
CA ALA G 121 0.43 -29.81 21.21
C ALA G 121 -0.40 -29.76 22.49
N PRO G 122 -0.86 -30.91 22.98
CA PRO G 122 -1.62 -30.91 24.24
C PRO G 122 -0.81 -30.45 25.44
N HIS G 123 0.46 -30.81 25.49
CA HIS G 123 1.30 -30.50 26.64
C HIS G 123 1.56 -29.00 26.74
N ARG G 124 1.84 -28.53 27.96
CA ARG G 124 2.16 -27.12 28.14
C ARG G 124 3.45 -26.74 27.41
N VAL G 125 4.49 -27.55 27.53
CA VAL G 125 5.74 -27.36 26.80
C VAL G 125 6.19 -28.71 26.24
N LEU G 126 7.01 -28.66 25.19
CA LEU G 126 7.56 -29.86 24.59
C LEU G 126 8.88 -30.22 25.26
N ALA G 127 9.58 -31.21 24.73
CA ALA G 127 10.81 -31.71 25.34
C ALA G 127 11.74 -32.21 24.26
N THR G 128 13.04 -32.18 24.57
CA THR G 128 14.07 -32.69 23.67
C THR G 128 14.63 -34.04 24.10
N VAL G 129 14.59 -34.36 25.39
CA VAL G 129 14.97 -35.68 25.89
C VAL G 129 13.85 -36.20 26.78
N TYR G 130 13.49 -37.47 26.59
CA TYR G 130 12.45 -38.12 27.37
C TYR G 130 13.03 -39.33 28.10
N ASN G 131 12.76 -39.41 29.40
CA ASN G 131 13.25 -40.48 30.25
C ASN G 131 12.14 -41.52 30.38
N GLY G 132 12.13 -42.47 29.45
CA GLY G 132 11.11 -43.50 29.45
C GLY G 132 10.18 -43.40 28.26
N THR G 133 8.98 -43.98 28.39
CA THR G 133 8.05 -44.02 27.27
C THR G 133 6.71 -43.38 27.63
N SER G 134 5.73 -43.50 26.74
CA SER G 134 4.40 -42.96 26.98
C SER G 134 3.28 -43.96 26.69
N LYS G 135 3.61 -45.21 26.37
CA LYS G 135 2.61 -46.22 26.08
C LYS G 135 2.58 -47.25 27.20
N TYR G 136 1.39 -47.62 27.65
CA TYR G 136 1.22 -48.62 28.69
C TYR G 136 1.83 -49.96 28.28
N THR G 156 15.43 -41.92 23.71
CA THR G 156 15.84 -42.44 22.42
C THR G 156 14.73 -42.28 21.38
N GLN G 157 13.49 -42.48 21.79
CA GLN G 157 12.33 -42.17 20.95
C GLN G 157 11.39 -41.28 21.74
N LEU G 158 11.28 -40.02 21.34
CA LEU G 158 10.35 -39.12 21.96
C LEU G 158 8.92 -39.54 21.62
N PRO G 159 7.94 -39.21 22.48
CA PRO G 159 6.56 -39.58 22.20
C PRO G 159 6.03 -38.90 20.95
N ALA G 160 5.07 -39.55 20.30
CA ALA G 160 4.53 -39.04 19.05
C ALA G 160 3.75 -37.75 19.23
N SER G 161 3.35 -37.41 20.47
CA SER G 161 2.61 -36.18 20.69
C SER G 161 3.51 -34.95 20.63
N PHE G 162 4.82 -35.13 20.45
CA PHE G 162 5.76 -34.01 20.38
C PHE G 162 5.91 -33.60 18.92
N ASN G 163 4.93 -32.85 18.43
CA ASN G 163 4.95 -32.39 17.05
C ASN G 163 4.10 -31.14 16.91
N PHE G 164 4.23 -30.48 15.77
CA PHE G 164 3.52 -29.24 15.49
C PHE G 164 2.39 -29.42 14.48
N GLY G 165 2.10 -30.66 14.10
CA GLY G 165 1.10 -30.96 13.11
C GLY G 165 1.70 -31.78 11.98
N ALA G 166 0.96 -31.88 10.88
CA ALA G 166 1.45 -32.56 9.70
C ALA G 166 1.13 -31.72 8.48
N ILE G 167 1.92 -31.91 7.43
CA ILE G 167 1.70 -31.24 6.15
C ILE G 167 1.78 -32.28 5.05
N ARG G 168 0.90 -32.13 4.06
CA ARG G 168 0.85 -33.05 2.94
C ARG G 168 0.66 -32.27 1.65
N ALA G 169 1.30 -32.77 0.58
CA ALA G 169 1.11 -32.27 -0.77
C ALA G 169 1.52 -33.38 -1.72
N THR G 170 1.43 -33.11 -3.02
CA THR G 170 1.88 -34.11 -4.00
C THR G 170 3.35 -34.44 -3.80
N ASP G 171 4.18 -33.42 -3.57
CA ASP G 171 5.54 -33.61 -3.10
C ASP G 171 6.02 -32.30 -2.48
N ILE G 172 7.03 -32.41 -1.63
CA ILE G 172 7.59 -31.25 -0.96
C ILE G 172 9.10 -31.29 -1.14
N SER G 173 9.65 -30.26 -1.78
CA SER G 173 11.08 -30.22 -2.07
C SER G 173 11.90 -29.65 -0.92
N GLU G 174 11.44 -28.56 -0.32
CA GLU G 174 12.16 -27.95 0.79
C GLU G 174 11.16 -27.42 1.82
N LEU G 175 11.62 -27.33 3.06
CA LEU G 175 10.78 -26.94 4.18
C LEU G 175 11.64 -26.20 5.19
N LEU G 176 11.20 -25.00 5.59
CA LEU G 176 11.91 -24.17 6.55
C LEU G 176 11.00 -23.89 7.73
N VAL G 177 11.55 -23.94 8.94
CA VAL G 177 10.78 -23.74 10.16
C VAL G 177 11.41 -22.61 10.97
N ARG G 178 10.57 -21.69 11.42
CA ARG G 178 11.03 -20.50 12.14
C ARG G 178 10.32 -20.44 13.48
N MET G 179 11.08 -20.37 14.56
CA MET G 179 10.54 -20.39 15.92
C MET G 179 10.34 -18.96 16.41
N LYS G 180 9.10 -18.61 16.75
CA LYS G 180 8.76 -17.26 17.16
C LYS G 180 8.32 -17.23 18.61
N ARG G 181 8.74 -16.19 19.32
CA ARG G 181 8.54 -16.07 20.77
C ARG G 181 8.98 -17.34 21.48
N ALA G 182 10.13 -17.86 21.09
CA ALA G 182 10.64 -19.10 21.68
C ALA G 182 11.01 -18.88 23.14
N GLU G 183 10.95 -19.96 23.91
CA GLU G 183 11.45 -19.97 25.27
C GLU G 183 12.03 -21.34 25.56
N LEU G 184 13.15 -21.37 26.28
CA LEU G 184 13.85 -22.60 26.58
C LEU G 184 13.93 -22.81 28.08
N TYR G 185 13.91 -24.07 28.48
CA TYR G 185 13.88 -24.44 29.89
C TYR G 185 14.91 -25.53 30.16
N CYS G 186 15.47 -25.51 31.39
CA CYS G 186 16.34 -26.55 31.90
C CYS G 186 17.57 -26.78 31.04
N PRO G 187 18.55 -25.88 31.07
CA PRO G 187 19.70 -25.98 30.16
C PRO G 187 20.46 -27.28 30.31
N ARG G 188 20.99 -27.76 29.18
CA ARG G 188 21.67 -29.02 29.02
C ARG G 188 23.07 -28.79 28.43
N PRO G 189 23.96 -29.78 28.51
CA PRO G 189 25.30 -29.61 27.94
C PRO G 189 25.25 -29.25 26.46
N LEU G 190 26.10 -28.28 26.10
CA LEU G 190 26.30 -27.87 24.71
C LEU G 190 27.78 -28.04 24.38
N LEU G 191 28.07 -28.89 23.41
CA LEU G 191 29.44 -29.31 23.12
C LEU G 191 30.01 -28.53 21.94
N ALA G 192 31.28 -28.17 22.08
CA ALA G 192 32.06 -27.58 21.01
C ALA G 192 32.86 -28.67 20.31
N VAL G 193 33.42 -28.33 19.14
CA VAL G 193 34.16 -29.31 18.36
C VAL G 193 35.42 -29.71 19.10
N GLU G 194 35.84 -30.95 18.91
CA GLU G 194 36.98 -31.52 19.62
C GLU G 194 38.28 -31.21 18.87
N VAL G 195 39.38 -31.25 19.62
CA VAL G 195 40.71 -31.02 19.08
C VAL G 195 41.52 -32.30 19.24
N THR G 196 42.09 -32.79 18.13
CA THR G 196 42.74 -34.09 18.16
C THR G 196 44.17 -34.02 18.68
N ALA G 197 45.04 -33.30 17.97
CA ALA G 197 46.45 -33.21 18.35
C ALA G 197 47.05 -31.84 18.07
N GLN G 198 46.27 -30.88 17.60
CA GLN G 198 46.79 -29.54 17.36
C GLN G 198 46.75 -28.73 18.66
N ASP G 199 47.29 -27.51 18.58
CA ASP G 199 47.27 -26.62 19.73
C ASP G 199 45.88 -26.05 19.97
N ARG G 200 45.09 -25.94 18.91
CA ARG G 200 43.79 -25.30 18.95
C ARG G 200 42.99 -25.78 17.75
N HIS G 201 41.86 -25.14 17.51
CA HIS G 201 41.13 -25.39 16.27
C HIS G 201 41.58 -24.34 15.25
N LYS G 202 42.01 -24.81 14.09
CA LYS G 202 42.68 -23.99 13.10
C LYS G 202 41.73 -23.82 11.92
N GLN G 203 40.94 -22.74 11.92
CA GLN G 203 39.92 -22.47 10.92
C GLN G 203 40.28 -21.24 10.09
N LYS G 204 39.95 -21.30 8.80
CA LYS G 204 40.21 -20.19 7.88
C LYS G 204 39.11 -19.15 8.02
N ILE G 205 39.48 -17.94 8.45
CA ILE G 205 38.54 -16.83 8.46
C ILE G 205 38.55 -16.14 7.10
N ILE G 206 37.40 -15.58 6.73
CA ILE G 206 37.28 -14.88 5.46
C ILE G 206 38.24 -13.69 5.44
N ALA G 207 38.96 -13.55 4.34
CA ALA G 207 39.91 -12.45 4.19
C ALA G 207 39.80 -11.84 2.80
N PRO G 208 39.88 -10.51 2.69
CA PRO G 208 39.81 -9.85 1.39
C PRO G 208 41.11 -9.86 0.59
N ALA G 209 42.06 -10.71 0.95
CA ALA G 209 43.38 -10.68 0.32
C ALA G 209 43.27 -10.91 -1.19
N LYS G 210 44.04 -10.13 -1.94
CA LYS G 210 44.04 -10.23 -3.40
C LYS G 210 45.25 -11.02 -3.90
N GLY H 1 1.33 -10.71 10.12
CA GLY H 1 1.41 -10.66 8.67
C GLY H 1 1.78 -9.29 8.15
N ILE H 2 1.60 -9.10 6.83
CA ILE H 2 1.85 -7.82 6.20
C ILE H 2 0.57 -7.35 5.55
N VAL H 3 0.52 -6.09 5.12
CA VAL H 3 -0.68 -5.54 4.52
C VAL H 3 -0.95 -6.24 3.19
N PRO H 4 -2.15 -6.75 2.98
CA PRO H 4 -2.48 -7.34 1.68
C PRO H 4 -3.03 -6.30 0.73
N VAL H 5 -2.66 -6.37 -0.55
CA VAL H 5 -3.13 -5.41 -1.54
C VAL H 5 -3.67 -6.17 -2.74
N ALA H 6 -4.53 -5.49 -3.50
CA ALA H 6 -5.12 -6.03 -4.70
C ALA H 6 -4.54 -5.29 -5.90
N CYS H 7 -3.85 -6.02 -6.77
CA CYS H 7 -3.32 -5.43 -8.00
C CYS H 7 -4.49 -5.20 -8.95
N SER H 8 -5.04 -3.99 -8.93
CA SER H 8 -6.21 -3.69 -9.75
C SER H 8 -5.87 -3.80 -11.23
N ASP H 9 -6.90 -4.13 -12.02
CA ASP H 9 -6.75 -4.28 -13.46
C ASP H 9 -7.18 -3.00 -14.16
N GLY H 10 -6.38 -2.57 -15.13
CA GLY H 10 -6.66 -1.38 -15.88
C GLY H 10 -6.05 -0.11 -15.33
N TYR H 11 -5.59 -0.12 -14.09
CA TYR H 11 -4.90 1.02 -13.50
C TYR H 11 -3.39 0.86 -13.66
N GLY H 12 -2.68 1.98 -13.54
CA GLY H 12 -1.24 1.99 -13.54
C GLY H 12 -0.60 2.38 -14.85
N GLY H 13 -1.32 2.30 -15.97
CA GLY H 13 -0.77 2.72 -17.24
C GLY H 13 -0.49 4.21 -17.27
N LEU H 14 0.34 4.62 -18.23
CA LEU H 14 0.76 6.00 -18.35
C LEU H 14 -0.29 6.78 -19.13
N VAL H 15 -0.83 7.83 -18.51
CA VAL H 15 -1.71 8.79 -19.16
C VAL H 15 -0.95 10.10 -19.23
N THR H 16 -0.78 10.62 -20.45
CA THR H 16 0.15 11.72 -20.68
C THR H 16 -0.26 13.01 -19.96
N THR H 17 -1.34 12.96 -19.20
CA THR H 17 -1.73 14.10 -18.37
C THR H 17 -2.21 13.66 -16.99
N ASP H 18 -1.70 12.54 -16.49
CA ASP H 18 -2.02 12.14 -15.12
C ASP H 18 -1.42 13.15 -14.15
N PRO H 19 -2.02 13.33 -12.97
CA PRO H 19 -1.52 14.33 -12.02
C PRO H 19 -0.45 13.86 -11.06
N LYS H 20 -0.06 12.58 -11.11
CA LYS H 20 0.90 12.05 -10.15
C LYS H 20 2.34 12.31 -10.60
N THR H 21 3.19 12.56 -9.62
CA THR H 21 4.59 12.92 -9.86
C THR H 21 5.47 11.68 -9.93
N ALA H 22 6.74 11.89 -10.24
CA ALA H 22 7.72 10.83 -10.39
C ALA H 22 8.69 10.83 -9.23
N ASP H 23 9.47 9.77 -9.14
CA ASP H 23 10.43 9.61 -8.06
C ASP H 23 11.70 10.41 -8.35
N PRO H 24 12.08 11.35 -7.49
CA PRO H 24 13.24 12.19 -7.80
C PRO H 24 14.52 11.39 -7.90
N VAL H 25 15.39 11.83 -8.81
CA VAL H 25 16.65 11.16 -9.09
C VAL H 25 17.85 11.94 -8.57
N TYR H 26 17.70 13.24 -8.30
CA TYR H 26 18.85 14.10 -8.04
C TYR H 26 18.35 15.17 -7.08
N GLY H 27 18.54 14.94 -5.77
CA GLY H 27 17.91 15.78 -4.79
C GLY H 27 18.76 16.96 -4.34
N LYS H 28 18.13 17.82 -3.54
CA LYS H 28 18.80 18.93 -2.85
C LYS H 28 19.54 19.85 -3.83
N VAL H 29 18.87 20.16 -4.93
CA VAL H 29 19.38 21.12 -5.91
C VAL H 29 18.57 22.39 -5.75
N TYR H 30 19.22 23.46 -5.33
CA TYR H 30 18.56 24.74 -5.13
C TYR H 30 18.97 25.67 -6.27
N ASN H 31 17.99 26.09 -7.05
CA ASN H 31 18.24 26.84 -8.25
C ASN H 31 18.42 28.33 -7.92
N PRO H 32 19.14 29.07 -8.77
CA PRO H 32 19.39 30.49 -8.49
C PRO H 32 18.09 31.25 -8.36
N PRO H 33 18.03 32.23 -7.45
CA PRO H 33 16.77 32.94 -7.20
C PRO H 33 16.33 33.74 -8.42
N ARG H 34 15.02 33.82 -8.62
CA ARG H 34 14.44 34.64 -9.67
C ARG H 34 13.35 35.52 -9.10
N THR H 35 13.54 35.95 -7.85
CA THR H 35 12.62 36.88 -7.22
C THR H 35 12.60 38.21 -7.97
N ASN H 36 11.39 38.72 -8.16
CA ASN H 36 11.17 40.02 -8.79
C ASN H 36 11.77 40.08 -10.19
N TYR H 37 11.57 39.00 -10.95
CA TYR H 37 11.95 39.00 -12.36
C TYR H 37 10.89 39.74 -13.15
N PRO H 38 11.25 40.73 -13.96
CA PRO H 38 10.23 41.52 -14.66
C PRO H 38 9.42 40.70 -15.65
N GLY H 39 8.18 41.11 -15.85
CA GLY H 39 7.33 40.57 -16.90
C GLY H 39 6.92 39.12 -16.78
N ARG H 40 6.46 38.71 -15.60
CA ARG H 40 5.97 37.37 -15.37
C ARG H 40 4.44 37.36 -15.54
N PHE H 41 3.94 36.44 -16.36
CA PHE H 41 2.50 36.27 -16.54
C PHE H 41 2.10 34.85 -16.17
N THR H 42 1.01 34.73 -15.43
CA THR H 42 0.56 33.44 -14.91
C THR H 42 -0.66 32.88 -15.64
N ASN H 43 -1.38 33.71 -16.37
CA ASN H 43 -2.54 33.26 -17.14
C ASN H 43 -2.52 33.93 -18.51
N LEU H 44 -2.79 33.15 -19.55
CA LEU H 44 -2.73 33.68 -20.91
C LEU H 44 -3.79 34.74 -21.13
N LEU H 45 -4.99 34.55 -20.58
CA LEU H 45 -6.05 35.53 -20.78
C LEU H 45 -5.75 36.87 -20.14
N ASP H 46 -4.89 36.91 -19.11
CA ASP H 46 -4.49 38.20 -18.55
C ASP H 46 -3.77 39.05 -19.59
N VAL H 47 -2.81 38.45 -20.31
CA VAL H 47 -2.08 39.20 -21.32
C VAL H 47 -2.93 39.38 -22.57
N ALA H 48 -3.93 38.50 -22.79
CA ALA H 48 -4.90 38.75 -23.83
C ALA H 48 -5.73 40.00 -23.53
N GLU H 49 -6.12 40.17 -22.27
CA GLU H 49 -6.90 41.33 -21.87
C GLU H 49 -6.07 42.60 -21.93
N ALA H 50 -4.86 42.57 -21.38
CA ALA H 50 -4.07 43.78 -21.26
C ALA H 50 -3.52 44.26 -22.59
N CYS H 51 -3.30 43.36 -23.56
CA CYS H 51 -2.63 43.68 -24.81
C CYS H 51 -3.55 43.40 -26.00
N PRO H 52 -4.31 44.39 -26.45
CA PRO H 52 -5.06 44.23 -27.70
C PRO H 52 -4.14 44.16 -28.89
N THR H 53 -4.55 43.37 -29.89
CA THR H 53 -3.77 43.20 -31.11
C THR H 53 -4.64 43.52 -32.32
N PHE H 54 -3.98 43.70 -33.46
CA PHE H 54 -4.65 44.20 -34.65
C PHE H 54 -5.35 43.07 -35.41
N LEU H 55 -6.31 43.46 -36.23
CA LEU H 55 -7.03 42.56 -37.12
C LEU H 55 -6.48 42.68 -38.53
N CYS H 56 -6.74 41.65 -39.33
CA CYS H 56 -6.22 41.56 -40.70
C CYS H 56 -7.39 41.71 -41.67
N PHE H 57 -7.50 42.89 -42.27
CA PHE H 57 -8.60 43.18 -43.18
C PHE H 57 -8.22 42.81 -44.60
N ASP H 58 -9.01 43.27 -45.57
CA ASP H 58 -8.72 42.99 -46.97
C ASP H 58 -7.38 43.59 -47.37
N ASP H 59 -6.68 42.87 -48.27
CA ASP H 59 -5.37 43.23 -48.80
C ASP H 59 -4.32 42.95 -47.73
N GLY H 60 -4.77 42.70 -46.51
CA GLY H 60 -3.89 42.39 -45.40
C GLY H 60 -3.36 43.63 -44.71
N LYS H 61 -4.27 44.48 -44.23
CA LYS H 61 -3.94 45.72 -43.54
C LYS H 61 -4.86 45.88 -42.34
N PRO H 62 -4.40 46.53 -41.28
CA PRO H 62 -5.19 46.60 -40.04
C PRO H 62 -6.15 47.78 -39.94
N TYR H 63 -6.37 48.53 -41.01
CA TYR H 63 -7.17 49.74 -40.93
C TYR H 63 -8.21 49.76 -42.04
N VAL H 64 -9.26 50.55 -41.84
CA VAL H 64 -10.25 50.84 -42.87
C VAL H 64 -9.95 52.21 -43.46
N VAL H 65 -9.97 52.29 -44.77
CA VAL H 65 -9.81 53.56 -45.46
C VAL H 65 -11.18 54.04 -45.91
N THR H 66 -11.36 55.36 -45.92
CA THR H 66 -12.63 55.91 -46.35
C THR H 66 -12.83 55.67 -47.84
N ARG H 67 -14.00 55.17 -48.20
CA ARG H 67 -14.34 54.86 -49.58
C ARG H 67 -15.19 56.00 -50.16
N GLU H 68 -14.72 56.58 -51.26
CA GLU H 68 -15.47 57.63 -51.95
C GLU H 68 -16.47 57.01 -52.93
N ASP H 69 -17.46 56.33 -52.35
CA ASP H 69 -18.47 55.63 -53.12
C ASP H 69 -19.78 55.69 -52.36
N GLU H 70 -20.88 55.38 -53.07
CA GLU H 70 -22.20 55.38 -52.44
C GLU H 70 -22.32 54.35 -51.34
N GLN H 71 -21.47 53.32 -51.34
CA GLN H 71 -21.50 52.31 -50.29
C GLN H 71 -21.08 52.93 -48.97
N ARG H 72 -22.01 53.01 -48.02
CA ARG H 72 -21.73 53.53 -46.70
C ARG H 72 -21.20 52.47 -45.74
N LEU H 73 -21.08 51.23 -46.21
CA LEU H 73 -20.61 50.12 -45.38
C LEU H 73 -19.09 50.03 -45.52
N LEU H 74 -18.39 50.47 -44.47
CA LEU H 74 -16.93 50.43 -44.50
C LEU H 74 -16.41 48.99 -44.51
N ALA H 75 -16.90 48.16 -43.59
CA ALA H 75 -16.41 46.79 -43.50
C ALA H 75 -17.40 45.94 -42.73
N LYS H 76 -17.27 44.63 -42.94
CA LYS H 76 -18.03 43.61 -42.24
C LYS H 76 -17.11 42.42 -42.01
N PHE H 77 -17.18 41.84 -40.81
CA PHE H 77 -16.31 40.72 -40.51
C PHE H 77 -17.00 39.79 -39.52
N ASP H 78 -16.61 38.51 -39.57
CA ASP H 78 -17.18 37.52 -38.67
C ASP H 78 -16.71 37.75 -37.24
N VAL H 79 -17.62 37.57 -36.29
CA VAL H 79 -17.27 37.66 -34.87
C VAL H 79 -17.03 36.23 -34.40
N SER H 80 -15.79 35.78 -34.58
CA SER H 80 -15.42 34.42 -34.21
C SER H 80 -13.91 34.35 -34.13
N LEU H 81 -13.41 33.38 -33.36
CA LEU H 81 -11.98 33.27 -33.16
C LEU H 81 -11.28 32.52 -34.28
N ALA H 82 -12.02 32.12 -35.32
CA ALA H 82 -11.44 31.44 -36.47
C ALA H 82 -11.71 32.17 -37.78
N ALA H 83 -12.01 33.47 -37.72
CA ALA H 83 -12.37 34.22 -38.91
C ALA H 83 -11.15 34.72 -39.66
N LYS H 84 -11.38 35.11 -40.92
CA LYS H 84 -10.33 35.77 -41.70
C LYS H 84 -9.80 37.01 -41.00
N HIS H 85 -10.69 37.88 -40.54
CA HIS H 85 -10.26 39.12 -39.91
C HIS H 85 -9.58 38.89 -38.57
N MET H 86 -9.65 37.68 -38.03
CA MET H 86 -9.01 37.35 -36.76
C MET H 86 -7.89 36.33 -36.91
N SER H 87 -7.37 36.15 -38.12
CA SER H 87 -6.38 35.10 -38.34
C SER H 87 -5.02 35.48 -37.76
N ASN H 88 -4.74 36.78 -37.64
CA ASN H 88 -3.46 37.26 -37.11
C ASN H 88 -3.62 37.97 -35.77
N THR H 89 -4.46 37.41 -34.90
CA THR H 89 -4.74 37.97 -33.59
C THR H 89 -4.17 37.07 -32.51
N TYR H 90 -3.69 37.68 -31.42
CA TYR H 90 -3.20 36.88 -30.30
C TYR H 90 -4.33 36.14 -29.61
N LEU H 91 -5.53 36.75 -29.56
CA LEU H 91 -6.68 36.06 -28.99
C LEU H 91 -6.99 34.78 -29.75
N SER H 92 -7.00 34.86 -31.08
CA SER H 92 -7.19 33.65 -31.89
C SER H 92 -6.03 32.69 -31.70
N GLY H 93 -4.81 33.21 -31.52
CA GLY H 93 -3.67 32.35 -31.29
C GLY H 93 -3.82 31.50 -30.03
N ILE H 94 -4.31 32.12 -28.95
CA ILE H 94 -4.59 31.35 -27.74
C ILE H 94 -5.76 30.40 -27.97
N ALA H 95 -6.86 30.92 -28.54
CA ALA H 95 -8.10 30.17 -28.64
C ALA H 95 -8.00 28.97 -29.56
N GLN H 96 -7.03 28.94 -30.49
CA GLN H 96 -6.90 27.79 -31.35
C GLN H 96 -6.58 26.52 -30.58
N TYR H 97 -6.09 26.63 -29.35
CA TYR H 97 -5.69 25.49 -28.56
C TYR H 97 -6.73 25.07 -27.54
N TYR H 98 -7.95 25.60 -27.63
CA TYR H 98 -9.03 25.24 -26.74
C TYR H 98 -10.28 24.92 -27.56
N ALA H 99 -11.11 24.04 -27.02
CA ALA H 99 -12.28 23.58 -27.74
C ALA H 99 -13.49 24.49 -27.57
N GLN H 100 -13.66 25.10 -26.41
CA GLN H 100 -14.86 25.89 -26.12
C GLN H 100 -14.47 27.21 -25.47
N TYR H 101 -15.36 28.19 -25.61
CA TYR H 101 -15.14 29.50 -25.04
C TYR H 101 -16.49 30.11 -24.66
N SER H 102 -16.42 31.20 -23.89
CA SER H 102 -17.59 31.99 -23.55
C SER H 102 -17.12 33.31 -22.94
N GLY H 103 -17.76 34.40 -23.35
CA GLY H 103 -17.52 35.68 -22.73
C GLY H 103 -17.46 36.81 -23.74
N THR H 104 -17.32 38.01 -23.21
CA THR H 104 -17.27 39.22 -24.01
C THR H 104 -15.96 39.29 -24.79
N ILE H 105 -16.00 39.98 -25.92
CA ILE H 105 -14.82 40.30 -26.72
C ILE H 105 -14.87 41.79 -27.03
N ASN H 106 -13.82 42.51 -26.66
CA ASN H 106 -13.76 43.94 -26.87
C ASN H 106 -13.12 44.28 -28.20
N LEU H 107 -13.56 45.40 -28.77
CA LEU H 107 -13.01 45.95 -30.00
C LEU H 107 -12.55 47.39 -29.70
N HIS H 108 -11.33 47.71 -30.09
CA HIS H 108 -10.76 49.03 -29.86
C HIS H 108 -10.55 49.73 -31.19
N PHE H 109 -11.07 50.96 -31.30
CA PHE H 109 -11.00 51.74 -32.53
C PHE H 109 -10.05 52.91 -32.33
N MET H 110 -9.23 53.17 -33.35
CA MET H 110 -8.25 54.25 -33.33
C MET H 110 -8.36 55.05 -34.61
N PHE H 111 -8.51 56.37 -34.48
CA PHE H 111 -8.54 57.25 -35.64
C PHE H 111 -7.15 57.82 -35.88
N THR H 112 -6.64 57.60 -37.09
CA THR H 112 -5.29 58.03 -37.46
C THR H 112 -5.32 59.02 -38.61
N GLY H 113 -6.47 59.65 -38.86
CA GLY H 113 -6.59 60.61 -39.93
C GLY H 113 -6.10 61.98 -39.50
N SER H 114 -6.12 62.92 -40.45
CA SER H 114 -5.68 64.28 -40.16
C SER H 114 -6.69 65.00 -39.28
N THR H 115 -6.18 65.97 -38.50
CA THR H 115 -7.03 66.71 -37.59
C THR H 115 -8.08 67.52 -38.35
N ASP H 116 -7.69 68.15 -39.45
CA ASP H 116 -8.60 68.98 -40.23
C ASP H 116 -9.67 68.18 -40.96
N SER H 117 -9.71 66.86 -40.76
CA SER H 117 -10.75 66.00 -41.34
C SER H 117 -11.55 65.39 -40.20
N LYS H 118 -12.86 65.60 -40.23
CA LYS H 118 -13.76 65.10 -39.20
C LYS H 118 -14.71 64.08 -39.80
N ALA H 119 -15.06 63.09 -38.99
CA ALA H 119 -15.95 62.03 -39.46
C ALA H 119 -16.71 61.47 -38.27
N ARG H 120 -17.83 60.82 -38.56
CA ARG H 120 -18.67 60.18 -37.56
C ARG H 120 -18.90 58.72 -37.95
N TYR H 121 -18.81 57.83 -36.98
CA TYR H 121 -18.90 56.40 -37.25
C TYR H 121 -19.88 55.74 -36.30
N MET H 122 -20.45 54.63 -36.76
CA MET H 122 -21.32 53.79 -35.95
C MET H 122 -20.92 52.33 -36.15
N VAL H 123 -20.97 51.56 -35.06
CA VAL H 123 -20.73 50.14 -35.09
C VAL H 123 -21.94 49.44 -34.50
N ALA H 124 -22.27 48.26 -35.03
CA ALA H 124 -23.42 47.50 -34.59
C ALA H 124 -23.11 46.01 -34.64
N TYR H 125 -23.74 45.25 -33.75
CA TYR H 125 -23.57 43.81 -33.69
C TYR H 125 -24.85 43.13 -34.15
N VAL H 126 -24.72 42.10 -34.98
CA VAL H 126 -25.84 41.36 -35.55
C VAL H 126 -25.79 39.94 -35.01
N PRO H 127 -26.64 39.62 -34.02
CA PRO H 127 -26.71 38.24 -33.54
C PRO H 127 -27.10 37.28 -34.65
N PRO H 128 -27.00 35.96 -34.42
CA PRO H 128 -27.34 35.00 -35.49
C PRO H 128 -28.82 34.94 -35.79
N GLY H 129 -29.36 36.05 -36.28
CA GLY H 129 -30.77 36.12 -36.60
C GLY H 129 -31.05 36.21 -38.08
N VAL H 130 -31.28 37.44 -38.55
CA VAL H 130 -31.64 37.72 -39.94
C VAL H 130 -30.69 37.02 -40.89
N GLU H 131 -31.20 36.52 -42.01
CA GLU H 131 -30.39 35.86 -43.02
C GLU H 131 -29.41 36.80 -43.71
N THR H 132 -29.68 38.11 -43.68
CA THR H 132 -28.77 39.11 -44.23
C THR H 132 -28.56 40.23 -43.23
N PRO H 133 -27.33 40.54 -42.87
CA PRO H 133 -27.08 41.64 -41.93
C PRO H 133 -27.51 42.97 -42.51
N PRO H 134 -27.85 43.94 -41.66
CA PRO H 134 -28.44 45.19 -42.15
C PRO H 134 -27.45 46.08 -42.87
N ASP H 135 -27.24 45.81 -44.16
CA ASP H 135 -26.25 46.51 -44.98
C ASP H 135 -26.45 48.02 -44.99
N THR H 136 -27.69 48.48 -45.17
CA THR H 136 -27.98 49.90 -45.17
C THR H 136 -27.79 50.48 -43.76
N PRO H 137 -27.29 51.72 -43.63
CA PRO H 137 -26.95 52.24 -42.30
C PRO H 137 -28.16 52.61 -41.45
N GLU H 138 -29.37 52.42 -41.96
CA GLU H 138 -30.58 52.69 -41.20
C GLU H 138 -31.16 51.43 -40.58
N ARG H 139 -31.13 50.32 -41.32
CA ARG H 139 -31.63 49.04 -40.83
C ARG H 139 -30.82 48.55 -39.64
N ALA H 140 -29.56 48.98 -39.54
CA ALA H 140 -28.67 48.55 -38.47
C ALA H 140 -28.85 49.33 -37.18
N ALA H 141 -29.57 50.45 -37.21
CA ALA H 141 -29.80 51.23 -35.99
C ALA H 141 -30.72 50.50 -35.02
N HIS H 142 -31.37 49.43 -35.45
CA HIS H 142 -32.25 48.65 -34.57
C HIS H 142 -31.48 47.65 -33.72
N CYS H 143 -30.22 47.36 -34.04
CA CYS H 143 -29.44 46.37 -33.33
C CYS H 143 -28.73 46.99 -32.14
N ILE H 144 -28.01 46.16 -31.39
CA ILE H 144 -27.16 46.67 -30.32
C ILE H 144 -25.99 47.43 -30.96
N HIS H 145 -25.86 48.70 -30.62
CA HIS H 145 -24.94 49.57 -31.35
C HIS H 145 -24.51 50.72 -30.44
N ALA H 146 -23.43 51.38 -30.85
CA ALA H 146 -22.94 52.57 -30.18
C ALA H 146 -22.26 53.45 -31.21
N GLU H 147 -22.19 54.74 -30.90
CA GLU H 147 -21.60 55.71 -31.80
C GLU H 147 -20.61 56.59 -31.04
N TRP H 148 -19.60 57.04 -31.76
CA TRP H 148 -18.60 57.93 -31.18
C TRP H 148 -18.10 58.87 -32.27
N ASP H 149 -17.82 60.11 -31.87
CA ASP H 149 -17.36 61.13 -32.80
C ASP H 149 -15.86 61.35 -32.65
N THR H 150 -15.21 61.59 -33.78
CA THR H 150 -13.76 61.75 -33.84
C THR H 150 -13.36 63.14 -33.37
N GLY H 151 -12.25 63.19 -32.63
CA GLY H 151 -11.76 64.45 -32.11
C GLY H 151 -10.41 64.34 -31.44
N LEU H 152 -10.24 65.01 -30.29
CA LEU H 152 -8.99 64.90 -29.53
C LEU H 152 -8.77 63.47 -29.06
N ASN H 153 -9.82 62.82 -28.57
CA ASN H 153 -9.74 61.42 -28.15
C ASN H 153 -10.08 60.58 -29.37
N SER H 154 -9.06 60.00 -30.00
CA SER H 154 -9.27 59.06 -31.08
C SER H 154 -9.41 57.62 -30.58
N LYS H 155 -9.42 57.42 -29.27
CA LYS H 155 -9.60 56.11 -28.66
C LYS H 155 -11.08 55.87 -28.41
N PHE H 156 -11.57 54.71 -28.84
CA PHE H 156 -12.92 54.30 -28.52
C PHE H 156 -12.99 52.78 -28.49
N THR H 157 -13.56 52.23 -27.44
CA THR H 157 -13.70 50.79 -27.26
C THR H 157 -15.16 50.40 -27.42
N PHE H 158 -15.38 49.19 -27.91
CA PHE H 158 -16.72 48.64 -28.10
C PHE H 158 -16.67 47.15 -27.82
N SER H 159 -17.60 46.67 -26.99
CA SER H 159 -17.58 45.30 -26.51
C SER H 159 -18.64 44.49 -27.23
N ILE H 160 -18.24 43.35 -27.79
CA ILE H 160 -19.17 42.44 -28.45
C ILE H 160 -19.80 41.55 -27.38
N PRO H 161 -21.11 41.64 -27.15
CA PRO H 161 -21.75 40.75 -26.18
C PRO H 161 -21.75 39.32 -26.68
N TYR H 162 -21.71 38.39 -25.71
CA TYR H 162 -21.73 36.97 -26.03
C TYR H 162 -23.17 36.50 -26.10
N VAL H 163 -23.65 36.21 -27.31
CA VAL H 163 -25.01 35.70 -27.52
C VAL H 163 -24.91 34.40 -28.32
N SER H 164 -25.41 33.32 -27.74
CA SER H 164 -25.51 32.04 -28.41
C SER H 164 -26.47 31.15 -27.62
N ALA H 165 -26.69 29.94 -28.13
CA ALA H 165 -27.63 29.03 -27.50
C ALA H 165 -27.04 28.42 -26.23
N ALA H 166 -25.97 27.66 -26.36
CA ALA H 166 -25.38 26.98 -25.22
C ALA H 166 -24.69 28.00 -24.31
N ASP H 167 -24.42 27.56 -23.08
CA ASP H 167 -23.63 28.40 -22.18
C ASP H 167 -22.26 28.67 -22.77
N TYR H 168 -21.73 27.73 -23.55
CA TYR H 168 -20.36 27.69 -24.01
C TYR H 168 -20.36 27.46 -25.51
N ALA H 169 -19.45 28.13 -26.22
CA ALA H 169 -19.46 28.13 -27.68
C ALA H 169 -18.13 27.60 -28.21
N TYR H 170 -18.20 26.90 -29.34
CA TYR H 170 -17.00 26.34 -29.95
C TYR H 170 -16.09 27.44 -30.48
N THR H 171 -14.80 27.13 -30.58
CA THR H 171 -13.79 28.03 -31.11
C THR H 171 -13.21 27.47 -32.41
N ALA H 172 -13.84 26.43 -32.94
CA ALA H 172 -13.23 25.59 -33.97
C ALA H 172 -14.18 25.41 -35.14
N SER H 173 -14.68 26.52 -35.69
CA SER H 173 -15.83 26.57 -36.60
C SER H 173 -15.94 25.35 -37.50
N ASP H 174 -17.11 24.72 -37.50
CA ASP H 174 -17.31 23.38 -38.04
C ASP H 174 -17.43 23.41 -39.56
N VAL H 175 -17.15 22.26 -40.17
CA VAL H 175 -17.34 22.11 -41.61
C VAL H 175 -18.81 22.32 -41.97
N ALA H 176 -19.71 21.74 -41.18
CA ALA H 176 -21.14 21.96 -41.37
C ALA H 176 -21.53 23.33 -40.84
N GLU H 177 -22.82 23.58 -40.72
CA GLU H 177 -23.33 24.87 -40.24
C GLU H 177 -22.83 26.01 -41.12
N THR H 178 -23.28 26.02 -42.37
CA THR H 178 -22.92 27.08 -43.32
C THR H 178 -23.66 28.35 -42.96
N THR H 179 -23.58 29.37 -43.83
CA THR H 179 -24.18 30.68 -43.58
C THR H 179 -23.55 31.32 -42.35
N ASN H 180 -24.13 32.42 -41.88
CA ASN H 180 -23.60 33.13 -40.71
C ASN H 180 -23.56 32.17 -39.53
N VAL H 181 -22.36 31.81 -39.07
CA VAL H 181 -22.23 30.91 -37.95
C VAL H 181 -22.80 31.52 -36.68
N GLN H 182 -22.18 32.59 -36.16
CA GLN H 182 -22.81 33.31 -35.06
C GLN H 182 -23.10 34.78 -35.42
N GLY H 183 -22.10 35.56 -35.79
CA GLY H 183 -22.36 36.98 -35.90
C GLY H 183 -21.36 37.82 -36.66
N TRP H 184 -21.83 38.95 -37.18
CA TRP H 184 -20.98 39.89 -37.90
C TRP H 184 -21.12 41.27 -37.26
N VAL H 185 -20.02 42.00 -37.20
CA VAL H 185 -19.99 43.38 -36.76
C VAL H 185 -19.76 44.28 -37.97
N CYS H 186 -20.58 45.31 -38.10
CA CYS H 186 -20.55 46.23 -39.23
C CYS H 186 -20.15 47.61 -38.75
N ILE H 187 -19.25 48.26 -39.50
CA ILE H 187 -18.78 49.61 -39.21
C ILE H 187 -19.32 50.54 -40.29
N TYR H 188 -20.04 51.57 -39.86
CA TYR H 188 -20.68 52.51 -40.78
C TYR H 188 -20.09 53.91 -40.59
N GLN H 189 -19.99 54.62 -41.71
CA GLN H 189 -19.50 56.00 -41.72
C GLN H 189 -20.71 56.91 -41.82
N ILE H 190 -21.06 57.56 -40.71
CA ILE H 190 -22.18 58.49 -40.72
C ILE H 190 -21.89 59.67 -41.65
N THR H 191 -20.68 60.22 -41.55
CA THR H 191 -20.29 61.35 -42.37
C THR H 191 -18.78 61.42 -42.44
N HIS H 192 -18.28 62.24 -43.37
CA HIS H 192 -16.84 62.46 -43.51
C HIS H 192 -16.61 63.79 -44.20
N GLY H 193 -15.58 64.50 -43.76
CA GLY H 193 -15.21 65.77 -44.37
C GLY H 193 -13.76 65.81 -44.78
N LYS H 194 -13.51 65.89 -46.10
CA LYS H 194 -12.16 65.94 -46.66
C LYS H 194 -11.32 64.76 -46.18
N ALA H 195 -11.92 63.58 -46.17
CA ALA H 195 -11.27 62.34 -45.77
C ALA H 195 -11.35 61.37 -46.94
N GLN H 196 -10.34 61.41 -47.82
CA GLN H 196 -10.30 60.51 -48.96
C GLN H 196 -9.42 59.29 -48.70
N ASN H 197 -8.28 59.47 -48.05
CA ASN H 197 -7.38 58.37 -47.71
C ASN H 197 -7.13 58.26 -46.21
N ASP H 198 -8.01 58.85 -45.39
CA ASP H 198 -7.86 58.77 -43.95
C ASP H 198 -8.30 57.41 -43.44
N THR H 199 -7.64 56.95 -42.37
CA THR H 199 -7.70 55.55 -41.95
C THR H 199 -8.33 55.42 -40.57
N LEU H 200 -8.57 54.16 -40.19
CA LEU H 200 -9.12 53.81 -38.89
C LEU H 200 -8.72 52.38 -38.59
N VAL H 201 -7.79 52.20 -37.65
CA VAL H 201 -7.21 50.89 -37.34
C VAL H 201 -8.01 50.25 -36.22
N VAL H 202 -8.26 48.94 -36.35
CA VAL H 202 -9.17 48.21 -35.47
C VAL H 202 -8.40 47.11 -34.77
N SER H 203 -8.52 47.06 -33.44
CA SER H 203 -7.81 46.08 -32.62
C SER H 203 -8.79 45.43 -31.66
N VAL H 204 -8.50 44.17 -31.31
CA VAL H 204 -9.40 43.37 -30.48
C VAL H 204 -8.64 42.84 -29.26
N SER H 205 -9.27 42.95 -28.10
CA SER H 205 -8.76 42.38 -26.86
C SER H 205 -9.87 41.56 -26.20
N ALA H 206 -9.45 40.56 -25.43
CA ALA H 206 -10.41 39.71 -24.75
C ALA H 206 -11.19 40.48 -23.70
N GLY H 207 -12.42 40.05 -23.46
CA GLY H 207 -13.26 40.71 -22.48
C GLY H 207 -12.84 40.42 -21.07
N LYS H 208 -13.40 41.20 -20.15
CA LYS H 208 -13.10 41.03 -18.73
C LYS H 208 -13.59 39.69 -18.20
N ASP H 209 -14.51 39.03 -18.90
CA ASP H 209 -15.07 37.76 -18.46
C ASP H 209 -14.86 36.65 -19.50
N PHE H 210 -14.00 36.88 -20.48
CA PHE H 210 -13.69 35.85 -21.47
C PHE H 210 -13.10 34.63 -20.77
N GLU H 211 -13.40 33.45 -21.31
CA GLU H 211 -12.90 32.22 -20.69
C GLU H 211 -12.77 31.14 -21.75
N LEU H 212 -11.66 30.42 -21.74
CA LEU H 212 -11.42 29.29 -22.62
C LEU H 212 -11.32 28.03 -21.78
N ARG H 213 -11.86 26.92 -22.29
CA ARG H 213 -12.22 25.80 -21.43
C ARG H 213 -11.39 24.54 -21.61
N LEU H 214 -11.34 23.96 -22.80
CA LEU H 214 -10.83 22.60 -22.90
C LEU H 214 -9.58 22.58 -23.75
N PRO H 215 -8.39 22.49 -23.15
CA PRO H 215 -7.16 22.45 -23.94
C PRO H 215 -7.13 21.25 -24.87
N ILE H 216 -6.68 21.47 -26.10
CA ILE H 216 -6.55 20.45 -27.13
C ILE H 216 -5.26 20.71 -27.90
N ASP H 217 -4.90 19.75 -28.75
CA ASP H 217 -3.69 19.82 -29.56
C ASP H 217 -4.21 19.59 -30.97
N PRO H 218 -4.73 20.62 -31.63
CA PRO H 218 -5.43 20.43 -32.91
C PRO H 218 -4.55 20.48 -34.14
N ARG H 219 -3.40 21.15 -34.05
CA ARG H 219 -2.57 21.37 -35.21
C ARG H 219 -1.90 20.07 -35.66
N THR H 220 -1.69 19.95 -36.96
CA THR H 220 -1.07 18.76 -37.52
C THR H 220 0.40 18.70 -37.15
N GLN H 221 0.86 17.52 -36.74
CA GLN H 221 2.25 17.32 -36.36
C GLN H 221 2.83 16.05 -36.99
N GLY I 1 -13.31 -5.51 2.08
CA GLY I 1 -12.23 -6.01 1.24
C GLY I 1 -10.86 -5.56 1.68
N ILE I 2 -9.90 -5.61 0.76
CA ILE I 2 -8.53 -5.20 1.06
C ILE I 2 -8.20 -3.95 0.25
N VAL I 3 -6.99 -3.43 0.44
CA VAL I 3 -6.57 -2.19 -0.22
C VAL I 3 -6.32 -2.46 -1.69
N PRO I 4 -6.97 -1.75 -2.60
CA PRO I 4 -6.64 -1.89 -4.03
C PRO I 4 -5.53 -0.94 -4.44
N VAL I 5 -4.52 -1.45 -5.15
CA VAL I 5 -3.36 -0.66 -5.51
C VAL I 5 -3.18 -0.69 -7.02
N ALA I 6 -2.58 0.37 -7.55
CA ALA I 6 -2.30 0.52 -8.97
C ALA I 6 -0.81 0.41 -9.19
N CYS I 7 -0.37 -0.70 -9.77
CA CYS I 7 1.06 -0.92 -10.00
C CYS I 7 1.50 -0.01 -11.14
N SER I 8 1.98 1.18 -10.79
CA SER I 8 2.27 2.21 -11.78
C SER I 8 3.39 1.77 -12.71
N ASP I 9 3.30 2.21 -13.96
CA ASP I 9 4.28 1.90 -14.99
C ASP I 9 5.32 3.00 -15.04
N GLY I 10 6.59 2.60 -15.10
CA GLY I 10 7.69 3.54 -15.09
C GLY I 10 8.34 3.72 -13.73
N TYR I 11 7.70 3.30 -12.66
CA TYR I 11 8.25 3.35 -11.32
C TYR I 11 8.77 1.98 -10.91
N GLY I 12 9.56 1.95 -9.84
CA GLY I 12 10.03 0.72 -9.25
C GLY I 12 11.40 0.26 -9.72
N GLY I 13 11.96 0.90 -10.74
CA GLY I 13 13.29 0.55 -11.16
C GLY I 13 14.35 1.00 -10.17
N LEU I 14 15.50 0.33 -10.22
CA LEU I 14 16.64 0.71 -9.38
C LEU I 14 17.36 1.88 -10.02
N VAL I 15 17.50 2.96 -9.26
CA VAL I 15 18.32 4.10 -9.66
C VAL I 15 19.45 4.23 -8.65
N THR I 16 20.68 4.27 -9.14
CA THR I 16 21.86 4.14 -8.28
C THR I 16 21.96 5.27 -7.25
N THR I 17 21.02 6.21 -7.26
CA THR I 17 20.97 7.26 -6.26
C THR I 17 19.55 7.54 -5.78
N ASP I 18 18.69 6.52 -5.78
CA ASP I 18 17.36 6.70 -5.23
C ASP I 18 17.44 6.89 -3.71
N PRO I 19 16.53 7.67 -3.12
CA PRO I 19 16.59 7.93 -1.69
C PRO I 19 15.89 6.91 -0.80
N LYS I 20 15.58 5.71 -1.29
CA LYS I 20 14.90 4.72 -0.48
C LYS I 20 15.87 3.68 0.06
N THR I 21 15.60 3.23 1.29
CA THR I 21 16.45 2.31 2.02
C THR I 21 16.06 0.86 1.71
N ALA I 22 17.00 -0.05 1.97
CA ALA I 22 16.80 -1.48 1.74
C ALA I 22 16.31 -2.17 3.01
N ASP I 23 15.88 -3.41 2.84
CA ASP I 23 15.33 -4.18 3.95
C ASP I 23 16.44 -4.81 4.77
N PRO I 24 16.50 -4.58 6.08
CA PRO I 24 17.63 -5.06 6.87
C PRO I 24 17.73 -6.58 6.90
N VAL I 25 18.96 -7.07 6.93
CA VAL I 25 19.25 -8.50 6.91
C VAL I 25 19.79 -9.01 8.23
N TYR I 26 20.34 -8.14 9.08
CA TYR I 26 21.00 -8.56 10.30
C TYR I 26 20.73 -7.47 11.33
N GLY I 27 19.65 -7.62 12.08
CA GLY I 27 19.14 -6.52 12.88
C GLY I 27 19.80 -6.41 14.23
N LYS I 28 19.66 -5.22 14.82
CA LYS I 28 20.01 -4.97 16.21
C LYS I 28 21.49 -5.27 16.46
N VAL I 29 22.33 -4.62 15.68
CA VAL I 29 23.78 -4.71 15.82
C VAL I 29 24.27 -3.36 16.33
N TYR I 30 24.94 -3.37 17.47
CA TYR I 30 25.46 -2.15 18.10
C TYR I 30 26.95 -2.08 17.83
N ASN I 31 27.38 -1.02 17.14
CA ASN I 31 28.77 -0.89 16.77
C ASN I 31 29.56 -0.29 17.94
N PRO I 32 30.88 -0.52 17.99
CA PRO I 32 31.70 0.12 19.01
C PRO I 32 31.58 1.64 18.91
N PRO I 33 31.55 2.33 20.05
CA PRO I 33 31.39 3.79 20.01
C PRO I 33 32.60 4.46 19.37
N ARG I 34 32.36 5.56 18.67
CA ARG I 34 33.43 6.34 18.07
C ARG I 34 33.28 7.81 18.47
N THR I 35 32.82 8.04 19.70
CA THR I 35 32.62 9.38 20.21
C THR I 35 33.93 10.14 20.28
N ASN I 36 33.86 11.44 19.94
CA ASN I 36 35.01 12.34 19.91
C ASN I 36 36.26 11.68 19.33
N TYR I 37 36.09 11.10 18.15
CA TYR I 37 37.22 10.61 17.38
C TYR I 37 37.90 11.81 16.74
N PRO I 38 39.22 11.97 16.88
CA PRO I 38 39.88 13.18 16.38
C PRO I 38 39.75 13.33 14.88
N GLY I 39 39.60 14.59 14.45
CA GLY I 39 39.68 14.95 13.05
C GLY I 39 38.57 14.41 12.16
N ARG I 40 37.34 14.85 12.41
CA ARG I 40 36.19 14.47 11.58
C ARG I 40 35.67 15.69 10.85
N PHE I 41 35.47 15.56 9.55
CA PHE I 41 34.96 16.63 8.70
C PHE I 41 33.68 16.17 8.01
N THR I 42 32.66 17.02 8.05
CA THR I 42 31.36 16.70 7.47
C THR I 42 31.13 17.34 6.12
N ASN I 43 31.96 18.30 5.72
CA ASN I 43 31.81 19.03 4.47
C ASN I 43 33.17 19.17 3.81
N LEU I 44 33.24 18.82 2.52
CA LEU I 44 34.51 18.91 1.81
C LEU I 44 34.96 20.36 1.67
N LEU I 45 34.02 21.29 1.54
CA LEU I 45 34.41 22.69 1.48
C LEU I 45 34.88 23.24 2.81
N ASP I 46 34.49 22.63 3.94
CA ASP I 46 35.07 23.05 5.21
C ASP I 46 36.57 22.78 5.24
N VAL I 47 37.01 21.63 4.74
CA VAL I 47 38.44 21.37 4.69
C VAL I 47 39.09 22.11 3.53
N ALA I 48 38.33 22.46 2.50
CA ALA I 48 38.85 23.33 1.45
C ALA I 48 39.18 24.71 2.00
N GLU I 49 38.30 25.24 2.85
CA GLU I 49 38.57 26.52 3.51
C GLU I 49 39.69 26.38 4.52
N ALA I 50 39.71 25.28 5.28
CA ALA I 50 40.65 25.15 6.39
C ALA I 50 42.11 25.15 5.94
N CYS I 51 42.45 24.41 4.89
CA CYS I 51 43.84 24.17 4.52
C CYS I 51 44.11 24.58 3.08
N PRO I 52 44.77 25.72 2.87
CA PRO I 52 45.24 26.07 1.53
C PRO I 52 46.38 25.16 1.10
N THR I 53 46.48 24.95 -0.21
CA THR I 53 47.54 24.13 -0.78
C THR I 53 48.27 24.94 -1.85
N PHE I 54 49.44 24.45 -2.22
CA PHE I 54 50.32 25.20 -3.10
C PHE I 54 49.89 25.08 -4.56
N LEU I 55 50.31 26.06 -5.35
CA LEU I 55 50.13 26.06 -6.79
C LEU I 55 51.32 25.39 -7.45
N CYS I 56 51.19 25.09 -8.74
CA CYS I 56 52.25 24.44 -9.50
C CYS I 56 52.68 25.39 -10.62
N PHE I 57 53.81 26.05 -10.44
CA PHE I 57 54.32 27.01 -11.40
C PHE I 57 55.12 26.29 -12.48
N ASP I 58 55.81 27.07 -13.32
CA ASP I 58 56.63 26.48 -14.36
C ASP I 58 57.76 25.67 -13.75
N ASP I 59 58.13 24.59 -14.44
CA ASP I 59 59.18 23.65 -14.05
C ASP I 59 58.60 22.77 -12.92
N GLY I 60 57.44 23.14 -12.39
CA GLY I 60 56.80 22.34 -11.37
C GLY I 60 57.29 22.67 -9.97
N LYS I 61 57.16 23.93 -9.58
CA LYS I 61 57.65 24.40 -8.30
C LYS I 61 56.61 25.31 -7.67
N PRO I 62 56.43 25.23 -6.35
CA PRO I 62 55.36 26.00 -5.69
C PRO I 62 55.68 27.45 -5.39
N TYR I 63 56.71 28.03 -6.00
CA TYR I 63 57.10 29.40 -5.71
C TYR I 63 57.63 30.06 -6.98
N VAL I 64 57.64 31.39 -6.95
CA VAL I 64 58.14 32.20 -8.07
C VAL I 64 59.39 32.94 -7.60
N VAL I 65 60.47 32.80 -8.36
CA VAL I 65 61.74 33.42 -8.03
C VAL I 65 61.83 34.78 -8.71
N THR I 66 62.61 35.67 -8.11
CA THR I 66 62.82 36.99 -8.69
C THR I 66 63.69 36.89 -9.94
N ARG I 67 63.25 37.53 -11.01
CA ARG I 67 63.94 37.50 -12.29
C ARG I 67 64.76 38.78 -12.46
N GLU I 68 66.05 38.62 -12.75
CA GLU I 68 66.93 39.75 -13.02
C GLU I 68 66.86 40.16 -14.48
N ASP I 69 65.69 40.70 -14.86
CA ASP I 69 65.41 41.07 -16.23
C ASP I 69 64.50 42.28 -16.23
N GLU I 70 64.40 42.92 -17.40
CA GLU I 70 63.51 44.06 -17.56
C GLU I 70 62.04 43.68 -17.44
N GLN I 71 61.71 42.40 -17.57
CA GLN I 71 60.34 41.95 -17.44
C GLN I 71 59.90 42.04 -15.98
N ARG I 72 58.92 42.91 -15.71
CA ARG I 72 58.39 43.08 -14.36
C ARG I 72 57.23 42.16 -14.06
N LEU I 73 56.86 41.30 -15.00
CA LEU I 73 55.80 40.31 -14.80
C LEU I 73 56.45 39.00 -14.36
N LEU I 74 56.43 38.74 -13.06
CA LEU I 74 57.08 37.55 -12.53
C LEU I 74 56.35 36.29 -13.00
N ALA I 75 55.03 36.26 -12.82
CA ALA I 75 54.23 35.10 -13.18
C ALA I 75 52.82 35.57 -13.48
N LYS I 76 52.07 34.71 -14.16
CA LYS I 76 50.73 35.04 -14.61
C LYS I 76 50.00 33.73 -14.83
N PHE I 77 48.81 33.60 -14.23
CA PHE I 77 48.11 32.33 -14.30
C PHE I 77 46.62 32.58 -14.38
N ASP I 78 45.94 31.68 -15.10
CA ASP I 78 44.49 31.74 -15.20
C ASP I 78 43.83 31.42 -13.87
N VAL I 79 42.75 32.13 -13.57
CA VAL I 79 41.95 31.86 -12.37
C VAL I 79 40.87 30.87 -12.79
N SER I 80 41.20 29.59 -12.70
CA SER I 80 40.25 28.53 -13.01
C SER I 80 40.60 27.32 -12.18
N LEU I 81 39.62 26.44 -11.96
CA LEU I 81 39.83 25.28 -11.11
C LEU I 81 40.35 24.08 -11.88
N ALA I 82 40.51 24.22 -13.20
CA ALA I 82 41.05 23.17 -14.04
C ALA I 82 42.28 23.61 -14.81
N ALA I 83 43.09 24.50 -14.24
CA ALA I 83 44.22 25.07 -14.95
C ALA I 83 45.51 24.32 -14.65
N LYS I 84 46.58 24.73 -15.34
CA LYS I 84 47.92 24.26 -15.00
C LYS I 84 48.33 24.66 -13.59
N HIS I 85 48.19 25.95 -13.25
CA HIS I 85 48.68 26.41 -11.96
C HIS I 85 47.82 25.91 -10.81
N MET I 86 46.68 25.30 -11.10
CA MET I 86 45.83 24.71 -10.08
C MET I 86 45.73 23.20 -10.23
N SER I 87 46.59 22.57 -11.04
CA SER I 87 46.47 21.15 -11.31
C SER I 87 46.70 20.31 -10.07
N ASN I 88 47.65 20.70 -9.21
CA ASN I 88 48.01 19.93 -8.02
C ASN I 88 47.43 20.54 -6.76
N THR I 89 46.23 21.10 -6.86
CA THR I 89 45.57 21.76 -5.74
C THR I 89 44.44 20.87 -5.22
N TYR I 90 44.23 20.89 -3.90
CA TYR I 90 43.11 20.15 -3.33
C TYR I 90 41.77 20.71 -3.78
N LEU I 91 41.70 22.03 -3.99
CA LEU I 91 40.45 22.63 -4.46
C LEU I 91 40.07 22.09 -5.83
N SER I 92 41.04 21.96 -6.73
CA SER I 92 40.78 21.31 -8.01
C SER I 92 40.39 19.85 -7.83
N GLY I 93 41.01 19.16 -6.86
CA GLY I 93 40.66 17.78 -6.60
C GLY I 93 39.20 17.62 -6.19
N ILE I 94 38.70 18.52 -5.36
CA ILE I 94 37.27 18.50 -5.04
C ILE I 94 36.45 18.84 -6.28
N ALA I 95 36.78 19.96 -6.93
CA ALA I 95 35.93 20.52 -7.95
C ALA I 95 35.86 19.68 -9.21
N GLN I 96 36.79 18.75 -9.41
CA GLN I 96 36.70 17.89 -10.59
C GLN I 96 35.46 17.00 -10.57
N TYR I 97 34.85 16.80 -9.41
CA TYR I 97 33.66 15.97 -9.29
C TYR I 97 32.37 16.77 -9.25
N TYR I 98 32.42 18.06 -9.56
CA TYR I 98 31.23 18.88 -9.57
C TYR I 98 31.17 19.66 -10.88
N ALA I 99 29.96 19.85 -11.39
CA ALA I 99 29.77 20.48 -12.68
C ALA I 99 29.79 22.00 -12.60
N GLN I 100 29.37 22.59 -11.49
CA GLN I 100 29.21 24.02 -11.40
C GLN I 100 29.66 24.53 -10.04
N TYR I 101 30.03 25.81 -10.00
CA TYR I 101 30.55 26.44 -8.79
C TYR I 101 30.22 27.92 -8.82
N SER I 102 30.45 28.57 -7.68
CA SER I 102 30.31 30.02 -7.58
C SER I 102 30.90 30.46 -6.24
N GLY I 103 31.55 31.61 -6.25
CA GLY I 103 32.00 32.24 -5.02
C GLY I 103 33.43 32.70 -5.10
N THR I 104 33.87 33.34 -4.02
CA THR I 104 35.22 33.86 -3.91
C THR I 104 36.24 32.74 -3.80
N ILE I 105 37.42 32.99 -4.34
CA ILE I 105 38.59 32.12 -4.16
C ILE I 105 39.70 32.98 -3.58
N ASN I 106 40.31 32.49 -2.50
CA ASN I 106 41.35 33.24 -1.81
C ASN I 106 42.74 32.75 -2.20
N LEU I 107 43.66 33.70 -2.33
CA LEU I 107 45.06 33.42 -2.57
C LEU I 107 45.88 33.91 -1.39
N HIS I 108 46.78 33.06 -0.90
CA HIS I 108 47.63 33.38 0.23
C HIS I 108 49.08 33.41 -0.23
N PHE I 109 49.78 34.48 0.13
CA PHE I 109 51.17 34.68 -0.28
C PHE I 109 52.08 34.59 0.94
N MET I 110 53.19 33.88 0.79
CA MET I 110 54.21 33.75 1.81
C MET I 110 55.56 34.09 1.23
N PHE I 111 56.30 34.96 1.91
CA PHE I 111 57.65 35.32 1.50
C PHE I 111 58.65 34.47 2.26
N THR I 112 59.59 33.87 1.53
CA THR I 112 60.59 32.98 2.10
C THR I 112 62.00 33.47 1.83
N GLY I 113 62.15 34.76 1.54
CA GLY I 113 63.44 35.33 1.24
C GLY I 113 64.23 35.70 2.48
N SER I 114 65.45 36.19 2.25
CA SER I 114 66.29 36.63 3.34
C SER I 114 65.81 37.98 3.87
N THR I 115 66.04 38.20 5.18
CA THR I 115 65.60 39.44 5.81
C THR I 115 66.33 40.66 5.24
N ASP I 116 67.62 40.51 4.95
CA ASP I 116 68.42 41.63 4.46
C ASP I 116 68.04 42.03 3.03
N SER I 117 67.14 41.29 2.39
CA SER I 117 66.65 41.64 1.06
C SER I 117 65.18 42.03 1.19
N LYS I 118 64.84 43.22 0.71
CA LYS I 118 63.49 43.74 0.77
C LYS I 118 62.91 43.88 -0.63
N ALA I 119 61.61 43.65 -0.74
CA ALA I 119 60.93 43.76 -2.02
C ALA I 119 59.50 44.21 -1.77
N ARG I 120 58.90 44.80 -2.81
CA ARG I 120 57.50 45.21 -2.80
C ARG I 120 56.78 44.52 -3.95
N TYR I 121 55.55 44.08 -3.68
CA TYR I 121 54.78 43.31 -4.65
C TYR I 121 53.38 43.88 -4.80
N MET I 122 52.81 43.65 -5.98
CA MET I 122 51.44 44.05 -6.29
C MET I 122 50.76 42.92 -7.06
N VAL I 123 49.53 42.60 -6.64
CA VAL I 123 48.71 41.56 -7.27
C VAL I 123 47.51 42.26 -7.89
N ALA I 124 47.18 41.91 -9.13
CA ALA I 124 45.98 42.47 -9.78
C ALA I 124 45.14 41.35 -10.38
N TYR I 125 43.83 41.56 -10.38
CA TYR I 125 42.90 40.65 -11.03
C TYR I 125 42.27 41.34 -12.23
N VAL I 126 42.16 40.63 -13.34
CA VAL I 126 41.54 41.14 -14.56
C VAL I 126 40.39 40.22 -14.94
N PRO I 127 39.14 40.73 -14.90
CA PRO I 127 38.02 39.92 -15.34
C PRO I 127 38.06 39.71 -16.84
N PRO I 128 37.15 38.87 -17.40
CA PRO I 128 37.22 38.58 -18.84
C PRO I 128 36.86 39.77 -19.70
N GLY I 129 37.71 40.79 -19.69
CA GLY I 129 37.47 41.99 -20.46
C GLY I 129 38.42 42.16 -21.63
N VAL I 130 39.46 42.96 -21.43
CA VAL I 130 40.44 43.27 -22.46
C VAL I 130 40.98 41.99 -23.08
N GLU I 131 41.22 42.02 -24.40
CA GLU I 131 41.77 40.88 -25.12
C GLU I 131 43.21 40.56 -24.72
N THR I 132 43.94 41.55 -24.21
CA THR I 132 45.31 41.34 -23.75
C THR I 132 45.44 41.85 -22.31
N PRO I 133 45.81 40.98 -21.37
CA PRO I 133 45.98 41.42 -19.99
C PRO I 133 47.08 42.46 -19.87
N PRO I 134 46.96 43.37 -18.89
CA PRO I 134 47.93 44.46 -18.77
C PRO I 134 49.29 44.01 -18.26
N ASP I 135 50.14 43.52 -19.17
CA ASP I 135 51.49 43.10 -18.82
C ASP I 135 52.31 44.26 -18.28
N THR I 136 51.98 45.49 -18.68
CA THR I 136 52.63 46.67 -18.17
C THR I 136 52.33 46.82 -16.67
N PRO I 137 53.33 47.08 -15.83
CA PRO I 137 53.08 47.17 -14.38
C PRO I 137 52.23 48.36 -13.98
N GLU I 138 52.04 49.31 -14.89
CA GLU I 138 51.20 50.47 -14.63
C GLU I 138 49.83 50.33 -15.28
N ARG I 139 49.73 49.59 -16.38
CA ARG I 139 48.46 49.37 -17.06
C ARG I 139 47.51 48.55 -16.20
N ALA I 140 48.07 47.80 -15.25
CA ALA I 140 47.28 46.94 -14.37
C ALA I 140 46.82 47.64 -13.09
N ALA I 141 47.14 48.93 -12.92
CA ALA I 141 46.66 49.66 -11.76
C ALA I 141 45.20 50.05 -11.87
N HIS I 142 44.57 49.85 -13.04
CA HIS I 142 43.21 50.28 -13.28
C HIS I 142 42.16 49.22 -12.96
N CYS I 143 42.57 47.99 -12.64
CA CYS I 143 41.64 46.93 -12.28
C CYS I 143 41.66 46.72 -10.76
N ILE I 144 40.97 45.67 -10.32
CA ILE I 144 40.93 45.34 -8.90
C ILE I 144 42.28 44.76 -8.50
N HIS I 145 42.89 45.33 -7.46
CA HIS I 145 44.24 44.95 -7.08
C HIS I 145 44.47 45.33 -5.63
N ALA I 146 45.55 44.80 -5.07
CA ALA I 146 45.99 45.17 -3.73
C ALA I 146 47.51 45.06 -3.68
N GLU I 147 48.11 45.79 -2.75
CA GLU I 147 49.56 45.80 -2.60
C GLU I 147 49.93 45.52 -1.16
N TRP I 148 51.14 44.99 -0.97
CA TRP I 148 51.68 44.74 0.35
C TRP I 148 53.20 44.81 0.27
N ASP I 149 53.80 45.32 1.34
CA ASP I 149 55.24 45.36 1.45
C ASP I 149 55.72 44.23 2.35
N THR I 150 57.02 43.97 2.29
CA THR I 150 57.63 42.89 3.05
C THR I 150 58.22 43.42 4.35
N GLY I 151 58.00 42.66 5.42
CA GLY I 151 58.56 42.99 6.71
C GLY I 151 58.60 41.77 7.61
N LEU I 152 58.25 41.94 8.89
CA LEU I 152 58.16 40.79 9.78
C LEU I 152 57.05 39.84 9.33
N ASN I 153 55.92 40.40 8.88
CA ASN I 153 54.78 39.61 8.45
C ASN I 153 54.90 39.32 6.96
N SER I 154 55.37 38.12 6.63
CA SER I 154 55.53 37.69 5.25
C SER I 154 54.29 37.02 4.68
N LYS I 155 53.20 36.98 5.45
CA LYS I 155 51.96 36.35 5.03
C LYS I 155 50.95 37.42 4.63
N PHE I 156 50.31 37.22 3.49
CA PHE I 156 49.33 38.17 2.97
C PHE I 156 48.36 37.42 2.07
N THR I 157 47.08 37.67 2.26
CA THR I 157 46.02 36.97 1.53
C THR I 157 45.36 37.91 0.55
N PHE I 158 44.96 37.39 -0.60
CA PHE I 158 44.27 38.15 -1.63
C PHE I 158 43.06 37.36 -2.09
N SER I 159 41.92 38.04 -2.18
CA SER I 159 40.64 37.41 -2.51
C SER I 159 40.32 37.66 -3.98
N ILE I 160 40.12 36.59 -4.73
CA ILE I 160 39.73 36.69 -6.14
C ILE I 160 38.21 36.80 -6.20
N PRO I 161 37.66 37.94 -6.62
CA PRO I 161 36.21 38.06 -6.69
C PRO I 161 35.62 37.14 -7.76
N TYR I 162 34.40 36.70 -7.52
CA TYR I 162 33.67 35.90 -8.49
C TYR I 162 32.90 36.84 -9.41
N VAL I 163 33.42 37.05 -10.61
CA VAL I 163 32.75 37.85 -11.63
C VAL I 163 32.50 36.95 -12.83
N SER I 164 31.25 36.95 -13.30
CA SER I 164 30.84 36.14 -14.44
C SER I 164 29.42 36.57 -14.81
N ALA I 165 28.96 36.07 -15.96
CA ALA I 165 27.61 36.40 -16.41
C ALA I 165 26.57 35.60 -15.64
N ALA I 166 26.67 34.27 -15.68
CA ALA I 166 25.70 33.41 -15.02
C ALA I 166 25.84 33.50 -13.50
N ASP I 167 24.81 33.03 -12.81
CA ASP I 167 24.90 32.91 -11.36
C ASP I 167 25.95 31.89 -10.94
N TYR I 168 26.01 30.76 -11.63
CA TYR I 168 26.97 29.71 -11.35
C TYR I 168 27.84 29.50 -12.59
N ALA I 169 29.07 29.05 -12.36
CA ALA I 169 30.04 28.89 -13.44
C ALA I 169 30.52 27.46 -13.49
N TYR I 170 30.96 27.03 -14.68
CA TYR I 170 31.44 25.67 -14.87
C TYR I 170 32.81 25.50 -14.22
N THR I 171 33.06 24.30 -13.69
CA THR I 171 34.35 23.91 -13.13
C THR I 171 35.14 23.11 -14.16
N ALA I 172 34.67 23.13 -15.40
CA ALA I 172 35.07 22.16 -16.41
C ALA I 172 35.39 22.81 -17.74
N SER I 173 36.29 23.81 -17.75
CA SER I 173 36.61 24.63 -18.91
C SER I 173 36.53 23.85 -20.22
N ASP I 174 35.77 24.39 -21.18
CA ASP I 174 35.31 23.66 -22.34
C ASP I 174 36.41 23.52 -23.38
N VAL I 175 36.28 22.47 -24.21
CA VAL I 175 37.19 22.30 -25.34
C VAL I 175 37.02 23.45 -26.34
N ALA I 176 35.82 24.02 -26.40
CA ALA I 176 35.56 25.24 -27.14
C ALA I 176 35.93 26.43 -26.28
N GLU I 177 35.51 27.63 -26.68
CA GLU I 177 35.74 28.84 -25.89
C GLU I 177 37.23 29.07 -25.67
N THR I 178 37.95 29.38 -26.75
CA THR I 178 39.38 29.64 -26.69
C THR I 178 39.60 31.00 -26.02
N THR I 179 40.84 31.49 -26.00
CA THR I 179 41.20 32.74 -25.33
C THR I 179 40.93 32.66 -23.84
N ASN I 180 41.10 33.78 -23.14
CA ASN I 180 40.93 33.83 -21.69
C ASN I 180 39.53 33.35 -21.35
N VAL I 181 39.44 32.24 -20.60
CA VAL I 181 38.13 31.73 -20.22
C VAL I 181 37.36 32.74 -19.40
N GLN I 182 37.80 32.99 -18.16
CA GLN I 182 37.30 34.15 -17.43
C GLN I 182 38.42 35.06 -16.92
N GLY I 183 39.37 34.54 -16.15
CA GLY I 183 40.27 35.45 -15.48
C GLY I 183 41.69 34.98 -15.28
N TRP I 184 42.63 35.92 -15.26
CA TRP I 184 44.00 35.63 -14.92
C TRP I 184 44.44 36.60 -13.83
N VAL I 185 45.41 36.17 -13.03
CA VAL I 185 45.99 37.00 -11.97
C VAL I 185 47.44 37.24 -12.31
N CYS I 186 47.88 38.49 -12.18
CA CYS I 186 49.26 38.87 -12.42
C CYS I 186 49.92 39.36 -11.12
N ILE I 187 51.12 38.86 -10.86
CA ILE I 187 51.98 39.27 -9.74
C ILE I 187 53.05 40.20 -10.27
N TYR I 188 53.18 41.36 -9.63
CA TYR I 188 54.12 42.39 -10.02
C TYR I 188 55.09 42.68 -8.88
N GLN I 189 56.31 43.00 -9.24
CA GLN I 189 57.38 43.33 -8.28
C GLN I 189 57.68 44.81 -8.45
N ILE I 190 57.19 45.62 -7.49
CA ILE I 190 57.41 47.06 -7.55
C ILE I 190 58.90 47.37 -7.46
N THR I 191 59.60 46.71 -6.53
CA THR I 191 61.02 46.91 -6.35
C THR I 191 61.60 45.69 -5.65
N HIS I 192 62.92 45.57 -5.71
CA HIS I 192 63.62 44.50 -5.01
C HIS I 192 65.03 44.96 -4.70
N GLY I 193 65.53 44.56 -3.53
CA GLY I 193 66.88 44.91 -3.13
C GLY I 193 67.73 43.70 -2.80
N LYS I 194 68.77 43.47 -3.60
CA LYS I 194 69.69 42.34 -3.40
C LYS I 194 68.95 41.01 -3.36
N ALA I 195 67.96 40.87 -4.26
CA ALA I 195 67.13 39.68 -4.34
C ALA I 195 67.33 39.05 -5.72
N GLN I 196 68.31 38.15 -5.82
CA GLN I 196 68.57 37.46 -7.08
C GLN I 196 67.95 36.08 -7.12
N ASN I 197 67.93 35.37 -6.00
CA ASN I 197 67.35 34.03 -5.92
C ASN I 197 66.32 33.93 -4.80
N ASP I 198 65.76 35.04 -4.36
CA ASP I 198 64.76 35.03 -3.31
C ASP I 198 63.40 34.63 -3.87
N THR I 199 62.66 33.83 -3.12
CA THR I 199 61.47 33.15 -3.60
C THR I 199 60.21 33.66 -2.92
N LEU I 200 59.06 33.30 -3.50
CA LEU I 200 57.76 33.68 -2.97
C LEU I 200 56.77 32.56 -3.29
N VAL I 201 56.24 31.93 -2.25
CA VAL I 201 55.38 30.75 -2.40
C VAL I 201 53.92 31.17 -2.33
N VAL I 202 53.13 30.67 -3.28
CA VAL I 202 51.74 31.07 -3.47
C VAL I 202 50.84 29.88 -3.22
N SER I 203 49.82 30.07 -2.39
CA SER I 203 48.87 29.02 -2.05
C SER I 203 47.44 29.55 -2.17
N VAL I 204 46.51 28.65 -2.44
CA VAL I 204 45.12 29.02 -2.72
C VAL I 204 44.18 28.18 -1.86
N SER I 205 43.18 28.82 -1.29
CA SER I 205 42.13 28.16 -0.53
C SER I 205 40.77 28.62 -1.04
N ALA I 206 39.77 27.79 -0.79
CA ALA I 206 38.40 28.15 -1.12
C ALA I 206 37.96 29.35 -0.29
N GLY I 207 37.10 30.18 -0.88
CA GLY I 207 36.62 31.35 -0.18
C GLY I 207 35.59 31.00 0.87
N LYS I 208 35.21 32.02 1.63
CA LYS I 208 34.20 31.87 2.66
C LYS I 208 32.84 31.50 2.08
N ASP I 209 32.51 31.99 0.89
CA ASP I 209 31.20 31.76 0.27
C ASP I 209 31.29 30.89 -0.97
N PHE I 210 32.39 30.17 -1.14
CA PHE I 210 32.55 29.25 -2.26
C PHE I 210 31.52 28.13 -2.16
N GLU I 211 31.13 27.57 -3.31
CA GLU I 211 30.11 26.52 -3.32
C GLU I 211 30.22 25.69 -4.59
N LEU I 212 30.10 24.38 -4.45
CA LEU I 212 30.04 23.45 -5.58
C LEU I 212 28.67 22.80 -5.61
N ARG I 213 28.16 22.50 -6.80
CA ARG I 213 26.73 22.24 -6.97
C ARG I 213 26.40 20.83 -7.43
N LEU I 214 26.91 20.37 -8.58
CA LEU I 214 26.33 19.17 -9.19
C LEU I 214 27.32 18.02 -9.21
N PRO I 215 27.21 17.05 -8.30
CA PRO I 215 28.12 15.90 -8.32
C PRO I 215 28.00 15.09 -9.60
N ILE I 216 29.17 14.74 -10.16
CA ILE I 216 29.28 13.95 -11.38
C ILE I 216 30.43 12.96 -11.21
N ASP I 217 30.62 12.11 -12.23
CA ASP I 217 31.66 11.09 -12.23
C ASP I 217 32.37 11.18 -13.57
N PRO I 218 33.23 12.19 -13.75
CA PRO I 218 33.73 12.51 -15.09
C PRO I 218 34.95 11.71 -15.53
N ARG I 219 35.65 11.11 -14.57
CA ARG I 219 36.93 10.48 -14.88
C ARG I 219 36.73 9.14 -15.56
N THR I 220 37.66 8.81 -16.45
CA THR I 220 37.56 7.58 -17.23
C THR I 220 37.87 6.38 -16.34
N GLN I 221 36.99 5.39 -16.36
CA GLN I 221 37.14 4.20 -15.53
C GLN I 221 37.04 2.94 -16.37
N GLY J 1 -9.70 7.92 -7.60
CA GLY J 1 -9.03 6.69 -8.00
C GLY J 1 -8.60 5.84 -6.82
N ILE J 2 -7.54 5.06 -7.03
CA ILE J 2 -6.97 4.24 -5.96
C ILE J 2 -5.54 4.69 -5.71
N VAL J 3 -4.88 4.09 -4.73
CA VAL J 3 -3.50 4.44 -4.42
C VAL J 3 -2.58 3.83 -5.46
N PRO J 4 -1.72 4.62 -6.10
CA PRO J 4 -0.69 4.06 -6.97
C PRO J 4 0.52 3.62 -6.17
N VAL J 5 1.06 2.45 -6.48
CA VAL J 5 2.23 1.92 -5.77
C VAL J 5 3.31 1.61 -6.80
N ALA J 6 4.54 1.59 -6.32
CA ALA J 6 5.71 1.30 -7.14
C ALA J 6 6.30 -0.03 -6.70
N CYS J 7 6.21 -1.04 -7.57
CA CYS J 7 6.78 -2.35 -7.26
C CYS J 7 8.29 -2.25 -7.37
N SER J 8 8.96 -2.01 -6.25
CA SER J 8 10.40 -1.79 -6.25
C SER J 8 11.15 -3.06 -6.64
N ASP J 9 12.29 -2.86 -7.31
CA ASP J 9 13.09 -3.94 -7.83
C ASP J 9 14.13 -4.38 -6.81
N GLY J 10 14.24 -5.69 -6.60
CA GLY J 10 15.18 -6.24 -5.65
C GLY J 10 14.62 -6.52 -4.28
N TYR J 11 13.49 -5.91 -3.91
CA TYR J 11 12.83 -6.16 -2.65
C TYR J 11 11.86 -7.33 -2.77
N GLY J 12 11.44 -7.85 -1.62
CA GLY J 12 10.42 -8.87 -1.55
C GLY J 12 10.93 -10.29 -1.53
N GLY J 13 12.21 -10.52 -1.84
CA GLY J 13 12.76 -11.84 -1.77
C GLY J 13 12.82 -12.35 -0.34
N LEU J 14 12.82 -13.68 -0.20
CA LEU J 14 12.86 -14.30 1.10
C LEU J 14 14.28 -14.26 1.66
N VAL J 15 14.42 -13.72 2.86
CA VAL J 15 15.65 -13.78 3.62
C VAL J 15 15.39 -14.62 4.85
N THR J 16 16.27 -15.57 5.14
CA THR J 16 16.02 -16.53 6.22
C THR J 16 16.08 -15.87 7.59
N THR J 17 16.29 -14.55 7.65
CA THR J 17 16.33 -13.84 8.92
C THR J 17 15.66 -12.48 8.84
N ASP J 18 14.66 -12.33 7.97
CA ASP J 18 13.97 -11.05 7.87
C ASP J 18 13.13 -10.79 9.12
N PRO J 19 12.83 -9.52 9.43
CA PRO J 19 12.05 -9.22 10.62
C PRO J 19 10.53 -9.22 10.44
N LYS J 20 10.02 -9.71 9.32
CA LYS J 20 8.59 -9.65 9.05
C LYS J 20 7.92 -10.99 9.33
N THR J 21 6.66 -10.93 9.73
CA THR J 21 5.89 -12.11 10.10
C THR J 21 5.11 -12.66 8.91
N ALA J 22 4.42 -13.78 9.14
CA ALA J 22 3.65 -14.46 8.12
C ALA J 22 2.16 -14.29 8.37
N ASP J 23 1.37 -14.78 7.42
CA ASP J 23 -0.08 -14.69 7.51
C ASP J 23 -0.63 -15.86 8.32
N PRO J 24 -1.39 -15.61 9.39
CA PRO J 24 -1.91 -16.72 10.21
C PRO J 24 -2.91 -17.56 9.45
N VAL J 25 -2.90 -18.86 9.75
CA VAL J 25 -3.79 -19.82 9.11
C VAL J 25 -4.71 -20.52 10.09
N TYR J 26 -4.51 -20.33 11.39
CA TYR J 26 -5.32 -21.02 12.40
C TYR J 26 -5.44 -20.06 13.58
N GLY J 27 -6.50 -19.26 13.58
CA GLY J 27 -6.64 -18.20 14.55
C GLY J 27 -7.21 -18.66 15.87
N LYS J 28 -7.07 -17.80 16.88
CA LYS J 28 -7.71 -17.97 18.17
C LYS J 28 -7.36 -19.33 18.81
N VAL J 29 -6.07 -19.66 18.78
CA VAL J 29 -5.57 -20.86 19.44
C VAL J 29 -4.90 -20.43 20.72
N TYR J 30 -5.46 -20.86 21.85
CA TYR J 30 -4.94 -20.49 23.17
C TYR J 30 -4.25 -21.71 23.78
N ASN J 31 -2.98 -21.55 24.12
CA ASN J 31 -2.19 -22.67 24.57
C ASN J 31 -2.34 -22.84 26.08
N PRO J 32 -2.11 -24.06 26.58
CA PRO J 32 -2.17 -24.28 28.04
C PRO J 32 -1.19 -23.38 28.74
N PRO J 33 -1.57 -22.81 29.88
CA PRO J 33 -0.68 -21.87 30.59
C PRO J 33 0.61 -22.55 31.01
N ARG J 34 1.71 -21.80 30.92
CA ARG J 34 3.01 -22.27 31.39
C ARG J 34 3.59 -21.24 32.35
N THR J 35 2.74 -20.71 33.23
CA THR J 35 3.17 -19.73 34.21
C THR J 35 4.02 -20.40 35.29
N ASN J 36 5.12 -19.72 35.65
CA ASN J 36 6.02 -20.18 36.71
C ASN J 36 6.51 -21.60 36.45
N TYR J 37 6.81 -21.90 35.20
CA TYR J 37 7.45 -23.16 34.88
C TYR J 37 8.90 -23.12 35.36
N PRO J 38 9.38 -24.15 36.06
CA PRO J 38 10.73 -24.10 36.61
C PRO J 38 11.81 -24.06 35.53
N GLY J 39 12.86 -23.28 35.81
CA GLY J 39 14.08 -23.33 35.04
C GLY J 39 14.06 -22.67 33.66
N ARG J 40 13.66 -21.41 33.60
CA ARG J 40 13.59 -20.68 32.35
C ARG J 40 14.75 -19.69 32.24
N PHE J 41 15.52 -19.80 31.16
CA PHE J 41 16.62 -18.89 30.89
C PHE J 41 16.38 -18.16 29.58
N THR J 42 16.49 -16.83 29.61
CA THR J 42 16.21 -16.01 28.44
C THR J 42 17.46 -15.47 27.76
N ASN J 43 18.64 -15.76 28.30
CA ASN J 43 19.90 -15.37 27.68
C ASN J 43 20.89 -16.51 27.86
N LEU J 44 21.65 -16.81 26.81
CA LEU J 44 22.63 -17.88 26.89
C LEU J 44 23.81 -17.49 27.79
N LEU J 45 24.07 -16.19 27.94
CA LEU J 45 25.16 -15.79 28.80
C LEU J 45 24.76 -15.74 30.27
N ASP J 46 23.47 -15.64 30.59
CA ASP J 46 23.07 -15.80 31.98
C ASP J 46 23.36 -17.20 32.48
N VAL J 47 23.04 -18.22 31.68
CA VAL J 47 23.37 -19.58 32.05
C VAL J 47 24.87 -19.84 31.94
N ALA J 48 25.55 -19.16 31.02
CA ALA J 48 27.02 -19.27 30.98
C ALA J 48 27.65 -18.72 32.25
N GLU J 49 27.17 -17.57 32.73
CA GLU J 49 27.69 -16.98 33.96
C GLU J 49 27.38 -17.84 35.17
N ALA J 50 26.13 -18.27 35.31
CA ALA J 50 25.69 -18.93 36.53
C ALA J 50 26.37 -20.27 36.76
N CYS J 51 26.80 -20.95 35.71
CA CYS J 51 27.25 -22.34 35.81
C CYS J 51 28.65 -22.50 35.24
N PRO J 52 29.69 -22.31 36.07
CA PRO J 52 31.05 -22.63 35.63
C PRO J 52 31.20 -24.12 35.33
N THR J 53 32.02 -24.41 34.33
CA THR J 53 32.23 -25.78 33.86
C THR J 53 33.71 -26.09 33.82
N PHE J 54 34.04 -27.37 33.87
CA PHE J 54 35.41 -27.81 34.03
C PHE J 54 36.22 -27.65 32.75
N LEU J 55 37.53 -27.57 32.92
CA LEU J 55 38.49 -27.56 31.83
C LEU J 55 38.95 -29.00 31.55
N CYS J 56 39.71 -29.16 30.48
CA CYS J 56 40.22 -30.47 30.07
C CYS J 56 41.74 -30.37 29.96
N PHE J 57 42.45 -30.89 30.96
CA PHE J 57 43.90 -30.88 30.97
C PHE J 57 44.44 -32.08 30.21
N ASP J 58 45.75 -32.30 30.30
CA ASP J 58 46.38 -33.38 29.56
C ASP J 58 45.82 -34.73 30.00
N ASP J 59 45.75 -35.67 29.05
CA ASP J 59 45.23 -37.01 29.24
C ASP J 59 43.71 -36.98 29.38
N GLY J 60 43.14 -35.79 29.46
CA GLY J 60 41.70 -35.65 29.53
C GLY J 60 41.13 -35.73 30.93
N LYS J 61 41.64 -34.91 31.83
CA LYS J 61 41.18 -34.86 33.21
C LYS J 61 41.00 -33.41 33.64
N PRO J 62 39.99 -33.12 34.45
CA PRO J 62 39.69 -31.73 34.81
C PRO J 62 40.50 -31.18 35.98
N TYR J 63 41.56 -31.86 36.40
CA TYR J 63 42.36 -31.41 37.52
C TYR J 63 43.84 -31.50 37.17
N VAL J 64 44.63 -30.64 37.79
CA VAL J 64 46.08 -30.64 37.65
C VAL J 64 46.68 -31.19 38.93
N VAL J 65 47.46 -32.26 38.80
CA VAL J 65 48.05 -32.94 39.95
C VAL J 65 49.44 -32.36 40.19
N THR J 66 49.87 -32.39 41.45
CA THR J 66 51.18 -31.88 41.81
C THR J 66 52.28 -32.77 41.21
N ARG J 67 53.35 -32.14 40.76
CA ARG J 67 54.46 -32.84 40.12
C ARG J 67 55.67 -32.85 41.04
N GLU J 68 56.30 -34.01 41.16
CA GLU J 68 57.48 -34.18 42.02
C GLU J 68 58.75 -34.03 41.19
N ASP J 69 58.89 -32.87 40.57
CA ASP J 69 60.03 -32.58 39.71
C ASP J 69 60.49 -31.16 39.95
N GLU J 70 61.64 -30.82 39.36
CA GLU J 70 62.17 -29.47 39.46
C GLU J 70 61.28 -28.45 38.77
N GLN J 71 60.42 -28.89 37.85
CA GLN J 71 59.50 -27.99 37.17
C GLN J 71 58.43 -27.48 38.14
N ARG J 72 58.47 -26.18 38.42
CA ARG J 72 57.47 -25.56 39.28
C ARG J 72 56.26 -25.04 38.51
N LEU J 73 56.27 -25.15 37.18
CA LEU J 73 55.08 -24.99 36.34
C LEU J 73 54.19 -26.21 36.42
N LEU J 74 53.11 -26.08 37.18
CA LEU J 74 52.09 -27.12 37.25
C LEU J 74 51.42 -27.33 35.91
N ALA J 75 50.93 -26.25 35.30
CA ALA J 75 50.27 -26.35 34.00
C ALA J 75 50.20 -24.98 33.35
N LYS J 76 49.92 -24.98 32.06
CA LYS J 76 49.70 -23.75 31.31
C LYS J 76 48.79 -24.06 30.14
N PHE J 77 47.99 -23.08 29.74
CA PHE J 77 47.02 -23.30 28.67
C PHE J 77 46.69 -21.97 28.03
N ASP J 78 46.16 -22.03 26.81
CA ASP J 78 45.81 -20.82 26.10
C ASP J 78 44.55 -20.19 26.70
N VAL J 79 44.51 -18.87 26.71
CA VAL J 79 43.32 -18.14 27.17
C VAL J 79 42.56 -17.72 25.93
N SER J 80 41.67 -18.61 25.47
CA SER J 80 40.79 -18.33 24.36
C SER J 80 39.70 -19.39 24.36
N LEU J 81 38.61 -19.11 23.63
CA LEU J 81 37.46 -20.00 23.64
C LEU J 81 37.65 -21.21 22.74
N ALA J 82 38.75 -21.28 21.99
CA ALA J 82 38.97 -22.36 21.03
C ALA J 82 40.23 -23.18 21.36
N ALA J 83 40.66 -23.18 22.61
CA ALA J 83 41.84 -23.94 23.00
C ALA J 83 41.47 -25.39 23.32
N LYS J 84 42.50 -26.21 23.55
CA LYS J 84 42.28 -27.58 23.98
C LYS J 84 41.64 -27.63 25.36
N HIS J 85 42.11 -26.78 26.27
CA HIS J 85 41.66 -26.84 27.66
C HIS J 85 40.26 -26.27 27.84
N MET J 86 39.74 -25.55 26.85
CA MET J 86 38.38 -25.05 26.88
C MET J 86 37.47 -25.83 25.93
N SER J 87 37.96 -26.92 25.36
CA SER J 87 37.21 -27.63 24.32
C SER J 87 35.97 -28.32 24.87
N ASN J 88 35.93 -28.59 26.18
CA ASN J 88 34.79 -29.22 26.82
C ASN J 88 34.05 -28.26 27.73
N THR J 89 33.92 -27.01 27.31
CA THR J 89 33.33 -25.95 28.12
C THR J 89 32.04 -25.46 27.49
N TYR J 90 31.06 -25.16 28.34
CA TYR J 90 29.79 -24.62 27.85
C TYR J 90 29.98 -23.25 27.22
N LEU J 91 30.87 -22.43 27.78
CA LEU J 91 31.13 -21.12 27.19
C LEU J 91 31.73 -21.27 25.79
N SER J 92 32.63 -22.23 25.62
CA SER J 92 33.12 -22.53 24.28
C SER J 92 31.99 -22.99 23.36
N GLY J 93 31.05 -23.77 23.90
CA GLY J 93 29.92 -24.19 23.09
C GLY J 93 29.06 -23.04 22.61
N ILE J 94 28.78 -22.08 23.49
CA ILE J 94 28.05 -20.89 23.08
C ILE J 94 28.87 -20.09 22.07
N ALA J 95 30.16 -19.89 22.35
CA ALA J 95 30.98 -19.02 21.52
C ALA J 95 31.26 -19.58 20.15
N GLN J 96 31.15 -20.91 19.95
CA GLN J 96 31.44 -21.47 18.64
C GLN J 96 30.46 -20.98 17.57
N TYR J 97 29.30 -20.48 17.97
CA TYR J 97 28.31 -19.98 17.02
C TYR J 97 28.33 -18.46 16.88
N TYR J 98 29.38 -17.81 17.35
CA TYR J 98 29.48 -16.36 17.30
C TYR J 98 30.84 -15.98 16.72
N ALA J 99 30.87 -14.85 16.02
CA ALA J 99 32.07 -14.39 15.34
C ALA J 99 33.01 -13.60 16.23
N GLN J 100 32.47 -12.73 17.08
CA GLN J 100 33.29 -11.82 17.87
C GLN J 100 32.80 -11.79 19.30
N TYR J 101 33.74 -11.59 20.23
CA TYR J 101 33.43 -11.51 21.64
C TYR J 101 34.18 -10.34 22.25
N SER J 102 33.83 -10.03 23.50
CA SER J 102 34.54 -9.04 24.29
C SER J 102 34.08 -9.17 25.74
N GLY J 103 35.04 -9.16 26.66
CA GLY J 103 34.73 -9.13 28.07
C GLY J 103 35.61 -10.07 28.87
N THR J 104 35.41 -10.02 30.19
CA THR J 104 36.21 -10.77 31.14
C THR J 104 35.80 -12.22 31.19
N ILE J 105 36.77 -13.10 31.45
CA ILE J 105 36.53 -14.52 31.64
C ILE J 105 37.12 -14.91 33.00
N ASN J 106 36.27 -15.43 33.88
CA ASN J 106 36.68 -15.85 35.21
C ASN J 106 37.15 -17.29 35.19
N LEU J 107 38.09 -17.60 36.06
CA LEU J 107 38.52 -18.97 36.31
C LEU J 107 38.29 -19.30 37.78
N HIS J 108 37.70 -20.47 38.03
CA HIS J 108 37.42 -20.92 39.39
C HIS J 108 38.26 -22.15 39.69
N PHE J 109 38.99 -22.12 40.79
CA PHE J 109 39.86 -23.20 41.21
C PHE J 109 39.28 -23.85 42.45
N MET J 110 39.38 -25.18 42.53
CA MET J 110 38.94 -25.92 43.69
C MET J 110 40.04 -26.87 44.13
N PHE J 111 40.36 -26.85 45.43
CA PHE J 111 41.30 -27.80 46.01
C PHE J 111 40.55 -29.02 46.52
N THR J 112 41.01 -30.20 46.12
CA THR J 112 40.40 -31.46 46.53
C THR J 112 41.40 -32.37 47.21
N GLY J 113 42.48 -31.80 47.75
CA GLY J 113 43.48 -32.56 48.45
C GLY J 113 43.09 -32.85 49.87
N SER J 114 43.89 -33.68 50.53
CA SER J 114 43.65 -33.99 51.93
C SER J 114 43.97 -32.77 52.80
N THR J 115 43.28 -32.71 53.96
CA THR J 115 43.50 -31.59 54.86
C THR J 115 44.93 -31.60 55.42
N ASP J 116 45.46 -32.77 55.73
CA ASP J 116 46.80 -32.89 56.28
C ASP J 116 47.89 -32.53 55.29
N SER J 117 47.52 -32.10 54.07
CA SER J 117 48.47 -31.62 53.07
C SER J 117 48.15 -30.16 52.79
N LYS J 118 49.16 -29.30 52.89
CA LYS J 118 49.02 -27.88 52.63
C LYS J 118 49.92 -27.49 51.46
N ALA J 119 49.47 -26.50 50.70
CA ALA J 119 50.23 -26.05 49.54
C ALA J 119 49.88 -24.60 49.26
N ARG J 120 50.76 -23.95 48.51
CA ARG J 120 50.58 -22.56 48.09
C ARG J 120 50.71 -22.47 46.57
N TYR J 121 49.82 -21.70 45.96
CA TYR J 121 49.78 -21.58 44.51
C TYR J 121 49.73 -20.11 44.09
N MET J 122 50.10 -19.88 42.84
CA MET J 122 50.00 -18.56 42.22
C MET J 122 49.59 -18.72 40.77
N VAL J 123 48.66 -17.86 40.33
CA VAL J 123 48.16 -17.87 38.97
C VAL J 123 48.59 -16.58 38.30
N ALA J 124 48.89 -16.65 37.01
CA ALA J 124 49.43 -15.51 36.27
C ALA J 124 48.81 -15.44 34.89
N TYR J 125 48.56 -14.22 34.41
CA TYR J 125 48.10 -13.98 33.05
C TYR J 125 49.17 -13.21 32.28
N VAL J 126 49.44 -13.64 31.06
CA VAL J 126 50.41 -12.98 30.20
C VAL J 126 49.69 -12.49 28.93
N PRO J 127 49.62 -11.18 28.71
CA PRO J 127 49.01 -10.67 27.48
C PRO J 127 49.95 -10.88 26.31
N PRO J 128 49.48 -10.64 25.07
CA PRO J 128 50.30 -11.01 23.90
C PRO J 128 51.54 -10.13 23.72
N GLY J 129 52.46 -10.22 24.68
CA GLY J 129 53.68 -9.44 24.62
C GLY J 129 54.91 -10.29 24.37
N VAL J 130 55.61 -10.62 25.45
CA VAL J 130 56.83 -11.41 25.41
C VAL J 130 56.65 -12.67 24.57
N GLU J 131 57.70 -13.07 23.87
CA GLU J 131 57.66 -14.20 22.94
C GLU J 131 57.59 -15.55 23.64
N THR J 132 57.76 -15.60 24.95
CA THR J 132 57.65 -16.86 25.68
C THR J 132 57.15 -16.61 27.10
N PRO J 133 56.21 -17.41 27.59
CA PRO J 133 55.67 -17.20 28.93
C PRO J 133 56.75 -17.34 29.99
N PRO J 134 56.62 -16.60 31.09
CA PRO J 134 57.64 -16.66 32.16
C PRO J 134 57.60 -17.97 32.93
N ASP J 135 58.26 -19.00 32.39
CA ASP J 135 58.27 -20.33 32.97
C ASP J 135 58.76 -20.29 34.42
N THR J 136 59.82 -19.54 34.68
CA THR J 136 60.37 -19.44 36.03
C THR J 136 59.35 -18.79 36.98
N PRO J 137 59.22 -19.27 38.22
CA PRO J 137 58.17 -18.76 39.11
C PRO J 137 58.40 -17.34 39.61
N GLU J 138 59.56 -16.77 39.30
CA GLU J 138 59.89 -15.40 39.70
C GLU J 138 59.67 -14.40 38.59
N ARG J 139 59.95 -14.78 37.34
CA ARG J 139 59.75 -13.92 36.18
C ARG J 139 58.27 -13.60 35.98
N ALA J 140 57.40 -14.50 36.43
CA ALA J 140 55.97 -14.33 36.26
C ALA J 140 55.33 -13.40 37.29
N ALA J 141 56.08 -12.97 38.30
CA ALA J 141 55.55 -12.05 39.29
C ALA J 141 55.38 -10.64 38.75
N HIS J 142 55.94 -10.34 37.58
CA HIS J 142 55.82 -9.01 36.99
C HIS J 142 54.55 -8.83 36.17
N CYS J 143 53.74 -9.87 36.03
CA CYS J 143 52.49 -9.80 35.29
C CYS J 143 51.34 -9.52 36.24
N ILE J 144 50.14 -9.45 35.68
CA ILE J 144 48.93 -9.38 36.51
C ILE J 144 48.67 -10.77 37.07
N HIS J 145 48.68 -10.89 38.39
CA HIS J 145 48.68 -12.20 39.03
C HIS J 145 48.03 -12.09 40.39
N ALA J 146 47.64 -13.25 40.92
CA ALA J 146 47.08 -13.33 42.25
C ALA J 146 47.52 -14.64 42.89
N GLU J 147 47.50 -14.67 44.22
CA GLU J 147 47.93 -15.82 44.98
C GLU J 147 46.89 -16.12 46.06
N TRP J 148 46.74 -17.41 46.37
CA TRP J 148 45.84 -17.80 47.44
C TRP J 148 46.36 -19.09 48.06
N ASP J 149 46.22 -19.19 49.38
CA ASP J 149 46.65 -20.35 50.13
C ASP J 149 45.47 -21.28 50.40
N THR J 150 45.79 -22.51 50.77
CA THR J 150 44.78 -23.53 51.01
C THR J 150 44.40 -23.58 52.48
N GLY J 151 43.14 -23.92 52.73
CA GLY J 151 42.62 -23.99 54.09
C GLY J 151 41.18 -24.48 54.11
N LEU J 152 40.37 -23.89 54.98
CA LEU J 152 38.95 -24.27 55.00
C LEU J 152 38.25 -23.86 53.71
N ASN J 153 38.61 -22.70 53.16
CA ASN J 153 38.04 -22.20 51.92
C ASN J 153 38.92 -22.68 50.77
N SER J 154 38.51 -23.74 50.09
CA SER J 154 39.27 -24.33 49.01
C SER J 154 38.88 -23.79 47.63
N LYS J 155 38.01 -22.80 47.58
CA LYS J 155 37.53 -22.23 46.33
C LYS J 155 38.12 -20.84 46.14
N PHE J 156 38.69 -20.60 44.95
CA PHE J 156 39.29 -19.32 44.64
C PHE J 156 38.95 -18.95 43.20
N THR J 157 38.55 -17.70 43.01
CA THR J 157 38.14 -17.20 41.71
C THR J 157 39.17 -16.20 41.18
N PHE J 158 39.51 -16.34 39.90
CA PHE J 158 40.45 -15.45 39.23
C PHE J 158 39.86 -15.03 37.90
N SER J 159 39.87 -13.72 37.63
CA SER J 159 39.27 -13.15 36.44
C SER J 159 40.36 -12.80 35.44
N ILE J 160 40.24 -13.33 34.23
CA ILE J 160 41.20 -13.02 33.17
C ILE J 160 40.76 -11.74 32.48
N PRO J 161 41.51 -10.65 32.60
CA PRO J 161 41.08 -9.38 31.99
C PRO J 161 41.12 -9.46 30.47
N TYR J 162 40.28 -8.65 29.85
CA TYR J 162 40.19 -8.59 28.39
C TYR J 162 41.17 -7.55 27.89
N VAL J 163 42.30 -8.01 27.34
CA VAL J 163 43.30 -7.13 26.75
C VAL J 163 43.54 -7.57 25.32
N SER J 164 43.26 -6.68 24.37
CA SER J 164 43.53 -6.90 22.96
C SER J 164 43.51 -5.54 22.27
N ALA J 165 43.78 -5.55 20.97
CA ALA J 165 43.79 -4.30 20.22
C ALA J 165 42.36 -3.83 19.94
N ALA J 166 41.59 -4.62 19.20
CA ALA J 166 40.25 -4.23 18.80
C ALA J 166 39.29 -4.27 19.99
N ASP J 167 38.16 -3.58 19.83
CA ASP J 167 37.14 -3.59 20.88
C ASP J 167 36.51 -4.97 21.04
N TYR J 168 36.41 -5.73 19.95
CA TYR J 168 35.94 -7.10 19.98
C TYR J 168 37.01 -8.01 19.38
N ALA J 169 37.02 -9.27 19.81
CA ALA J 169 38.02 -10.23 19.37
C ALA J 169 37.33 -11.45 18.80
N TYR J 170 38.00 -12.11 17.87
CA TYR J 170 37.42 -13.26 17.19
C TYR J 170 37.41 -14.47 18.13
N THR J 171 36.34 -15.26 18.04
CA THR J 171 36.15 -16.46 18.83
C THR J 171 36.51 -17.70 18.03
N ALA J 172 37.16 -17.49 16.89
CA ALA J 172 37.31 -18.51 15.85
C ALA J 172 38.75 -18.58 15.35
N SER J 173 39.71 -18.79 16.27
CA SER J 173 41.13 -18.61 16.03
C SER J 173 41.59 -18.96 14.62
N ASP J 174 42.30 -18.01 13.99
CA ASP J 174 42.57 -18.02 12.57
C ASP J 174 43.59 -19.09 12.19
N VAL J 175 43.50 -19.55 10.94
CA VAL J 175 44.55 -20.40 10.37
C VAL J 175 45.87 -19.64 10.35
N ALA J 176 45.84 -18.40 9.90
CA ALA J 176 47.01 -17.53 9.97
C ALA J 176 47.22 -17.09 11.41
N GLU J 177 48.15 -16.16 11.64
CA GLU J 177 48.45 -15.71 12.99
C GLU J 177 48.94 -16.88 13.85
N THR J 178 50.16 -17.34 13.58
CA THR J 178 50.81 -18.34 14.42
C THR J 178 51.23 -17.72 15.74
N THR J 179 52.06 -18.45 16.51
CA THR J 179 52.55 -18.08 17.84
C THR J 179 51.40 -17.80 18.79
N ASN J 180 51.71 -17.35 20.02
CA ASN J 180 50.70 -17.06 21.02
C ASN J 180 49.69 -16.09 20.42
N VAL J 181 48.45 -16.56 20.26
CA VAL J 181 47.42 -15.72 19.66
C VAL J 181 47.17 -14.49 20.51
N GLN J 182 46.62 -14.68 21.71
CA GLN J 182 46.58 -13.57 22.66
C GLN J 182 47.25 -13.87 24.00
N GLY J 183 46.83 -14.92 24.69
CA GLY J 183 47.30 -15.05 26.06
C GLY J 183 47.37 -16.44 26.66
N TRP J 184 48.18 -16.59 27.70
CA TRP J 184 48.26 -17.84 28.45
C TRP J 184 48.13 -17.55 29.93
N VAL J 185 47.59 -18.52 30.66
CA VAL J 185 47.51 -18.49 32.11
C VAL J 185 48.29 -19.70 32.64
N CYS J 186 49.22 -19.45 33.56
CA CYS J 186 50.09 -20.48 34.10
C CYS J 186 49.88 -20.59 35.59
N ILE J 187 49.85 -21.82 36.09
CA ILE J 187 49.63 -22.10 37.51
C ILE J 187 50.94 -22.58 38.12
N TYR J 188 51.34 -21.91 39.21
CA TYR J 188 52.58 -22.13 39.95
C TYR J 188 52.32 -22.71 41.32
N GLN J 189 53.17 -23.64 41.72
CA GLN J 189 53.08 -24.28 43.03
C GLN J 189 54.19 -23.70 43.88
N ILE J 190 53.84 -22.74 44.73
CA ILE J 190 54.84 -22.08 45.57
C ILE J 190 55.49 -23.08 46.52
N THR J 191 54.68 -23.90 47.16
CA THR J 191 55.17 -24.91 48.09
C THR J 191 54.12 -26.01 48.20
N HIS J 192 54.53 -27.13 48.78
CA HIS J 192 53.62 -28.24 49.00
C HIS J 192 54.12 -29.10 50.16
N GLY J 193 53.18 -29.61 50.95
CA GLY J 193 53.52 -30.50 52.03
C GLY J 193 52.84 -31.84 51.93
N LYS J 194 53.63 -32.89 51.68
CA LYS J 194 53.12 -34.27 51.60
C LYS J 194 51.99 -34.39 50.57
N ALA J 195 52.17 -33.74 49.42
CA ALA J 195 51.19 -33.74 48.34
C ALA J 195 51.82 -34.40 47.12
N GLN J 196 51.69 -35.72 47.03
CA GLN J 196 52.21 -36.46 45.88
C GLN J 196 51.13 -36.72 44.83
N ASN J 197 49.89 -36.94 45.26
CA ASN J 197 48.79 -37.17 44.33
C ASN J 197 47.58 -36.28 44.63
N ASP J 198 47.79 -35.18 45.34
CA ASP J 198 46.71 -34.23 45.59
C ASP J 198 46.44 -33.39 44.34
N THR J 199 45.18 -33.12 44.09
CA THR J 199 44.73 -32.53 42.83
C THR J 199 44.15 -31.14 43.04
N LEU J 200 43.90 -30.46 41.92
CA LEU J 200 43.34 -29.11 41.91
C LEU J 200 42.48 -28.98 40.66
N VAL J 201 41.19 -28.75 40.84
CA VAL J 201 40.22 -28.73 39.75
C VAL J 201 39.97 -27.30 39.32
N VAL J 202 39.99 -27.06 38.01
CA VAL J 202 39.85 -25.72 37.44
C VAL J 202 38.59 -25.66 36.60
N SER J 203 37.77 -24.63 36.82
CA SER J 203 36.55 -24.42 36.07
C SER J 203 36.48 -22.97 35.62
N VAL J 204 35.84 -22.74 34.48
CA VAL J 204 35.81 -21.44 33.82
C VAL J 204 34.36 -21.06 33.53
N SER J 205 34.01 -19.82 33.84
CA SER J 205 32.69 -19.28 33.56
C SER J 205 32.83 -17.96 32.83
N ALA J 206 31.75 -17.53 32.19
CA ALA J 206 31.71 -16.21 31.58
C ALA J 206 31.74 -15.14 32.67
N GLY J 207 32.41 -14.04 32.37
CA GLY J 207 32.50 -12.95 33.32
C GLY J 207 31.22 -12.16 33.41
N LYS J 208 31.22 -11.18 34.31
CA LYS J 208 30.07 -10.30 34.47
C LYS J 208 29.83 -9.45 33.23
N ASP J 209 30.89 -9.05 32.52
CA ASP J 209 30.78 -8.18 31.37
C ASP J 209 31.12 -8.91 30.06
N PHE J 210 31.11 -10.23 30.07
CA PHE J 210 31.33 -10.99 28.85
C PHE J 210 30.19 -10.73 27.87
N GLU J 211 30.49 -10.83 26.58
CA GLU J 211 29.50 -10.48 25.56
C GLU J 211 29.90 -11.10 24.23
N LEU J 212 28.93 -11.73 23.57
CA LEU J 212 29.12 -12.33 22.25
C LEU J 212 28.25 -11.59 21.24
N ARG J 213 28.76 -11.44 20.01
CA ARG J 213 28.23 -10.42 19.11
C ARG J 213 27.53 -10.96 17.87
N LEU J 214 28.19 -11.75 17.04
CA LEU J 214 27.66 -12.00 15.70
C LEU J 214 27.30 -13.46 15.48
N PRO J 215 26.02 -13.82 15.50
CA PRO J 215 25.63 -15.22 15.32
C PRO J 215 26.00 -15.75 13.94
N ILE J 216 26.52 -16.98 13.91
CA ILE J 216 26.83 -17.69 12.67
C ILE J 216 26.53 -19.17 12.89
N ASP J 217 26.67 -19.94 11.81
CA ASP J 217 26.40 -21.38 11.81
C ASP J 217 27.63 -21.94 11.12
N PRO J 218 28.75 -22.10 11.85
CA PRO J 218 30.02 -22.45 11.19
C PRO J 218 30.32 -23.93 11.16
N ARG J 219 29.46 -24.75 11.76
CA ARG J 219 29.71 -26.19 11.77
C ARG J 219 29.26 -26.83 10.48
N THR J 220 29.95 -27.92 10.10
CA THR J 220 29.68 -28.59 8.84
C THR J 220 28.39 -29.39 8.92
N GLN J 221 27.50 -29.19 7.96
CA GLN J 221 26.23 -29.89 7.92
C GLN J 221 25.97 -30.51 6.54
N GLY K 1 6.80 11.80 -5.60
CA GLY K 1 6.64 10.49 -6.19
C GLY K 1 5.49 9.70 -5.59
N ILE K 2 5.49 8.38 -5.82
CA ILE K 2 4.47 7.52 -5.25
C ILE K 2 5.11 6.63 -4.20
N VAL K 3 4.29 5.95 -3.40
CA VAL K 3 4.79 5.09 -2.34
C VAL K 3 5.35 3.80 -2.93
N PRO K 4 6.58 3.43 -2.59
CA PRO K 4 7.12 2.14 -3.05
C PRO K 4 6.59 1.00 -2.20
N VAL K 5 6.40 -0.17 -2.81
CA VAL K 5 6.00 -1.36 -2.08
C VAL K 5 6.89 -2.52 -2.53
N ALA K 6 6.93 -3.56 -1.70
CA ALA K 6 7.73 -4.75 -1.96
C ALA K 6 6.79 -5.94 -2.08
N CYS K 7 6.80 -6.57 -3.25
CA CYS K 7 5.94 -7.73 -3.51
C CYS K 7 6.56 -8.95 -2.84
N SER K 8 6.16 -9.21 -1.60
CA SER K 8 6.81 -10.24 -0.80
C SER K 8 6.58 -11.62 -1.40
N ASP K 9 7.58 -12.48 -1.23
CA ASP K 9 7.54 -13.85 -1.74
C ASP K 9 6.91 -14.78 -0.71
N GLY K 10 6.00 -15.62 -1.18
CA GLY K 10 5.33 -16.59 -0.32
C GLY K 10 4.00 -16.14 0.22
N TYR K 11 3.75 -14.84 0.31
CA TYR K 11 2.47 -14.30 0.72
C TYR K 11 1.52 -14.25 -0.46
N GLY K 12 0.29 -13.84 -0.18
CA GLY K 12 -0.72 -13.61 -1.20
C GLY K 12 -1.48 -14.83 -1.64
N GLY K 13 -0.97 -16.02 -1.36
CA GLY K 13 -1.69 -17.22 -1.72
C GLY K 13 -2.99 -17.35 -0.95
N LEU K 14 -3.90 -18.15 -1.50
CA LEU K 14 -5.19 -18.36 -0.86
C LEU K 14 -5.12 -19.59 0.03
N VAL K 15 -5.36 -19.39 1.32
CA VAL K 15 -5.53 -20.47 2.28
C VAL K 15 -7.00 -20.49 2.66
N THR K 16 -7.62 -21.68 2.66
CA THR K 16 -9.06 -21.80 2.77
C THR K 16 -9.61 -21.25 4.08
N THR K 17 -8.74 -20.82 4.99
CA THR K 17 -9.19 -20.27 6.27
C THR K 17 -8.52 -18.93 6.60
N ASP K 18 -8.12 -18.17 5.58
CA ASP K 18 -7.50 -16.87 5.87
C ASP K 18 -8.56 -15.91 6.41
N PRO K 19 -8.18 -14.97 7.27
CA PRO K 19 -9.15 -14.09 7.93
C PRO K 19 -9.51 -12.82 7.17
N LYS K 20 -9.12 -12.69 5.91
CA LYS K 20 -9.39 -11.47 5.16
C LYS K 20 -10.65 -11.61 4.32
N THR K 21 -11.32 -10.49 4.12
CA THR K 21 -12.60 -10.46 3.41
C THR K 21 -12.39 -10.14 1.92
N ALA K 22 -13.45 -10.32 1.15
CA ALA K 22 -13.42 -10.13 -0.29
C ALA K 22 -14.17 -8.86 -0.69
N ASP K 23 -14.00 -8.48 -1.95
CA ASP K 23 -14.58 -7.24 -2.47
C ASP K 23 -16.06 -7.43 -2.77
N PRO K 24 -16.94 -6.56 -2.29
CA PRO K 24 -18.36 -6.69 -2.58
C PRO K 24 -18.67 -6.44 -4.06
N VAL K 25 -19.66 -7.18 -4.56
CA VAL K 25 -20.10 -7.04 -5.94
C VAL K 25 -21.52 -6.54 -6.05
N TYR K 26 -22.25 -6.41 -4.94
CA TYR K 26 -23.66 -6.02 -4.99
C TYR K 26 -23.95 -5.25 -3.71
N GLY K 27 -23.81 -3.93 -3.77
CA GLY K 27 -23.91 -3.12 -2.57
C GLY K 27 -25.34 -2.82 -2.16
N LYS K 28 -25.47 -2.39 -0.90
CA LYS K 28 -26.72 -1.89 -0.35
C LYS K 28 -27.85 -2.92 -0.46
N VAL K 29 -27.55 -4.14 -0.05
CA VAL K 29 -28.55 -5.21 0.04
C VAL K 29 -28.92 -5.36 1.51
N TYR K 30 -30.16 -4.99 1.84
CA TYR K 30 -30.63 -5.02 3.23
C TYR K 30 -31.58 -6.19 3.39
N ASN K 31 -31.19 -7.15 4.23
CA ASN K 31 -31.90 -8.40 4.32
C ASN K 31 -33.15 -8.25 5.17
N PRO K 32 -34.14 -9.12 5.00
CA PRO K 32 -35.32 -9.10 5.86
C PRO K 32 -34.92 -9.27 7.32
N PRO K 33 -35.54 -8.53 8.23
CA PRO K 33 -35.15 -8.61 9.64
C PRO K 33 -35.42 -10.00 10.21
N ARG K 34 -34.53 -10.43 11.11
CA ARG K 34 -34.70 -11.70 11.81
C ARG K 34 -34.53 -11.47 13.31
N THR K 35 -35.07 -10.35 13.80
CA THR K 35 -35.09 -10.09 15.22
C THR K 35 -35.92 -11.15 15.94
N ASN K 36 -35.46 -11.49 17.14
CA ASN K 36 -36.09 -12.49 18.02
C ASN K 36 -36.64 -13.68 17.25
N TYR K 37 -35.77 -14.28 16.44
CA TYR K 37 -36.09 -15.56 15.81
C TYR K 37 -35.87 -16.68 16.82
N PRO K 38 -36.83 -17.58 17.01
CA PRO K 38 -36.70 -18.59 18.07
C PRO K 38 -35.54 -19.55 17.82
N GLY K 39 -34.99 -20.06 18.92
CA GLY K 39 -34.03 -21.15 18.90
C GLY K 39 -32.68 -20.88 18.26
N ARG K 40 -32.11 -19.71 18.51
CA ARG K 40 -30.79 -19.36 18.00
C ARG K 40 -29.72 -19.84 18.97
N PHE K 41 -28.75 -20.60 18.48
CA PHE K 41 -27.65 -21.08 19.30
C PHE K 41 -26.33 -20.64 18.69
N THR K 42 -25.46 -20.07 19.52
CA THR K 42 -24.22 -19.45 19.07
C THR K 42 -22.98 -20.24 19.45
N ASN K 43 -23.12 -21.36 20.14
CA ASN K 43 -21.99 -22.21 20.49
C ASN K 43 -22.48 -23.66 20.58
N LEU K 44 -21.71 -24.55 19.96
CA LEU K 44 -22.09 -25.95 19.91
C LEU K 44 -22.06 -26.59 21.29
N LEU K 45 -21.09 -26.19 22.12
CA LEU K 45 -21.02 -26.74 23.47
C LEU K 45 -22.18 -26.27 24.34
N ASP K 46 -22.81 -25.15 24.00
CA ASP K 46 -24.01 -24.74 24.73
C ASP K 46 -25.14 -25.75 24.54
N VAL K 47 -25.41 -26.13 23.29
CA VAL K 47 -26.45 -27.12 23.03
C VAL K 47 -26.00 -28.51 23.47
N ALA K 48 -24.68 -28.73 23.56
CA ALA K 48 -24.20 -29.96 24.18
C ALA K 48 -24.53 -29.99 25.66
N GLU K 49 -24.41 -28.84 26.33
CA GLU K 49 -24.77 -28.76 27.74
C GLU K 49 -26.26 -28.95 27.96
N ALA K 50 -27.07 -28.15 27.28
CA ALA K 50 -28.49 -28.08 27.61
C ALA K 50 -29.28 -29.31 27.19
N CYS K 51 -28.72 -30.13 26.29
CA CYS K 51 -29.45 -31.26 25.72
C CYS K 51 -28.65 -32.55 25.89
N PRO K 52 -28.83 -33.25 27.01
CA PRO K 52 -28.23 -34.58 27.14
C PRO K 52 -28.85 -35.57 26.16
N THR K 53 -28.04 -36.53 25.74
CA THR K 53 -28.46 -37.53 24.77
C THR K 53 -28.16 -38.92 25.32
N PHE K 54 -28.89 -39.92 24.82
CA PHE K 54 -28.79 -41.26 25.35
C PHE K 54 -27.50 -41.94 24.92
N LEU K 55 -27.17 -43.02 25.61
CA LEU K 55 -26.05 -43.89 25.26
C LEU K 55 -26.58 -45.09 24.49
N CYS K 56 -25.66 -45.95 24.06
CA CYS K 56 -26.00 -47.14 23.28
C CYS K 56 -25.35 -48.35 23.94
N PHE K 57 -26.14 -49.10 24.71
CA PHE K 57 -25.65 -50.30 25.38
C PHE K 57 -25.66 -51.47 24.40
N ASP K 58 -25.43 -52.67 24.92
CA ASP K 58 -25.37 -53.86 24.08
C ASP K 58 -26.74 -54.13 23.45
N ASP K 59 -26.71 -54.74 22.26
CA ASP K 59 -27.90 -55.06 21.47
C ASP K 59 -28.59 -53.79 21.00
N GLY K 60 -27.95 -52.63 21.21
CA GLY K 60 -28.49 -51.37 20.73
C GLY K 60 -29.69 -50.86 21.51
N LYS K 61 -29.50 -50.64 22.81
CA LYS K 61 -30.58 -50.15 23.66
C LYS K 61 -30.06 -49.06 24.58
N PRO K 62 -30.90 -48.08 24.92
CA PRO K 62 -30.45 -46.97 25.77
C PRO K 62 -30.59 -47.21 27.26
N TYR K 63 -30.91 -48.44 27.69
CA TYR K 63 -31.12 -48.74 29.08
C TYR K 63 -30.43 -50.05 29.44
N VAL K 64 -30.06 -50.18 30.71
CA VAL K 64 -29.45 -51.38 31.25
C VAL K 64 -30.44 -52.04 32.19
N VAL K 65 -30.74 -53.31 31.94
CA VAL K 65 -31.77 -54.03 32.69
C VAL K 65 -31.11 -54.77 33.84
N THR K 66 -31.87 -54.94 34.92
CA THR K 66 -31.39 -55.69 36.06
C THR K 66 -31.25 -57.16 35.69
N ARG K 67 -30.17 -57.78 36.13
CA ARG K 67 -29.84 -59.15 35.77
C ARG K 67 -30.09 -60.08 36.94
N GLU K 68 -30.81 -61.17 36.68
CA GLU K 68 -31.06 -62.19 37.69
C GLU K 68 -29.95 -63.22 37.71
N ASP K 69 -28.75 -62.75 38.07
CA ASP K 69 -27.55 -63.57 38.05
C ASP K 69 -26.63 -63.10 39.17
N GLU K 70 -25.64 -63.95 39.48
CA GLU K 70 -24.68 -63.61 40.53
C GLU K 70 -23.80 -62.43 40.15
N GLN K 71 -23.67 -62.12 38.86
CA GLN K 71 -22.86 -60.99 38.42
C GLN K 71 -23.54 -59.69 38.83
N ARG K 72 -22.83 -58.88 39.63
CA ARG K 72 -23.31 -57.58 40.05
C ARG K 72 -22.86 -56.45 39.14
N LEU K 73 -22.15 -56.78 38.06
CA LEU K 73 -21.73 -55.80 37.06
C LEU K 73 -22.88 -55.62 36.08
N LEU K 74 -23.71 -54.60 36.31
CA LEU K 74 -24.80 -54.30 35.39
C LEU K 74 -24.26 -53.97 34.01
N ALA K 75 -23.26 -53.08 33.95
CA ALA K 75 -22.63 -52.72 32.68
C ALA K 75 -21.31 -52.02 32.98
N LYS K 76 -20.46 -51.99 31.97
CA LYS K 76 -19.21 -51.24 32.01
C LYS K 76 -18.95 -50.66 30.63
N PHE K 77 -18.66 -49.36 30.59
CA PHE K 77 -18.48 -48.68 29.32
C PHE K 77 -17.31 -47.72 29.42
N ASP K 78 -16.65 -47.50 28.28
CA ASP K 78 -15.46 -46.67 28.24
C ASP K 78 -15.82 -45.20 28.41
N VAL K 79 -14.93 -44.44 29.05
CA VAL K 79 -15.05 -42.98 29.11
C VAL K 79 -14.18 -42.45 27.96
N SER K 80 -14.79 -42.36 26.79
CA SER K 80 -14.12 -41.84 25.62
C SER K 80 -15.18 -41.45 24.61
N LEU K 81 -14.94 -40.33 23.92
CA LEU K 81 -15.89 -39.87 22.92
C LEU K 81 -15.90 -40.75 21.67
N ALA K 82 -15.02 -41.74 21.61
CA ALA K 82 -14.95 -42.66 20.48
C ALA K 82 -15.39 -44.07 20.85
N ALA K 83 -16.03 -44.25 22.01
CA ALA K 83 -16.42 -45.57 22.47
C ALA K 83 -17.68 -46.05 21.76
N LYS K 84 -17.97 -47.34 21.90
CA LYS K 84 -19.22 -47.87 21.40
C LYS K 84 -20.42 -47.25 22.11
N HIS K 85 -20.32 -47.08 23.43
CA HIS K 85 -21.44 -46.57 24.21
C HIS K 85 -21.64 -45.08 24.02
N MET K 86 -20.68 -44.38 23.41
CA MET K 86 -20.86 -42.98 23.06
C MET K 86 -21.01 -42.77 21.56
N SER K 87 -21.20 -43.83 20.79
CA SER K 87 -21.25 -43.72 19.34
C SER K 87 -22.43 -42.88 18.87
N ASN K 88 -23.58 -43.02 19.51
CA ASN K 88 -24.82 -42.37 19.09
C ASN K 88 -25.13 -41.14 19.93
N THR K 89 -24.10 -40.40 20.32
CA THR K 89 -24.21 -39.26 21.21
C THR K 89 -23.94 -37.97 20.44
N TYR K 90 -24.69 -36.91 20.77
CA TYR K 90 -24.45 -35.63 20.14
C TYR K 90 -23.10 -35.04 20.53
N LEU K 91 -22.67 -35.27 21.78
CA LEU K 91 -21.37 -34.77 22.20
C LEU K 91 -20.24 -35.44 21.43
N SER K 92 -20.34 -36.75 21.21
CA SER K 92 -19.39 -37.41 20.33
C SER K 92 -19.49 -36.87 18.90
N GLY K 93 -20.68 -36.50 18.47
CA GLY K 93 -20.84 -35.90 17.15
C GLY K 93 -20.09 -34.60 17.00
N ILE K 94 -20.18 -33.72 18.00
CA ILE K 94 -19.38 -32.50 17.97
C ILE K 94 -17.90 -32.83 18.07
N ALA K 95 -17.52 -33.74 18.96
CA ALA K 95 -16.12 -34.01 19.24
C ALA K 95 -15.40 -34.68 18.08
N GLN K 96 -16.11 -35.34 17.16
CA GLN K 96 -15.43 -36.01 16.06
C GLN K 96 -14.73 -35.02 15.13
N TYR K 97 -15.15 -33.76 15.10
CA TYR K 97 -14.55 -32.76 14.23
C TYR K 97 -13.53 -31.89 14.96
N TYR K 98 -13.12 -32.29 16.15
CA TYR K 98 -12.14 -31.55 16.92
C TYR K 98 -11.03 -32.51 17.36
N ALA K 99 -9.82 -31.97 17.49
CA ALA K 99 -8.67 -32.79 17.82
C ALA K 99 -8.48 -32.98 19.32
N GLN K 100 -8.72 -31.94 20.12
CA GLN K 100 -8.39 -31.97 21.53
C GLN K 100 -9.54 -31.44 22.36
N TYR K 101 -9.72 -32.04 23.54
CA TYR K 101 -10.78 -31.65 24.46
C TYR K 101 -10.23 -31.63 25.88
N SER K 102 -10.96 -30.96 26.76
CA SER K 102 -10.61 -30.89 28.17
C SER K 102 -11.82 -30.43 28.96
N GLY K 103 -12.17 -31.18 29.98
CA GLY K 103 -13.23 -30.80 30.89
C GLY K 103 -14.01 -31.99 31.39
N THR K 104 -14.98 -31.69 32.24
CA THR K 104 -15.82 -32.72 32.84
C THR K 104 -16.89 -33.19 31.87
N ILE K 105 -17.32 -34.44 32.05
CA ILE K 105 -18.42 -35.01 31.30
C ILE K 105 -19.44 -35.54 32.30
N ASN K 106 -20.67 -35.04 32.23
CA ASN K 106 -21.72 -35.43 33.16
C ASN K 106 -22.50 -36.61 32.62
N LEU K 107 -22.98 -37.44 33.54
CA LEU K 107 -23.87 -38.56 33.22
C LEU K 107 -25.19 -38.36 33.94
N HIS K 108 -26.28 -38.55 33.23
CA HIS K 108 -27.62 -38.42 33.77
C HIS K 108 -28.32 -39.77 33.74
N PHE K 109 -28.89 -40.16 34.87
CA PHE K 109 -29.56 -41.44 35.00
C PHE K 109 -31.05 -41.20 35.22
N MET K 110 -31.88 -41.98 34.52
CA MET K 110 -33.32 -42.02 34.76
C MET K 110 -33.72 -43.44 35.13
N PHE K 111 -34.54 -43.56 36.16
CA PHE K 111 -35.11 -44.85 36.54
C PHE K 111 -36.46 -45.01 35.87
N THR K 112 -36.63 -46.14 35.19
CA THR K 112 -37.86 -46.45 34.47
C THR K 112 -38.54 -47.70 35.02
N GLY K 113 -38.20 -48.10 36.25
CA GLY K 113 -38.79 -49.25 36.87
C GLY K 113 -40.13 -48.93 37.49
N SER K 114 -40.82 -49.98 37.92
CA SER K 114 -42.11 -49.80 38.57
C SER K 114 -41.93 -49.27 39.99
N THR K 115 -42.95 -48.57 40.47
CA THR K 115 -42.87 -47.97 41.80
C THR K 115 -42.77 -49.04 42.90
N ASP K 116 -43.50 -50.15 42.74
CA ASP K 116 -43.45 -51.23 43.71
C ASP K 116 -42.11 -51.96 43.74
N SER K 117 -41.19 -51.61 42.84
CA SER K 117 -39.86 -52.20 42.81
C SER K 117 -38.85 -51.14 43.21
N LYS K 118 -38.03 -51.46 44.22
CA LYS K 118 -37.00 -50.56 44.69
C LYS K 118 -35.63 -51.20 44.51
N ALA K 119 -34.62 -50.36 44.29
CA ALA K 119 -33.27 -50.85 44.07
C ALA K 119 -32.28 -49.79 44.51
N ARG K 120 -31.05 -50.24 44.74
CA ARG K 120 -29.95 -49.37 45.14
C ARG K 120 -28.79 -49.56 44.15
N TYR K 121 -28.22 -48.45 43.70
CA TYR K 121 -27.21 -48.49 42.65
C TYR K 121 -25.94 -47.79 43.09
N MET K 122 -24.84 -48.22 42.49
CA MET K 122 -23.51 -47.67 42.73
C MET K 122 -22.85 -47.35 41.39
N VAL K 123 -22.28 -46.15 41.31
CA VAL K 123 -21.56 -45.70 40.13
C VAL K 123 -20.13 -45.39 40.52
N ALA K 124 -19.18 -45.88 39.73
CA ALA K 124 -17.76 -45.73 40.05
C ALA K 124 -16.98 -45.44 38.78
N TYR K 125 -16.08 -44.46 38.86
CA TYR K 125 -15.17 -44.13 37.77
C TYR K 125 -13.78 -44.65 38.10
N VAL K 126 -13.13 -45.28 37.12
CA VAL K 126 -11.81 -45.84 37.27
C VAL K 126 -10.85 -45.10 36.34
N PRO K 127 -9.98 -44.25 36.89
CA PRO K 127 -8.98 -43.59 36.04
C PRO K 127 -7.96 -44.59 35.54
N PRO K 128 -7.10 -44.20 34.58
CA PRO K 128 -6.22 -45.19 33.92
C PRO K 128 -5.15 -45.74 34.85
N GLY K 129 -5.55 -46.53 35.82
CA GLY K 129 -4.61 -47.11 36.76
C GLY K 129 -4.49 -48.61 36.66
N VAL K 130 -5.20 -49.32 37.55
CA VAL K 130 -5.15 -50.77 37.64
C VAL K 130 -5.39 -51.42 36.28
N GLU K 131 -4.74 -52.56 36.04
CA GLU K 131 -4.83 -53.29 34.80
C GLU K 131 -6.20 -53.93 34.57
N THR K 132 -7.10 -53.81 35.53
CA THR K 132 -8.45 -54.34 35.39
C THR K 132 -9.41 -53.57 36.29
N PRO K 133 -10.56 -53.15 35.78
CA PRO K 133 -11.52 -52.41 36.61
C PRO K 133 -12.00 -53.26 37.77
N PRO K 134 -12.37 -52.64 38.88
CA PRO K 134 -12.77 -53.40 40.07
C PRO K 134 -14.13 -54.07 39.89
N ASP K 135 -14.13 -55.24 39.24
CA ASP K 135 -15.35 -56.01 39.01
C ASP K 135 -16.09 -56.29 40.31
N THR K 136 -15.36 -56.54 41.38
CA THR K 136 -15.95 -56.81 42.68
C THR K 136 -16.73 -55.57 43.16
N PRO K 137 -17.98 -55.75 43.63
CA PRO K 137 -18.77 -54.59 44.06
C PRO K 137 -18.20 -53.90 45.29
N GLU K 138 -17.29 -54.56 45.99
CA GLU K 138 -16.64 -53.97 47.16
C GLU K 138 -15.28 -53.39 46.82
N ARG K 139 -14.61 -53.90 45.79
CA ARG K 139 -13.31 -53.41 45.36
C ARG K 139 -13.41 -52.01 44.79
N ALA K 140 -14.57 -51.67 44.21
CA ALA K 140 -14.77 -50.39 43.56
C ALA K 140 -15.08 -49.24 44.52
N ALA K 141 -15.33 -49.54 45.80
CA ALA K 141 -15.62 -48.50 46.76
C ALA K 141 -14.42 -47.60 47.03
N HIS K 142 -13.23 -47.98 46.59
CA HIS K 142 -12.02 -47.19 46.79
C HIS K 142 -11.84 -46.10 45.72
N CYS K 143 -12.69 -46.06 44.71
CA CYS K 143 -12.57 -45.11 43.61
C CYS K 143 -13.45 -43.88 43.87
N ILE K 144 -13.44 -42.95 42.92
CA ILE K 144 -14.36 -41.82 42.99
C ILE K 144 -15.76 -42.32 42.64
N HIS K 145 -16.70 -42.12 43.56
CA HIS K 145 -17.98 -42.80 43.46
C HIS K 145 -19.04 -42.01 44.21
N ALA K 146 -20.29 -42.27 43.86
CA ALA K 146 -21.45 -41.69 44.54
C ALA K 146 -22.59 -42.69 44.51
N GLU K 147 -23.52 -42.51 45.43
CA GLU K 147 -24.61 -43.47 45.61
C GLU K 147 -25.94 -42.74 45.73
N TRP K 148 -26.96 -43.26 45.05
CA TRP K 148 -28.31 -42.78 45.21
C TRP K 148 -29.26 -43.95 45.36
N ASP K 149 -30.39 -43.70 46.01
CA ASP K 149 -31.47 -44.66 46.12
C ASP K 149 -32.58 -44.29 45.15
N THR K 150 -33.58 -45.17 45.06
CA THR K 150 -34.68 -45.00 44.14
C THR K 150 -35.93 -44.56 44.87
N GLY K 151 -36.65 -43.61 44.27
CA GLY K 151 -37.87 -43.09 44.88
C GLY K 151 -38.64 -42.16 43.97
N LEU K 152 -39.20 -41.10 44.54
CA LEU K 152 -39.95 -40.14 43.75
C LEU K 152 -39.07 -39.46 42.71
N ASN K 153 -37.85 -39.11 43.09
CA ASN K 153 -36.90 -38.44 42.20
C ASN K 153 -36.04 -39.52 41.53
N SER K 154 -36.34 -39.81 40.27
CA SER K 154 -35.66 -40.87 39.54
C SER K 154 -34.49 -40.38 38.71
N LYS K 155 -34.08 -39.12 38.86
CA LYS K 155 -32.98 -38.55 38.11
C LYS K 155 -31.78 -38.34 39.03
N PHE K 156 -30.59 -38.62 38.52
CA PHE K 156 -29.37 -38.49 39.31
C PHE K 156 -28.21 -38.21 38.38
N THR K 157 -27.50 -37.12 38.64
CA THR K 157 -26.42 -36.65 37.78
C THR K 157 -25.07 -36.98 38.41
N PHE K 158 -24.20 -37.60 37.63
CA PHE K 158 -22.87 -38.00 38.06
C PHE K 158 -21.85 -37.48 37.06
N SER K 159 -20.89 -36.70 37.54
CA SER K 159 -19.93 -36.01 36.69
C SER K 159 -18.62 -36.79 36.65
N ILE K 160 -18.18 -37.13 35.45
CA ILE K 160 -16.91 -37.84 35.27
C ILE K 160 -15.78 -36.82 35.37
N PRO K 161 -14.92 -36.92 36.37
CA PRO K 161 -13.81 -35.96 36.49
C PRO K 161 -12.80 -36.14 35.36
N TYR K 162 -12.22 -35.02 34.94
CA TYR K 162 -11.23 -35.03 33.87
C TYR K 162 -9.86 -35.30 34.47
N VAL K 163 -9.36 -36.51 34.28
CA VAL K 163 -8.05 -36.92 34.78
C VAL K 163 -7.25 -37.49 33.62
N SER K 164 -6.17 -36.80 33.25
CA SER K 164 -5.27 -37.24 32.20
C SER K 164 -3.97 -36.46 32.36
N ALA K 165 -2.95 -36.86 31.57
CA ALA K 165 -1.61 -36.28 31.73
C ALA K 165 -1.56 -34.84 31.22
N ALA K 166 -1.76 -34.67 29.93
CA ALA K 166 -1.66 -33.36 29.33
C ALA K 166 -2.83 -32.49 29.75
N ASP K 167 -2.67 -31.19 29.54
CA ASP K 167 -3.75 -30.24 29.80
C ASP K 167 -4.94 -30.51 28.88
N TYR K 168 -4.68 -31.02 27.67
CA TYR K 168 -5.71 -31.38 26.71
C TYR K 168 -5.48 -32.83 26.30
N ALA K 169 -6.56 -33.49 25.89
CA ALA K 169 -6.50 -34.89 25.52
C ALA K 169 -7.16 -35.10 24.16
N TYR K 170 -6.76 -36.16 23.47
CA TYR K 170 -7.27 -36.45 22.14
C TYR K 170 -8.71 -36.96 22.23
N THR K 171 -9.52 -36.54 21.26
CA THR K 171 -10.90 -37.01 21.11
C THR K 171 -10.96 -38.13 20.08
N ALA K 172 -9.78 -38.60 19.67
CA ALA K 172 -9.64 -39.41 18.47
C ALA K 172 -8.78 -40.65 18.73
N SER K 173 -9.16 -41.43 19.75
CA SER K 173 -8.35 -42.52 20.30
C SER K 173 -7.52 -43.25 19.25
N ASP K 174 -6.23 -43.37 19.51
CA ASP K 174 -5.25 -43.75 18.52
C ASP K 174 -5.27 -45.26 18.28
N VAL K 175 -4.82 -45.66 17.08
CA VAL K 175 -4.80 -47.08 16.73
C VAL K 175 -3.84 -47.85 17.61
N ALA K 176 -2.75 -47.19 18.04
CA ALA K 176 -1.84 -47.76 19.02
C ALA K 176 -2.43 -47.56 20.41
N GLU K 177 -1.62 -47.73 21.45
CA GLU K 177 -2.07 -47.51 22.82
C GLU K 177 -3.21 -48.45 23.17
N THR K 178 -2.94 -49.76 23.19
CA THR K 178 -3.92 -50.76 23.56
C THR K 178 -4.14 -50.67 25.07
N THR K 179 -4.92 -51.58 25.66
CA THR K 179 -5.26 -51.56 27.08
C THR K 179 -6.18 -50.36 27.33
N ASN K 180 -6.82 -50.29 28.49
CA ASN K 180 -7.73 -49.18 28.82
C ASN K 180 -7.06 -47.86 28.49
N VAL K 181 -7.67 -47.11 27.56
CA VAL K 181 -7.10 -45.84 27.16
C VAL K 181 -7.03 -44.88 28.34
N GLN K 182 -8.19 -44.41 28.82
CA GLN K 182 -8.20 -43.66 30.07
C GLN K 182 -9.17 -44.23 31.11
N GLY K 183 -10.45 -44.37 30.78
CA GLY K 183 -11.40 -44.62 31.84
C GLY K 183 -12.60 -45.48 31.54
N TRP K 184 -13.09 -46.17 32.57
CA TRP K 184 -14.36 -46.89 32.52
C TRP K 184 -15.22 -46.48 33.71
N VAL K 185 -16.53 -46.44 33.48
CA VAL K 185 -17.52 -46.28 34.53
C VAL K 185 -18.27 -47.59 34.68
N CYS K 186 -18.35 -48.09 35.90
CA CYS K 186 -19.07 -49.31 36.20
C CYS K 186 -20.30 -48.98 37.03
N ILE K 187 -21.42 -49.60 36.70
CA ILE K 187 -22.70 -49.37 37.35
C ILE K 187 -23.06 -50.62 38.14
N TYR K 188 -23.38 -50.44 39.42
CA TYR K 188 -23.56 -51.55 40.34
C TYR K 188 -24.99 -51.59 40.85
N GLN K 189 -25.46 -52.80 41.12
CA GLN K 189 -26.78 -53.02 41.70
C GLN K 189 -26.57 -53.59 43.10
N ILE K 190 -26.55 -52.70 44.10
CA ILE K 190 -26.34 -53.14 45.48
C ILE K 190 -27.47 -54.06 45.94
N THR K 191 -28.71 -53.69 45.61
CA THR K 191 -29.87 -54.51 45.93
C THR K 191 -30.98 -54.19 44.94
N HIS K 192 -31.93 -55.11 44.85
CA HIS K 192 -33.10 -54.92 43.99
C HIS K 192 -34.25 -55.75 44.52
N GLY K 193 -35.46 -55.20 44.40
CA GLY K 193 -36.64 -55.90 44.86
C GLY K 193 -37.69 -56.09 43.79
N LYS K 194 -37.93 -57.34 43.40
CA LYS K 194 -38.95 -57.69 42.40
C LYS K 194 -38.72 -56.93 41.09
N ALA K 195 -37.45 -56.83 40.69
CA ALA K 195 -37.05 -56.12 39.48
C ALA K 195 -36.37 -57.13 38.55
N GLN K 196 -37.18 -57.82 37.76
CA GLN K 196 -36.65 -58.83 36.83
C GLN K 196 -36.40 -58.26 35.44
N ASN K 197 -37.24 -57.33 34.98
CA ASN K 197 -37.08 -56.70 33.68
C ASN K 197 -37.08 -55.18 33.77
N ASP K 198 -36.87 -54.62 34.97
CA ASP K 198 -36.84 -53.17 35.13
C ASP K 198 -35.53 -52.61 34.60
N THR K 199 -35.61 -51.43 33.97
CA THR K 199 -34.52 -50.86 33.21
C THR K 199 -34.02 -49.57 33.84
N LEU K 200 -32.89 -49.09 33.31
CA LEU K 200 -32.28 -47.85 33.75
C LEU K 200 -31.60 -47.21 32.54
N VAL K 201 -32.12 -46.06 32.11
CA VAL K 201 -31.65 -45.38 30.89
C VAL K 201 -30.63 -44.31 31.27
N VAL K 202 -29.51 -44.29 30.55
CA VAL K 202 -28.37 -43.45 30.87
C VAL K 202 -28.16 -42.46 29.74
N SER K 203 -28.00 -41.18 30.09
CA SER K 203 -27.75 -40.12 29.13
C SER K 203 -26.56 -39.28 29.57
N VAL K 204 -25.88 -38.66 28.60
CA VAL K 204 -24.63 -37.96 28.84
C VAL K 204 -24.70 -36.58 28.18
N SER K 205 -24.20 -35.57 28.88
CA SER K 205 -24.11 -34.21 28.36
C SER K 205 -22.70 -33.68 28.61
N ALA K 206 -22.41 -32.53 27.99
CA ALA K 206 -21.15 -31.86 28.25
C ALA K 206 -21.17 -31.21 29.63
N GLY K 207 -20.00 -31.17 30.27
CA GLY K 207 -19.89 -30.54 31.55
C GLY K 207 -19.90 -29.03 31.46
N LYS K 208 -19.91 -28.38 32.62
CA LYS K 208 -19.92 -26.93 32.68
C LYS K 208 -18.64 -26.32 32.13
N ASP K 209 -17.50 -27.03 32.24
CA ASP K 209 -16.22 -26.55 31.75
C ASP K 209 -15.69 -27.37 30.58
N PHE K 210 -16.54 -28.17 29.93
CA PHE K 210 -16.13 -28.94 28.76
C PHE K 210 -15.69 -28.01 27.64
N GLU K 211 -14.82 -28.51 26.77
CA GLU K 211 -14.16 -27.60 25.84
C GLU K 211 -13.47 -28.39 24.74
N LEU K 212 -13.74 -28.04 23.50
CA LEU K 212 -13.06 -28.64 22.34
C LEU K 212 -12.18 -27.59 21.68
N ARG K 213 -11.03 -28.02 21.15
CA ARG K 213 -9.96 -27.07 20.83
C ARG K 213 -9.68 -26.93 19.34
N LEU K 214 -9.31 -28.01 18.65
CA LEU K 214 -8.73 -27.84 17.31
C LEU K 214 -9.65 -28.41 16.24
N PRO K 215 -10.36 -27.58 15.48
CA PRO K 215 -11.23 -28.11 14.42
C PRO K 215 -10.45 -28.84 13.36
N ILE K 216 -11.00 -29.96 12.89
CA ILE K 216 -10.43 -30.73 11.79
C ILE K 216 -11.58 -31.26 10.94
N ASP K 217 -11.23 -31.93 9.84
CA ASP K 217 -12.19 -32.49 8.89
C ASP K 217 -11.69 -33.90 8.65
N PRO K 218 -12.03 -34.84 9.54
CA PRO K 218 -11.41 -36.17 9.48
C PRO K 218 -12.15 -37.18 8.61
N ARG K 219 -13.43 -36.95 8.36
CA ARG K 219 -14.27 -37.97 7.74
C ARG K 219 -13.90 -38.16 6.26
N THR K 220 -14.04 -39.40 5.80
CA THR K 220 -13.70 -39.74 4.42
C THR K 220 -14.69 -39.11 3.46
N GLN K 221 -14.18 -38.34 2.50
CA GLN K 221 -15.02 -37.70 1.49
C GLN K 221 -14.52 -38.02 0.09
N GLU L 52 -29.96 40.66 -21.14
CA GLU L 52 -31.30 40.21 -21.48
C GLU L 52 -32.36 41.07 -20.81
N THR L 53 -33.56 41.10 -21.39
CA THR L 53 -34.67 41.86 -20.85
C THR L 53 -35.93 41.02 -20.91
N ARG L 54 -36.86 41.33 -20.01
CA ARG L 54 -38.17 40.66 -19.95
C ARG L 54 -39.22 41.57 -20.57
N VAL L 55 -40.06 40.98 -21.42
CA VAL L 55 -41.13 41.71 -22.10
C VAL L 55 -42.44 41.39 -21.40
N THR L 56 -43.29 42.40 -21.24
CA THR L 56 -44.57 42.23 -20.59
C THR L 56 -45.75 42.28 -21.56
N GLN L 57 -45.54 42.81 -22.76
CA GLN L 57 -46.61 42.90 -23.75
C GLN L 57 -46.83 41.61 -24.52
N ALA L 58 -45.89 40.66 -24.45
CA ALA L 58 -46.01 39.41 -25.19
C ALA L 58 -46.69 38.31 -24.39
N GLU L 59 -46.99 38.55 -23.11
CA GLU L 59 -47.64 37.54 -22.27
C GLU L 59 -49.14 37.80 -22.29
N ARG L 60 -49.80 37.22 -23.29
CA ARG L 60 -51.23 37.42 -23.45
C ARG L 60 -51.84 36.17 -24.03
N PHE L 61 -53.14 35.96 -23.82
CA PHE L 61 -53.77 34.74 -24.28
C PHE L 61 -53.90 34.68 -25.79
N PHE L 62 -54.18 33.49 -26.31
CA PHE L 62 -54.33 33.30 -27.75
C PHE L 62 -55.22 32.10 -28.01
N LYS L 63 -56.46 32.34 -28.45
CA LYS L 63 -57.39 31.23 -28.63
C LYS L 63 -56.95 30.36 -29.80
N LYS L 64 -57.25 29.06 -29.69
CA LYS L 64 -56.82 28.12 -30.71
C LYS L 64 -57.83 26.98 -30.79
N HIS L 65 -57.98 26.43 -31.98
CA HIS L 65 -58.82 25.26 -32.22
C HIS L 65 -57.95 24.02 -32.32
N LEU L 66 -58.22 23.03 -31.46
CA LEU L 66 -57.42 21.81 -31.43
C LEU L 66 -57.95 20.77 -32.40
N PHE L 67 -59.19 20.33 -32.19
CA PHE L 67 -59.83 19.35 -33.06
C PHE L 67 -61.30 19.26 -32.70
N ASN L 68 -62.04 18.50 -33.50
CA ASN L 68 -63.45 18.24 -33.26
C ASN L 68 -63.59 16.88 -32.60
N TRP L 69 -64.04 16.86 -31.36
CA TRP L 69 -64.23 15.62 -30.60
C TRP L 69 -65.57 15.00 -30.99
N THR L 70 -65.51 13.92 -31.76
CA THR L 70 -66.68 13.21 -32.24
C THR L 70 -66.83 11.89 -31.49
N THR L 71 -67.79 11.08 -31.91
CA THR L 71 -68.05 9.80 -31.28
C THR L 71 -67.34 8.63 -31.96
N ASP L 72 -66.89 8.82 -33.20
CA ASP L 72 -66.23 7.74 -33.94
C ASP L 72 -64.73 7.70 -33.72
N LYS L 73 -64.19 8.56 -32.87
CA LYS L 73 -62.76 8.54 -32.55
C LYS L 73 -62.55 7.68 -31.32
N PRO L 74 -61.85 6.55 -31.43
CA PRO L 74 -61.69 5.67 -30.26
C PRO L 74 -60.63 6.17 -29.30
N PHE L 75 -60.31 5.36 -28.28
CA PHE L 75 -59.25 5.70 -27.35
C PHE L 75 -57.92 5.80 -28.09
N GLY L 76 -57.08 6.72 -27.65
CA GLY L 76 -55.77 6.90 -28.25
C GLY L 76 -55.73 7.83 -29.42
N HIS L 77 -56.87 8.42 -29.81
CA HIS L 77 -56.84 9.43 -30.86
C HIS L 77 -56.07 10.64 -30.36
N LEU L 78 -54.87 10.83 -30.89
CA LEU L 78 -53.90 11.77 -30.35
C LEU L 78 -53.82 13.01 -31.24
N GLU L 79 -53.96 14.18 -30.63
CA GLU L 79 -53.83 15.45 -31.34
C GLU L 79 -52.78 16.29 -30.63
N LYS L 80 -51.85 16.85 -31.39
CA LYS L 80 -50.74 17.61 -30.83
C LYS L 80 -50.71 19.01 -31.42
N LEU L 81 -49.99 19.89 -30.72
CA LEU L 81 -49.84 21.27 -31.17
C LEU L 81 -48.53 21.81 -30.60
N LYS L 82 -47.45 21.74 -31.37
CA LYS L 82 -46.14 22.17 -30.90
C LYS L 82 -46.15 23.66 -30.60
N LEU L 83 -45.52 24.06 -29.49
CA LEU L 83 -45.45 25.47 -29.16
C LEU L 83 -44.01 25.96 -29.31
N PRO L 84 -43.83 27.22 -29.76
CA PRO L 84 -44.86 28.18 -30.16
C PRO L 84 -45.42 27.91 -31.55
N THR L 85 -46.68 28.26 -31.78
CA THR L 85 -47.30 28.14 -33.08
C THR L 85 -47.11 29.45 -33.86
N ASP L 86 -47.82 29.60 -34.97
CA ASP L 86 -47.75 30.82 -35.77
C ASP L 86 -48.49 31.94 -35.05
N HIS L 87 -47.74 32.75 -34.30
CA HIS L 87 -48.31 33.89 -33.58
C HIS L 87 -48.36 35.10 -34.51
N LYS L 88 -49.54 35.66 -34.69
CA LYS L 88 -49.73 36.83 -35.53
C LYS L 88 -49.66 38.13 -34.74
N GLY L 89 -49.35 38.07 -33.44
CA GLY L 89 -49.29 39.25 -32.62
C GLY L 89 -47.88 39.72 -32.32
N VAL L 90 -47.68 40.22 -31.09
CA VAL L 90 -46.36 40.73 -30.70
C VAL L 90 -45.34 39.60 -30.64
N TYR L 91 -45.78 38.40 -30.25
CA TYR L 91 -44.85 37.29 -30.07
C TYR L 91 -44.18 36.88 -31.38
N GLY L 92 -44.92 36.95 -32.49
CA GLY L 92 -44.31 36.64 -33.77
C GLY L 92 -43.21 37.62 -34.13
N HIS L 93 -43.45 38.92 -33.89
CA HIS L 93 -42.40 39.91 -34.10
C HIS L 93 -41.22 39.69 -33.17
N LEU L 94 -41.49 39.25 -31.94
CA LEU L 94 -40.40 38.92 -31.03
C LEU L 94 -39.57 37.76 -31.57
N VAL L 95 -40.23 36.73 -32.09
CA VAL L 95 -39.53 35.56 -32.60
C VAL L 95 -38.68 35.93 -33.81
N ASP L 96 -39.25 36.69 -34.74
CA ASP L 96 -38.53 36.99 -35.99
C ASP L 96 -37.59 38.18 -35.88
N SER L 97 -37.72 38.99 -34.82
CA SER L 97 -36.87 40.16 -34.64
C SER L 97 -35.96 40.05 -33.43
N PHE L 98 -35.96 38.91 -32.73
CA PHE L 98 -34.96 38.64 -31.73
C PHE L 98 -34.51 37.20 -31.91
N ALA L 99 -33.23 36.94 -31.61
CA ALA L 99 -32.67 35.62 -31.89
C ALA L 99 -32.86 34.63 -30.75
N TYR L 100 -32.53 35.04 -29.52
CA TYR L 100 -32.48 34.13 -28.38
C TYR L 100 -33.56 34.51 -27.38
N MET L 101 -34.36 33.51 -26.98
CA MET L 101 -35.49 33.76 -26.11
C MET L 101 -35.73 32.53 -25.24
N ARG L 102 -36.36 32.76 -24.08
CA ARG L 102 -36.75 31.67 -23.22
C ARG L 102 -38.07 32.02 -22.56
N ASN L 103 -38.97 31.04 -22.49
CA ASN L 103 -40.29 31.28 -21.93
C ASN L 103 -40.97 29.95 -21.66
N GLY L 104 -41.92 29.98 -20.73
CA GLY L 104 -42.77 28.85 -20.44
C GLY L 104 -44.10 28.97 -21.16
N TRP L 105 -45.12 28.29 -20.64
CA TRP L 105 -46.43 28.32 -21.29
C TRP L 105 -47.53 27.93 -20.32
N ASP L 106 -48.61 28.71 -20.29
CA ASP L 106 -49.75 28.34 -19.47
C ASP L 106 -50.90 27.95 -20.39
N VAL L 107 -51.20 26.67 -20.45
CA VAL L 107 -52.23 26.21 -21.40
C VAL L 107 -53.56 25.93 -20.74
N GLU L 108 -54.63 26.50 -21.30
CA GLU L 108 -55.97 26.24 -20.78
C GLU L 108 -56.73 25.53 -21.89
N VAL L 109 -57.53 24.54 -21.53
CA VAL L 109 -58.21 23.75 -22.55
C VAL L 109 -59.65 23.53 -22.12
N SER L 110 -60.59 23.87 -23.00
CA SER L 110 -62.01 23.77 -22.70
C SER L 110 -62.72 23.05 -23.83
N ALA L 111 -63.64 22.16 -23.46
CA ALA L 111 -64.50 21.46 -24.42
C ALA L 111 -65.94 21.87 -24.17
N VAL L 112 -66.61 22.37 -25.20
CA VAL L 112 -67.99 22.82 -25.06
C VAL L 112 -68.92 21.62 -25.31
N GLY L 113 -69.80 21.35 -24.34
CA GLY L 113 -70.71 20.24 -24.45
C GLY L 113 -71.83 20.33 -23.44
N ASN L 114 -72.19 19.19 -22.83
CA ASN L 114 -73.19 19.17 -21.77
C ASN L 114 -72.97 17.93 -20.92
N GLN L 115 -73.69 17.87 -19.80
CA GLN L 115 -73.52 16.79 -18.84
C GLN L 115 -74.12 15.47 -19.31
N PHE L 116 -74.89 15.47 -20.39
CA PHE L 116 -75.52 14.25 -20.90
C PHE L 116 -74.60 13.43 -21.78
N ASN L 117 -73.37 13.87 -22.01
CA ASN L 117 -72.39 13.13 -22.79
C ASN L 117 -71.31 12.56 -21.88
N GLY L 118 -70.66 11.51 -22.38
CA GLY L 118 -69.58 10.89 -21.65
C GLY L 118 -68.33 10.85 -22.50
N GLY L 119 -67.21 10.68 -21.82
CA GLY L 119 -65.91 10.68 -22.47
C GLY L 119 -64.87 11.30 -21.56
N CYS L 120 -63.61 11.14 -21.95
CA CYS L 120 -62.51 11.68 -21.16
C CYS L 120 -61.38 12.12 -22.07
N LEU L 121 -60.87 13.32 -21.82
CA LEU L 121 -59.74 13.88 -22.55
C LEU L 121 -58.57 14.12 -21.60
N LEU L 122 -57.42 13.55 -21.94
CA LEU L 122 -56.18 13.77 -21.23
C LEU L 122 -55.43 14.88 -21.94
N VAL L 123 -55.15 15.96 -21.23
CA VAL L 123 -54.37 17.08 -21.76
C VAL L 123 -53.05 17.12 -21.00
N ALA L 124 -51.95 17.18 -21.75
CA ALA L 124 -50.62 17.12 -21.16
C ALA L 124 -49.66 17.97 -21.98
N MET L 125 -48.57 18.36 -21.36
CA MET L 125 -47.54 19.16 -22.01
C MET L 125 -46.25 18.35 -22.03
N VAL L 126 -45.96 17.77 -23.19
CA VAL L 126 -44.84 16.84 -23.34
C VAL L 126 -43.59 17.64 -23.68
N PRO L 127 -42.53 17.58 -22.86
CA PRO L 127 -41.27 18.22 -23.25
C PRO L 127 -40.52 17.34 -24.25
N GLU L 128 -39.99 17.97 -25.29
CA GLU L 128 -39.26 17.28 -26.35
C GLU L 128 -40.11 16.15 -26.94
N TRP L 129 -41.18 16.58 -27.59
CA TRP L 129 -42.19 15.67 -28.11
C TRP L 129 -41.58 14.62 -29.05
N LYS L 130 -42.18 13.44 -29.06
CA LYS L 130 -41.82 12.37 -29.98
C LYS L 130 -43.07 11.53 -30.24
N LYS L 131 -43.15 10.97 -31.43
CA LYS L 131 -44.30 10.15 -31.80
C LYS L 131 -44.37 8.92 -30.91
N PHE L 132 -45.59 8.57 -30.49
CA PHE L 132 -45.83 7.47 -29.57
C PHE L 132 -46.55 6.34 -30.29
N THR L 133 -46.02 5.13 -30.23
CA THR L 133 -46.79 3.97 -30.63
C THR L 133 -47.87 3.73 -29.56
N PRO L 134 -49.00 3.10 -29.93
CA PRO L 134 -50.11 2.93 -28.96
C PRO L 134 -49.73 2.31 -27.63
N ARG L 135 -48.51 1.76 -27.52
CA ARG L 135 -48.13 1.10 -26.27
C ARG L 135 -47.85 2.12 -25.15
N GLU L 136 -47.12 3.19 -25.45
CA GLU L 136 -46.83 4.15 -24.38
C GLU L 136 -47.89 5.24 -24.26
N LYS L 137 -48.95 5.20 -25.07
CA LYS L 137 -50.05 6.13 -24.86
C LYS L 137 -50.71 5.93 -23.51
N TYR L 138 -50.56 4.74 -22.92
CA TYR L 138 -51.07 4.46 -21.59
C TYR L 138 -50.26 5.13 -20.49
N GLN L 139 -49.10 5.72 -20.82
CA GLN L 139 -48.20 6.27 -19.83
C GLN L 139 -48.03 7.78 -19.95
N LEU L 140 -48.89 8.46 -20.71
CA LEU L 140 -48.73 9.91 -20.88
C LEU L 140 -49.06 10.71 -19.63
N THR L 141 -49.52 10.06 -18.56
CA THR L 141 -49.76 10.75 -17.31
C THR L 141 -48.47 11.18 -16.62
N LEU L 142 -47.31 10.71 -17.10
CA LEU L 142 -46.04 11.04 -16.45
C LEU L 142 -45.73 12.53 -16.54
N PHE L 143 -45.98 13.15 -17.69
CA PHE L 143 -45.79 14.58 -17.88
C PHE L 143 -46.88 15.36 -17.15
N PRO L 144 -46.66 16.64 -16.88
CA PRO L 144 -47.72 17.45 -16.27
C PRO L 144 -48.99 17.38 -17.09
N HIS L 145 -50.10 17.06 -16.43
CA HIS L 145 -51.32 16.72 -17.14
C HIS L 145 -52.54 16.99 -16.28
N GLN L 146 -53.69 17.05 -16.95
CA GLN L 146 -54.98 17.05 -16.29
C GLN L 146 -55.95 16.29 -17.18
N PHE L 147 -57.14 16.02 -16.64
CA PHE L 147 -58.16 15.29 -17.36
C PHE L 147 -59.33 16.21 -17.69
N ILE L 148 -59.93 15.98 -18.85
CA ILE L 148 -61.14 16.67 -19.27
C ILE L 148 -62.21 15.62 -19.52
N SER L 149 -63.28 15.66 -18.71
CA SER L 149 -64.39 14.74 -18.85
C SER L 149 -65.66 15.52 -18.55
N PRO L 150 -66.67 15.43 -19.41
CA PRO L 150 -67.87 16.28 -19.24
C PRO L 150 -68.61 16.01 -17.93
N ARG L 151 -68.43 14.84 -17.31
CA ARG L 151 -69.16 14.53 -16.09
C ARG L 151 -68.73 15.44 -14.94
N THR L 152 -67.42 15.64 -14.75
CA THR L 152 -66.91 16.33 -13.58
C THR L 152 -66.41 17.73 -13.88
N ASN L 153 -65.48 17.88 -14.82
CA ASN L 153 -64.82 19.17 -15.06
C ASN L 153 -65.16 19.67 -16.45
N MET L 154 -64.81 20.94 -16.69
CA MET L 154 -65.06 21.57 -17.98
C MET L 154 -63.83 22.26 -18.59
N THR L 155 -62.78 22.51 -17.81
CA THR L 155 -61.65 23.27 -18.29
C THR L 155 -60.40 22.87 -17.52
N ALA L 156 -59.31 22.62 -18.25
CA ALA L 156 -58.03 22.26 -17.66
C ALA L 156 -57.12 23.48 -17.56
N HIS L 157 -56.03 23.31 -16.81
CA HIS L 157 -55.12 24.42 -16.54
C HIS L 157 -53.75 23.85 -16.20
N ILE L 158 -52.79 24.00 -17.11
CA ILE L 158 -51.44 23.46 -16.95
C ILE L 158 -50.43 24.59 -17.15
N THR L 159 -49.46 24.68 -16.25
CA THR L 159 -48.40 25.67 -16.37
C THR L 159 -47.05 24.96 -16.29
N VAL L 160 -46.13 25.34 -17.18
CA VAL L 160 -44.82 24.71 -17.26
C VAL L 160 -43.76 25.79 -17.33
N PRO L 161 -42.53 25.48 -16.89
CA PRO L 161 -41.44 26.45 -17.01
C PRO L 161 -40.71 26.28 -18.34
N TYR L 162 -39.65 27.06 -18.55
CA TYR L 162 -38.80 26.90 -19.72
C TYR L 162 -37.69 25.91 -19.39
N LEU L 163 -37.44 24.97 -20.30
CA LEU L 163 -36.43 23.96 -20.06
C LEU L 163 -35.87 23.47 -21.38
N GLY L 164 -34.58 23.16 -21.39
CA GLY L 164 -33.88 22.73 -22.57
C GLY L 164 -32.40 22.67 -22.32
N VAL L 165 -31.68 22.17 -23.32
CA VAL L 165 -30.23 22.05 -23.18
C VAL L 165 -29.53 23.40 -23.22
N ASN L 166 -30.09 24.39 -23.92
CA ASN L 166 -29.48 25.70 -24.03
C ASN L 166 -30.23 26.70 -23.15
N ARG L 167 -29.48 27.63 -22.55
CA ARG L 167 -30.08 28.64 -21.69
C ARG L 167 -31.04 29.53 -22.48
N TYR L 168 -30.81 29.69 -23.78
CA TYR L 168 -31.73 30.39 -24.67
C TYR L 168 -31.94 29.55 -25.91
N ASP L 169 -33.15 29.63 -26.46
CA ASP L 169 -33.52 28.82 -27.60
C ASP L 169 -34.03 29.69 -28.74
N GLN L 170 -33.86 29.19 -29.96
CA GLN L 170 -34.39 29.83 -31.16
C GLN L 170 -35.54 28.95 -31.65
N TYR L 171 -36.77 29.38 -31.36
CA TYR L 171 -37.92 28.51 -31.61
C TYR L 171 -38.22 28.32 -33.09
N LYS L 172 -37.55 29.05 -33.98
CA LYS L 172 -37.64 28.72 -35.39
C LYS L 172 -36.98 27.39 -35.72
N LYS L 173 -36.23 26.81 -34.77
CA LYS L 173 -35.56 25.54 -34.94
C LYS L 173 -36.00 24.49 -33.94
N HIS L 174 -36.16 24.85 -32.67
CA HIS L 174 -36.46 23.91 -31.61
C HIS L 174 -37.75 24.30 -30.90
N LYS L 175 -38.59 23.29 -30.62
CA LYS L 175 -39.87 23.50 -29.96
C LYS L 175 -39.91 22.60 -28.73
N PRO L 176 -39.48 23.10 -27.57
CA PRO L 176 -39.33 22.22 -26.40
C PRO L 176 -40.64 21.63 -25.91
N TRP L 177 -41.62 22.49 -25.64
CA TRP L 177 -42.90 22.04 -25.10
C TRP L 177 -43.89 21.77 -26.23
N THR L 178 -44.85 20.89 -25.93
CA THR L 178 -45.84 20.49 -26.92
C THR L 178 -47.15 20.19 -26.21
N LEU L 179 -48.25 20.71 -26.76
CA LEU L 179 -49.56 20.38 -26.26
C LEU L 179 -50.00 19.01 -26.80
N VAL L 180 -50.55 18.19 -25.91
CA VAL L 180 -51.01 16.86 -26.25
C VAL L 180 -52.40 16.67 -25.67
N VAL L 181 -53.35 16.30 -26.53
CA VAL L 181 -54.72 16.01 -26.12
C VAL L 181 -55.13 14.70 -26.77
N MET L 182 -55.73 13.80 -25.98
CA MET L 182 -56.14 12.51 -26.48
C MET L 182 -57.48 12.12 -25.88
N VAL L 183 -58.15 11.17 -26.53
CA VAL L 183 -59.40 10.62 -26.03
C VAL L 183 -59.08 9.42 -25.14
N VAL L 184 -59.35 9.56 -23.84
CA VAL L 184 -59.18 8.43 -22.92
C VAL L 184 -60.35 7.46 -23.07
N SER L 185 -61.57 7.99 -23.03
CA SER L 185 -62.78 7.22 -23.29
C SER L 185 -63.58 7.90 -24.39
N PRO L 186 -64.17 7.14 -25.31
CA PRO L 186 -64.80 7.76 -26.48
C PRO L 186 -66.03 8.55 -26.09
N LEU L 187 -66.31 9.58 -26.88
CA LEU L 187 -67.50 10.39 -26.66
C LEU L 187 -68.74 9.57 -26.94
N THR L 188 -69.60 9.43 -25.93
CA THR L 188 -70.85 8.69 -26.07
C THR L 188 -72.01 9.67 -25.96
N THR L 189 -72.98 9.51 -26.85
CA THR L 189 -74.13 10.40 -26.92
C THR L 189 -75.40 9.59 -27.07
N SER L 190 -76.52 10.22 -26.70
CA SER L 190 -77.83 9.60 -26.83
C SER L 190 -78.75 10.53 -27.60
N SER L 191 -80.06 10.22 -27.61
CA SER L 191 -81.02 11.09 -28.28
C SER L 191 -81.15 12.45 -27.61
N ILE L 192 -80.63 12.61 -26.39
CA ILE L 192 -80.69 13.88 -25.67
C ILE L 192 -79.31 14.47 -25.44
N GLY L 193 -78.27 13.89 -26.05
CA GLY L 193 -76.92 14.39 -25.89
C GLY L 193 -76.37 15.02 -27.15
N ALA L 194 -75.36 15.88 -27.01
CA ALA L 194 -74.75 16.52 -28.16
C ALA L 194 -74.01 15.48 -29.01
N THR L 195 -74.18 15.56 -30.32
CA THR L 195 -73.56 14.61 -31.23
C THR L 195 -72.08 14.87 -31.43
N GLU L 196 -71.57 16.02 -30.99
CA GLU L 196 -70.19 16.40 -31.24
C GLU L 196 -69.80 17.50 -30.26
N ILE L 197 -68.49 17.63 -30.05
CA ILE L 197 -67.93 18.61 -29.12
C ILE L 197 -66.69 19.22 -29.77
N LYS L 198 -66.59 20.55 -29.74
CA LYS L 198 -65.43 21.27 -30.22
C LYS L 198 -64.61 21.75 -29.01
N VAL L 199 -63.33 21.41 -29.00
CA VAL L 199 -62.43 21.77 -27.91
C VAL L 199 -61.63 23.00 -28.31
N TYR L 200 -61.25 23.86 -27.37
CA TYR L 200 -60.38 24.99 -27.78
C TYR L 200 -59.02 25.14 -27.09
N ALA L 201 -57.98 25.63 -27.75
CA ALA L 201 -56.72 25.92 -27.04
C ALA L 201 -56.73 27.30 -26.42
N ASN L 202 -56.11 27.44 -25.25
CA ASN L 202 -55.98 28.76 -24.63
C ASN L 202 -54.55 28.82 -24.11
N ILE L 203 -53.65 29.51 -24.83
CA ILE L 203 -52.24 29.49 -24.44
C ILE L 203 -51.59 30.87 -24.34
N ALA L 204 -50.49 30.97 -23.59
CA ALA L 204 -49.78 32.23 -23.47
C ALA L 204 -48.35 32.05 -22.95
N PRO L 205 -47.37 32.68 -23.60
CA PRO L 205 -45.98 32.61 -23.11
C PRO L 205 -45.84 33.34 -21.78
N THR L 206 -45.05 32.74 -20.88
CA THR L 206 -44.86 33.26 -19.53
C THR L 206 -43.40 33.52 -19.28
N HIS L 207 -43.09 34.63 -18.62
CA HIS L 207 -41.74 34.96 -18.18
C HIS L 207 -40.77 34.99 -19.36
N VAL L 208 -41.20 35.64 -20.44
CA VAL L 208 -40.40 35.69 -21.66
C VAL L 208 -39.15 36.53 -21.40
N HIS L 209 -37.99 35.95 -21.71
CA HIS L 209 -36.71 36.61 -21.60
C HIS L 209 -35.97 36.49 -22.92
N VAL L 210 -35.41 37.60 -23.39
CA VAL L 210 -34.86 37.69 -24.73
C VAL L 210 -33.53 38.44 -24.68
N ALA L 211 -32.64 38.08 -25.61
CA ALA L 211 -31.40 38.83 -25.81
C ALA L 211 -31.08 38.87 -27.29
N GLY L 212 -30.26 39.84 -27.67
CA GLY L 212 -29.81 39.95 -29.04
C GLY L 212 -30.86 40.39 -30.05
N GLU L 213 -31.27 41.65 -29.98
CA GLU L 213 -32.28 42.18 -30.89
C GLU L 213 -31.80 42.14 -32.34
N LEU L 214 -32.76 41.88 -33.25
CA LEU L 214 -32.43 41.75 -34.67
C LEU L 214 -32.89 43.00 -35.43
N PRO L 215 -32.23 43.31 -36.54
CA PRO L 215 -32.66 44.45 -37.34
C PRO L 215 -33.97 44.19 -38.08
N SER L 216 -34.57 45.27 -38.56
CA SER L 216 -35.78 45.16 -39.34
C SER L 216 -35.50 44.50 -40.70
N LYS L 217 -36.57 44.23 -41.43
CA LYS L 217 -36.47 43.63 -42.75
C LYS L 217 -36.85 44.58 -43.88
N GLU L 218 -37.34 45.77 -43.55
CA GLU L 218 -37.71 46.76 -44.56
C GLU L 218 -36.47 47.38 -45.19
N GLU M 52 29.81 45.23 -6.74
CA GLU M 52 29.29 46.04 -7.83
C GLU M 52 29.01 47.47 -7.37
N THR M 53 29.01 48.41 -8.31
CA THR M 53 28.74 49.81 -8.01
C THR M 53 27.81 50.38 -9.07
N ARG M 54 27.07 51.41 -8.69
CA ARG M 54 26.17 52.11 -9.59
C ARG M 54 26.80 53.42 -10.02
N VAL M 55 26.73 53.70 -11.32
CA VAL M 55 27.29 54.92 -11.89
C VAL M 55 26.16 55.89 -12.16
N THR M 56 26.40 57.18 -11.88
CA THR M 56 25.39 58.21 -12.08
C THR M 56 25.69 59.10 -13.27
N GLN M 57 26.93 59.10 -13.76
CA GLN M 57 27.31 59.94 -14.88
C GLN M 57 26.96 59.32 -16.23
N ALA M 58 26.64 58.03 -16.27
CA ALA M 58 26.31 57.36 -17.52
C ALA M 58 24.83 57.39 -17.85
N GLU M 59 23.99 57.88 -16.94
CA GLU M 59 22.54 57.95 -17.18
C GLU M 59 22.21 59.33 -17.73
N ARG M 60 22.30 59.45 -19.06
CA ARG M 60 22.05 60.73 -19.70
C ARG M 60 21.46 60.46 -21.07
N PHE M 61 20.73 61.45 -21.61
CA PHE M 61 20.07 61.24 -22.89
C PHE M 61 21.03 61.16 -24.07
N PHE M 62 20.54 60.68 -25.20
CA PHE M 62 21.37 60.56 -26.39
C PHE M 62 20.48 60.60 -27.62
N LYS M 63 20.52 61.70 -28.36
CA LYS M 63 19.62 61.83 -29.49
C LYS M 63 20.04 60.86 -30.61
N LYS M 64 19.04 60.40 -31.36
CA LYS M 64 19.30 59.42 -32.41
C LYS M 64 18.28 59.61 -33.52
N HIS M 65 18.71 59.30 -34.74
CA HIS M 65 17.85 59.33 -35.92
C HIS M 65 17.43 57.90 -36.25
N LEU M 66 16.13 57.66 -36.30
CA LEU M 66 15.61 56.32 -36.58
C LEU M 66 15.44 56.09 -38.08
N PHE M 67 14.59 56.88 -38.73
CA PHE M 67 14.36 56.77 -40.15
C PHE M 67 13.54 57.98 -40.60
N ASN M 68 13.36 58.09 -41.92
CA ASN M 68 12.54 59.12 -42.52
C ASN M 68 11.18 58.54 -42.86
N TRP M 69 10.15 59.03 -42.17
CA TRP M 69 8.78 58.57 -42.39
C TRP M 69 8.21 59.28 -43.60
N THR M 70 8.07 58.56 -44.71
CA THR M 70 7.55 59.09 -45.96
C THR M 70 6.15 58.54 -46.20
N THR M 71 5.60 58.84 -47.38
CA THR M 71 4.25 58.40 -47.74
C THR M 71 4.25 57.10 -48.52
N ASP M 72 5.37 56.70 -49.10
CA ASP M 72 5.43 55.48 -49.91
C ASP M 72 5.77 54.25 -49.11
N LYS M 73 5.91 54.37 -47.79
CA LYS M 73 6.16 53.22 -46.93
C LYS M 73 4.83 52.69 -46.42
N PRO M 74 4.44 51.46 -46.79
CA PRO M 74 3.12 50.96 -46.37
C PRO M 74 3.13 50.45 -44.93
N PHE M 75 2.03 49.85 -44.51
CA PHE M 75 1.98 49.26 -43.17
C PHE M 75 2.99 48.13 -43.06
N GLY M 76 3.56 47.99 -41.86
CA GLY M 76 4.54 46.96 -41.60
C GLY M 76 5.97 47.34 -41.92
N HIS M 77 6.22 48.56 -42.39
CA HIS M 77 7.59 49.00 -42.59
C HIS M 77 8.27 49.09 -41.23
N LEU M 78 9.17 48.15 -40.96
CA LEU M 78 9.72 47.94 -39.64
C LEU M 78 11.15 48.46 -39.57
N GLU M 79 11.43 49.29 -38.57
CA GLU M 79 12.76 49.83 -38.32
C GLU M 79 13.15 49.50 -36.90
N LYS M 80 14.36 48.97 -36.72
CA LYS M 80 14.83 48.53 -35.42
C LYS M 80 16.13 49.23 -35.06
N LEU M 81 16.46 49.20 -33.77
CA LEU M 81 17.69 49.81 -33.27
C LEU M 81 18.09 49.08 -31.98
N LYS M 82 18.95 48.07 -32.08
CA LYS M 82 19.34 47.28 -30.93
C LYS M 82 20.08 48.15 -29.92
N LEU M 83 19.78 47.96 -28.63
CA LEU M 83 20.45 48.72 -27.60
C LEU M 83 21.36 47.80 -26.80
N PRO M 84 22.54 48.31 -26.37
CA PRO M 84 23.07 49.65 -26.60
C PRO M 84 23.67 49.82 -27.98
N THR M 85 23.62 51.04 -28.53
CA THR M 85 24.24 51.35 -29.80
C THR M 85 25.66 51.85 -29.56
N ASP M 86 26.29 52.41 -30.59
CA ASP M 86 27.63 52.94 -30.47
C ASP M 86 27.58 54.25 -29.69
N HIS M 87 27.84 54.16 -28.38
CA HIS M 87 27.86 55.34 -27.51
C HIS M 87 29.26 55.95 -27.54
N LYS M 88 29.33 57.23 -27.90
CA LYS M 88 30.58 57.96 -27.95
C LYS M 88 30.88 58.71 -26.66
N GLY M 89 30.05 58.54 -25.63
CA GLY M 89 30.25 59.23 -24.38
C GLY M 89 30.81 58.36 -23.28
N VAL M 90 30.35 58.59 -22.05
CA VAL M 90 30.86 57.84 -20.90
C VAL M 90 30.45 56.37 -21.00
N TYR M 91 29.27 56.10 -21.57
CA TYR M 91 28.77 54.74 -21.61
C TYR M 91 29.64 53.83 -22.47
N GLY M 92 30.20 54.36 -23.56
CA GLY M 92 31.12 53.56 -24.36
C GLY M 92 32.36 53.16 -23.59
N HIS M 93 32.92 54.10 -22.84
CA HIS M 93 34.06 53.78 -21.98
C HIS M 93 33.68 52.77 -20.90
N LEU M 94 32.45 52.88 -20.39
CA LEU M 94 31.99 51.88 -19.42
C LEU M 94 31.91 50.50 -20.05
N VAL M 95 31.40 50.42 -21.29
CA VAL M 95 31.26 49.14 -21.96
C VAL M 95 32.63 48.51 -22.24
N ASP M 96 33.57 49.32 -22.74
CA ASP M 96 34.85 48.78 -23.16
C ASP M 96 35.85 48.67 -22.02
N SER M 97 35.59 49.33 -20.88
CA SER M 97 36.49 49.31 -19.74
C SER M 97 35.90 48.61 -18.53
N PHE M 98 34.70 48.05 -18.65
CA PHE M 98 34.17 47.18 -17.62
C PHE M 98 33.54 45.98 -18.32
N ALA M 99 33.60 44.81 -17.68
CA ALA M 99 33.17 43.59 -18.34
C ALA M 99 31.68 43.30 -18.13
N TYR M 100 31.19 43.38 -16.90
CA TYR M 100 29.84 42.95 -16.54
C TYR M 100 29.02 44.15 -16.12
N MET M 101 27.84 44.29 -16.72
CA MET M 101 27.00 45.44 -16.49
C MET M 101 25.54 45.04 -16.64
N ARG M 102 24.67 45.81 -15.97
CA ARG M 102 23.24 45.60 -16.12
C ARG M 102 22.54 46.96 -16.05
N ASN M 103 21.56 47.15 -16.93
CA ASN M 103 20.89 48.43 -17.01
C ASN M 103 19.62 48.28 -17.84
N GLY M 104 18.66 49.16 -17.58
CA GLY M 104 17.45 49.27 -18.37
C GLY M 104 17.58 50.37 -19.42
N TRP M 105 16.44 50.87 -19.87
CA TRP M 105 16.44 51.90 -20.91
C TRP M 105 15.15 52.69 -20.92
N ASP M 106 15.26 54.02 -20.96
CA ASP M 106 14.05 54.83 -21.10
C ASP M 106 14.06 55.47 -22.47
N VAL M 107 13.18 55.00 -23.35
CA VAL M 107 13.20 55.50 -24.72
C VAL M 107 12.11 56.51 -25.02
N GLU M 108 12.48 57.64 -25.59
CA GLU M 108 11.50 58.65 -25.97
C GLU M 108 11.55 58.78 -27.47
N VAL M 109 10.41 58.93 -28.12
CA VAL M 109 10.39 58.93 -29.58
C VAL M 109 9.46 60.04 -30.03
N SER M 110 9.96 60.92 -30.90
CA SER M 110 9.21 62.07 -31.37
C SER M 110 9.29 62.13 -32.89
N ALA M 111 8.16 62.44 -33.52
CA ALA M 111 8.09 62.66 -34.97
C ALA M 111 7.67 64.10 -35.21
N VAL M 112 8.47 64.83 -35.98
CA VAL M 112 8.18 66.23 -36.27
C VAL M 112 7.28 66.30 -37.50
N GLY M 113 6.14 66.97 -37.35
CA GLY M 113 5.19 67.09 -38.44
C GLY M 113 4.16 68.17 -38.18
N ASN M 114 2.90 67.89 -38.51
CA ASN M 114 1.81 68.82 -38.23
C ASN M 114 0.51 68.02 -38.19
N GLN M 115 -0.55 68.69 -37.74
CA GLN M 115 -1.84 68.05 -37.57
C GLN M 115 -2.56 67.76 -38.88
N PHE M 116 -2.07 68.28 -40.00
CA PHE M 116 -2.71 68.07 -41.29
C PHE M 116 -2.30 66.76 -41.96
N ASN M 117 -1.44 65.97 -41.32
CA ASN M 117 -1.03 64.68 -41.84
C ASN M 117 -1.64 63.56 -41.01
N GLY M 118 -1.74 62.39 -41.63
CA GLY M 118 -2.27 61.22 -40.97
C GLY M 118 -1.28 60.08 -41.03
N GLY M 119 -1.47 59.13 -40.14
CA GLY M 119 -0.57 57.99 -40.01
C GLY M 119 -0.45 57.58 -38.57
N CYS M 120 0.15 56.42 -38.36
CA CYS M 120 0.32 55.89 -37.01
C CYS M 120 1.62 55.12 -36.92
N LEU M 121 2.38 55.38 -35.86
CA LEU M 121 3.62 54.69 -35.57
C LEU M 121 3.53 53.97 -34.24
N LEU M 122 3.78 52.66 -34.28
CA LEU M 122 3.86 51.84 -33.08
C LEU M 122 5.32 51.76 -32.65
N VAL M 123 5.60 52.20 -31.44
CA VAL M 123 6.94 52.13 -30.87
C VAL M 123 6.90 51.14 -29.71
N ALA M 124 7.84 50.19 -29.71
CA ALA M 124 7.84 49.13 -28.72
C ALA M 124 9.28 48.73 -28.44
N MET M 125 9.48 48.10 -27.28
CA MET M 125 10.79 47.64 -26.85
C MET M 125 10.74 46.12 -26.73
N VAL M 126 11.27 45.44 -27.73
CA VAL M 126 11.17 43.99 -27.83
C VAL M 126 12.35 43.37 -27.07
N PRO M 127 12.11 42.55 -26.06
CA PRO M 127 13.21 41.82 -25.42
C PRO M 127 13.60 40.62 -26.27
N GLU M 128 14.91 40.43 -26.43
CA GLU M 128 15.46 39.33 -27.23
C GLU M 128 14.87 39.34 -28.64
N TRP M 129 15.21 40.40 -29.36
CA TRP M 129 14.65 40.67 -30.67
C TRP M 129 14.86 39.51 -31.62
N LYS M 130 13.90 39.34 -32.54
CA LYS M 130 14.00 38.36 -33.61
C LYS M 130 13.22 38.89 -34.81
N LYS M 131 13.67 38.52 -36.01
CA LYS M 131 13.01 38.97 -37.22
C LYS M 131 11.58 38.43 -37.28
N PHE M 132 10.66 39.28 -37.71
CA PHE M 132 9.23 38.95 -37.76
C PHE M 132 8.78 38.86 -39.21
N THR M 133 8.15 37.74 -39.57
CA THR M 133 7.43 37.70 -40.84
C THR M 133 6.16 38.56 -40.69
N PRO M 134 5.63 39.10 -41.79
CA PRO M 134 4.49 40.02 -41.70
C PRO M 134 3.29 39.48 -40.91
N ARG M 135 3.28 38.19 -40.58
CA ARG M 135 2.13 37.63 -39.87
C ARG M 135 2.10 38.07 -38.41
N GLU M 136 3.23 38.05 -37.71
CA GLU M 136 3.19 38.45 -36.31
C GLU M 136 3.44 39.94 -36.10
N LYS M 137 3.60 40.71 -37.18
CA LYS M 137 3.67 42.16 -37.03
C LYS M 137 2.38 42.72 -36.47
N TYR M 138 1.27 42.00 -36.62
CA TYR M 138 -0.02 42.39 -36.06
C TYR M 138 -0.07 42.20 -34.55
N GLN M 139 0.92 41.55 -33.95
CA GLN M 139 0.90 41.22 -32.53
C GLN M 139 2.00 41.90 -31.73
N LEU M 140 2.66 42.92 -32.28
CA LEU M 140 3.75 43.57 -31.57
C LEU M 140 3.27 44.41 -30.39
N THR M 141 1.96 44.54 -30.18
CA THR M 141 1.45 45.25 -29.02
C THR M 141 1.69 44.49 -27.72
N LEU M 142 2.11 43.23 -27.80
CA LEU M 142 2.31 42.43 -26.59
C LEU M 142 3.42 42.99 -25.71
N PHE M 143 4.52 43.44 -26.31
CA PHE M 143 5.62 44.06 -25.59
C PHE M 143 5.24 45.46 -25.15
N PRO M 144 5.94 46.02 -24.16
CA PRO M 144 5.66 47.41 -23.77
C PRO M 144 5.74 48.34 -24.97
N HIS M 145 4.70 49.14 -25.16
CA HIS M 145 4.56 49.88 -26.40
C HIS M 145 3.71 51.12 -26.19
N GLN M 146 3.82 52.03 -27.15
CA GLN M 146 2.92 53.16 -27.27
C GLN M 146 2.72 53.45 -28.75
N PHE M 147 1.77 54.32 -29.04
CA PHE M 147 1.46 54.70 -30.42
C PHE M 147 1.87 56.14 -30.67
N ILE M 148 2.32 56.39 -31.90
CA ILE M 148 2.63 57.73 -32.37
C ILE M 148 1.77 58.00 -33.59
N SER M 149 0.87 58.99 -33.47
CA SER M 149 0.00 59.37 -34.56
C SER M 149 -0.15 60.89 -34.50
N PRO M 150 0.05 61.59 -35.63
CA PRO M 150 0.04 63.06 -35.58
C PRO M 150 -1.28 63.65 -35.13
N ARG M 151 -2.39 62.91 -35.23
CA ARG M 151 -3.69 63.46 -34.86
C ARG M 151 -3.76 63.73 -33.36
N THR M 152 -3.33 62.78 -32.54
CA THR M 152 -3.52 62.86 -31.09
C THR M 152 -2.25 63.21 -30.33
N ASN M 153 -1.18 62.42 -30.48
CA ASN M 153 0.02 62.57 -29.68
C ASN M 153 1.19 63.00 -30.56
N MET M 154 2.28 63.39 -29.89
CA MET M 154 3.49 63.82 -30.57
C MET M 154 4.76 63.14 -30.08
N THR M 155 4.74 62.49 -28.92
CA THR M 155 5.95 61.93 -28.34
C THR M 155 5.59 60.75 -27.45
N ALA M 156 6.32 59.65 -27.61
CA ALA M 156 6.12 58.44 -26.81
C ALA M 156 7.12 58.39 -25.67
N HIS M 157 6.87 57.47 -24.73
CA HIS M 157 7.70 57.36 -23.53
C HIS M 157 7.58 55.95 -22.98
N ILE M 158 8.63 55.15 -23.11
CA ILE M 158 8.64 53.76 -22.69
C ILE M 158 9.84 53.53 -21.77
N THR M 159 9.61 52.87 -20.64
CA THR M 159 10.69 52.54 -19.72
C THR M 159 10.65 51.04 -19.44
N VAL M 160 11.82 50.41 -19.44
CA VAL M 160 11.93 48.96 -19.27
C VAL M 160 13.03 48.68 -18.24
N PRO M 161 12.94 47.55 -17.55
CA PRO M 161 14.02 47.18 -16.63
C PRO M 161 15.09 46.35 -17.32
N TYR M 162 16.09 45.89 -16.57
CA TYR M 162 17.09 44.97 -17.12
C TYR M 162 16.61 43.54 -16.91
N LEU M 163 16.74 42.73 -17.96
CA LEU M 163 16.28 41.35 -17.88
C LEU M 163 17.09 40.49 -18.84
N GLY M 164 17.33 39.25 -18.41
CA GLY M 164 18.13 38.32 -19.18
C GLY M 164 18.42 37.09 -18.36
N VAL M 165 19.05 36.11 -19.02
CA VAL M 165 19.37 34.86 -18.34
C VAL M 165 20.49 35.05 -17.32
N ASN M 166 21.41 35.98 -17.54
CA ASN M 166 22.54 36.20 -16.64
C ASN M 166 22.29 37.46 -15.81
N ARG M 167 22.72 37.42 -14.54
CA ARG M 167 22.56 38.57 -13.67
C ARG M 167 23.33 39.77 -14.17
N TYR M 168 24.42 39.55 -14.91
CA TYR M 168 25.16 40.61 -15.57
C TYR M 168 25.42 40.20 -17.01
N ASP M 169 25.44 41.18 -17.91
CA ASP M 169 25.59 40.92 -19.33
C ASP M 169 26.76 41.71 -19.89
N GLN M 170 27.35 41.18 -20.95
CA GLN M 170 28.41 41.84 -21.70
C GLN M 170 27.80 42.25 -23.04
N TYR M 171 27.43 43.53 -23.16
CA TYR M 171 26.67 43.98 -24.33
C TYR M 171 27.48 43.96 -25.62
N LYS M 172 28.79 43.73 -25.55
CA LYS M 172 29.52 43.49 -26.78
C LYS M 172 29.13 42.17 -27.43
N LYS M 173 28.38 41.32 -26.73
CA LYS M 173 27.92 40.03 -27.24
C LYS M 173 26.41 39.92 -27.29
N HIS M 174 25.70 40.38 -26.27
CA HIS M 174 24.26 40.20 -26.14
C HIS M 174 23.57 41.55 -26.01
N LYS M 175 22.46 41.71 -26.73
CA LYS M 175 21.69 42.95 -26.72
C LYS M 175 20.25 42.60 -26.36
N PRO M 176 19.91 42.64 -25.06
CA PRO M 176 18.59 42.15 -24.64
C PRO M 176 17.42 42.95 -25.19
N TRP M 177 17.44 44.26 -24.98
CA TRP M 177 16.36 45.12 -25.42
C TRP M 177 16.61 45.67 -26.80
N THR M 178 15.54 46.00 -27.51
CA THR M 178 15.62 46.48 -28.87
C THR M 178 14.49 47.47 -29.12
N LEU M 179 14.82 48.61 -29.72
CA LEU M 179 13.81 49.56 -30.14
C LEU M 179 13.17 49.11 -31.44
N VAL M 180 11.85 49.19 -31.51
CA VAL M 180 11.09 48.79 -32.68
C VAL M 180 10.08 49.88 -33.00
N VAL M 181 10.12 50.38 -34.23
CA VAL M 181 9.18 51.40 -34.71
C VAL M 181 8.66 50.94 -36.06
N MET M 182 7.34 51.00 -36.25
CA MET M 182 6.73 50.57 -37.49
C MET M 182 5.60 51.52 -37.88
N VAL M 183 5.24 51.47 -39.15
CA VAL M 183 4.10 52.24 -39.65
C VAL M 183 2.84 51.40 -39.51
N VAL M 184 1.93 51.83 -38.64
CA VAL M 184 0.64 51.16 -38.52
C VAL M 184 -0.28 51.57 -39.68
N SER M 185 -0.39 52.87 -39.91
CA SER M 185 -1.11 53.42 -41.05
C SER M 185 -0.19 54.34 -41.83
N PRO M 186 -0.23 54.31 -43.16
CA PRO M 186 0.76 55.06 -43.94
C PRO M 186 0.56 56.56 -43.80
N LEU M 187 1.67 57.28 -43.93
CA LEU M 187 1.62 58.73 -43.86
C LEU M 187 0.86 59.27 -45.07
N THR M 188 -0.23 60.00 -44.82
CA THR M 188 -1.02 60.60 -45.87
C THR M 188 -0.87 62.12 -45.79
N THR M 189 -0.69 62.74 -46.95
CA THR M 189 -0.48 64.17 -47.03
C THR M 189 -1.34 64.76 -48.14
N SER M 190 -1.57 66.07 -48.05
CA SER M 190 -2.32 66.79 -49.06
C SER M 190 -1.52 68.00 -49.53
N SER M 191 -2.14 68.90 -50.29
CA SER M 191 -1.47 70.11 -50.73
C SER M 191 -1.12 71.04 -49.58
N ILE M 192 -1.69 70.82 -48.39
CA ILE M 192 -1.42 71.65 -47.23
C ILE M 192 -0.73 70.86 -46.12
N GLY M 193 -0.30 69.62 -46.41
CA GLY M 193 0.37 68.81 -45.41
C GLY M 193 1.84 68.58 -45.72
N ALA M 194 2.62 68.25 -44.70
CA ALA M 194 4.04 67.97 -44.91
C ALA M 194 4.22 66.71 -45.73
N THR M 195 5.13 66.77 -46.71
CA THR M 195 5.37 65.63 -47.58
C THR M 195 6.18 64.53 -46.92
N GLU M 196 6.78 64.80 -45.77
CA GLU M 196 7.67 63.85 -45.11
C GLU M 196 7.81 64.24 -43.65
N ILE M 197 8.19 63.25 -42.83
CA ILE M 197 8.37 63.43 -41.39
C ILE M 197 9.64 62.69 -40.97
N LYS M 198 10.48 63.35 -40.19
CA LYS M 198 11.67 62.74 -39.61
C LYS M 198 11.42 62.45 -38.14
N VAL M 199 11.64 61.21 -37.73
CA VAL M 199 11.41 60.78 -36.36
C VAL M 199 12.74 60.76 -35.62
N TYR M 200 12.77 61.02 -34.31
CA TYR M 200 14.06 60.91 -33.60
C TYR M 200 14.14 59.93 -32.41
N ALA M 201 15.28 59.28 -32.16
CA ALA M 201 15.39 58.47 -30.92
C ALA M 201 15.83 59.31 -29.74
N ASN M 202 15.33 59.00 -28.56
CA ASN M 202 15.77 59.68 -27.35
C ASN M 202 15.94 58.60 -26.31
N ILE M 203 17.18 58.17 -26.05
CA ILE M 203 17.39 57.03 -25.13
C ILE M 203 18.41 57.27 -24.03
N ALA M 204 18.33 56.50 -22.95
CA ALA M 204 19.29 56.63 -21.86
C ALA M 204 19.30 55.40 -20.94
N PRO M 205 20.50 54.88 -20.62
CA PRO M 205 20.58 53.75 -19.69
C PRO M 205 20.16 54.17 -18.29
N THR M 206 19.44 53.27 -17.62
CA THR M 206 18.89 53.55 -16.29
C THR M 206 19.38 52.50 -15.31
N HIS M 207 19.73 52.94 -14.10
CA HIS M 207 20.10 52.05 -13.01
C HIS M 207 21.27 51.16 -13.39
N VAL M 208 22.29 51.76 -14.00
CA VAL M 208 23.44 51.01 -14.48
C VAL M 208 24.22 50.47 -13.29
N HIS M 209 24.47 49.16 -13.30
CA HIS M 209 25.25 48.49 -12.28
C HIS M 209 26.35 47.68 -12.96
N VAL M 210 27.56 47.79 -12.45
CA VAL M 210 28.73 47.25 -13.10
C VAL M 210 29.63 46.57 -12.06
N ALA M 211 30.37 45.55 -12.51
CA ALA M 211 31.40 44.93 -11.70
C ALA M 211 32.56 44.54 -12.59
N GLY M 212 33.73 44.37 -11.97
CA GLY M 212 34.90 43.92 -12.69
C GLY M 212 35.51 44.94 -13.64
N GLU M 213 36.13 45.99 -13.09
CA GLU M 213 36.74 47.02 -13.91
C GLU M 213 37.88 46.46 -14.75
N LEU M 214 38.03 47.00 -15.98
CA LEU M 214 39.05 46.53 -16.90
C LEU M 214 40.19 47.53 -16.99
N PRO M 215 41.39 47.05 -17.31
CA PRO M 215 42.54 47.96 -17.45
C PRO M 215 42.42 48.82 -18.71
N SER M 216 43.24 49.86 -18.74
CA SER M 216 43.30 50.73 -19.91
C SER M 216 43.91 49.99 -21.10
N LYS M 217 43.89 50.65 -22.25
CA LYS M 217 44.46 50.11 -23.47
C LYS M 217 45.71 50.84 -23.93
N GLU M 218 46.07 51.93 -23.28
CA GLU M 218 47.27 52.69 -23.63
C GLU M 218 48.53 51.96 -23.18
N GLU N 52 43.51 -0.10 32.88
CA GLU N 52 44.61 0.67 32.32
C GLU N 52 45.08 1.74 33.29
N THR N 53 46.33 2.17 33.12
CA THR N 53 46.91 3.21 33.97
C THR N 53 47.68 4.19 33.09
N ARG N 54 47.81 5.41 33.59
CA ARG N 54 48.56 6.47 32.92
C ARG N 54 49.90 6.63 33.61
N VAL N 55 50.96 6.73 32.81
CA VAL N 55 52.32 6.89 33.31
C VAL N 55 52.73 8.35 33.13
N THR N 56 53.42 8.89 34.12
CA THR N 56 53.86 10.27 34.08
C THR N 56 55.36 10.41 33.86
N GLN N 57 56.13 9.34 34.07
CA GLN N 57 57.57 9.40 33.88
C GLN N 57 57.99 9.21 32.43
N ALA N 58 57.09 8.74 31.56
CA ALA N 58 57.43 8.51 30.16
C ALA N 58 57.17 9.73 29.28
N GLU N 59 56.56 10.78 29.82
CA GLU N 59 56.26 11.99 29.03
C GLU N 59 57.40 12.98 29.23
N ARG N 60 58.43 12.83 28.40
CA ARG N 60 59.60 13.70 28.51
C ARG N 60 60.17 13.92 27.13
N PHE N 61 60.92 15.00 26.94
CA PHE N 61 61.45 15.31 25.63
C PHE N 61 62.54 14.36 25.17
N PHE N 62 62.86 14.39 23.89
CA PHE N 62 63.90 13.52 23.35
C PHE N 62 64.47 14.15 22.10
N LYS N 63 65.70 14.67 22.18
CA LYS N 63 66.26 15.36 21.03
C LYS N 63 66.57 14.38 19.91
N LYS N 64 66.45 14.86 18.67
CA LYS N 64 66.65 14.01 17.52
C LYS N 64 67.20 14.83 16.37
N HIS N 65 68.00 14.19 15.53
CA HIS N 65 68.53 14.80 14.31
C HIS N 65 67.73 14.32 13.12
N LEU N 66 67.15 15.26 12.37
CA LEU N 66 66.32 14.90 11.22
C LEU N 66 67.16 14.76 9.95
N PHE N 67 67.82 15.85 9.53
CA PHE N 67 68.66 15.84 8.35
C PHE N 67 69.45 17.13 8.31
N ASN N 68 70.37 17.22 7.36
CA ASN N 68 71.16 18.42 7.12
C ASN N 68 70.55 19.19 5.95
N TRP N 69 70.02 20.37 6.23
CA TRP N 69 69.41 21.22 5.22
C TRP N 69 70.51 21.97 4.48
N THR N 70 70.77 21.57 3.25
CA THR N 70 71.80 22.18 2.41
C THR N 70 71.14 23.00 1.30
N THR N 71 71.95 23.51 0.38
CA THR N 71 71.46 24.33 -0.71
C THR N 71 71.18 23.54 -1.98
N ASP N 72 71.73 22.33 -2.10
CA ASP N 72 71.55 21.52 -3.31
C ASP N 72 70.31 20.63 -3.25
N LYS N 73 69.53 20.71 -2.18
CA LYS N 73 68.30 19.93 -2.07
C LYS N 73 67.15 20.77 -2.60
N PRO N 74 66.49 20.39 -3.69
CA PRO N 74 65.43 21.22 -4.26
C PRO N 74 64.11 21.07 -3.50
N PHE N 75 63.05 21.69 -4.02
CA PHE N 75 61.74 21.54 -3.42
C PHE N 75 61.30 20.08 -3.48
N GLY N 76 60.58 19.65 -2.45
CA GLY N 76 60.09 18.29 -2.38
C GLY N 76 61.04 17.29 -1.77
N HIS N 77 62.22 17.73 -1.33
CA HIS N 77 63.11 16.83 -0.61
C HIS N 77 62.46 16.44 0.70
N LEU N 78 61.99 15.21 0.79
CA LEU N 78 61.13 14.77 1.87
C LEU N 78 61.91 13.88 2.85
N GLU N 79 61.84 14.22 4.14
CA GLU N 79 62.46 13.44 5.19
C GLU N 79 61.40 13.08 6.22
N LYS N 80 61.36 11.81 6.60
CA LYS N 80 60.34 11.29 7.50
C LYS N 80 60.99 10.65 8.72
N LEU N 81 60.18 10.49 9.77
CA LEU N 81 60.64 9.86 11.00
C LEU N 81 59.43 9.25 11.71
N LYS N 82 59.17 7.97 11.47
CA LYS N 82 58.00 7.31 12.05
C LYS N 82 58.09 7.31 13.57
N LEU N 83 56.98 7.56 14.24
CA LEU N 83 56.98 7.53 15.70
C LEU N 83 56.15 6.34 16.18
N PRO N 84 56.58 5.70 17.29
CA PRO N 84 57.76 6.00 18.10
C PRO N 84 59.05 5.46 17.47
N THR N 85 60.17 6.13 17.71
CA THR N 85 61.47 5.67 17.26
C THR N 85 62.11 4.80 18.33
N ASP N 86 63.39 4.51 18.18
CA ASP N 86 64.12 3.70 19.17
C ASP N 86 64.37 4.55 20.40
N HIS N 87 63.50 4.42 21.39
CA HIS N 87 63.64 5.14 22.66
C HIS N 87 64.54 4.34 23.60
N LYS N 88 65.62 4.96 24.06
CA LYS N 88 66.55 4.32 24.99
C LYS N 88 66.22 4.63 26.44
N GLY N 89 65.11 5.31 26.71
CA GLY N 89 64.75 5.66 28.06
C GLY N 89 63.63 4.82 28.63
N VAL N 90 62.76 5.44 29.43
CA VAL N 90 61.66 4.73 30.07
C VAL N 90 60.66 4.23 29.02
N TYR N 91 60.48 4.99 27.93
CA TYR N 91 59.47 4.63 26.94
C TYR N 91 59.81 3.32 26.24
N GLY N 92 61.09 3.05 26.00
CA GLY N 92 61.46 1.78 25.41
C GLY N 92 61.11 0.60 26.31
N HIS N 93 61.36 0.74 27.61
CA HIS N 93 60.96 -0.30 28.55
C HIS N 93 59.45 -0.44 28.60
N LEU N 94 58.73 0.68 28.48
CA LEU N 94 57.27 0.59 28.42
C LEU N 94 56.81 -0.18 27.18
N VAL N 95 57.44 0.08 26.04
CA VAL N 95 57.06 -0.59 24.80
C VAL N 95 57.33 -2.08 24.88
N ASP N 96 58.51 -2.45 25.38
CA ASP N 96 58.91 -3.86 25.38
C ASP N 96 58.39 -4.64 26.58
N SER N 97 57.92 -3.94 27.62
CA SER N 97 57.43 -4.58 28.84
C SER N 97 55.94 -4.37 29.05
N PHE N 98 55.26 -3.70 28.12
CA PHE N 98 53.81 -3.65 28.14
C PHE N 98 53.33 -3.88 26.72
N ALA N 99 52.17 -4.53 26.58
CA ALA N 99 51.70 -4.90 25.25
C ALA N 99 50.87 -3.82 24.57
N TYR N 100 49.88 -3.27 25.28
CA TYR N 100 48.90 -2.36 24.69
C TYR N 100 49.07 -0.97 25.26
N MET N 101 49.18 0.02 24.38
CA MET N 101 49.44 1.38 24.79
C MET N 101 48.79 2.35 23.81
N ARG N 102 48.51 3.55 24.30
CA ARG N 102 47.99 4.60 23.45
C ARG N 102 48.55 5.94 23.91
N ASN N 103 48.96 6.77 22.95
CA ASN N 103 49.57 8.04 23.27
C ASN N 103 49.62 8.92 22.04
N GLY N 104 49.65 10.23 22.27
CA GLY N 104 49.87 11.20 21.22
C GLY N 104 51.32 11.61 21.12
N TRP N 105 51.57 12.78 20.55
CA TRP N 105 52.92 13.26 20.38
C TRP N 105 53.00 14.76 20.21
N ASP N 106 53.89 15.41 20.94
CA ASP N 106 54.08 16.85 20.75
C ASP N 106 55.44 17.06 20.11
N VAL N 107 55.46 17.43 18.84
CA VAL N 107 56.72 17.57 18.14
C VAL N 107 57.18 19.00 17.98
N GLU N 108 58.43 19.27 18.35
CA GLU N 108 58.99 20.61 18.19
C GLU N 108 60.13 20.49 17.21
N VAL N 109 60.27 21.46 16.31
CA VAL N 109 61.29 21.33 15.27
C VAL N 109 61.98 22.68 15.12
N SER N 110 63.31 22.67 15.21
CA SER N 110 64.11 23.89 15.14
C SER N 110 65.23 23.72 14.13
N ALA N 111 65.47 24.75 13.34
CA ALA N 111 66.58 24.79 12.40
C ALA N 111 67.52 25.93 12.81
N VAL N 112 68.79 25.60 13.01
CA VAL N 112 69.77 26.59 13.44
C VAL N 112 70.37 27.25 12.19
N GLY N 113 70.29 28.57 12.14
CA GLY N 113 70.79 29.32 11.01
C GLY N 113 70.93 30.80 11.31
N ASN N 114 70.55 31.65 10.35
CA ASN N 114 70.56 33.09 10.56
C ASN N 114 69.58 33.71 9.58
N GLN N 115 69.33 35.02 9.78
CA GLN N 115 68.35 35.73 8.98
C GLN N 115 68.83 36.04 7.56
N PHE N 116 70.11 35.81 7.27
CA PHE N 116 70.66 36.10 5.95
C PHE N 116 70.43 34.96 4.96
N ASN N 117 69.79 33.88 5.38
CA ASN N 117 69.49 32.76 4.50
C ASN N 117 68.00 32.73 4.20
N GLY N 118 67.65 32.09 3.07
CA GLY N 118 66.27 31.93 2.69
C GLY N 118 65.94 30.47 2.47
N GLY N 119 64.65 30.18 2.51
CA GLY N 119 64.16 28.82 2.39
C GLY N 119 62.94 28.63 3.25
N CYS N 120 62.27 27.50 3.05
CA CYS N 120 61.05 27.21 3.80
C CYS N 120 60.96 25.71 4.04
N LEU N 121 60.65 25.34 5.27
CA LEU N 121 60.45 23.95 5.67
C LEU N 121 59.03 23.75 6.18
N LEU N 122 58.32 22.81 5.57
CA LEU N 122 57.00 22.40 6.01
C LEU N 122 57.16 21.19 6.93
N VAL N 123 56.69 21.32 8.16
CA VAL N 123 56.71 20.24 9.12
C VAL N 123 55.27 19.83 9.40
N ALA N 124 55.00 18.54 9.31
CA ALA N 124 53.64 18.03 9.44
C ALA N 124 53.68 16.65 10.08
N MET N 125 52.56 16.24 10.65
CA MET N 125 52.42 14.96 11.30
C MET N 125 51.36 14.16 10.54
N VAL N 126 51.82 13.24 9.70
CA VAL N 126 50.94 12.50 8.79
C VAL N 126 50.43 11.26 9.54
N PRO N 127 49.12 11.10 9.72
CA PRO N 127 48.60 9.85 10.27
C PRO N 127 48.57 8.76 9.20
N GLU N 128 49.02 7.57 9.56
CA GLU N 128 49.07 6.41 8.65
C GLU N 128 49.85 6.77 7.39
N TRP N 129 51.15 7.02 7.61
CA TRP N 129 52.03 7.50 6.56
C TRP N 129 52.02 6.59 5.35
N LYS N 130 52.23 7.19 4.18
CA LYS N 130 52.39 6.46 2.93
C LYS N 130 53.28 7.28 2.01
N LYS N 131 54.05 6.59 1.16
CA LYS N 131 54.94 7.28 0.24
C LYS N 131 54.15 8.14 -0.74
N PHE N 132 54.67 9.33 -1.01
CA PHE N 132 54.00 10.32 -1.85
C PHE N 132 54.79 10.50 -3.15
N THR N 133 54.12 10.35 -4.28
CA THR N 133 54.72 10.81 -5.53
C THR N 133 54.72 12.34 -5.54
N PRO N 134 55.66 12.97 -6.27
CA PRO N 134 55.75 14.44 -6.22
C PRO N 134 54.46 15.20 -6.48
N ARG N 135 53.43 14.52 -6.95
CA ARG N 135 52.18 15.21 -7.26
C ARG N 135 51.43 15.63 -5.99
N GLU N 136 51.31 14.76 -5.00
CA GLU N 136 50.58 15.15 -3.80
C GLU N 136 51.46 15.80 -2.74
N LYS N 137 52.75 15.99 -3.03
CA LYS N 137 53.58 16.75 -2.10
C LYS N 137 53.10 18.19 -1.99
N TYR N 138 52.37 18.69 -2.99
CA TYR N 138 51.77 20.01 -2.95
C TYR N 138 50.58 20.10 -2.00
N GLN N 139 50.11 18.97 -1.48
CA GLN N 139 48.90 18.95 -0.66
C GLN N 139 49.15 18.51 0.78
N LEU N 140 50.41 18.48 1.22
CA LEU N 140 50.71 18.02 2.58
C LEU N 140 50.25 18.99 3.65
N THR N 141 49.73 20.16 3.28
CA THR N 141 49.19 21.09 4.26
C THR N 141 47.88 20.60 4.88
N LEU N 142 47.30 19.53 4.34
CA LEU N 142 46.02 19.04 4.86
C LEU N 142 46.14 18.53 6.29
N PHE N 143 47.23 17.81 6.60
CA PHE N 143 47.50 17.31 7.94
C PHE N 143 47.93 18.46 8.85
N PRO N 144 47.85 18.30 10.16
CA PRO N 144 48.35 19.34 11.06
C PRO N 144 49.80 19.68 10.75
N HIS N 145 50.07 20.96 10.57
CA HIS N 145 51.36 21.37 10.02
C HIS N 145 51.70 22.78 10.46
N GLN N 146 52.98 23.12 10.31
CA GLN N 146 53.47 24.48 10.44
C GLN N 146 54.60 24.66 9.45
N PHE N 147 55.04 25.90 9.29
CA PHE N 147 56.11 26.23 8.37
C PHE N 147 57.34 26.69 9.14
N ILE N 148 58.51 26.33 8.61
CA ILE N 148 59.79 26.78 9.14
C ILE N 148 60.51 27.52 8.03
N SER N 149 60.73 28.82 8.24
CA SER N 149 61.43 29.65 7.28
C SER N 149 62.30 30.63 8.06
N PRO N 150 63.59 30.74 7.74
CA PRO N 150 64.47 31.58 8.55
C PRO N 150 64.08 33.04 8.60
N ARG N 151 63.30 33.53 7.63
CA ARG N 151 62.94 34.94 7.61
C ARG N 151 62.04 35.30 8.78
N THR N 152 61.02 34.49 9.06
CA THR N 152 60.00 34.84 10.04
C THR N 152 60.12 34.06 11.34
N ASN N 153 60.11 32.72 11.28
CA ASN N 153 60.06 31.90 12.48
C ASN N 153 61.34 31.09 12.62
N MET N 154 61.50 30.48 13.79
CA MET N 154 62.67 29.66 14.09
C MET N 154 62.34 28.28 14.64
N THR N 155 61.12 28.04 15.11
CA THR N 155 60.78 26.78 15.76
C THR N 155 59.29 26.51 15.59
N ALA N 156 58.96 25.28 15.22
CA ALA N 156 57.58 24.85 15.05
C ALA N 156 57.10 24.10 16.28
N HIS N 157 55.79 23.88 16.35
CA HIS N 157 55.16 23.25 17.51
C HIS N 157 53.85 22.62 17.08
N ILE N 158 53.81 21.29 17.04
CA ILE N 158 52.64 20.54 16.60
C ILE N 158 52.28 19.52 17.67
N THR N 159 51.00 19.46 18.01
CA THR N 159 50.51 18.47 18.98
C THR N 159 49.36 17.69 18.35
N VAL N 160 49.38 16.37 18.53
CA VAL N 160 48.37 15.49 17.94
C VAL N 160 47.87 14.52 19.00
N PRO N 161 46.64 14.03 18.85
CA PRO N 161 46.13 13.02 19.79
C PRO N 161 46.47 11.61 19.32
N TYR N 162 46.01 10.60 20.06
CA TYR N 162 46.16 9.22 19.62
C TYR N 162 44.95 8.83 18.80
N LEU N 163 45.20 8.17 17.66
CA LEU N 163 44.13 7.78 16.77
C LEU N 163 44.53 6.54 15.99
N GLY N 164 43.54 5.69 15.74
CA GLY N 164 43.76 4.43 15.04
C GLY N 164 42.53 3.59 15.10
N VAL N 165 42.57 2.46 14.38
CA VAL N 165 41.43 1.56 14.34
C VAL N 165 41.22 0.84 15.67
N ASN N 166 42.28 0.59 16.43
CA ASN N 166 42.19 -0.13 17.70
C ASN N 166 42.32 0.85 18.86
N ARG N 167 41.56 0.60 19.93
CA ARG N 167 41.62 1.47 21.10
C ARG N 167 43.00 1.46 21.74
N TYR N 168 43.75 0.37 21.58
CA TYR N 168 45.13 0.29 22.01
C TYR N 168 45.96 -0.31 20.87
N ASP N 169 47.21 0.14 20.78
CA ASP N 169 48.08 -0.26 19.69
C ASP N 169 49.38 -0.83 20.25
N GLN N 170 49.99 -1.72 19.47
CA GLN N 170 51.30 -2.29 19.77
C GLN N 170 52.27 -1.69 18.76
N TYR N 171 53.04 -0.69 19.20
CA TYR N 171 53.86 0.07 18.28
C TYR N 171 55.02 -0.72 17.71
N LYS N 172 55.29 -1.92 18.22
CA LYS N 172 56.26 -2.78 17.55
C LYS N 172 55.74 -3.27 16.19
N LYS N 173 54.45 -3.05 15.89
CA LYS N 173 53.84 -3.44 14.63
C LYS N 173 53.28 -2.26 13.84
N HIS N 174 52.62 -1.32 14.51
CA HIS N 174 51.91 -0.23 13.86
C HIS N 174 52.44 1.10 14.37
N LYS N 175 52.65 2.03 13.45
CA LYS N 175 53.16 3.37 13.76
C LYS N 175 52.18 4.39 13.20
N PRO N 176 51.19 4.82 13.98
CA PRO N 176 50.12 5.67 13.43
C PRO N 176 50.61 7.02 12.94
N TRP N 177 51.29 7.76 13.81
CA TRP N 177 51.76 9.10 13.47
C TRP N 177 53.17 9.05 12.89
N THR N 178 53.49 10.06 12.08
CA THR N 178 54.77 10.14 11.41
C THR N 178 55.18 11.60 11.26
N LEU N 179 56.43 11.90 11.60
CA LEU N 179 56.96 13.23 11.36
C LEU N 179 57.37 13.37 9.89
N VAL N 180 57.00 14.50 9.30
CA VAL N 180 57.29 14.79 7.90
C VAL N 180 57.86 16.20 7.82
N VAL N 181 59.05 16.33 7.23
CA VAL N 181 59.69 17.61 7.01
C VAL N 181 60.17 17.65 5.56
N MET N 182 59.88 18.76 4.87
CA MET N 182 60.26 18.90 3.47
C MET N 182 60.73 20.33 3.21
N VAL N 183 61.46 20.48 2.11
CA VAL N 183 61.91 21.80 1.67
C VAL N 183 60.84 22.38 0.73
N VAL N 184 60.19 23.45 1.18
CA VAL N 184 59.24 24.15 0.32
C VAL N 184 59.98 25.01 -0.70
N SER N 185 60.92 25.81 -0.22
CA SER N 185 61.82 26.60 -1.05
C SER N 185 63.26 26.29 -0.70
N PRO N 186 64.15 26.18 -1.68
CA PRO N 186 65.50 25.71 -1.39
C PRO N 186 66.28 26.72 -0.57
N LEU N 187 67.21 26.20 0.23
CA LEU N 187 68.06 27.07 1.03
C LEU N 187 68.98 27.87 0.12
N THR N 188 68.88 29.19 0.21
CA THR N 188 69.71 30.09 -0.57
C THR N 188 70.67 30.83 0.36
N THR N 189 71.93 30.91 -0.05
CA THR N 189 72.97 31.53 0.77
C THR N 189 73.81 32.45 -0.09
N SER N 190 74.48 33.39 0.57
CA SER N 190 75.38 34.31 -0.10
C SER N 190 76.75 34.28 0.58
N SER N 191 77.62 35.23 0.24
CA SER N 191 78.93 35.31 0.88
C SER N 191 78.84 35.65 2.36
N ILE N 192 77.68 36.11 2.83
CA ILE N 192 77.48 36.46 4.24
C ILE N 192 76.46 35.56 4.90
N GLY N 193 76.02 34.49 4.23
CA GLY N 193 75.05 33.58 4.81
C GLY N 193 75.63 32.21 5.12
N ALA N 194 74.98 31.48 6.02
CA ALA N 194 75.44 30.14 6.36
C ALA N 194 75.28 29.21 5.17
N THR N 195 76.31 28.40 4.91
CA THR N 195 76.29 27.48 3.79
C THR N 195 75.42 26.26 4.04
N GLU N 196 74.99 26.03 5.28
CA GLU N 196 74.24 24.83 5.63
C GLU N 196 73.52 25.06 6.94
N ILE N 197 72.46 24.28 7.16
CA ILE N 197 71.63 24.37 8.37
C ILE N 197 71.32 22.96 8.84
N LYS N 198 71.48 22.71 10.13
CA LYS N 198 71.11 21.44 10.75
C LYS N 198 69.82 21.63 11.53
N VAL N 199 68.82 20.79 11.25
CA VAL N 199 67.52 20.87 11.89
C VAL N 199 67.47 19.84 13.01
N TYR N 200 66.73 20.10 14.08
CA TYR N 200 66.60 19.03 15.10
C TYR N 200 65.19 18.53 15.47
N ALA N 201 65.00 17.26 15.81
CA ALA N 201 63.67 16.84 16.31
C ALA N 201 63.52 17.05 17.80
N ASN N 202 62.33 17.41 18.24
CA ASN N 202 62.07 17.54 19.68
C ASN N 202 60.73 16.90 19.92
N ILE N 203 60.71 15.66 20.42
CA ILE N 203 59.43 14.94 20.55
C ILE N 203 59.17 14.35 21.93
N ALA N 204 57.90 14.08 22.25
CA ALA N 204 57.55 13.47 23.53
C ALA N 204 56.15 12.86 23.52
N PRO N 205 56.01 11.61 24.00
CA PRO N 205 54.69 11.01 24.10
C PRO N 205 53.83 11.71 25.13
N THR N 206 52.55 11.87 24.81
CA THR N 206 51.61 12.61 25.64
C THR N 206 50.44 11.71 26.00
N HIS N 207 50.00 11.79 27.26
CA HIS N 207 48.79 11.09 27.73
C HIS N 207 48.91 9.59 27.49
N VAL N 208 50.06 9.04 27.84
CA VAL N 208 50.33 7.62 27.61
C VAL N 208 49.43 6.79 28.52
N HIS N 209 48.70 5.85 27.92
CA HIS N 209 47.83 4.93 28.64
C HIS N 209 48.18 3.51 28.22
N VAL N 210 48.31 2.62 29.19
CA VAL N 210 48.83 1.29 28.97
C VAL N 210 47.99 0.28 29.73
N ALA N 211 47.92 -0.94 29.20
CA ALA N 211 47.32 -2.06 29.91
C ALA N 211 48.10 -3.32 29.58
N GLY N 212 47.96 -4.31 30.45
CA GLY N 212 48.58 -5.61 30.23
C GLY N 212 50.09 -5.63 30.38
N GLU N 213 50.59 -5.50 31.61
CA GLU N 213 52.03 -5.51 31.86
C GLU N 213 52.66 -6.85 31.48
N LEU N 214 53.89 -6.77 30.96
CA LEU N 214 54.60 -7.96 30.51
C LEU N 214 55.68 -8.36 31.50
N PRO N 215 56.03 -9.65 31.55
CA PRO N 215 57.09 -10.09 32.45
C PRO N 215 58.45 -9.64 31.97
N SER N 216 59.43 -9.73 32.88
CA SER N 216 60.80 -9.40 32.53
C SER N 216 61.37 -10.44 31.58
N LYS N 217 62.59 -10.16 31.10
CA LYS N 217 63.28 -11.06 30.19
C LYS N 217 64.50 -11.73 30.82
N GLU N 218 64.86 -11.34 32.04
CA GLU N 218 66.00 -11.94 32.73
C GLU N 218 65.66 -13.34 33.23
N GLU O 52 -7.74 -32.62 43.02
CA GLU O 52 -6.48 -33.15 43.53
C GLU O 52 -6.31 -32.85 45.02
N THR O 53 -5.51 -33.64 45.70
CA THR O 53 -5.24 -33.45 47.12
C THR O 53 -3.74 -33.64 47.37
N ARG O 54 -3.26 -33.00 48.43
CA ARG O 54 -1.88 -33.10 48.86
C ARG O 54 -1.79 -34.04 50.06
N VAL O 55 -0.81 -34.94 50.01
CA VAL O 55 -0.59 -35.92 51.06
C VAL O 55 0.60 -35.46 51.90
N THR O 56 0.49 -35.63 53.22
CA THR O 56 1.55 -35.21 54.14
C THR O 56 2.30 -36.40 54.73
N GLN O 57 1.74 -37.60 54.65
CA GLN O 57 2.40 -38.79 55.20
C GLN O 57 3.44 -39.38 54.26
N ALA O 58 3.44 -39.00 52.98
CA ALA O 58 4.38 -39.53 52.02
C ALA O 58 5.67 -38.73 51.92
N GLU O 59 5.76 -37.59 52.59
CA GLU O 59 6.96 -36.75 52.55
C GLU O 59 7.84 -37.11 53.73
N ARG O 60 8.68 -38.12 53.53
CA ARG O 60 9.55 -38.58 54.60
C ARG O 60 10.84 -39.09 53.99
N PHE O 61 11.91 -39.11 54.78
CA PHE O 61 13.20 -39.50 54.25
C PHE O 61 13.29 -40.98 53.92
N PHE O 62 14.31 -41.36 53.16
CA PHE O 62 14.50 -42.75 52.78
C PHE O 62 15.96 -43.00 52.49
N LYS O 63 16.65 -43.70 53.37
CA LYS O 63 18.09 -43.89 53.19
C LYS O 63 18.34 -44.81 52.00
N LYS O 64 19.47 -44.58 51.33
CA LYS O 64 19.80 -45.34 50.14
C LYS O 64 21.31 -45.43 50.00
N HIS O 65 21.77 -46.54 49.42
CA HIS O 65 23.18 -46.77 49.13
C HIS O 65 23.42 -46.49 47.65
N LEU O 66 24.35 -45.57 47.36
CA LEU O 66 24.62 -45.20 45.98
C LEU O 66 25.72 -46.09 45.38
N PHE O 67 26.91 -46.07 45.96
CA PHE O 67 28.02 -46.89 45.49
C PHE O 67 29.14 -46.82 46.52
N ASN O 68 30.17 -47.63 46.30
CA ASN O 68 31.37 -47.63 47.14
C ASN O 68 32.44 -46.82 46.44
N TRP O 69 32.82 -45.70 47.05
CA TRP O 69 33.85 -44.83 46.49
C TRP O 69 35.21 -45.37 46.87
N THR O 70 35.92 -45.94 45.89
CA THR O 70 37.24 -46.53 46.08
C THR O 70 38.29 -45.63 45.44
N THR O 71 39.53 -46.12 45.42
CA THR O 71 40.64 -45.36 44.87
C THR O 71 40.93 -45.71 43.41
N ASP O 72 40.44 -46.85 42.92
CA ASP O 72 40.70 -47.27 41.56
C ASP O 72 39.67 -46.76 40.56
N LYS O 73 38.71 -45.94 41.01
CA LYS O 73 37.73 -45.35 40.11
C LYS O 73 38.22 -43.99 39.67
N PRO O 74 38.52 -43.78 38.38
CA PRO O 74 39.07 -42.50 37.95
C PRO O 74 38.01 -41.42 37.81
N PHE O 75 38.39 -40.26 37.30
CA PHE O 75 37.41 -39.20 37.04
C PHE O 75 36.39 -39.67 36.01
N GLY O 76 35.15 -39.20 36.19
CA GLY O 76 34.08 -39.55 35.29
C GLY O 76 33.35 -40.83 35.63
N HIS O 77 33.73 -41.52 36.70
CA HIS O 77 32.97 -42.68 37.14
C HIS O 77 31.58 -42.23 37.57
N LEU O 78 30.58 -42.53 36.76
CA LEU O 78 29.25 -41.96 36.90
C LEU O 78 28.29 -42.99 37.48
N GLU O 79 27.58 -42.61 38.53
CA GLU O 79 26.57 -43.45 39.15
C GLU O 79 25.26 -42.68 39.21
N LYS O 80 24.18 -43.32 38.78
CA LYS O 80 22.88 -42.67 38.69
C LYS O 80 21.85 -43.43 39.50
N LEU O 81 20.74 -42.76 39.80
CA LEU O 81 19.64 -43.37 40.55
C LEU O 81 18.35 -42.64 40.17
N LYS O 82 17.61 -43.16 39.20
CA LYS O 82 16.40 -42.50 38.73
C LYS O 82 15.37 -42.44 39.85
N LEU O 83 14.68 -41.32 39.96
CA LEU O 83 13.65 -41.18 40.98
C LEU O 83 12.28 -41.11 40.32
N PRO O 84 11.25 -41.71 40.95
CA PRO O 84 11.29 -42.44 42.22
C PRO O 84 11.82 -43.86 42.07
N THR O 85 12.46 -44.38 43.11
CA THR O 85 12.95 -45.76 43.12
C THR O 85 11.87 -46.66 43.72
N ASP O 86 12.22 -47.90 44.02
CA ASP O 86 11.28 -48.85 44.62
C ASP O 86 11.04 -48.45 46.07
N HIS O 87 9.97 -47.71 46.33
CA HIS O 87 9.60 -47.30 47.67
C HIS O 87 8.74 -48.38 48.31
N LYS O 88 9.18 -48.87 49.47
CA LYS O 88 8.46 -49.90 50.21
C LYS O 88 7.52 -49.32 51.25
N GLY O 89 7.40 -48.00 51.31
CA GLY O 89 6.55 -47.36 52.30
C GLY O 89 5.24 -46.86 51.74
N VAL O 90 4.78 -45.71 52.25
CA VAL O 90 3.51 -45.15 51.82
C VAL O 90 3.58 -44.71 50.36
N TYR O 91 4.75 -44.24 49.92
CA TYR O 91 4.86 -43.72 48.56
C TYR O 91 4.63 -44.79 47.51
N GLY O 92 5.08 -46.02 47.78
CA GLY O 92 4.81 -47.10 46.84
C GLY O 92 3.33 -47.38 46.68
N HIS O 93 2.59 -47.38 47.80
CA HIS O 93 1.14 -47.53 47.73
C HIS O 93 0.51 -46.37 47.01
N LEU O 94 1.05 -45.16 47.19
CA LEU O 94 0.54 -44.01 46.45
C LEU O 94 0.74 -44.19 44.95
N VAL O 95 1.92 -44.69 44.55
CA VAL O 95 2.22 -44.86 43.13
C VAL O 95 1.31 -45.91 42.52
N ASP O 96 1.14 -47.04 43.21
CA ASP O 96 0.39 -48.15 42.63
C ASP O 96 -1.11 -48.03 42.84
N SER O 97 -1.56 -47.17 43.74
CA SER O 97 -2.97 -47.00 44.04
C SER O 97 -3.50 -45.63 43.63
N PHE O 98 -2.67 -44.78 43.02
CA PHE O 98 -3.16 -43.56 42.40
C PHE O 98 -2.47 -43.43 41.05
N ALA O 99 -3.18 -42.85 40.08
CA ALA O 99 -2.66 -42.82 38.71
C ALA O 99 -1.79 -41.60 38.44
N TYR O 100 -2.27 -40.41 38.79
CA TYR O 100 -1.62 -39.15 38.42
C TYR O 100 -1.08 -38.46 39.65
N MET O 101 0.19 -38.08 39.60
CA MET O 101 0.86 -37.50 40.75
C MET O 101 1.93 -36.52 40.28
N ARG O 102 2.25 -35.57 41.14
CA ARG O 102 3.33 -34.63 40.86
C ARG O 102 4.05 -34.31 42.16
N ASN O 103 5.37 -34.27 42.10
CA ASN O 103 6.17 -34.03 43.31
C ASN O 103 7.59 -33.71 42.91
N GLY O 104 8.28 -32.98 43.80
CA GLY O 104 9.68 -32.72 43.67
C GLY O 104 10.52 -33.69 44.47
N TRP O 105 11.74 -33.29 44.81
CA TRP O 105 12.63 -34.17 45.56
C TRP O 105 13.71 -33.40 46.28
N ASP O 106 13.93 -33.71 47.55
CA ASP O 106 15.04 -33.07 48.27
C ASP O 106 16.09 -34.14 48.54
N VAL O 107 17.21 -34.07 47.84
CA VAL O 107 18.21 -35.11 47.99
C VAL O 107 19.39 -34.70 48.87
N GLU O 108 19.73 -35.54 49.84
CA GLU O 108 20.87 -35.27 50.68
C GLU O 108 21.87 -36.37 50.44
N VAL O 109 23.16 -36.04 50.39
CA VAL O 109 24.15 -37.05 50.04
C VAL O 109 25.34 -36.89 50.97
N SER O 110 25.74 -37.98 51.63
CA SER O 110 26.82 -37.95 52.60
C SER O 110 27.80 -39.08 52.29
N ALA O 111 29.09 -38.78 52.40
CA ALA O 111 30.15 -39.77 52.25
C ALA O 111 30.89 -39.87 53.58
N VAL O 112 30.98 -41.08 54.11
CA VAL O 112 31.66 -41.28 55.40
C VAL O 112 33.15 -41.53 55.13
N GLY O 113 33.99 -40.72 55.77
CA GLY O 113 35.43 -40.84 55.60
C GLY O 113 36.19 -40.09 56.66
N ASN O 114 37.26 -39.41 56.26
CA ASN O 114 38.03 -38.58 57.20
C ASN O 114 38.77 -37.53 56.39
N GLN O 115 39.37 -36.58 57.11
CA GLN O 115 40.05 -35.45 56.49
C GLN O 115 41.38 -35.82 55.85
N PHE O 116 41.89 -37.03 56.11
CA PHE O 116 43.17 -37.45 55.57
C PHE O 116 43.08 -38.01 54.15
N ASN O 117 41.88 -38.04 53.58
CA ASN O 117 41.68 -38.50 52.22
C ASN O 117 41.34 -37.33 51.30
N GLY O 118 41.60 -37.51 50.01
CA GLY O 118 41.30 -36.50 49.03
C GLY O 118 40.41 -37.08 47.93
N GLY O 119 39.76 -36.16 47.22
CA GLY O 119 38.82 -36.53 46.20
C GLY O 119 37.67 -35.54 46.15
N CYS O 120 36.88 -35.64 45.09
CA CYS O 120 35.75 -34.75 44.92
C CYS O 120 34.60 -35.47 44.23
N LEU O 121 33.40 -35.30 44.78
CA LEU O 121 32.19 -35.87 44.23
C LEU O 121 31.22 -34.76 43.84
N LEU O 122 30.81 -34.77 42.57
CA LEU O 122 29.78 -33.87 42.07
C LEU O 122 28.45 -34.58 42.15
N VAL O 123 27.51 -33.99 42.90
CA VAL O 123 26.15 -34.51 43.00
C VAL O 123 25.21 -33.53 42.33
N ALA O 124 24.36 -34.04 41.45
CA ALA O 124 23.49 -33.20 40.65
C ALA O 124 22.19 -33.94 40.39
N MET O 125 21.15 -33.17 40.06
CA MET O 125 19.83 -33.72 39.78
C MET O 125 19.49 -33.36 38.33
N VAL O 126 19.65 -34.35 37.44
CA VAL O 126 19.51 -34.12 36.01
C VAL O 126 18.04 -34.33 35.64
N PRO O 127 17.36 -33.32 35.09
CA PRO O 127 16.00 -33.54 34.57
C PRO O 127 16.05 -34.22 33.21
N GLU O 128 15.20 -35.22 33.03
CA GLU O 128 15.13 -36.00 31.79
C GLU O 128 16.50 -36.58 31.44
N TRP O 129 16.94 -37.48 32.31
CA TRP O 129 18.28 -38.04 32.22
C TRP O 129 18.54 -38.68 30.87
N LYS O 130 19.81 -38.63 30.45
CA LYS O 130 20.26 -39.29 29.24
C LYS O 130 21.74 -39.66 29.43
N LYS O 131 22.15 -40.76 28.80
CA LYS O 131 23.52 -41.21 28.92
C LYS O 131 24.47 -40.18 28.33
N PHE O 132 25.60 -39.96 29.01
CA PHE O 132 26.58 -38.95 28.64
C PHE O 132 27.86 -39.64 28.17
N THR O 133 28.33 -39.27 26.98
CA THR O 133 29.69 -39.64 26.61
C THR O 133 30.66 -38.78 27.43
N PRO O 134 31.90 -39.27 27.67
CA PRO O 134 32.82 -38.54 28.53
C PRO O 134 33.04 -37.07 28.17
N ARG O 135 32.57 -36.64 27.00
CA ARG O 135 32.81 -35.26 26.59
C ARG O 135 31.94 -34.28 27.38
N GLU O 136 30.65 -34.58 27.56
CA GLU O 136 29.81 -33.62 28.30
C GLU O 136 29.80 -33.88 29.79
N LYS O 137 30.55 -34.87 30.28
CA LYS O 137 30.68 -35.03 31.72
C LYS O 137 31.35 -33.82 32.36
N TYR O 138 32.10 -33.04 31.58
CA TYR O 138 32.71 -31.81 32.06
C TYR O 138 31.70 -30.68 32.24
N GLN O 139 30.45 -30.86 31.79
CA GLN O 139 29.45 -29.80 31.81
C GLN O 139 28.26 -30.12 32.71
N LEU O 140 28.36 -31.12 33.59
CA LEU O 140 27.24 -31.48 34.44
C LEU O 140 26.95 -30.46 35.51
N THR O 141 27.77 -29.41 35.64
CA THR O 141 27.49 -28.35 36.60
C THR O 141 26.30 -27.48 36.19
N LEU O 142 25.80 -27.65 34.96
CA LEU O 142 24.69 -26.82 34.49
C LEU O 142 23.42 -27.07 35.29
N PHE O 143 23.12 -28.33 35.61
CA PHE O 143 21.97 -28.68 36.43
C PHE O 143 22.22 -28.32 37.88
N PRO O 144 21.16 -28.21 38.69
CA PRO O 144 21.37 -27.95 40.12
C PRO O 144 22.29 -28.99 40.73
N HIS O 145 23.33 -28.51 41.42
CA HIS O 145 24.41 -29.39 41.83
C HIS O 145 25.12 -28.84 43.06
N GLN O 146 25.86 -29.72 43.71
CA GLN O 146 26.80 -29.34 44.75
C GLN O 146 27.99 -30.29 44.66
N PHE O 147 29.05 -29.96 45.41
CA PHE O 147 30.27 -30.75 45.42
C PHE O 147 30.44 -31.44 46.76
N ILE O 148 30.98 -32.65 46.72
CA ILE O 148 31.34 -33.40 47.92
C ILE O 148 32.83 -33.69 47.85
N SER O 149 33.58 -33.12 48.80
CA SER O 149 35.02 -33.32 48.87
C SER O 149 35.38 -33.42 50.35
N PRO O 150 36.12 -34.45 50.76
CA PRO O 150 36.39 -34.62 52.20
C PRO O 150 37.14 -33.48 52.84
N ARG O 151 37.85 -32.67 52.05
CA ARG O 151 38.64 -31.58 52.64
C ARG O 151 37.75 -30.52 53.26
N THR O 152 36.69 -30.11 52.56
CA THR O 152 35.88 -28.97 52.98
C THR O 152 34.52 -29.38 53.55
N ASN O 153 33.72 -30.11 52.79
CA ASN O 153 32.34 -30.43 53.17
C ASN O 153 32.17 -31.91 53.42
N MET O 154 31.03 -32.26 54.00
CA MET O 154 30.71 -33.66 54.29
C MET O 154 29.34 -34.10 53.79
N THR O 155 28.44 -33.18 53.44
CA THR O 155 27.07 -33.54 53.08
C THR O 155 26.51 -32.48 52.15
N ALA O 156 25.88 -32.94 51.07
CA ALA O 156 25.25 -32.06 50.09
C ALA O 156 23.75 -31.96 50.35
N HIS O 157 23.12 -30.99 49.68
CA HIS O 157 21.70 -30.71 49.90
C HIS O 157 21.15 -30.03 48.65
N ILE O 158 20.33 -30.75 47.89
CA ILE O 158 19.76 -30.24 46.65
C ILE O 158 18.25 -30.41 46.69
N THR O 159 17.52 -29.36 46.32
CA THR O 159 16.07 -29.41 46.26
C THR O 159 15.61 -28.97 44.88
N VAL O 160 14.65 -29.69 44.31
CA VAL O 160 14.17 -29.42 42.95
C VAL O 160 12.64 -29.44 42.97
N PRO O 161 12.01 -28.72 42.04
CA PRO O 161 10.55 -28.77 41.93
C PRO O 161 10.10 -29.88 41.00
N TYR O 162 8.79 -30.00 40.78
CA TYR O 162 8.28 -30.93 39.79
C TYR O 162 8.19 -30.24 38.45
N LEU O 163 8.64 -30.93 37.40
CA LEU O 163 8.65 -30.36 36.06
C LEU O 163 8.54 -31.46 35.02
N GLY O 164 7.85 -31.15 33.94
CA GLY O 164 7.61 -32.10 32.87
C GLY O 164 6.61 -31.54 31.90
N VAL O 165 6.41 -32.29 30.81
CA VAL O 165 5.48 -31.86 29.79
C VAL O 165 4.03 -31.96 30.25
N ASN O 166 3.70 -32.89 31.13
CA ASN O 166 2.35 -33.09 31.61
C ASN O 166 2.20 -32.53 33.01
N ARG O 167 1.04 -31.94 33.30
CA ARG O 167 0.79 -31.38 34.62
C ARG O 167 0.81 -32.46 35.70
N TYR O 168 0.50 -33.71 35.33
CA TYR O 168 0.61 -34.85 36.22
C TYR O 168 1.32 -35.97 35.48
N ASP O 169 2.09 -36.75 36.22
CA ASP O 169 2.89 -37.82 35.62
C ASP O 169 2.59 -39.14 36.30
N GLN O 170 2.79 -40.21 35.54
CA GLN O 170 2.66 -41.59 36.03
C GLN O 170 4.08 -42.15 36.08
N TYR O 171 4.66 -42.17 37.28
CA TYR O 171 6.08 -42.52 37.40
C TYR O 171 6.37 -43.98 37.10
N LYS O 172 5.35 -44.82 36.94
CA LYS O 172 5.60 -46.16 36.42
C LYS O 172 6.07 -46.14 34.98
N LYS O 173 5.96 -45.00 34.30
CA LYS O 173 6.39 -44.84 32.92
C LYS O 173 7.47 -43.80 32.74
N HIS O 174 7.38 -42.65 33.41
CA HIS O 174 8.28 -41.54 33.21
C HIS O 174 8.94 -41.17 34.53
N LYS O 175 10.26 -40.92 34.47
CA LYS O 175 11.05 -40.55 35.64
C LYS O 175 11.76 -39.24 35.34
N PRO O 176 11.14 -38.10 35.69
CA PRO O 176 11.69 -36.81 35.27
C PRO O 176 13.06 -36.50 35.87
N TRP O 177 13.16 -36.57 37.19
CA TRP O 177 14.40 -36.24 37.88
C TRP O 177 15.25 -37.48 38.08
N THR O 178 16.56 -37.25 38.19
CA THR O 178 17.52 -38.34 38.33
C THR O 178 18.68 -37.87 39.19
N LEU O 179 19.07 -38.70 40.16
CA LEU O 179 20.27 -38.42 40.94
C LEU O 179 21.51 -38.83 40.16
N VAL O 180 22.51 -37.95 40.18
CA VAL O 180 23.77 -38.18 39.47
C VAL O 180 24.90 -37.86 40.43
N VAL O 181 25.81 -38.82 40.61
CA VAL O 181 26.99 -38.66 41.43
C VAL O 181 28.19 -39.17 40.64
N MET O 182 29.26 -38.39 40.61
CA MET O 182 30.46 -38.76 39.87
C MET O 182 31.70 -38.38 40.66
N VAL O 183 32.81 -39.01 40.28
CA VAL O 183 34.12 -38.68 40.88
C VAL O 183 34.76 -37.58 40.05
N VAL O 184 34.91 -36.39 40.64
CA VAL O 184 35.62 -35.31 39.98
C VAL O 184 37.12 -35.53 40.05
N SER O 185 37.62 -35.82 41.25
CA SER O 185 39.00 -36.19 41.48
C SER O 185 39.05 -37.52 42.22
N PRO O 186 39.97 -38.42 41.86
CA PRO O 186 39.94 -39.76 42.43
C PRO O 186 40.27 -39.75 43.91
N LEU O 187 39.71 -40.73 44.62
CA LEU O 187 39.99 -40.86 46.04
C LEU O 187 41.45 -41.26 46.24
N THR O 188 42.19 -40.43 46.97
CA THR O 188 43.58 -40.70 47.27
C THR O 188 43.73 -40.98 48.76
N THR O 189 44.50 -42.01 49.10
CA THR O 189 44.68 -42.44 50.47
C THR O 189 46.15 -42.70 50.73
N SER O 190 46.51 -42.66 52.01
CA SER O 190 47.88 -42.96 52.44
C SER O 190 47.85 -44.03 53.52
N SER O 191 48.99 -44.25 54.19
CA SER O 191 49.04 -45.21 55.27
C SER O 191 48.20 -44.80 56.48
N ILE O 192 47.76 -43.54 56.54
CA ILE O 192 46.94 -43.04 57.63
C ILE O 192 45.55 -42.63 57.16
N GLY O 193 45.20 -42.93 55.91
CA GLY O 193 43.89 -42.59 55.39
C GLY O 193 43.01 -43.79 55.14
N ALA O 194 41.70 -43.58 55.09
CA ALA O 194 40.77 -44.68 54.83
C ALA O 194 40.95 -45.19 53.41
N THR O 195 40.96 -46.52 53.26
CA THR O 195 41.16 -47.13 51.95
C THR O 195 39.92 -47.06 51.07
N GLU O 196 38.77 -46.71 51.65
CA GLU O 196 37.50 -46.74 50.91
C GLU O 196 36.49 -45.87 51.65
N ILE O 197 35.49 -45.42 50.91
CA ILE O 197 34.42 -44.57 51.43
C ILE O 197 33.10 -45.04 50.86
N LYS O 198 32.09 -45.20 51.73
CA LYS O 198 30.74 -45.53 51.32
C LYS O 198 29.87 -44.28 51.40
N VAL O 199 29.19 -43.96 50.30
CA VAL O 199 28.35 -42.78 50.21
C VAL O 199 26.90 -43.19 50.42
N TYR O 200 26.06 -42.34 50.98
CA TYR O 200 24.63 -42.74 51.09
C TYR O 200 23.59 -41.81 50.44
N ALA O 201 22.48 -42.33 49.92
CA ALA O 201 21.41 -41.42 49.45
C ALA O 201 20.46 -41.04 50.55
N ASN O 202 19.96 -39.80 50.52
CA ASN O 202 18.96 -39.37 51.50
C ASN O 202 17.93 -38.60 50.71
N ILE O 203 16.79 -39.22 50.39
CA ILE O 203 15.81 -38.56 49.53
C ILE O 203 14.38 -38.55 50.07
N ALA O 204 13.56 -37.62 49.58
CA ALA O 204 12.16 -37.53 50.00
C ALA O 204 11.30 -36.72 49.04
N PRO O 205 10.13 -37.25 48.66
CA PRO O 205 9.22 -36.50 47.79
C PRO O 205 8.66 -35.29 48.52
N THR O 206 8.55 -34.18 47.79
CA THR O 206 8.10 -32.91 48.36
C THR O 206 6.88 -32.42 47.61
N HIS O 207 5.91 -31.88 48.34
CA HIS O 207 4.74 -31.23 47.76
C HIS O 207 3.98 -32.20 46.84
N VAL O 208 3.79 -33.41 47.31
CA VAL O 208 3.14 -34.45 46.51
C VAL O 208 1.68 -34.07 46.31
N HIS O 209 1.25 -34.06 45.04
CA HIS O 209 -0.13 -33.80 44.66
C HIS O 209 -0.61 -34.91 43.76
N VAL O 210 -1.81 -35.42 44.04
CA VAL O 210 -2.30 -36.62 43.39
C VAL O 210 -3.77 -36.43 43.02
N ALA O 211 -4.18 -37.09 41.95
CA ALA O 211 -5.59 -37.15 41.58
C ALA O 211 -5.90 -38.53 41.03
N GLY O 212 -7.18 -38.89 41.05
CA GLY O 212 -7.63 -40.14 40.49
C GLY O 212 -7.23 -41.39 41.25
N GLU O 213 -7.83 -41.59 42.43
CA GLU O 213 -7.51 -42.76 43.24
C GLU O 213 -7.88 -44.06 42.54
N LEU O 214 -7.05 -45.10 42.78
CA LEU O 214 -7.25 -46.38 42.13
C LEU O 214 -7.81 -47.39 43.11
N PRO O 215 -8.54 -48.39 42.62
CA PRO O 215 -9.09 -49.42 43.50
C PRO O 215 -7.99 -50.34 44.02
N SER O 216 -8.34 -51.10 45.05
CA SER O 216 -7.43 -52.08 45.61
C SER O 216 -7.22 -53.23 44.63
N LYS O 217 -6.30 -54.12 44.98
CA LYS O 217 -5.99 -55.29 44.17
C LYS O 217 -6.43 -56.60 44.81
N GLU O 218 -6.91 -56.56 46.05
CA GLU O 218 -7.38 -57.76 46.73
C GLU O 218 -8.73 -58.22 46.18
#